data_2DMW
#
_entry.id   2DMW
#
_entity_poly.entity_id   1
_entity_poly.type   'polypeptide(L)'
_entity_poly.pdbx_seq_one_letter_code
;GSSGSSGMAILFAVVARGTTILAKHAWCGGNFLEVTEQILAKIPSENNKLTYSHGNYLFHYICQDRIVYLCITDDDFERS
RAFNFLNEIKKRFQTTYGSRAQTAPPYAMNSEFSSVLAAQLKHHSSGPSSG
;
_entity_poly.pdbx_strand_id   A
#
# COMPACT_ATOMS: atom_id res chain seq x y z
N GLY A 1 7.31 8.69 27.56
CA GLY A 1 6.32 9.56 26.96
C GLY A 1 6.76 10.07 25.61
N SER A 2 6.58 9.26 24.57
CA SER A 2 6.98 9.65 23.22
C SER A 2 5.85 9.34 22.22
N SER A 3 4.89 10.24 22.14
CA SER A 3 3.77 10.08 21.23
C SER A 3 3.67 11.25 20.25
N GLY A 4 3.34 10.94 19.01
CA GLY A 4 3.23 11.98 18.00
C GLY A 4 1.95 11.86 17.19
N SER A 5 1.04 12.81 17.40
CA SER A 5 -0.24 12.81 16.70
C SER A 5 -0.41 14.09 15.88
N SER A 6 -0.20 13.99 14.58
CA SER A 6 -0.32 15.14 13.69
C SER A 6 -0.62 14.69 12.25
N GLY A 7 -1.80 15.05 11.77
CA GLY A 7 -2.19 14.67 10.42
C GLY A 7 -2.18 13.17 10.21
N MET A 8 -3.37 12.58 10.13
CA MET A 8 -3.50 11.14 9.94
C MET A 8 -3.73 10.81 8.47
N ALA A 9 -2.77 10.13 7.85
CA ALA A 9 -2.87 9.76 6.45
C ALA A 9 -2.04 8.51 6.16
N ILE A 10 -2.30 7.90 5.01
CA ILE A 10 -1.57 6.69 4.62
C ILE A 10 -0.06 6.90 4.74
N LEU A 11 0.61 5.89 5.29
CA LEU A 11 2.06 5.94 5.47
C LEU A 11 2.75 4.79 4.75
N PHE A 12 2.22 3.57 4.94
CA PHE A 12 2.78 2.39 4.31
C PHE A 12 1.89 1.90 3.18
N ALA A 13 2.50 1.58 2.05
CA ALA A 13 1.76 1.10 0.89
C ALA A 13 2.67 0.37 -0.09
N VAL A 14 2.48 -0.93 -0.22
CA VAL A 14 3.29 -1.74 -1.13
C VAL A 14 2.42 -2.72 -1.92
N VAL A 15 2.98 -3.25 -3.00
CA VAL A 15 2.27 -4.20 -3.84
C VAL A 15 3.00 -5.53 -3.92
N ALA A 16 2.32 -6.61 -3.55
CA ALA A 16 2.91 -7.94 -3.59
C ALA A 16 1.88 -8.98 -4.01
N ARG A 17 2.31 -9.91 -4.86
CA ARG A 17 1.44 -10.97 -5.35
C ARG A 17 1.51 -12.20 -4.46
N GLY A 18 0.59 -12.30 -3.50
CA GLY A 18 0.57 -13.42 -2.59
C GLY A 18 1.57 -13.27 -1.46
N THR A 19 2.80 -13.70 -1.70
CA THR A 19 3.85 -13.61 -0.69
C THR A 19 5.12 -12.99 -1.27
N THR A 20 5.10 -12.72 -2.56
CA THR A 20 6.25 -12.13 -3.24
C THR A 20 6.08 -10.62 -3.41
N ILE A 21 6.99 -9.85 -2.81
CA ILE A 21 6.94 -8.40 -2.90
C ILE A 21 7.65 -7.90 -4.15
N LEU A 22 6.92 -7.19 -4.99
CA LEU A 22 7.48 -6.65 -6.23
C LEU A 22 8.04 -5.25 -6.00
N ALA A 23 7.16 -4.29 -5.77
CA ALA A 23 7.56 -2.91 -5.53
C ALA A 23 7.06 -2.42 -4.17
N LYS A 24 8.00 -2.08 -3.29
CA LYS A 24 7.65 -1.60 -1.96
C LYS A 24 8.16 -0.17 -1.76
N HIS A 25 7.31 0.68 -1.18
CA HIS A 25 7.67 2.07 -0.93
C HIS A 25 6.85 2.64 0.22
N ALA A 26 7.50 2.85 1.36
CA ALA A 26 6.83 3.40 2.53
C ALA A 26 7.61 4.59 3.10
N TRP A 27 6.95 5.34 3.98
CA TRP A 27 7.58 6.52 4.59
C TRP A 27 8.62 6.09 5.61
N CYS A 28 9.60 6.96 5.84
CA CYS A 28 10.67 6.68 6.79
C CYS A 28 10.17 6.87 8.23
N GLY A 29 9.96 5.76 8.92
CA GLY A 29 9.49 5.83 10.29
C GLY A 29 9.94 4.63 11.12
N GLY A 30 9.35 3.47 10.84
CA GLY A 30 9.70 2.27 11.57
C GLY A 30 9.80 1.05 10.68
N ASN A 31 9.48 -0.11 11.22
CA ASN A 31 9.53 -1.36 10.46
C ASN A 31 8.13 -1.94 10.27
N PHE A 32 7.57 -1.73 9.09
CA PHE A 32 6.24 -2.23 8.77
C PHE A 32 6.32 -3.48 7.89
N LEU A 33 7.44 -3.64 7.21
CA LEU A 33 7.65 -4.78 6.33
C LEU A 33 7.51 -6.09 7.10
N GLU A 34 7.65 -6.01 8.42
CA GLU A 34 7.54 -7.19 9.27
C GLU A 34 6.09 -7.63 9.40
N VAL A 35 5.27 -6.77 10.01
CA VAL A 35 3.85 -7.08 10.19
C VAL A 35 3.15 -7.28 8.85
N THR A 36 3.62 -6.57 7.84
CA THR A 36 3.03 -6.66 6.51
C THR A 36 3.28 -8.04 5.90
N GLU A 37 4.54 -8.46 5.89
CA GLU A 37 4.90 -9.76 5.33
C GLU A 37 4.11 -10.88 6.01
N GLN A 38 4.01 -10.82 7.33
CA GLN A 38 3.28 -11.83 8.08
C GLN A 38 1.82 -11.89 7.64
N ILE A 39 1.20 -10.72 7.49
CA ILE A 39 -0.19 -10.65 7.07
C ILE A 39 -0.37 -11.20 5.67
N LEU A 40 0.54 -10.84 4.77
CA LEU A 40 0.48 -11.30 3.39
C LEU A 40 0.44 -12.83 3.33
N ALA A 41 1.33 -13.47 4.08
CA ALA A 41 1.38 -14.94 4.12
C ALA A 41 0.07 -15.52 4.61
N LYS A 42 -0.82 -14.66 5.10
CA LYS A 42 -2.12 -15.09 5.59
C LYS A 42 -3.22 -14.78 4.58
N ILE A 43 -3.04 -13.68 3.85
CA ILE A 43 -4.02 -13.26 2.86
C ILE A 43 -3.97 -14.16 1.62
N PRO A 44 -5.13 -14.69 1.22
CA PRO A 44 -5.26 -15.57 0.06
C PRO A 44 -5.03 -14.83 -1.25
N SER A 45 -5.10 -15.56 -2.36
CA SER A 45 -4.90 -14.97 -3.68
C SER A 45 -6.23 -14.81 -4.41
N GLU A 46 -7.29 -15.32 -3.80
CA GLU A 46 -8.63 -15.23 -4.39
C GLU A 46 -9.16 -13.80 -4.32
N ASN A 47 -9.81 -13.37 -5.40
CA ASN A 47 -10.36 -12.02 -5.46
C ASN A 47 -11.31 -11.76 -4.30
N ASN A 48 -10.79 -11.12 -3.25
CA ASN A 48 -11.59 -10.81 -2.08
C ASN A 48 -10.88 -9.79 -1.19
N LYS A 49 -11.65 -8.87 -0.63
CA LYS A 49 -11.09 -7.84 0.24
C LYS A 49 -11.63 -7.97 1.67
N LEU A 50 -10.93 -7.38 2.62
CA LEU A 50 -11.34 -7.43 4.02
C LEU A 50 -10.52 -6.47 4.87
N THR A 51 -11.17 -5.86 5.85
CA THR A 51 -10.49 -4.92 6.74
C THR A 51 -9.88 -5.62 7.94
N TYR A 52 -8.56 -5.54 8.06
CA TYR A 52 -7.86 -6.17 9.17
C TYR A 52 -7.35 -5.14 10.16
N SER A 53 -7.89 -5.16 11.37
CA SER A 53 -7.50 -4.23 12.42
C SER A 53 -6.37 -4.79 13.26
N HIS A 54 -5.13 -4.49 12.87
CA HIS A 54 -3.96 -4.97 13.59
C HIS A 54 -3.11 -3.81 14.10
N GLY A 55 -2.49 -3.99 15.26
CA GLY A 55 -1.67 -2.95 15.83
C GLY A 55 -2.39 -1.62 15.94
N ASN A 56 -3.64 -1.67 16.39
CA ASN A 56 -4.45 -0.46 16.54
C ASN A 56 -4.50 0.32 15.23
N TYR A 57 -4.35 -0.39 14.12
CA TYR A 57 -4.38 0.24 12.80
C TYR A 57 -5.31 -0.52 11.87
N LEU A 58 -5.46 -0.01 10.65
CA LEU A 58 -6.32 -0.63 9.66
C LEU A 58 -5.53 -1.05 8.42
N PHE A 59 -5.51 -2.34 8.14
CA PHE A 59 -4.78 -2.87 7.00
C PHE A 59 -5.74 -3.18 5.85
N HIS A 60 -5.89 -2.22 4.94
CA HIS A 60 -6.78 -2.41 3.79
C HIS A 60 -6.05 -3.10 2.65
N TYR A 61 -6.48 -4.31 2.33
CA TYR A 61 -5.86 -5.08 1.25
C TYR A 61 -6.89 -5.42 0.17
N ILE A 62 -6.54 -5.15 -1.07
CA ILE A 62 -7.42 -5.43 -2.21
C ILE A 62 -6.78 -6.40 -3.19
N CYS A 63 -7.32 -7.61 -3.24
CA CYS A 63 -6.79 -8.63 -4.15
C CYS A 63 -7.33 -8.44 -5.56
N GLN A 64 -6.42 -8.44 -6.53
CA GLN A 64 -6.79 -8.27 -7.93
C GLN A 64 -5.69 -8.75 -8.86
N ASP A 65 -6.04 -9.61 -9.80
CA ASP A 65 -5.08 -10.14 -10.75
C ASP A 65 -3.92 -10.81 -10.04
N ARG A 66 -4.22 -11.50 -8.94
CA ARG A 66 -3.21 -12.19 -8.15
C ARG A 66 -2.25 -11.18 -7.51
N ILE A 67 -2.76 -9.99 -7.23
CA ILE A 67 -1.96 -8.94 -6.61
C ILE A 67 -2.66 -8.37 -5.39
N VAL A 68 -1.93 -8.28 -4.28
CA VAL A 68 -2.47 -7.76 -3.03
C VAL A 68 -1.87 -6.39 -2.71
N TYR A 69 -2.73 -5.40 -2.55
CA TYR A 69 -2.29 -4.04 -2.23
C TYR A 69 -2.60 -3.69 -0.77
N LEU A 70 -1.61 -3.85 0.09
CA LEU A 70 -1.77 -3.54 1.51
C LEU A 70 -1.28 -2.13 1.82
N CYS A 71 -1.94 -1.48 2.77
CA CYS A 71 -1.57 -0.13 3.18
C CYS A 71 -1.93 0.13 4.63
N ILE A 72 -0.96 0.60 5.40
CA ILE A 72 -1.17 0.88 6.82
C ILE A 72 -1.70 2.30 7.02
N THR A 73 -2.83 2.40 7.71
CA THR A 73 -3.44 3.70 7.97
C THR A 73 -3.97 3.78 9.40
N ASP A 74 -4.16 5.01 9.89
CA ASP A 74 -4.66 5.22 11.24
C ASP A 74 -6.12 4.79 11.36
N ASP A 75 -6.52 4.40 12.56
CA ASP A 75 -7.89 3.96 12.80
C ASP A 75 -8.89 5.04 12.40
N ASP A 76 -8.64 6.26 12.87
CA ASP A 76 -9.52 7.38 12.57
C ASP A 76 -9.71 7.54 11.07
N PHE A 77 -8.61 7.43 10.32
CA PHE A 77 -8.65 7.55 8.87
C PHE A 77 -9.86 6.83 8.29
N GLU A 78 -10.59 7.51 7.42
CA GLU A 78 -11.78 6.93 6.79
C GLU A 78 -11.39 5.79 5.86
N ARG A 79 -12.34 4.89 5.63
CA ARG A 79 -12.09 3.74 4.75
C ARG A 79 -12.10 4.18 3.29
N SER A 80 -13.15 4.87 2.88
CA SER A 80 -13.28 5.34 1.50
C SER A 80 -11.95 5.87 0.99
N ARG A 81 -11.33 6.75 1.78
CA ARG A 81 -10.05 7.33 1.40
C ARG A 81 -9.01 6.25 1.11
N ALA A 82 -8.77 5.40 2.10
CA ALA A 82 -7.80 4.32 1.95
C ALA A 82 -8.09 3.49 0.70
N PHE A 83 -9.28 2.92 0.62
CA PHE A 83 -9.68 2.12 -0.52
C PHE A 83 -9.50 2.90 -1.83
N ASN A 84 -9.83 4.19 -1.79
CA ASN A 84 -9.70 5.04 -2.97
C ASN A 84 -8.27 5.02 -3.50
N PHE A 85 -7.36 5.61 -2.72
CA PHE A 85 -5.95 5.67 -3.11
C PHE A 85 -5.48 4.32 -3.65
N LEU A 86 -5.71 3.27 -2.87
CA LEU A 86 -5.30 1.92 -3.26
C LEU A 86 -5.79 1.60 -4.68
N ASN A 87 -7.07 1.87 -4.93
CA ASN A 87 -7.65 1.61 -6.24
C ASN A 87 -6.92 2.38 -7.33
N GLU A 88 -6.61 3.65 -7.06
CA GLU A 88 -5.91 4.49 -8.01
C GLU A 88 -4.61 3.83 -8.46
N ILE A 89 -3.65 3.71 -7.54
CA ILE A 89 -2.37 3.10 -7.85
C ILE A 89 -2.53 1.67 -8.32
N LYS A 90 -3.45 0.94 -7.69
CA LYS A 90 -3.72 -0.45 -8.04
C LYS A 90 -3.96 -0.58 -9.54
N LYS A 91 -4.85 0.25 -10.07
CA LYS A 91 -5.16 0.22 -11.49
C LYS A 91 -3.98 0.70 -12.33
N ARG A 92 -3.21 1.63 -11.77
CA ARG A 92 -2.05 2.17 -12.46
C ARG A 92 -0.95 1.12 -12.59
N PHE A 93 -0.85 0.25 -11.59
CA PHE A 93 0.15 -0.81 -11.59
C PHE A 93 -0.22 -1.92 -12.57
N GLN A 94 -1.45 -2.42 -12.45
CA GLN A 94 -1.93 -3.48 -13.31
C GLN A 94 -2.09 -2.98 -14.75
N THR A 95 -2.23 -1.67 -14.90
CA THR A 95 -2.39 -1.06 -16.21
C THR A 95 -1.05 -0.86 -16.90
N THR A 96 -0.05 -0.46 -16.13
CA THR A 96 1.29 -0.24 -16.66
C THR A 96 2.20 -1.42 -16.37
N TYR A 97 2.47 -1.65 -15.10
CA TYR A 97 3.33 -2.76 -14.69
C TYR A 97 2.51 -4.00 -14.35
N GLY A 98 1.40 -4.17 -15.05
CA GLY A 98 0.54 -5.32 -14.82
C GLY A 98 1.13 -6.61 -15.34
N SER A 99 1.29 -6.69 -16.66
CA SER A 99 1.85 -7.88 -17.30
C SER A 99 3.11 -8.33 -16.58
N ARG A 100 4.05 -7.42 -16.41
CA ARG A 100 5.31 -7.73 -15.74
C ARG A 100 5.06 -8.29 -14.34
N ALA A 101 4.05 -7.75 -13.67
CA ALA A 101 3.71 -8.18 -12.32
C ALA A 101 3.41 -9.69 -12.30
N GLN A 102 3.22 -10.26 -13.48
CA GLN A 102 2.93 -11.69 -13.58
C GLN A 102 4.14 -12.46 -14.07
N THR A 103 5.02 -11.77 -14.81
CA THR A 103 6.23 -12.39 -15.33
C THR A 103 7.48 -11.82 -14.67
N ALA A 104 7.73 -10.54 -14.90
CA ALA A 104 8.89 -9.86 -14.32
C ALA A 104 9.18 -10.41 -12.92
N PRO A 105 10.48 -10.54 -12.60
CA PRO A 105 10.93 -11.04 -11.30
C PRO A 105 10.65 -10.05 -10.17
N PRO A 106 10.82 -10.51 -8.93
CA PRO A 106 10.60 -9.68 -7.74
C PRO A 106 11.65 -8.59 -7.58
N TYR A 107 11.25 -7.47 -7.01
CA TYR A 107 12.16 -6.34 -6.80
C TYR A 107 12.76 -5.88 -8.13
N ALA A 108 11.99 -6.00 -9.21
CA ALA A 108 12.44 -5.59 -10.52
C ALA A 108 11.99 -4.16 -10.85
N MET A 109 10.70 -3.91 -10.68
CA MET A 109 10.14 -2.58 -10.95
C MET A 109 9.83 -1.84 -9.66
N ASN A 110 10.75 -1.94 -8.69
CA ASN A 110 10.57 -1.28 -7.41
C ASN A 110 10.99 0.19 -7.48
N SER A 111 11.96 0.48 -8.34
CA SER A 111 12.45 1.84 -8.50
C SER A 111 11.38 2.73 -9.13
N GLU A 112 11.02 2.42 -10.37
CA GLU A 112 10.00 3.20 -11.08
C GLU A 112 8.77 3.41 -10.20
N PHE A 113 8.20 2.31 -9.70
CA PHE A 113 7.03 2.38 -8.85
C PHE A 113 7.31 3.17 -7.58
N SER A 114 8.41 2.84 -6.91
CA SER A 114 8.79 3.52 -5.68
C SER A 114 8.56 5.03 -5.79
N SER A 115 9.01 5.60 -6.90
CA SER A 115 8.86 7.03 -7.14
C SER A 115 7.38 7.39 -7.36
N VAL A 116 6.72 6.63 -8.23
CA VAL A 116 5.31 6.87 -8.54
C VAL A 116 4.48 6.91 -7.25
N LEU A 117 4.61 5.88 -6.43
CA LEU A 117 3.86 5.80 -5.18
C LEU A 117 4.14 7.01 -4.30
N ALA A 118 5.42 7.29 -4.07
CA ALA A 118 5.82 8.42 -3.25
C ALA A 118 5.03 9.67 -3.61
N ALA A 119 4.89 9.92 -4.91
CA ALA A 119 4.16 11.08 -5.39
C ALA A 119 2.68 10.98 -5.02
N GLN A 120 2.09 9.81 -5.23
CA GLN A 120 0.69 9.59 -4.91
C GLN A 120 0.43 9.80 -3.42
N LEU A 121 1.34 9.29 -2.59
CA LEU A 121 1.20 9.41 -1.15
C LEU A 121 1.29 10.87 -0.72
N LYS A 122 2.40 11.51 -1.05
CA LYS A 122 2.62 12.91 -0.70
C LYS A 122 1.44 13.78 -1.16
N HIS A 123 0.93 13.47 -2.36
CA HIS A 123 -0.19 14.22 -2.91
C HIS A 123 -1.48 13.91 -2.16
N HIS A 124 -1.88 12.63 -2.18
CA HIS A 124 -3.08 12.21 -1.50
C HIS A 124 -3.29 12.99 -0.20
N SER A 125 -2.31 12.91 0.69
CA SER A 125 -2.38 13.60 1.97
C SER A 125 -1.22 14.59 2.12
N SER A 126 -1.50 15.71 2.79
CA SER A 126 -0.49 16.74 3.00
C SER A 126 0.32 16.46 4.27
N GLY A 127 0.76 15.22 4.42
CA GLY A 127 1.53 14.85 5.59
C GLY A 127 2.67 15.82 5.86
N PRO A 128 3.60 15.93 4.91
CA PRO A 128 4.76 16.82 5.02
C PRO A 128 4.37 18.29 4.96
N SER A 129 3.06 18.55 4.82
CA SER A 129 2.56 19.91 4.74
C SER A 129 2.98 20.58 3.43
N SER A 130 2.91 19.80 2.34
CA SER A 130 3.29 20.31 1.02
C SER A 130 2.04 20.62 0.19
N GLY A 131 2.20 21.53 -0.77
CA GLY A 131 1.08 21.90 -1.62
C GLY A 131 1.53 22.32 -3.02
N GLY A 1 -8.37 23.13 19.57
CA GLY A 1 -9.08 22.90 18.33
C GLY A 1 -8.21 22.30 17.25
N SER A 2 -8.81 21.48 16.39
CA SER A 2 -8.07 20.83 15.31
C SER A 2 -8.29 21.57 13.99
N SER A 3 -7.33 21.42 13.08
CA SER A 3 -7.40 22.07 11.77
C SER A 3 -7.06 21.09 10.66
N GLY A 4 -7.96 21.00 9.67
CA GLY A 4 -7.73 20.09 8.56
C GLY A 4 -8.78 19.01 8.47
N SER A 5 -8.68 18.17 7.45
CA SER A 5 -9.64 17.08 7.24
C SER A 5 -8.91 15.78 6.91
N SER A 6 -8.10 15.82 5.86
CA SER A 6 -7.35 14.64 5.43
C SER A 6 -5.94 14.67 6.00
N GLY A 7 -5.79 14.21 7.24
CA GLY A 7 -4.49 14.18 7.88
C GLY A 7 -3.49 13.33 7.12
N MET A 8 -3.13 12.19 7.70
CA MET A 8 -2.18 11.27 7.08
C MET A 8 -2.90 10.20 6.28
N ALA A 9 -3.13 10.46 5.01
CA ALA A 9 -3.82 9.51 4.14
C ALA A 9 -3.24 8.11 4.30
N ILE A 10 -2.03 7.90 3.80
CA ILE A 10 -1.37 6.61 3.89
C ILE A 10 0.11 6.77 4.23
N LEU A 11 0.60 5.93 5.13
CA LEU A 11 2.00 5.97 5.54
C LEU A 11 2.79 4.84 4.90
N PHE A 12 2.18 3.66 4.83
CA PHE A 12 2.82 2.49 4.24
C PHE A 12 1.97 1.92 3.12
N ALA A 13 2.60 1.64 1.98
CA ALA A 13 1.90 1.07 0.84
C ALA A 13 2.85 0.32 -0.08
N VAL A 14 2.58 -0.96 -0.27
CA VAL A 14 3.42 -1.81 -1.13
C VAL A 14 2.58 -2.81 -1.91
N VAL A 15 3.03 -3.16 -3.11
CA VAL A 15 2.32 -4.11 -3.95
C VAL A 15 3.02 -5.47 -3.95
N ALA A 16 2.29 -6.51 -3.57
CA ALA A 16 2.84 -7.86 -3.53
C ALA A 16 1.81 -8.88 -4.00
N ARG A 17 2.26 -9.82 -4.81
CA ARG A 17 1.38 -10.86 -5.34
C ARG A 17 1.42 -12.11 -4.46
N GLY A 18 0.49 -12.20 -3.52
CA GLY A 18 0.43 -13.34 -2.63
C GLY A 18 1.45 -13.25 -1.51
N THR A 19 2.67 -13.68 -1.78
CA THR A 19 3.74 -13.64 -0.78
C THR A 19 5.00 -12.99 -1.35
N THR A 20 4.97 -12.68 -2.64
CA THR A 20 6.11 -12.05 -3.30
C THR A 20 5.92 -10.54 -3.41
N ILE A 21 6.92 -9.79 -2.97
CA ILE A 21 6.87 -8.34 -3.01
C ILE A 21 7.61 -7.80 -4.23
N LEU A 22 6.88 -7.07 -5.09
CA LEU A 22 7.46 -6.50 -6.29
C LEU A 22 8.09 -5.15 -6.00
N ALA A 23 7.26 -4.14 -5.80
CA ALA A 23 7.74 -2.79 -5.51
C ALA A 23 7.20 -2.28 -4.18
N LYS A 24 8.10 -2.02 -3.24
CA LYS A 24 7.71 -1.53 -1.92
C LYS A 24 8.29 -0.14 -1.66
N HIS A 25 7.50 0.72 -1.02
CA HIS A 25 7.93 2.07 -0.71
C HIS A 25 7.13 2.64 0.46
N ALA A 26 7.81 2.83 1.59
CA ALA A 26 7.16 3.37 2.77
C ALA A 26 7.91 4.59 3.31
N TRP A 27 7.28 5.34 4.20
CA TRP A 27 7.89 6.52 4.78
C TRP A 27 8.98 6.15 5.78
N CYS A 28 9.98 7.01 5.93
CA CYS A 28 11.07 6.76 6.85
C CYS A 28 10.63 6.97 8.29
N GLY A 29 10.36 5.87 8.99
CA GLY A 29 9.92 5.96 10.38
C GLY A 29 10.08 4.65 11.12
N GLY A 30 9.29 3.66 10.74
CA GLY A 30 9.36 2.36 11.39
C GLY A 30 9.25 1.21 10.40
N ASN A 31 9.73 0.04 10.80
CA ASN A 31 9.69 -1.14 9.95
C ASN A 31 8.26 -1.70 9.86
N PHE A 32 7.62 -1.47 8.72
CA PHE A 32 6.25 -1.95 8.51
C PHE A 32 6.24 -3.20 7.63
N LEU A 33 7.17 -3.24 6.67
CA LEU A 33 7.26 -4.37 5.76
C LEU A 33 7.20 -5.70 6.52
N GLU A 34 7.52 -5.64 7.81
CA GLU A 34 7.50 -6.82 8.66
C GLU A 34 6.07 -7.33 8.85
N VAL A 35 5.27 -6.56 9.58
CA VAL A 35 3.88 -6.94 9.84
C VAL A 35 3.14 -7.23 8.54
N THR A 36 3.37 -6.39 7.53
CA THR A 36 2.72 -6.56 6.24
C THR A 36 2.98 -7.95 5.67
N GLU A 37 4.26 -8.33 5.60
CA GLU A 37 4.63 -9.63 5.07
C GLU A 37 3.89 -10.75 5.79
N GLN A 38 3.96 -10.75 7.11
CA GLN A 38 3.29 -11.76 7.92
C GLN A 38 1.83 -11.91 7.50
N ILE A 39 1.18 -10.77 7.27
CA ILE A 39 -0.23 -10.77 6.86
C ILE A 39 -0.39 -11.35 5.46
N LEU A 40 0.54 -11.01 4.57
CA LEU A 40 0.51 -11.50 3.19
C LEU A 40 0.51 -13.02 3.15
N ALA A 41 1.42 -13.62 3.91
CA ALA A 41 1.54 -15.07 3.96
C ALA A 41 0.27 -15.71 4.52
N LYS A 42 -0.64 -14.87 5.01
CA LYS A 42 -1.90 -15.34 5.57
C LYS A 42 -3.06 -15.06 4.62
N ILE A 43 -2.95 -13.97 3.87
CA ILE A 43 -4.00 -13.60 2.92
C ILE A 43 -3.96 -14.49 1.68
N PRO A 44 -5.12 -15.05 1.30
CA PRO A 44 -5.24 -15.91 0.14
C PRO A 44 -5.08 -15.16 -1.17
N SER A 45 -4.98 -15.91 -2.27
CA SER A 45 -4.82 -15.30 -3.59
C SER A 45 -6.17 -15.03 -4.24
N GLU A 46 -7.21 -15.65 -3.70
CA GLU A 46 -8.56 -15.49 -4.23
C GLU A 46 -8.92 -14.00 -4.32
N ASN A 47 -9.58 -13.63 -5.42
CA ASN A 47 -9.98 -12.24 -5.63
C ASN A 47 -11.04 -11.82 -4.60
N ASN A 48 -10.58 -11.35 -3.45
CA ASN A 48 -11.49 -10.92 -2.39
C ASN A 48 -10.75 -10.07 -1.36
N LYS A 49 -11.36 -8.95 -0.98
CA LYS A 49 -10.76 -8.06 0.01
C LYS A 49 -11.45 -8.20 1.37
N LEU A 50 -10.83 -7.65 2.40
CA LEU A 50 -11.39 -7.71 3.75
C LEU A 50 -10.71 -6.71 4.67
N THR A 51 -11.49 -6.10 5.57
CA THR A 51 -10.97 -5.12 6.50
C THR A 51 -10.32 -5.79 7.70
N TYR A 52 -9.00 -5.74 7.77
CA TYR A 52 -8.26 -6.35 8.87
C TYR A 52 -7.79 -5.29 9.86
N SER A 53 -8.27 -5.40 11.10
CA SER A 53 -7.89 -4.45 12.15
C SER A 53 -6.79 -5.01 13.03
N HIS A 54 -5.60 -4.42 12.93
CA HIS A 54 -4.46 -4.87 13.73
C HIS A 54 -3.98 -3.76 14.66
N GLY A 55 -3.84 -4.07 15.93
CA GLY A 55 -3.38 -3.09 16.90
C GLY A 55 -4.10 -1.77 16.76
N ASN A 56 -3.33 -0.69 16.66
CA ASN A 56 -3.91 0.64 16.52
C ASN A 56 -3.76 1.16 15.10
N TYR A 57 -3.98 0.28 14.13
CA TYR A 57 -3.87 0.65 12.72
C TYR A 57 -4.77 -0.23 11.86
N LEU A 58 -5.28 0.35 10.77
CA LEU A 58 -6.16 -0.37 9.87
C LEU A 58 -5.37 -0.97 8.71
N PHE A 59 -5.69 -2.21 8.36
CA PHE A 59 -5.02 -2.91 7.27
C PHE A 59 -5.99 -3.18 6.12
N HIS A 60 -5.95 -2.32 5.11
CA HIS A 60 -6.83 -2.46 3.94
C HIS A 60 -6.08 -3.14 2.80
N TYR A 61 -6.51 -4.35 2.45
CA TYR A 61 -5.88 -5.10 1.38
C TYR A 61 -6.89 -5.42 0.27
N ILE A 62 -6.48 -5.21 -0.98
CA ILE A 62 -7.34 -5.46 -2.12
C ILE A 62 -6.70 -6.46 -3.08
N CYS A 63 -7.42 -7.53 -3.37
CA CYS A 63 -6.92 -8.56 -4.29
C CYS A 63 -7.39 -8.30 -5.72
N GLN A 64 -6.51 -8.55 -6.68
CA GLN A 64 -6.83 -8.34 -8.08
C GLN A 64 -5.71 -8.87 -8.98
N ASP A 65 -6.08 -9.74 -9.92
CA ASP A 65 -5.10 -10.31 -10.84
C ASP A 65 -3.96 -10.97 -10.09
N ARG A 66 -4.28 -11.57 -8.94
CA ARG A 66 -3.28 -12.24 -8.13
C ARG A 66 -2.31 -11.23 -7.52
N ILE A 67 -2.78 -9.99 -7.36
CA ILE A 67 -1.96 -8.93 -6.78
C ILE A 67 -2.66 -8.29 -5.58
N VAL A 68 -1.99 -8.32 -4.44
CA VAL A 68 -2.54 -7.73 -3.22
C VAL A 68 -1.91 -6.38 -2.92
N TYR A 69 -2.72 -5.45 -2.44
CA TYR A 69 -2.24 -4.10 -2.12
C TYR A 69 -2.57 -3.73 -0.68
N LEU A 70 -1.60 -3.90 0.21
CA LEU A 70 -1.79 -3.59 1.62
C LEU A 70 -1.26 -2.19 1.95
N CYS A 71 -1.89 -1.55 2.92
CA CYS A 71 -1.48 -0.21 3.32
C CYS A 71 -1.88 0.07 4.76
N ILE A 72 -0.94 0.62 5.54
CA ILE A 72 -1.20 0.92 6.94
C ILE A 72 -1.63 2.39 7.11
N THR A 73 -2.75 2.59 7.78
CA THR A 73 -3.27 3.93 8.02
C THR A 73 -3.79 4.08 9.45
N ASP A 74 -4.07 5.32 9.83
CA ASP A 74 -4.58 5.60 11.18
C ASP A 74 -6.07 5.29 11.27
N ASP A 75 -6.48 4.76 12.42
CA ASP A 75 -7.88 4.41 12.64
C ASP A 75 -8.79 5.57 12.21
N ASP A 76 -8.56 6.74 12.77
CA ASP A 76 -9.37 7.91 12.45
C ASP A 76 -9.72 7.94 10.97
N PHE A 77 -8.70 7.87 10.12
CA PHE A 77 -8.91 7.89 8.68
C PHE A 77 -10.11 7.04 8.29
N GLU A 78 -10.80 7.46 7.22
CA GLU A 78 -11.98 6.74 6.76
C GLU A 78 -11.59 5.61 5.81
N ARG A 79 -12.32 4.50 5.89
CA ARG A 79 -12.04 3.35 5.04
C ARG A 79 -12.17 3.71 3.57
N SER A 80 -13.24 4.42 3.22
CA SER A 80 -13.48 4.83 1.85
C SER A 80 -12.23 5.48 1.25
N ARG A 81 -11.64 6.41 1.99
CA ARG A 81 -10.44 7.11 1.54
C ARG A 81 -9.30 6.12 1.27
N ALA A 82 -9.00 5.28 2.26
CA ALA A 82 -7.95 4.29 2.12
C ALA A 82 -8.13 3.47 0.86
N PHE A 83 -9.33 2.95 0.66
CA PHE A 83 -9.63 2.13 -0.51
C PHE A 83 -9.43 2.94 -1.80
N ASN A 84 -9.81 4.22 -1.76
CA ASN A 84 -9.68 5.08 -2.92
C ASN A 84 -8.22 5.12 -3.41
N PHE A 85 -7.32 5.54 -2.53
CA PHE A 85 -5.91 5.61 -2.88
C PHE A 85 -5.40 4.28 -3.41
N LEU A 86 -5.70 3.21 -2.67
CA LEU A 86 -5.28 1.87 -3.08
C LEU A 86 -5.70 1.57 -4.51
N ASN A 87 -6.98 1.80 -4.80
CA ASN A 87 -7.51 1.56 -6.14
C ASN A 87 -6.75 2.37 -7.19
N GLU A 88 -6.46 3.63 -6.86
CA GLU A 88 -5.74 4.50 -7.78
C GLU A 88 -4.44 3.85 -8.23
N ILE A 89 -3.52 3.67 -7.28
CA ILE A 89 -2.22 3.07 -7.59
C ILE A 89 -2.39 1.62 -8.05
N LYS A 90 -3.44 0.97 -7.57
CA LYS A 90 -3.71 -0.42 -7.93
C LYS A 90 -3.95 -0.54 -9.43
N LYS A 91 -4.72 0.39 -9.98
CA LYS A 91 -5.04 0.38 -11.40
C LYS A 91 -3.81 0.74 -12.23
N ARG A 92 -3.14 1.82 -11.84
CA ARG A 92 -1.94 2.29 -12.55
C ARG A 92 -0.94 1.15 -12.70
N PHE A 93 -0.82 0.33 -11.67
CA PHE A 93 0.11 -0.80 -11.68
C PHE A 93 -0.42 -1.92 -12.58
N GLN A 94 -1.57 -2.47 -12.21
CA GLN A 94 -2.18 -3.56 -12.98
C GLN A 94 -2.32 -3.17 -14.44
N THR A 95 -2.39 -1.87 -14.71
CA THR A 95 -2.52 -1.37 -16.07
C THR A 95 -1.17 -1.05 -16.67
N THR A 96 -0.20 -0.70 -15.83
CA THR A 96 1.14 -0.38 -16.28
C THR A 96 2.07 -1.57 -16.15
N TYR A 97 2.28 -2.03 -14.92
CA TYR A 97 3.15 -3.17 -14.66
C TYR A 97 2.34 -4.39 -14.24
N GLY A 98 1.15 -4.52 -14.82
CA GLY A 98 0.30 -5.65 -14.49
C GLY A 98 0.76 -6.94 -15.14
N SER A 99 0.71 -6.98 -16.48
CA SER A 99 1.12 -8.15 -17.23
C SER A 99 2.52 -8.60 -16.81
N ARG A 100 3.43 -7.65 -16.69
CA ARG A 100 4.81 -7.94 -16.30
C ARG A 100 4.85 -8.51 -14.88
N ALA A 101 3.95 -8.04 -14.03
CA ALA A 101 3.88 -8.50 -12.65
C ALA A 101 3.57 -10.00 -12.58
N GLN A 102 3.15 -10.56 -13.71
CA GLN A 102 2.82 -11.98 -13.78
C GLN A 102 4.06 -12.81 -14.06
N THR A 103 5.01 -12.24 -14.78
CA THR A 103 6.24 -12.93 -15.12
C THR A 103 7.46 -12.23 -14.54
N ALA A 104 7.67 -10.98 -14.95
CA ALA A 104 8.79 -10.20 -14.47
C ALA A 104 9.07 -10.49 -13.00
N PRO A 105 10.34 -10.29 -12.58
CA PRO A 105 10.76 -10.53 -11.20
C PRO A 105 10.17 -9.51 -10.23
N PRO A 106 10.34 -9.77 -8.92
CA PRO A 106 9.84 -8.88 -7.87
C PRO A 106 10.61 -7.56 -7.81
N TYR A 107 11.93 -7.64 -7.85
CA TYR A 107 12.77 -6.45 -7.81
C TYR A 107 13.17 -6.01 -9.20
N ALA A 108 12.18 -5.79 -10.05
CA ALA A 108 12.43 -5.36 -11.42
C ALA A 108 12.03 -3.89 -11.62
N MET A 109 10.89 -3.52 -11.07
CA MET A 109 10.40 -2.14 -11.18
C MET A 109 10.17 -1.53 -9.80
N ASN A 110 11.02 -1.90 -8.85
CA ASN A 110 10.91 -1.39 -7.49
C ASN A 110 11.29 0.09 -7.43
N SER A 111 12.19 0.50 -8.33
CA SER A 111 12.64 1.88 -8.38
C SER A 111 11.56 2.78 -8.99
N GLU A 112 11.25 2.54 -10.26
CA GLU A 112 10.24 3.33 -10.96
C GLU A 112 9.01 3.52 -10.09
N PHE A 113 8.44 2.42 -9.63
CA PHE A 113 7.24 2.47 -8.79
C PHE A 113 7.52 3.26 -7.50
N SER A 114 8.60 2.90 -6.82
CA SER A 114 8.96 3.58 -5.57
C SER A 114 8.74 5.08 -5.68
N SER A 115 9.20 5.67 -6.78
CA SER A 115 9.05 7.09 -7.00
C SER A 115 7.58 7.46 -7.22
N VAL A 116 6.92 6.74 -8.12
CA VAL A 116 5.52 7.00 -8.42
C VAL A 116 4.68 7.00 -7.15
N LEU A 117 4.80 5.94 -6.37
CA LEU A 117 4.04 5.82 -5.12
C LEU A 117 4.34 7.00 -4.20
N ALA A 118 5.60 7.34 -4.06
CA ALA A 118 6.01 8.45 -3.21
C ALA A 118 5.20 9.70 -3.51
N ALA A 119 5.05 10.01 -4.81
CA ALA A 119 4.29 11.18 -5.24
C ALA A 119 2.83 11.06 -4.82
N GLN A 120 2.24 9.90 -5.07
CA GLN A 120 0.85 9.66 -4.73
C GLN A 120 0.61 9.85 -3.24
N LEU A 121 1.51 9.33 -2.42
CA LEU A 121 1.41 9.44 -0.97
C LEU A 121 1.39 10.90 -0.55
N LYS A 122 2.51 11.60 -0.81
CA LYS A 122 2.63 13.00 -0.45
C LYS A 122 1.43 13.79 -0.93
N HIS A 123 0.99 13.51 -2.16
CA HIS A 123 -0.16 14.19 -2.74
C HIS A 123 -1.38 14.09 -1.83
N HIS A 124 -1.93 12.88 -1.72
CA HIS A 124 -3.09 12.65 -0.87
C HIS A 124 -2.87 13.22 0.52
N SER A 125 -1.74 12.87 1.13
CA SER A 125 -1.42 13.35 2.47
C SER A 125 -1.07 14.83 2.45
N SER A 126 -1.02 15.43 3.64
CA SER A 126 -0.69 16.85 3.75
C SER A 126 0.81 17.09 3.55
N GLY A 127 1.62 16.44 4.38
CA GLY A 127 3.05 16.59 4.28
C GLY A 127 3.74 16.52 5.63
N PRO A 128 3.79 15.31 6.21
CA PRO A 128 4.41 15.09 7.52
C PRO A 128 5.93 15.22 7.47
N SER A 129 6.52 15.70 8.55
CA SER A 129 7.96 15.89 8.62
C SER A 129 8.56 15.06 9.75
N SER A 130 9.59 14.27 9.42
CA SER A 130 10.24 13.42 10.40
C SER A 130 9.21 12.65 11.23
N GLY A 131 8.19 12.13 10.54
CA GLY A 131 7.16 11.38 11.22
C GLY A 131 5.77 11.97 11.01
N GLY A 1 -2.65 22.42 15.66
CA GLY A 1 -2.12 23.75 15.84
C GLY A 1 -0.94 23.80 16.80
N SER A 2 0.17 23.19 16.40
CA SER A 2 1.36 23.15 17.23
C SER A 2 2.59 22.74 16.42
N SER A 3 3.76 22.91 17.01
CA SER A 3 5.01 22.56 16.34
C SER A 3 5.05 21.07 16.00
N GLY A 4 4.77 20.74 14.74
CA GLY A 4 4.78 19.35 14.32
C GLY A 4 3.94 19.11 13.08
N SER A 5 3.29 17.96 13.02
CA SER A 5 2.46 17.61 11.88
C SER A 5 1.04 17.25 12.33
N SER A 6 0.06 18.02 11.86
CA SER A 6 -1.33 17.79 12.22
C SER A 6 -2.07 17.11 11.08
N GLY A 7 -2.80 16.05 11.41
CA GLY A 7 -3.56 15.32 10.40
C GLY A 7 -3.15 13.86 10.31
N MET A 8 -3.92 13.08 9.56
CA MET A 8 -3.63 11.66 9.40
C MET A 8 -3.75 11.24 7.94
N ALA A 9 -2.99 10.21 7.56
CA ALA A 9 -3.01 9.71 6.19
C ALA A 9 -2.18 8.45 6.05
N ILE A 10 -2.24 7.83 4.88
CA ILE A 10 -1.49 6.61 4.62
C ILE A 10 0.02 6.86 4.74
N LEU A 11 0.70 5.96 5.43
CA LEU A 11 2.14 6.07 5.62
C LEU A 11 2.88 4.91 4.96
N PHE A 12 2.28 3.72 5.01
CA PHE A 12 2.87 2.54 4.41
C PHE A 12 2.02 2.03 3.25
N ALA A 13 2.68 1.66 2.16
CA ALA A 13 1.99 1.16 0.98
C ALA A 13 2.92 0.33 0.10
N VAL A 14 2.62 -0.96 -0.03
CA VAL A 14 3.43 -1.86 -0.84
C VAL A 14 2.56 -2.87 -1.59
N VAL A 15 3.05 -3.30 -2.75
CA VAL A 15 2.31 -4.27 -3.56
C VAL A 15 3.04 -5.60 -3.60
N ALA A 16 2.29 -6.68 -3.33
CA ALA A 16 2.86 -8.02 -3.35
C ALA A 16 1.88 -9.03 -3.92
N ARG A 17 2.39 -10.03 -4.63
CA ARG A 17 1.55 -11.05 -5.23
C ARG A 17 1.97 -12.44 -4.76
N GLY A 18 1.02 -13.16 -4.16
CA GLY A 18 1.31 -14.50 -3.67
C GLY A 18 2.60 -14.56 -2.87
N THR A 19 2.57 -13.96 -1.67
CA THR A 19 3.74 -13.95 -0.80
C THR A 19 4.98 -13.49 -1.56
N THR A 20 4.86 -12.35 -2.26
CA THR A 20 5.97 -11.82 -3.02
C THR A 20 5.87 -10.30 -3.13
N ILE A 21 6.70 -9.60 -2.36
CA ILE A 21 6.72 -8.14 -2.37
C ILE A 21 7.40 -7.61 -3.62
N LEU A 22 6.60 -7.14 -4.58
CA LEU A 22 7.14 -6.59 -5.81
C LEU A 22 7.82 -5.25 -5.58
N ALA A 23 7.02 -4.22 -5.34
CA ALA A 23 7.54 -2.88 -5.10
C ALA A 23 7.06 -2.34 -3.75
N LYS A 24 8.01 -2.10 -2.84
CA LYS A 24 7.69 -1.59 -1.52
C LYS A 24 8.19 -0.16 -1.35
N HIS A 25 7.32 0.72 -0.86
CA HIS A 25 7.68 2.11 -0.65
C HIS A 25 6.84 2.73 0.47
N ALA A 26 7.47 2.98 1.60
CA ALA A 26 6.77 3.57 2.74
C ALA A 26 7.59 4.71 3.36
N TRP A 27 6.95 5.50 4.21
CA TRP A 27 7.63 6.62 4.87
C TRP A 27 8.61 6.12 5.92
N CYS A 28 9.62 6.92 6.21
CA CYS A 28 10.62 6.56 7.21
C CYS A 28 10.08 6.77 8.62
N GLY A 29 10.23 5.74 9.46
CA GLY A 29 9.75 5.83 10.83
C GLY A 29 9.08 4.56 11.29
N GLY A 30 9.88 3.57 11.67
CA GLY A 30 9.33 2.30 12.13
C GLY A 30 9.47 1.20 11.08
N ASN A 31 9.19 -0.03 11.49
CA ASN A 31 9.29 -1.17 10.59
C ASN A 31 7.91 -1.78 10.34
N PHE A 32 7.42 -1.65 9.11
CA PHE A 32 6.12 -2.19 8.75
C PHE A 32 6.27 -3.46 7.91
N LEU A 33 7.18 -3.41 6.94
CA LEU A 33 7.43 -4.56 6.06
C LEU A 33 7.33 -5.86 6.85
N GLU A 34 7.64 -5.81 8.14
CA GLU A 34 7.58 -6.98 8.99
C GLU A 34 6.15 -7.49 9.13
N VAL A 35 5.32 -6.71 9.81
CA VAL A 35 3.93 -7.08 10.02
C VAL A 35 3.22 -7.32 8.69
N THR A 36 3.47 -6.44 7.72
CA THR A 36 2.86 -6.57 6.41
C THR A 36 3.10 -7.95 5.82
N GLU A 37 4.37 -8.35 5.74
CA GLU A 37 4.73 -9.65 5.19
C GLU A 37 3.99 -10.77 5.92
N GLN A 38 4.04 -10.75 7.24
CA GLN A 38 3.36 -11.76 8.05
C GLN A 38 1.89 -11.90 7.64
N ILE A 39 1.26 -10.76 7.36
CA ILE A 39 -0.15 -10.76 6.96
C ILE A 39 -0.32 -11.33 5.56
N LEU A 40 0.58 -10.96 4.65
CA LEU A 40 0.53 -11.44 3.28
C LEU A 40 0.43 -12.97 3.24
N ALA A 41 1.32 -13.64 3.96
CA ALA A 41 1.33 -15.09 4.01
C ALA A 41 -0.04 -15.63 4.41
N LYS A 42 -0.89 -14.76 4.94
CA LYS A 42 -2.23 -15.15 5.37
C LYS A 42 -3.28 -14.65 4.37
N ILE A 43 -2.98 -13.55 3.69
CA ILE A 43 -3.89 -12.98 2.71
C ILE A 43 -4.07 -13.91 1.51
N PRO A 44 -5.33 -14.26 1.22
CA PRO A 44 -5.66 -15.15 0.09
C PRO A 44 -5.40 -14.49 -1.26
N SER A 45 -5.31 -15.30 -2.30
CA SER A 45 -5.06 -14.80 -3.65
C SER A 45 -6.32 -14.93 -4.51
N GLU A 46 -7.47 -14.70 -3.90
CA GLU A 46 -8.74 -14.79 -4.61
C GLU A 46 -9.35 -13.41 -4.80
N ASN A 47 -10.11 -13.26 -5.88
CA ASN A 47 -10.76 -11.99 -6.19
C ASN A 47 -11.71 -11.57 -5.06
N ASN A 48 -11.14 -11.00 -3.99
CA ASN A 48 -11.93 -10.57 -2.85
C ASN A 48 -11.05 -9.81 -1.86
N LYS A 49 -11.62 -8.78 -1.24
CA LYS A 49 -10.91 -7.98 -0.26
C LYS A 49 -11.52 -8.13 1.13
N LEU A 50 -10.70 -7.92 2.16
CA LEU A 50 -11.18 -8.04 3.54
C LEU A 50 -10.49 -7.01 4.43
N THR A 51 -11.25 -6.45 5.36
CA THR A 51 -10.72 -5.45 6.28
C THR A 51 -10.05 -6.11 7.49
N TYR A 52 -8.74 -5.90 7.61
CA TYR A 52 -7.98 -6.48 8.72
C TYR A 52 -7.59 -5.40 9.72
N SER A 53 -8.04 -5.57 10.97
CA SER A 53 -7.74 -4.61 12.02
C SER A 53 -6.57 -5.09 12.88
N HIS A 54 -5.44 -4.41 12.74
CA HIS A 54 -4.24 -4.77 13.50
C HIS A 54 -3.82 -3.62 14.42
N GLY A 55 -3.52 -3.96 15.67
CA GLY A 55 -3.11 -2.95 16.63
C GLY A 55 -3.87 -1.64 16.47
N ASN A 56 -3.15 -0.53 16.49
CA ASN A 56 -3.76 0.78 16.33
C ASN A 56 -3.65 1.28 14.90
N TYR A 57 -3.84 0.37 13.95
CA TYR A 57 -3.76 0.72 12.53
C TYR A 57 -4.65 -0.21 11.70
N LEU A 58 -5.18 0.34 10.61
CA LEU A 58 -6.04 -0.44 9.72
C LEU A 58 -5.25 -1.04 8.57
N PHE A 59 -5.47 -2.32 8.31
CA PHE A 59 -4.77 -3.02 7.24
C PHE A 59 -5.75 -3.48 6.16
N HIS A 60 -5.89 -2.68 5.10
CA HIS A 60 -6.79 -3.00 4.01
C HIS A 60 -6.02 -3.58 2.83
N TYR A 61 -6.45 -4.74 2.36
CA TYR A 61 -5.80 -5.41 1.23
C TYR A 61 -6.80 -5.67 0.11
N ILE A 62 -6.37 -5.41 -1.12
CA ILE A 62 -7.22 -5.62 -2.29
C ILE A 62 -6.60 -6.62 -3.25
N CYS A 63 -7.32 -7.71 -3.50
CA CYS A 63 -6.83 -8.75 -4.40
C CYS A 63 -7.29 -8.49 -5.83
N GLN A 64 -6.38 -8.69 -6.78
CA GLN A 64 -6.69 -8.47 -8.19
C GLN A 64 -5.57 -9.02 -9.09
N ASP A 65 -5.96 -9.90 -10.01
CA ASP A 65 -4.99 -10.49 -10.93
C ASP A 65 -3.83 -11.12 -10.16
N ARG A 66 -4.14 -11.75 -9.03
CA ARG A 66 -3.12 -12.39 -8.21
C ARG A 66 -2.18 -11.35 -7.60
N ILE A 67 -2.69 -10.13 -7.44
CA ILE A 67 -1.90 -9.05 -6.86
C ILE A 67 -2.57 -8.47 -5.62
N VAL A 68 -1.85 -8.46 -4.51
CA VAL A 68 -2.37 -7.93 -3.26
C VAL A 68 -1.78 -6.57 -2.96
N TYR A 69 -2.63 -5.66 -2.48
CA TYR A 69 -2.19 -4.30 -2.14
C TYR A 69 -2.52 -3.97 -0.69
N LEU A 70 -1.54 -4.11 0.18
CA LEU A 70 -1.72 -3.82 1.60
C LEU A 70 -1.24 -2.42 1.93
N CYS A 71 -1.89 -1.78 2.89
CA CYS A 71 -1.53 -0.43 3.31
C CYS A 71 -1.84 -0.22 4.79
N ILE A 72 -1.09 0.68 5.43
CA ILE A 72 -1.30 0.98 6.84
C ILE A 72 -1.71 2.43 7.04
N THR A 73 -2.82 2.63 7.73
CA THR A 73 -3.33 3.97 8.01
C THR A 73 -3.70 4.14 9.47
N ASP A 74 -4.02 5.37 9.85
CA ASP A 74 -4.40 5.66 11.23
C ASP A 74 -5.89 5.39 11.45
N ASP A 75 -6.24 4.99 12.67
CA ASP A 75 -7.62 4.70 13.02
C ASP A 75 -8.55 5.80 12.52
N ASP A 76 -8.25 7.04 12.88
CA ASP A 76 -9.06 8.17 12.47
C ASP A 76 -9.28 8.15 10.96
N PHE A 77 -8.23 7.87 10.21
CA PHE A 77 -8.31 7.83 8.75
C PHE A 77 -9.57 7.10 8.30
N GLU A 78 -10.32 7.72 7.40
CA GLU A 78 -11.55 7.13 6.88
C GLU A 78 -11.24 5.92 6.00
N ARG A 79 -11.97 4.83 6.23
CA ARG A 79 -11.78 3.61 5.45
C ARG A 79 -11.83 3.90 3.95
N SER A 80 -12.89 4.58 3.53
CA SER A 80 -13.07 4.92 2.13
C SER A 80 -11.78 5.49 1.53
N ARG A 81 -11.18 6.44 2.23
CA ARG A 81 -9.93 7.05 1.79
C ARG A 81 -8.90 5.99 1.42
N ALA A 82 -8.65 5.08 2.36
CA ALA A 82 -7.68 4.02 2.14
C ALA A 82 -7.98 3.26 0.85
N PHE A 83 -9.15 2.63 0.80
CA PHE A 83 -9.56 1.87 -0.39
C PHE A 83 -9.40 2.71 -1.66
N ASN A 84 -9.79 3.99 -1.55
CA ASN A 84 -9.70 4.90 -2.69
C ASN A 84 -8.28 4.95 -3.25
N PHE A 85 -7.33 5.32 -2.39
CA PHE A 85 -5.93 5.41 -2.79
C PHE A 85 -5.45 4.08 -3.36
N LEU A 86 -5.68 3.01 -2.61
CA LEU A 86 -5.26 1.67 -3.03
C LEU A 86 -5.76 1.37 -4.44
N ASN A 87 -7.05 1.63 -4.68
CA ASN A 87 -7.64 1.38 -5.99
C ASN A 87 -6.93 2.18 -7.07
N GLU A 88 -6.59 3.43 -6.76
CA GLU A 88 -5.89 4.29 -7.71
C GLU A 88 -4.60 3.64 -8.19
N ILE A 89 -3.64 3.50 -7.27
CA ILE A 89 -2.35 2.90 -7.60
C ILE A 89 -2.53 1.46 -8.07
N LYS A 90 -3.49 0.76 -7.48
CA LYS A 90 -3.76 -0.63 -7.84
C LYS A 90 -3.91 -0.78 -9.35
N LYS A 91 -4.86 -0.04 -9.92
CA LYS A 91 -5.10 -0.09 -11.36
C LYS A 91 -3.88 0.39 -12.13
N ARG A 92 -3.31 1.51 -11.70
CA ARG A 92 -2.14 2.07 -12.36
C ARG A 92 -1.06 1.01 -12.56
N PHE A 93 -0.75 0.28 -11.50
CA PHE A 93 0.26 -0.77 -11.56
C PHE A 93 -0.20 -1.91 -12.47
N GLN A 94 -1.50 -2.18 -12.45
CA GLN A 94 -2.07 -3.25 -13.27
C GLN A 94 -2.11 -2.86 -14.74
N THR A 95 -2.20 -1.56 -14.99
CA THR A 95 -2.25 -1.04 -16.36
C THR A 95 -0.86 -0.66 -16.85
N THR A 96 0.03 -0.36 -15.91
CA THR A 96 1.40 0.03 -16.25
C THR A 96 2.32 -1.19 -16.26
N TYR A 97 2.55 -1.76 -15.08
CA TYR A 97 3.42 -2.92 -14.95
C TYR A 97 2.63 -4.13 -14.45
N GLY A 98 1.39 -4.25 -14.90
CA GLY A 98 0.55 -5.37 -14.49
C GLY A 98 0.96 -6.67 -15.15
N SER A 99 0.92 -6.70 -16.48
CA SER A 99 1.27 -7.90 -17.24
C SER A 99 2.66 -8.40 -16.83
N ARG A 100 3.62 -7.48 -16.76
CA ARG A 100 4.98 -7.84 -16.38
C ARG A 100 5.02 -8.41 -14.97
N ALA A 101 4.07 -7.99 -14.12
CA ALA A 101 4.00 -8.47 -12.76
C ALA A 101 3.70 -9.96 -12.70
N GLN A 102 3.46 -10.54 -13.87
CA GLN A 102 3.15 -11.97 -13.95
C GLN A 102 4.43 -12.78 -14.22
N THR A 103 5.38 -12.16 -14.90
CA THR A 103 6.64 -12.83 -15.22
C THR A 103 7.81 -12.13 -14.53
N ALA A 104 7.97 -10.84 -14.81
CA ALA A 104 9.04 -10.05 -14.21
C ALA A 104 9.26 -10.43 -12.75
N PRO A 105 10.48 -10.20 -12.25
CA PRO A 105 10.83 -10.50 -10.86
C PRO A 105 10.15 -9.58 -9.87
N PRO A 106 10.27 -9.89 -8.57
CA PRO A 106 9.67 -9.10 -7.50
C PRO A 106 10.36 -7.75 -7.33
N TYR A 107 11.68 -7.77 -7.23
CA TYR A 107 12.45 -6.54 -7.07
C TYR A 107 12.86 -5.96 -8.42
N ALA A 108 11.88 -5.79 -9.30
CA ALA A 108 12.12 -5.24 -10.62
C ALA A 108 11.57 -3.82 -10.76
N MET A 109 10.27 -3.68 -10.50
CA MET A 109 9.62 -2.38 -10.58
C MET A 109 9.65 -1.67 -9.24
N ASN A 110 10.79 -1.75 -8.56
CA ASN A 110 10.95 -1.11 -7.26
C ASN A 110 11.25 0.38 -7.42
N SER A 111 12.11 0.70 -8.37
CA SER A 111 12.47 2.10 -8.62
C SER A 111 11.33 2.85 -9.28
N GLU A 112 10.97 2.44 -10.49
CA GLU A 112 9.88 3.08 -11.23
C GLU A 112 8.68 3.31 -10.32
N PHE A 113 8.19 2.24 -9.71
CA PHE A 113 7.04 2.32 -8.82
C PHE A 113 7.35 3.21 -7.61
N SER A 114 8.48 2.95 -6.97
CA SER A 114 8.90 3.72 -5.81
C SER A 114 8.62 5.20 -6.00
N SER A 115 9.05 5.73 -7.14
CA SER A 115 8.86 7.15 -7.46
C SER A 115 7.38 7.46 -7.63
N VAL A 116 6.71 6.67 -8.48
CA VAL A 116 5.30 6.87 -8.74
C VAL A 116 4.50 6.91 -7.44
N LEU A 117 4.57 5.83 -6.67
CA LEU A 117 3.85 5.75 -5.41
C LEU A 117 4.09 7.00 -4.56
N ALA A 118 5.36 7.30 -4.29
CA ALA A 118 5.72 8.47 -3.50
C ALA A 118 4.86 9.67 -3.88
N ALA A 119 4.85 9.99 -5.17
CA ALA A 119 4.07 11.13 -5.66
C ALA A 119 2.60 10.99 -5.28
N GLN A 120 2.08 9.77 -5.36
CA GLN A 120 0.69 9.51 -5.03
C GLN A 120 0.43 9.76 -3.55
N LEU A 121 1.36 9.33 -2.70
CA LEU A 121 1.23 9.51 -1.26
C LEU A 121 1.21 10.99 -0.90
N LYS A 122 2.32 11.67 -1.15
CA LYS A 122 2.42 13.10 -0.85
C LYS A 122 1.20 13.85 -1.37
N HIS A 123 0.73 13.48 -2.55
CA HIS A 123 -0.43 14.11 -3.16
C HIS A 123 -1.66 13.94 -2.27
N HIS A 124 -1.95 12.71 -1.90
CA HIS A 124 -3.10 12.41 -1.05
C HIS A 124 -2.93 13.04 0.33
N SER A 125 -1.94 12.56 1.07
CA SER A 125 -1.68 13.07 2.41
C SER A 125 -1.34 14.56 2.37
N SER A 126 -2.08 15.35 3.14
CA SER A 126 -1.86 16.79 3.19
C SER A 126 -0.79 17.14 4.22
N GLY A 127 0.10 16.19 4.49
CA GLY A 127 1.15 16.42 5.46
C GLY A 127 2.31 17.20 4.87
N PRO A 128 3.10 16.56 4.00
CA PRO A 128 4.25 17.19 3.36
C PRO A 128 3.84 18.25 2.35
N SER A 129 4.15 19.52 2.65
CA SER A 129 3.81 20.62 1.76
C SER A 129 4.35 20.39 0.35
N SER A 130 3.45 20.18 -0.60
CA SER A 130 3.84 19.94 -1.98
C SER A 130 4.29 21.23 -2.65
N GLY A 131 5.35 21.14 -3.45
CA GLY A 131 5.85 22.31 -4.14
C GLY A 131 6.53 23.29 -3.21
N GLY A 1 -19.67 25.68 10.35
CA GLY A 1 -19.27 25.78 8.96
C GLY A 1 -17.76 25.71 8.79
N SER A 2 -17.32 25.59 7.54
CA SER A 2 -15.90 25.51 7.24
C SER A 2 -15.16 24.74 8.33
N SER A 3 -15.75 23.63 8.77
CA SER A 3 -15.15 22.81 9.82
C SER A 3 -14.79 21.43 9.28
N GLY A 4 -13.59 21.31 8.71
CA GLY A 4 -13.15 20.05 8.17
C GLY A 4 -12.06 19.40 9.01
N SER A 5 -12.06 18.07 9.04
CA SER A 5 -11.07 17.33 9.82
C SER A 5 -10.11 16.56 8.90
N SER A 6 -8.82 16.84 9.05
CA SER A 6 -7.80 16.18 8.24
C SER A 6 -6.42 16.32 8.87
N GLY A 7 -5.58 15.31 8.68
CA GLY A 7 -4.24 15.34 9.23
C GLY A 7 -3.45 14.10 8.88
N MET A 8 -3.71 13.00 9.58
CA MET A 8 -3.00 11.75 9.33
C MET A 8 -3.60 11.01 8.13
N ALA A 9 -2.73 10.50 7.26
CA ALA A 9 -3.17 9.77 6.08
C ALA A 9 -2.28 8.56 5.81
N ILE A 10 -2.60 7.82 4.76
CA ILE A 10 -1.83 6.64 4.40
C ILE A 10 -0.33 6.88 4.57
N LEU A 11 0.37 5.85 5.01
CA LEU A 11 1.82 5.95 5.23
C LEU A 11 2.54 4.77 4.58
N PHE A 12 2.02 3.57 4.79
CA PHE A 12 2.62 2.36 4.24
C PHE A 12 1.77 1.82 3.09
N ALA A 13 2.43 1.47 1.98
CA ALA A 13 1.74 0.94 0.82
C ALA A 13 2.70 0.20 -0.10
N VAL A 14 2.54 -1.11 -0.20
CA VAL A 14 3.40 -1.93 -1.05
C VAL A 14 2.59 -2.97 -1.81
N VAL A 15 3.15 -3.47 -2.90
CA VAL A 15 2.48 -4.47 -3.73
C VAL A 15 3.21 -5.81 -3.68
N ALA A 16 2.53 -6.84 -3.21
CA ALA A 16 3.12 -8.17 -3.11
C ALA A 16 2.12 -9.25 -3.51
N ARG A 17 2.54 -10.15 -4.39
CA ARG A 17 1.68 -11.23 -4.86
C ARG A 17 1.68 -12.39 -3.86
N GLY A 18 0.69 -12.43 -2.98
CA GLY A 18 0.61 -13.49 -2.01
C GLY A 18 1.74 -13.44 -1.00
N THR A 19 2.92 -13.89 -1.42
CA THR A 19 4.08 -13.91 -0.55
C THR A 19 5.31 -13.36 -1.26
N THR A 20 5.10 -12.81 -2.46
CA THR A 20 6.19 -12.24 -3.25
C THR A 20 6.05 -10.73 -3.38
N ILE A 21 7.06 -10.01 -2.90
CA ILE A 21 7.04 -8.55 -2.97
C ILE A 21 7.73 -8.05 -4.23
N LEU A 22 6.99 -7.30 -5.04
CA LEU A 22 7.53 -6.75 -6.29
C LEU A 22 8.13 -5.37 -6.05
N ALA A 23 7.29 -4.44 -5.60
CA ALA A 23 7.73 -3.07 -5.34
C ALA A 23 7.21 -2.58 -4.00
N LYS A 24 8.12 -2.16 -3.13
CA LYS A 24 7.75 -1.65 -1.82
C LYS A 24 8.26 -0.23 -1.61
N HIS A 25 7.43 0.62 -1.03
CA HIS A 25 7.79 2.02 -0.77
C HIS A 25 6.97 2.59 0.36
N ALA A 26 7.62 2.82 1.51
CA ALA A 26 6.94 3.38 2.67
C ALA A 26 7.73 4.54 3.25
N TRP A 27 7.06 5.36 4.06
CA TRP A 27 7.70 6.52 4.68
C TRP A 27 8.64 6.08 5.79
N CYS A 28 9.64 6.92 6.08
CA CYS A 28 10.61 6.62 7.12
C CYS A 28 10.01 6.83 8.51
N GLY A 29 9.91 5.75 9.28
CA GLY A 29 9.35 5.84 10.62
C GLY A 29 9.65 4.60 11.45
N GLY A 30 8.95 3.51 11.17
CA GLY A 30 9.15 2.28 11.91
C GLY A 30 9.23 1.07 11.00
N ASN A 31 9.38 -0.10 11.60
CA ASN A 31 9.48 -1.34 10.85
C ASN A 31 8.08 -1.91 10.56
N PHE A 32 7.62 -1.74 9.33
CA PHE A 32 6.30 -2.24 8.94
C PHE A 32 6.43 -3.49 8.08
N LEU A 33 7.42 -3.49 7.19
CA LEU A 33 7.66 -4.63 6.31
C LEU A 33 7.51 -5.94 7.06
N GLU A 34 7.71 -5.89 8.37
CA GLU A 34 7.59 -7.08 9.21
C GLU A 34 6.14 -7.54 9.31
N VAL A 35 5.30 -6.69 9.90
CA VAL A 35 3.88 -7.00 10.06
C VAL A 35 3.22 -7.28 8.72
N THR A 36 3.60 -6.49 7.70
CA THR A 36 3.04 -6.65 6.36
C THR A 36 3.28 -8.06 5.84
N GLU A 37 4.55 -8.45 5.77
CA GLU A 37 4.91 -9.77 5.27
C GLU A 37 4.11 -10.86 5.99
N GLN A 38 4.15 -10.83 7.32
CA GLN A 38 3.43 -11.81 8.13
C GLN A 38 1.99 -11.93 7.67
N ILE A 39 1.35 -10.80 7.40
CA ILE A 39 -0.03 -10.78 6.94
C ILE A 39 -0.16 -11.31 5.52
N LEU A 40 0.82 -10.97 4.68
CA LEU A 40 0.81 -11.41 3.29
C LEU A 40 0.68 -12.93 3.21
N ALA A 41 1.43 -13.64 4.04
CA ALA A 41 1.39 -15.09 4.06
C ALA A 41 0.02 -15.60 4.51
N LYS A 42 -0.84 -14.67 4.92
CA LYS A 42 -2.18 -15.02 5.37
C LYS A 42 -3.23 -14.52 4.38
N ILE A 43 -2.93 -13.42 3.70
CA ILE A 43 -3.84 -12.85 2.73
C ILE A 43 -4.01 -13.78 1.52
N PRO A 44 -5.27 -14.12 1.22
CA PRO A 44 -5.61 -14.99 0.09
C PRO A 44 -5.35 -14.32 -1.26
N SER A 45 -5.31 -15.13 -2.32
CA SER A 45 -5.07 -14.62 -3.66
C SER A 45 -6.31 -14.79 -4.54
N GLU A 46 -7.48 -14.67 -3.93
CA GLU A 46 -8.74 -14.81 -4.65
C GLU A 46 -9.49 -13.49 -4.72
N ASN A 47 -10.17 -13.26 -5.84
CA ASN A 47 -10.93 -12.02 -6.02
C ASN A 47 -11.82 -11.75 -4.82
N ASN A 48 -11.28 -11.05 -3.84
CA ASN A 48 -12.04 -10.72 -2.63
C ASN A 48 -11.23 -9.80 -1.73
N LYS A 49 -11.94 -8.98 -0.95
CA LYS A 49 -11.29 -8.05 -0.03
C LYS A 49 -11.80 -8.25 1.40
N LEU A 50 -11.01 -7.80 2.36
CA LEU A 50 -11.38 -7.92 3.77
C LEU A 50 -10.70 -6.84 4.61
N THR A 51 -11.40 -6.38 5.64
CA THR A 51 -10.87 -5.35 6.52
C THR A 51 -10.17 -5.97 7.72
N TYR A 52 -8.85 -5.78 7.79
CA TYR A 52 -8.06 -6.32 8.89
C TYR A 52 -7.67 -5.23 9.87
N SER A 53 -8.02 -5.42 11.15
CA SER A 53 -7.70 -4.44 12.18
C SER A 53 -6.52 -4.91 13.02
N HIS A 54 -5.34 -4.35 12.73
CA HIS A 54 -4.13 -4.70 13.47
C HIS A 54 -3.70 -3.56 14.39
N GLY A 55 -3.49 -3.88 15.66
CA GLY A 55 -3.08 -2.87 16.62
C GLY A 55 -3.83 -1.57 16.45
N ASN A 56 -3.10 -0.46 16.48
CA ASN A 56 -3.70 0.86 16.32
C ASN A 56 -3.57 1.36 14.89
N TYR A 57 -3.75 0.44 13.94
CA TYR A 57 -3.65 0.78 12.52
C TYR A 57 -4.58 -0.10 11.69
N LEU A 58 -5.16 0.49 10.64
CA LEU A 58 -6.06 -0.24 9.76
C LEU A 58 -5.31 -0.85 8.58
N PHE A 59 -5.55 -2.13 8.32
CA PHE A 59 -4.90 -2.82 7.21
C PHE A 59 -5.89 -3.15 6.11
N HIS A 60 -5.90 -2.34 5.06
CA HIS A 60 -6.80 -2.55 3.94
C HIS A 60 -6.06 -3.16 2.75
N TYR A 61 -6.43 -4.38 2.39
CA TYR A 61 -5.81 -5.09 1.28
C TYR A 61 -6.83 -5.42 0.20
N ILE A 62 -6.49 -5.10 -1.04
CA ILE A 62 -7.39 -5.37 -2.17
C ILE A 62 -6.77 -6.38 -3.12
N CYS A 63 -7.55 -7.39 -3.48
CA CYS A 63 -7.08 -8.43 -4.40
C CYS A 63 -7.54 -8.14 -5.83
N GLN A 64 -6.61 -8.23 -6.77
CA GLN A 64 -6.90 -7.97 -8.17
C GLN A 64 -5.79 -8.50 -9.07
N ASP A 65 -6.18 -9.19 -10.14
CA ASP A 65 -5.21 -9.75 -11.07
C ASP A 65 -4.13 -10.55 -10.35
N ARG A 66 -4.53 -11.19 -9.25
CA ARG A 66 -3.61 -11.99 -8.46
C ARG A 66 -2.56 -11.10 -7.79
N ILE A 67 -2.93 -9.85 -7.53
CA ILE A 67 -2.03 -8.91 -6.89
C ILE A 67 -2.64 -8.35 -5.62
N VAL A 68 -1.88 -8.42 -4.52
CA VAL A 68 -2.35 -7.91 -3.23
C VAL A 68 -1.73 -6.56 -2.92
N TYR A 69 -2.56 -5.61 -2.52
CA TYR A 69 -2.09 -4.27 -2.19
C TYR A 69 -2.43 -3.92 -0.74
N LEU A 70 -1.47 -4.10 0.15
CA LEU A 70 -1.69 -3.80 1.57
C LEU A 70 -1.16 -2.40 1.90
N CYS A 71 -1.83 -1.74 2.85
CA CYS A 71 -1.43 -0.40 3.27
C CYS A 71 -1.76 -0.18 4.73
N ILE A 72 -0.90 0.55 5.43
CA ILE A 72 -1.11 0.85 6.84
C ILE A 72 -1.55 2.29 7.05
N THR A 73 -2.65 2.46 7.78
CA THR A 73 -3.19 3.79 8.05
C THR A 73 -3.70 3.89 9.48
N ASP A 74 -3.86 5.13 9.96
CA ASP A 74 -4.37 5.36 11.31
C ASP A 74 -5.88 5.23 11.36
N ASP A 75 -6.38 4.54 12.38
CA ASP A 75 -7.81 4.34 12.54
C ASP A 75 -8.58 5.58 12.09
N ASP A 76 -8.25 6.73 12.68
CA ASP A 76 -8.91 7.98 12.35
C ASP A 76 -9.27 8.02 10.86
N PHE A 77 -8.30 7.70 10.02
CA PHE A 77 -8.52 7.71 8.58
C PHE A 77 -9.88 7.11 8.22
N GLU A 78 -10.42 7.50 7.08
CA GLU A 78 -11.71 7.00 6.62
C GLU A 78 -11.55 5.78 5.73
N ARG A 79 -12.18 4.68 6.11
CA ARG A 79 -12.11 3.44 5.35
C ARG A 79 -12.11 3.73 3.85
N SER A 80 -13.18 4.35 3.38
CA SER A 80 -13.30 4.67 1.96
C SER A 80 -12.00 5.24 1.42
N ARG A 81 -11.56 6.36 1.98
CA ARG A 81 -10.32 7.00 1.56
C ARG A 81 -9.22 5.96 1.32
N ALA A 82 -9.05 5.06 2.28
CA ALA A 82 -8.04 4.02 2.18
C ALA A 82 -8.21 3.21 0.89
N PHE A 83 -9.41 2.68 0.69
CA PHE A 83 -9.72 1.89 -0.49
C PHE A 83 -9.51 2.71 -1.76
N ASN A 84 -9.84 4.00 -1.69
CA ASN A 84 -9.70 4.89 -2.83
C ASN A 84 -8.26 4.91 -3.34
N PHE A 85 -7.35 5.38 -2.49
CA PHE A 85 -5.94 5.44 -2.86
C PHE A 85 -5.45 4.10 -3.40
N LEU A 86 -5.71 3.04 -2.65
CA LEU A 86 -5.30 1.69 -3.05
C LEU A 86 -5.78 1.39 -4.45
N ASN A 87 -7.03 1.71 -4.74
CA ASN A 87 -7.61 1.46 -6.06
C ASN A 87 -6.88 2.27 -7.13
N GLU A 88 -6.53 3.50 -6.79
CA GLU A 88 -5.82 4.38 -7.72
C GLU A 88 -4.54 3.73 -8.21
N ILE A 89 -3.60 3.52 -7.30
CA ILE A 89 -2.33 2.91 -7.64
C ILE A 89 -2.51 1.45 -8.09
N LYS A 90 -3.42 0.75 -7.43
CA LYS A 90 -3.70 -0.65 -7.76
C LYS A 90 -3.97 -0.79 -9.25
N LYS A 91 -4.83 0.06 -9.78
CA LYS A 91 -5.18 0.03 -11.20
C LYS A 91 -4.00 0.48 -12.06
N ARG A 92 -3.29 1.51 -11.60
CA ARG A 92 -2.14 2.03 -12.33
C ARG A 92 -1.07 0.96 -12.51
N PHE A 93 -0.88 0.14 -11.48
CA PHE A 93 0.11 -0.92 -11.52
C PHE A 93 -0.32 -2.04 -12.46
N GLN A 94 -1.47 -2.65 -12.15
CA GLN A 94 -2.00 -3.73 -12.98
C GLN A 94 -2.18 -3.28 -14.41
N THR A 95 -2.32 -1.97 -14.61
CA THR A 95 -2.52 -1.41 -15.94
C THR A 95 -1.18 -0.99 -16.55
N THR A 96 -0.25 -0.58 -15.71
CA THR A 96 1.06 -0.15 -16.16
C THR A 96 2.06 -1.29 -16.12
N TYR A 97 2.38 -1.75 -14.90
CA TYR A 97 3.33 -2.84 -14.72
C TYR A 97 2.62 -4.11 -14.26
N GLY A 98 1.39 -4.30 -14.74
CA GLY A 98 0.62 -5.47 -14.36
C GLY A 98 1.07 -6.73 -15.09
N SER A 99 0.90 -6.73 -16.41
CA SER A 99 1.28 -7.88 -17.22
C SER A 99 2.70 -8.34 -16.87
N ARG A 100 3.63 -7.39 -16.84
CA ARG A 100 5.02 -7.70 -16.53
C ARG A 100 5.13 -8.31 -15.14
N ALA A 101 4.31 -7.84 -14.21
CA ALA A 101 4.32 -8.34 -12.84
C ALA A 101 4.26 -9.86 -12.82
N GLN A 102 3.63 -10.45 -13.83
CA GLN A 102 3.51 -11.90 -13.92
C GLN A 102 4.84 -12.53 -14.33
N THR A 103 5.60 -11.82 -15.17
CA THR A 103 6.88 -12.31 -15.64
C THR A 103 8.03 -11.68 -14.86
N ALA A 104 8.16 -10.37 -14.98
CA ALA A 104 9.23 -9.64 -14.29
C ALA A 104 9.52 -10.27 -12.93
N PRO A 105 10.81 -10.35 -12.58
CA PRO A 105 11.25 -10.92 -11.31
C PRO A 105 10.90 -10.05 -10.12
N PRO A 106 11.08 -10.59 -8.91
CA PRO A 106 10.79 -9.86 -7.67
C PRO A 106 11.76 -8.72 -7.42
N TYR A 107 11.25 -7.61 -6.90
CA TYR A 107 12.08 -6.45 -6.62
C TYR A 107 12.75 -5.93 -7.89
N ALA A 108 11.96 -5.80 -8.95
CA ALA A 108 12.47 -5.32 -10.23
C ALA A 108 12.01 -3.89 -10.50
N MET A 109 10.69 -3.71 -10.59
CA MET A 109 10.12 -2.40 -10.84
C MET A 109 9.90 -1.63 -9.53
N ASN A 110 10.91 -1.64 -8.68
CA ASN A 110 10.83 -0.95 -7.40
C ASN A 110 11.20 0.53 -7.54
N SER A 111 12.15 0.81 -8.43
CA SER A 111 12.60 2.17 -8.66
C SER A 111 11.47 3.02 -9.26
N GLU A 112 11.07 2.68 -10.48
CA GLU A 112 10.01 3.41 -11.16
C GLU A 112 8.80 3.58 -10.25
N PHE A 113 8.29 2.47 -9.72
CA PHE A 113 7.14 2.51 -8.84
C PHE A 113 7.43 3.35 -7.60
N SER A 114 8.49 3.00 -6.88
CA SER A 114 8.87 3.72 -5.67
C SER A 114 8.60 5.21 -5.83
N SER A 115 9.05 5.78 -6.94
CA SER A 115 8.85 7.21 -7.19
C SER A 115 7.37 7.52 -7.39
N VAL A 116 6.70 6.75 -8.23
CA VAL A 116 5.29 6.94 -8.51
C VAL A 116 4.48 6.93 -7.21
N LEU A 117 4.61 5.85 -6.45
CA LEU A 117 3.89 5.72 -5.18
C LEU A 117 4.09 6.95 -4.31
N ALA A 118 5.35 7.31 -4.07
CA ALA A 118 5.66 8.48 -3.26
C ALA A 118 4.82 9.68 -3.67
N ALA A 119 4.74 9.93 -4.96
CA ALA A 119 3.97 11.06 -5.48
C ALA A 119 2.51 10.95 -5.06
N GLN A 120 1.94 9.75 -5.19
CA GLN A 120 0.54 9.52 -4.82
C GLN A 120 0.34 9.74 -3.32
N LEU A 121 1.19 9.13 -2.51
CA LEU A 121 1.10 9.26 -1.07
C LEU A 121 1.19 10.72 -0.64
N LYS A 122 2.20 11.42 -1.16
CA LYS A 122 2.39 12.83 -0.84
C LYS A 122 1.26 13.67 -1.39
N HIS A 123 1.16 13.75 -2.71
CA HIS A 123 0.11 14.53 -3.36
C HIS A 123 -1.19 14.46 -2.57
N HIS A 124 -1.68 13.24 -2.36
CA HIS A 124 -2.92 13.04 -1.62
C HIS A 124 -2.83 13.67 -0.23
N SER A 125 -1.76 13.36 0.49
CA SER A 125 -1.56 13.90 1.84
C SER A 125 -0.12 14.34 2.03
N SER A 126 0.06 15.58 2.45
CA SER A 126 1.40 16.12 2.68
C SER A 126 2.13 15.35 3.78
N GLY A 127 3.36 15.74 4.04
CA GLY A 127 4.15 15.06 5.06
C GLY A 127 3.55 15.22 6.45
N PRO A 128 3.45 14.11 7.18
CA PRO A 128 2.89 14.10 8.54
C PRO A 128 3.80 14.79 9.55
N SER A 129 3.42 15.99 9.95
CA SER A 129 4.20 16.76 10.91
C SER A 129 3.97 16.26 12.34
N SER A 130 4.78 15.28 12.75
CA SER A 130 4.66 14.70 14.08
C SER A 130 5.89 13.87 14.42
N GLY A 131 6.30 13.91 15.69
CA GLY A 131 7.46 13.16 16.12
C GLY A 131 7.47 12.91 17.62
N GLY A 1 -13.75 27.06 9.75
CA GLY A 1 -14.30 27.47 11.03
C GLY A 1 -13.41 27.11 12.20
N SER A 2 -13.39 25.82 12.56
CA SER A 2 -12.57 25.36 13.67
C SER A 2 -11.61 24.27 13.21
N SER A 3 -11.94 23.62 12.09
CA SER A 3 -11.11 22.55 11.56
C SER A 3 -11.46 22.28 10.10
N GLY A 4 -10.47 22.36 9.23
CA GLY A 4 -10.70 22.12 7.81
C GLY A 4 -9.54 21.39 7.16
N SER A 5 -9.25 20.19 7.64
CA SER A 5 -8.16 19.39 7.09
C SER A 5 -8.21 17.96 7.63
N SER A 6 -7.67 17.02 6.85
CA SER A 6 -7.66 15.63 7.25
C SER A 6 -6.54 15.35 8.25
N GLY A 7 -5.32 15.69 7.87
CA GLY A 7 -4.18 15.46 8.75
C GLY A 7 -3.57 14.09 8.57
N MET A 8 -3.99 13.15 9.41
CA MET A 8 -3.47 11.79 9.36
C MET A 8 -3.90 11.11 8.05
N ALA A 9 -2.92 10.55 7.34
CA ALA A 9 -3.19 9.87 6.08
C ALA A 9 -2.33 8.62 5.95
N ILE A 10 -2.42 7.96 4.79
CA ILE A 10 -1.66 6.75 4.54
C ILE A 10 -0.16 6.98 4.77
N LEU A 11 0.51 5.96 5.29
CA LEU A 11 1.94 6.04 5.56
C LEU A 11 2.69 4.89 4.90
N PHE A 12 2.13 3.69 4.98
CA PHE A 12 2.74 2.52 4.40
C PHE A 12 1.88 1.96 3.26
N ALA A 13 2.52 1.62 2.15
CA ALA A 13 1.82 1.08 0.99
C ALA A 13 2.78 0.33 0.07
N VAL A 14 2.49 -0.96 -0.14
CA VAL A 14 3.33 -1.78 -1.01
C VAL A 14 2.48 -2.79 -1.77
N VAL A 15 3.03 -3.29 -2.88
CA VAL A 15 2.32 -4.27 -3.70
C VAL A 15 3.03 -5.62 -3.68
N ALA A 16 2.35 -6.63 -3.14
CA ALA A 16 2.92 -7.98 -3.07
C ALA A 16 1.93 -9.02 -3.56
N ARG A 17 2.43 -9.99 -4.31
CA ARG A 17 1.58 -11.05 -4.84
C ARG A 17 2.10 -12.42 -4.43
N GLY A 18 1.20 -13.26 -3.92
CA GLY A 18 1.58 -14.59 -3.48
C GLY A 18 2.89 -14.60 -2.73
N THR A 19 2.91 -13.95 -1.57
CA THR A 19 4.12 -13.89 -0.75
C THR A 19 5.32 -13.46 -1.59
N THR A 20 5.16 -12.37 -2.34
CA THR A 20 6.23 -11.85 -3.18
C THR A 20 6.07 -10.35 -3.42
N ILE A 21 6.93 -9.57 -2.78
CA ILE A 21 6.89 -8.12 -2.91
C ILE A 21 7.64 -7.66 -4.16
N LEU A 22 6.93 -7.05 -5.09
CA LEU A 22 7.53 -6.57 -6.33
C LEU A 22 8.12 -5.17 -6.13
N ALA A 23 7.32 -4.27 -5.55
CA ALA A 23 7.77 -2.91 -5.29
C ALA A 23 7.24 -2.39 -3.96
N LYS A 24 8.14 -1.90 -3.12
CA LYS A 24 7.76 -1.38 -1.82
C LYS A 24 8.28 0.04 -1.63
N HIS A 25 7.47 0.88 -0.99
CA HIS A 25 7.84 2.28 -0.75
C HIS A 25 7.01 2.87 0.38
N ALA A 26 7.66 3.12 1.52
CA ALA A 26 6.98 3.69 2.67
C ALA A 26 7.78 4.84 3.27
N TRP A 27 7.14 5.61 4.14
CA TRP A 27 7.79 6.75 4.77
C TRP A 27 8.80 6.28 5.82
N CYS A 28 9.82 7.09 6.08
CA CYS A 28 10.85 6.76 7.04
C CYS A 28 10.36 6.99 8.46
N GLY A 29 10.15 5.89 9.19
CA GLY A 29 9.67 5.99 10.56
C GLY A 29 8.71 4.88 10.92
N GLY A 30 9.24 3.73 11.30
CA GLY A 30 8.41 2.60 11.66
C GLY A 30 8.66 1.38 10.78
N ASN A 31 8.60 0.20 11.38
CA ASN A 31 8.83 -1.03 10.65
C ASN A 31 7.51 -1.75 10.38
N PHE A 32 7.02 -1.63 9.15
CA PHE A 32 5.77 -2.26 8.76
C PHE A 32 6.03 -3.50 7.90
N LEU A 33 7.01 -3.40 7.02
CA LEU A 33 7.36 -4.51 6.14
C LEU A 33 7.24 -5.85 6.86
N GLU A 34 7.67 -5.87 8.13
CA GLU A 34 7.61 -7.08 8.93
C GLU A 34 6.17 -7.58 9.06
N VAL A 35 5.35 -6.81 9.77
CA VAL A 35 3.94 -7.17 9.96
C VAL A 35 3.26 -7.43 8.63
N THR A 36 3.53 -6.58 7.64
CA THR A 36 2.93 -6.72 6.33
C THR A 36 3.20 -8.10 5.74
N GLU A 37 4.48 -8.47 5.68
CA GLU A 37 4.87 -9.78 5.14
C GLU A 37 4.10 -10.90 5.83
N GLN A 38 4.10 -10.89 7.16
CA GLN A 38 3.42 -11.90 7.94
C GLN A 38 1.95 -12.00 7.52
N ILE A 39 1.32 -10.86 7.31
CA ILE A 39 -0.08 -10.82 6.91
C ILE A 39 -0.27 -11.35 5.50
N LEU A 40 0.66 -10.99 4.61
CA LEU A 40 0.60 -11.44 3.23
C LEU A 40 0.52 -12.97 3.14
N ALA A 41 1.33 -13.64 3.95
CA ALA A 41 1.34 -15.10 3.98
C ALA A 41 0.01 -15.64 4.49
N LYS A 42 -0.85 -14.75 4.97
CA LYS A 42 -2.15 -15.15 5.49
C LYS A 42 -3.27 -14.69 4.56
N ILE A 43 -2.99 -13.66 3.77
CA ILE A 43 -3.98 -13.11 2.84
C ILE A 43 -4.13 -14.02 1.62
N PRO A 44 -5.38 -14.37 1.30
CA PRO A 44 -5.69 -15.24 0.15
C PRO A 44 -5.43 -14.55 -1.18
N SER A 45 -5.31 -15.35 -2.24
CA SER A 45 -5.05 -14.81 -3.58
C SER A 45 -6.29 -14.95 -4.45
N GLU A 46 -7.47 -14.84 -3.84
CA GLU A 46 -8.73 -14.96 -4.58
C GLU A 46 -9.43 -13.60 -4.65
N ASN A 47 -10.14 -13.38 -5.75
CA ASN A 47 -10.87 -12.13 -5.95
C ASN A 47 -11.77 -11.83 -4.76
N ASN A 48 -11.20 -11.17 -3.75
CA ASN A 48 -11.95 -10.83 -2.55
C ASN A 48 -11.10 -9.97 -1.60
N LYS A 49 -11.74 -9.01 -0.95
CA LYS A 49 -11.05 -8.12 -0.02
C LYS A 49 -11.59 -8.29 1.39
N LEU A 50 -10.78 -7.93 2.37
CA LEU A 50 -11.18 -8.04 3.77
C LEU A 50 -10.53 -6.94 4.61
N THR A 51 -11.20 -6.57 5.71
CA THR A 51 -10.68 -5.53 6.59
C THR A 51 -10.00 -6.14 7.82
N TYR A 52 -8.69 -6.00 7.88
CA TYR A 52 -7.91 -6.54 8.99
C TYR A 52 -7.53 -5.43 9.97
N SER A 53 -7.88 -5.61 11.24
CA SER A 53 -7.59 -4.63 12.27
C SER A 53 -6.42 -5.10 13.14
N HIS A 54 -5.28 -4.44 12.99
CA HIS A 54 -4.08 -4.77 13.77
C HIS A 54 -3.66 -3.61 14.66
N GLY A 55 -3.97 -3.71 15.94
CA GLY A 55 -3.61 -2.66 16.87
C GLY A 55 -4.27 -1.34 16.54
N ASN A 56 -3.56 -0.23 16.82
CA ASN A 56 -4.09 1.10 16.54
C ASN A 56 -3.85 1.48 15.09
N TYR A 57 -4.01 0.51 14.18
CA TYR A 57 -3.82 0.76 12.76
C TYR A 57 -4.68 -0.19 11.92
N LEU A 58 -5.23 0.32 10.84
CA LEU A 58 -6.08 -0.48 9.95
C LEU A 58 -5.25 -1.07 8.81
N PHE A 59 -5.49 -2.33 8.51
CA PHE A 59 -4.77 -3.01 7.43
C PHE A 59 -5.73 -3.41 6.30
N HIS A 60 -5.85 -2.54 5.31
CA HIS A 60 -6.73 -2.80 4.17
C HIS A 60 -5.96 -3.44 3.01
N TYR A 61 -6.41 -4.60 2.59
CA TYR A 61 -5.77 -5.32 1.48
C TYR A 61 -6.75 -5.60 0.36
N ILE A 62 -6.30 -5.42 -0.88
CA ILE A 62 -7.13 -5.64 -2.04
C ILE A 62 -6.55 -6.73 -2.94
N CYS A 63 -7.38 -7.68 -3.33
CA CYS A 63 -6.93 -8.78 -4.19
C CYS A 63 -7.44 -8.59 -5.61
N GLN A 64 -6.52 -8.60 -6.57
CA GLN A 64 -6.87 -8.43 -7.97
C GLN A 64 -5.75 -8.92 -8.88
N ASP A 65 -6.10 -9.78 -9.84
CA ASP A 65 -5.12 -10.32 -10.77
C ASP A 65 -4.00 -11.04 -10.03
N ARG A 66 -4.35 -11.68 -8.93
CA ARG A 66 -3.37 -12.40 -8.12
C ARG A 66 -2.39 -11.44 -7.47
N ILE A 67 -2.84 -10.21 -7.21
CA ILE A 67 -2.00 -9.20 -6.60
C ILE A 67 -2.64 -8.65 -5.32
N VAL A 68 -1.84 -8.54 -4.27
CA VAL A 68 -2.33 -8.02 -3.00
C VAL A 68 -1.75 -6.65 -2.70
N TYR A 69 -2.62 -5.70 -2.35
CA TYR A 69 -2.19 -4.34 -2.04
C TYR A 69 -2.52 -3.99 -0.60
N LEU A 70 -1.52 -4.11 0.28
CA LEU A 70 -1.70 -3.80 1.69
C LEU A 70 -1.16 -2.41 2.01
N CYS A 71 -1.82 -1.73 2.94
CA CYS A 71 -1.41 -0.40 3.35
C CYS A 71 -1.86 -0.09 4.78
N ILE A 72 -0.97 0.50 5.57
CA ILE A 72 -1.27 0.85 6.94
C ILE A 72 -1.73 2.30 7.06
N THR A 73 -2.84 2.51 7.77
CA THR A 73 -3.38 3.85 7.96
C THR A 73 -3.88 4.03 9.38
N ASP A 74 -4.13 5.29 9.76
CA ASP A 74 -4.62 5.60 11.10
C ASP A 74 -6.08 5.18 11.26
N ASP A 75 -6.43 4.76 12.46
CA ASP A 75 -7.80 4.34 12.75
C ASP A 75 -8.80 5.39 12.29
N ASP A 76 -8.63 6.62 12.76
CA ASP A 76 -9.52 7.71 12.40
C ASP A 76 -9.69 7.79 10.89
N PHE A 77 -8.63 7.46 10.15
CA PHE A 77 -8.66 7.50 8.70
C PHE A 77 -9.97 6.91 8.16
N GLU A 78 -10.47 7.49 7.08
CA GLU A 78 -11.71 7.04 6.47
C GLU A 78 -11.48 5.79 5.63
N ARG A 79 -12.35 4.80 5.79
CA ARG A 79 -12.24 3.54 5.06
C ARG A 79 -12.23 3.80 3.55
N SER A 80 -13.15 4.63 3.09
CA SER A 80 -13.26 4.96 1.67
C SER A 80 -11.94 5.52 1.15
N ARG A 81 -11.38 6.47 1.88
CA ARG A 81 -10.12 7.09 1.49
C ARG A 81 -9.05 6.04 1.23
N ALA A 82 -8.77 5.22 2.23
CA ALA A 82 -7.77 4.16 2.12
C ALA A 82 -7.97 3.37 0.83
N PHE A 83 -9.14 2.74 0.70
CA PHE A 83 -9.46 1.94 -0.47
C PHE A 83 -9.24 2.75 -1.75
N ASN A 84 -9.61 4.03 -1.71
CA ASN A 84 -9.45 4.90 -2.86
C ASN A 84 -8.01 4.92 -3.35
N PHE A 85 -7.11 5.41 -2.49
CA PHE A 85 -5.70 5.47 -2.84
C PHE A 85 -5.22 4.17 -3.44
N LEU A 86 -5.44 3.07 -2.73
CA LEU A 86 -5.03 1.75 -3.19
C LEU A 86 -5.56 1.48 -4.59
N ASN A 87 -6.83 1.81 -4.81
CA ASN A 87 -7.46 1.60 -6.12
C ASN A 87 -6.73 2.38 -7.21
N GLU A 88 -6.32 3.60 -6.88
CA GLU A 88 -5.61 4.45 -7.82
C GLU A 88 -4.31 3.78 -8.27
N ILE A 89 -3.37 3.64 -7.34
CA ILE A 89 -2.09 3.03 -7.64
C ILE A 89 -2.26 1.60 -8.13
N LYS A 90 -3.26 0.91 -7.60
CA LYS A 90 -3.55 -0.47 -7.99
C LYS A 90 -3.83 -0.56 -9.49
N LYS A 91 -4.72 0.31 -9.98
CA LYS A 91 -5.07 0.33 -11.38
C LYS A 91 -3.91 0.82 -12.24
N ARG A 92 -3.12 1.73 -11.69
CA ARG A 92 -1.97 2.27 -12.40
C ARG A 92 -0.87 1.22 -12.55
N PHE A 93 -0.82 0.28 -11.61
CA PHE A 93 0.17 -0.78 -11.63
C PHE A 93 -0.22 -1.87 -12.62
N GLN A 94 -1.46 -2.33 -12.52
CA GLN A 94 -1.97 -3.37 -13.42
C GLN A 94 -2.15 -2.84 -14.83
N THR A 95 -2.28 -1.52 -14.95
CA THR A 95 -2.48 -0.89 -16.24
C THR A 95 -1.14 -0.63 -16.93
N THR A 96 -0.13 -0.30 -16.14
CA THR A 96 1.20 -0.03 -16.67
C THR A 96 2.11 -1.24 -16.53
N TYR A 97 2.39 -1.62 -15.30
CA TYR A 97 3.25 -2.77 -15.03
C TYR A 97 2.42 -3.99 -14.66
N GLY A 98 1.26 -4.13 -15.30
CA GLY A 98 0.39 -5.26 -15.02
C GLY A 98 0.93 -6.56 -15.58
N SER A 99 1.03 -6.64 -16.91
CA SER A 99 1.53 -7.83 -17.57
C SER A 99 2.82 -8.31 -16.92
N ARG A 100 3.73 -7.38 -16.66
CA ARG A 100 5.00 -7.71 -16.03
C ARG A 100 4.80 -8.31 -14.65
N ALA A 101 3.79 -7.81 -13.93
CA ALA A 101 3.49 -8.31 -12.60
C ALA A 101 3.25 -9.82 -12.61
N GLN A 102 3.03 -10.37 -13.80
CA GLN A 102 2.80 -11.80 -13.95
C GLN A 102 4.05 -12.51 -14.46
N THR A 103 4.90 -11.78 -15.17
CA THR A 103 6.13 -12.33 -15.72
C THR A 103 7.35 -11.74 -15.04
N ALA A 104 7.52 -10.43 -15.17
CA ALA A 104 8.65 -9.74 -14.56
C ALA A 104 9.01 -10.35 -13.22
N PRO A 105 10.32 -10.47 -12.95
CA PRO A 105 10.82 -11.04 -11.69
C PRO A 105 10.56 -10.14 -10.49
N PRO A 106 10.80 -10.67 -9.29
CA PRO A 106 10.60 -9.93 -8.04
C PRO A 106 11.61 -8.81 -7.86
N TYR A 107 11.15 -7.68 -7.33
CA TYR A 107 12.03 -6.54 -7.10
C TYR A 107 12.60 -6.01 -8.42
N ALA A 108 11.73 -5.89 -9.42
CA ALA A 108 12.15 -5.40 -10.73
C ALA A 108 11.69 -3.97 -10.95
N MET A 109 10.40 -3.72 -10.73
CA MET A 109 9.84 -2.38 -10.91
C MET A 109 9.75 -1.65 -9.57
N ASN A 110 10.73 -1.88 -8.70
CA ASN A 110 10.75 -1.25 -7.39
C ASN A 110 11.17 0.22 -7.50
N SER A 111 12.06 0.50 -8.45
CA SER A 111 12.55 1.86 -8.65
C SER A 111 11.44 2.74 -9.26
N GLU A 112 11.06 2.42 -10.49
CA GLU A 112 10.02 3.18 -11.18
C GLU A 112 8.81 3.40 -10.28
N PHE A 113 8.27 2.31 -9.75
CA PHE A 113 7.12 2.39 -8.87
C PHE A 113 7.42 3.21 -7.63
N SER A 114 8.53 2.88 -6.97
CA SER A 114 8.95 3.58 -5.76
C SER A 114 8.69 5.08 -5.90
N SER A 115 9.13 5.65 -7.03
CA SER A 115 8.96 7.07 -7.27
C SER A 115 7.48 7.42 -7.47
N VAL A 116 6.80 6.66 -8.33
CA VAL A 116 5.39 6.90 -8.59
C VAL A 116 4.59 6.93 -7.30
N LEU A 117 4.70 5.87 -6.51
CA LEU A 117 3.98 5.79 -5.24
C LEU A 117 4.28 7.01 -4.37
N ALA A 118 5.56 7.32 -4.21
CA ALA A 118 5.97 8.46 -3.40
C ALA A 118 5.15 9.70 -3.73
N ALA A 119 4.99 9.98 -5.03
CA ALA A 119 4.21 11.13 -5.47
C ALA A 119 2.75 10.98 -5.09
N GLN A 120 2.23 9.76 -5.18
CA GLN A 120 0.84 9.50 -4.84
C GLN A 120 0.58 9.72 -3.36
N LEU A 121 1.50 9.25 -2.52
CA LEU A 121 1.37 9.39 -1.08
C LEU A 121 1.38 10.87 -0.68
N LYS A 122 2.37 11.61 -1.17
CA LYS A 122 2.49 13.03 -0.87
C LYS A 122 1.26 13.78 -1.35
N HIS A 123 0.80 13.46 -2.55
CA HIS A 123 -0.38 14.12 -3.12
C HIS A 123 -1.59 13.93 -2.22
N HIS A 124 -1.92 12.68 -1.93
CA HIS A 124 -3.06 12.37 -1.07
C HIS A 124 -2.86 12.92 0.33
N SER A 125 -1.83 12.42 1.02
CA SER A 125 -1.53 12.86 2.38
C SER A 125 -1.06 14.31 2.38
N SER A 126 -1.76 15.15 3.14
CA SER A 126 -1.41 16.56 3.24
C SER A 126 0.02 16.75 3.73
N GLY A 127 0.37 16.02 4.80
CA GLY A 127 1.71 16.12 5.35
C GLY A 127 1.75 15.74 6.81
N PRO A 128 2.08 14.47 7.09
CA PRO A 128 2.17 13.95 8.45
C PRO A 128 3.36 14.51 9.22
N SER A 129 4.28 15.15 8.49
CA SER A 129 5.47 15.74 9.10
C SER A 129 5.20 17.18 9.51
N SER A 130 6.08 17.71 10.36
CA SER A 130 5.95 19.09 10.84
C SER A 130 6.12 20.08 9.68
N GLY A 131 5.50 21.25 9.83
CA GLY A 131 5.60 22.27 8.80
C GLY A 131 4.54 22.11 7.73
N GLY A 1 7.35 18.82 17.05
CA GLY A 1 7.69 18.72 15.64
C GLY A 1 6.48 18.51 14.76
N SER A 2 5.42 19.26 15.03
CA SER A 2 4.19 19.15 14.26
C SER A 2 4.06 20.29 13.25
N SER A 3 3.06 20.20 12.38
CA SER A 3 2.84 21.23 11.37
C SER A 3 1.46 21.07 10.74
N GLY A 4 0.68 22.15 10.77
CA GLY A 4 -0.66 22.11 10.20
C GLY A 4 -1.48 20.96 10.73
N SER A 5 -2.71 20.84 10.24
CA SER A 5 -3.61 19.78 10.68
C SER A 5 -2.84 18.48 10.89
N SER A 6 -3.39 17.61 11.74
CA SER A 6 -2.76 16.33 12.03
C SER A 6 -3.63 15.16 11.56
N GLY A 7 -3.38 14.70 10.35
CA GLY A 7 -4.16 13.60 9.80
C GLY A 7 -3.69 13.19 8.42
N MET A 8 -2.68 12.34 8.37
CA MET A 8 -2.15 11.87 7.10
C MET A 8 -3.06 10.82 6.47
N ALA A 9 -2.89 10.59 5.17
CA ALA A 9 -3.70 9.62 4.46
C ALA A 9 -3.13 8.21 4.61
N ILE A 10 -2.01 7.96 3.95
CA ILE A 10 -1.35 6.66 4.01
C ILE A 10 0.14 6.79 4.26
N LEU A 11 0.66 5.98 5.17
CA LEU A 11 2.08 6.02 5.50
C LEU A 11 2.81 4.83 4.88
N PHE A 12 2.22 3.66 5.00
CA PHE A 12 2.81 2.44 4.45
C PHE A 12 1.96 1.89 3.30
N ALA A 13 2.60 1.63 2.17
CA ALA A 13 1.90 1.11 1.01
C ALA A 13 2.85 0.31 0.11
N VAL A 14 2.62 -1.00 0.03
CA VAL A 14 3.46 -1.87 -0.78
C VAL A 14 2.61 -2.86 -1.57
N VAL A 15 3.16 -3.37 -2.67
CA VAL A 15 2.46 -4.33 -3.51
C VAL A 15 3.19 -5.66 -3.55
N ALA A 16 2.47 -6.73 -3.20
CA ALA A 16 3.04 -8.07 -3.20
C ALA A 16 2.03 -9.10 -3.69
N ARG A 17 2.50 -10.02 -4.53
CA ARG A 17 1.64 -11.06 -5.08
C ARG A 17 2.10 -12.43 -4.63
N GLY A 18 1.22 -13.14 -3.92
CA GLY A 18 1.55 -14.47 -3.42
C GLY A 18 2.83 -14.48 -2.61
N THR A 19 2.78 -13.90 -1.41
CA THR A 19 3.94 -13.83 -0.54
C THR A 19 5.19 -13.40 -1.31
N THR A 20 5.03 -12.37 -2.13
CA THR A 20 6.14 -11.84 -2.92
C THR A 20 5.99 -10.34 -3.17
N ILE A 21 6.85 -9.55 -2.52
CA ILE A 21 6.80 -8.11 -2.67
C ILE A 21 7.58 -7.66 -3.90
N LEU A 22 6.85 -7.26 -4.94
CA LEU A 22 7.47 -6.82 -6.18
C LEU A 22 7.99 -5.38 -6.04
N ALA A 23 7.18 -4.53 -5.43
CA ALA A 23 7.54 -3.13 -5.22
C ALA A 23 7.01 -2.62 -3.89
N LYS A 24 7.91 -2.11 -3.05
CA LYS A 24 7.54 -1.58 -1.75
C LYS A 24 8.06 -0.16 -1.57
N HIS A 25 7.22 0.70 -1.00
CA HIS A 25 7.60 2.09 -0.77
C HIS A 25 6.82 2.68 0.40
N ALA A 26 7.52 2.92 1.51
CA ALA A 26 6.89 3.48 2.70
C ALA A 26 7.69 4.66 3.24
N TRP A 27 7.08 5.43 4.14
CA TRP A 27 7.73 6.59 4.72
C TRP A 27 8.82 6.17 5.70
N CYS A 28 9.81 7.04 5.90
CA CYS A 28 10.90 6.75 6.82
C CYS A 28 10.45 6.87 8.27
N GLY A 29 10.39 5.74 8.96
CA GLY A 29 9.97 5.73 10.35
C GLY A 29 10.39 4.47 11.08
N GLY A 30 9.58 3.42 10.95
CA GLY A 30 9.88 2.17 11.62
C GLY A 30 9.91 1.00 10.65
N ASN A 31 9.76 -0.21 11.19
CA ASN A 31 9.78 -1.41 10.36
C ASN A 31 8.37 -1.99 10.22
N PHE A 32 7.77 -1.77 9.05
CA PHE A 32 6.42 -2.28 8.78
C PHE A 32 6.47 -3.51 7.89
N LEU A 33 7.30 -3.47 6.87
CA LEU A 33 7.44 -4.59 5.94
C LEU A 33 7.31 -5.92 6.67
N GLU A 34 7.73 -5.95 7.93
CA GLU A 34 7.64 -7.16 8.74
C GLU A 34 6.20 -7.62 8.89
N VAL A 35 5.39 -6.82 9.57
CA VAL A 35 3.99 -7.15 9.79
C VAL A 35 3.27 -7.35 8.46
N THR A 36 3.62 -6.54 7.47
CA THR A 36 2.99 -6.64 6.15
C THR A 36 3.27 -8.00 5.52
N GLU A 37 4.43 -8.57 5.83
CA GLU A 37 4.81 -9.86 5.29
C GLU A 37 4.01 -10.98 5.95
N GLN A 38 4.09 -11.07 7.27
CA GLN A 38 3.37 -12.09 8.01
C GLN A 38 1.89 -12.13 7.61
N ILE A 39 1.33 -10.94 7.37
CA ILE A 39 -0.07 -10.83 6.99
C ILE A 39 -0.30 -11.35 5.57
N LEU A 40 0.60 -10.96 4.67
CA LEU A 40 0.50 -11.39 3.27
C LEU A 40 0.41 -12.90 3.17
N ALA A 41 1.27 -13.60 3.91
CA ALA A 41 1.28 -15.06 3.90
C ALA A 41 -0.04 -15.61 4.43
N LYS A 42 -0.88 -14.73 4.96
CA LYS A 42 -2.17 -15.14 5.51
C LYS A 42 -3.31 -14.73 4.57
N ILE A 43 -3.06 -13.72 3.74
CA ILE A 43 -4.06 -13.24 2.80
C ILE A 43 -4.16 -14.17 1.59
N PRO A 44 -5.40 -14.58 1.26
CA PRO A 44 -5.66 -15.47 0.12
C PRO A 44 -5.43 -14.78 -1.22
N SER A 45 -5.23 -15.57 -2.26
CA SER A 45 -4.99 -15.04 -3.60
C SER A 45 -6.26 -15.09 -4.43
N GLU A 46 -7.40 -15.21 -3.76
CA GLU A 46 -8.70 -15.28 -4.44
C GLU A 46 -9.38 -13.91 -4.43
N ASN A 47 -9.94 -13.54 -5.58
CA ASN A 47 -10.64 -12.26 -5.70
C ASN A 47 -11.54 -12.01 -4.51
N ASN A 48 -11.04 -11.24 -3.54
CA ASN A 48 -11.81 -10.94 -2.34
C ASN A 48 -11.06 -9.95 -1.45
N LYS A 49 -11.80 -9.07 -0.79
CA LYS A 49 -11.20 -8.08 0.10
C LYS A 49 -11.80 -8.16 1.50
N LEU A 50 -11.05 -7.72 2.49
CA LEU A 50 -11.51 -7.74 3.87
C LEU A 50 -10.78 -6.70 4.71
N THR A 51 -11.45 -6.20 5.74
CA THR A 51 -10.87 -5.19 6.63
C THR A 51 -10.18 -5.84 7.82
N TYR A 52 -8.85 -5.76 7.85
CA TYR A 52 -8.06 -6.35 8.93
C TYR A 52 -7.60 -5.27 9.90
N SER A 53 -7.97 -5.42 11.18
CA SER A 53 -7.59 -4.46 12.20
C SER A 53 -6.48 -5.03 13.09
N HIS A 54 -5.33 -4.37 13.08
CA HIS A 54 -4.19 -4.80 13.88
C HIS A 54 -3.77 -3.71 14.86
N GLY A 55 -3.75 -4.05 16.15
CA GLY A 55 -3.37 -3.08 17.16
C GLY A 55 -4.04 -1.74 16.97
N ASN A 56 -3.26 -0.67 17.00
CA ASN A 56 -3.79 0.68 16.84
C ASN A 56 -3.59 1.17 15.40
N TYR A 57 -3.79 0.27 14.45
CA TYR A 57 -3.65 0.61 13.04
C TYR A 57 -4.54 -0.26 12.17
N LEU A 58 -5.07 0.33 11.09
CA LEU A 58 -5.94 -0.39 10.17
C LEU A 58 -5.15 -1.01 9.03
N PHE A 59 -5.55 -2.21 8.62
CA PHE A 59 -4.87 -2.91 7.53
C PHE A 59 -5.85 -3.25 6.42
N HIS A 60 -5.92 -2.37 5.42
CA HIS A 60 -6.83 -2.58 4.28
C HIS A 60 -6.06 -3.17 3.09
N TYR A 61 -6.51 -4.33 2.63
CA TYR A 61 -5.87 -5.00 1.50
C TYR A 61 -6.90 -5.32 0.42
N ILE A 62 -6.49 -5.14 -0.84
CA ILE A 62 -7.36 -5.41 -1.98
C ILE A 62 -6.73 -6.41 -2.93
N CYS A 63 -7.52 -7.38 -3.38
CA CYS A 63 -7.03 -8.40 -4.30
C CYS A 63 -7.44 -8.06 -5.73
N GLN A 64 -6.49 -8.20 -6.65
CA GLN A 64 -6.74 -7.90 -8.06
C GLN A 64 -5.58 -8.39 -8.93
N ASP A 65 -5.89 -9.21 -9.93
CA ASP A 65 -4.88 -9.74 -10.83
C ASP A 65 -3.84 -10.56 -10.07
N ARG A 66 -4.29 -11.23 -9.01
CA ARG A 66 -3.40 -12.05 -8.19
C ARG A 66 -2.39 -11.17 -7.45
N ILE A 67 -2.77 -9.92 -7.21
CA ILE A 67 -1.90 -8.98 -6.50
C ILE A 67 -2.59 -8.40 -5.29
N VAL A 68 -1.88 -8.35 -4.17
CA VAL A 68 -2.42 -7.80 -2.94
C VAL A 68 -1.80 -6.46 -2.60
N TYR A 69 -2.64 -5.48 -2.28
CA TYR A 69 -2.17 -4.15 -1.94
C TYR A 69 -2.54 -3.79 -0.50
N LEU A 70 -1.59 -3.96 0.40
CA LEU A 70 -1.81 -3.65 1.81
C LEU A 70 -1.29 -2.26 2.16
N CYS A 71 -2.02 -1.57 3.02
CA CYS A 71 -1.64 -0.22 3.44
C CYS A 71 -2.01 0.04 4.90
N ILE A 72 -1.04 0.48 5.68
CA ILE A 72 -1.27 0.76 7.09
C ILE A 72 -1.66 2.21 7.31
N THR A 73 -2.86 2.42 7.85
CA THR A 73 -3.36 3.77 8.10
C THR A 73 -3.85 3.90 9.54
N ASP A 74 -4.17 5.13 9.94
CA ASP A 74 -4.66 5.39 11.29
C ASP A 74 -6.14 5.01 11.42
N ASP A 75 -6.53 4.60 12.62
CA ASP A 75 -7.91 4.21 12.88
C ASP A 75 -8.87 5.34 12.50
N ASP A 76 -8.65 6.51 13.08
CA ASP A 76 -9.49 7.67 12.80
C ASP A 76 -9.77 7.79 11.30
N PHE A 77 -8.73 7.59 10.50
CA PHE A 77 -8.86 7.68 9.04
C PHE A 77 -10.05 6.88 8.55
N GLU A 78 -10.60 7.28 7.40
CA GLU A 78 -11.75 6.60 6.82
C GLU A 78 -11.30 5.52 5.84
N ARG A 79 -12.15 4.51 5.65
CA ARG A 79 -11.84 3.43 4.73
C ARG A 79 -11.93 3.90 3.27
N SER A 80 -13.06 4.50 2.92
CA SER A 80 -13.27 4.99 1.57
C SER A 80 -11.99 5.60 1.00
N ARG A 81 -11.38 6.50 1.76
CA ARG A 81 -10.16 7.16 1.33
C ARG A 81 -9.05 6.14 1.09
N ALA A 82 -8.73 5.36 2.13
CA ALA A 82 -7.69 4.34 2.03
C ALA A 82 -7.88 3.48 0.78
N PHE A 83 -9.10 2.96 0.62
CA PHE A 83 -9.41 2.11 -0.53
C PHE A 83 -9.20 2.86 -1.83
N ASN A 84 -9.65 4.11 -1.87
CA ASN A 84 -9.51 4.94 -3.06
C ASN A 84 -8.06 4.94 -3.56
N PHE A 85 -7.16 5.44 -2.73
CA PHE A 85 -5.74 5.51 -3.08
C PHE A 85 -5.25 4.14 -3.55
N LEU A 86 -5.44 3.13 -2.71
CA LEU A 86 -5.02 1.77 -3.05
C LEU A 86 -5.45 1.39 -4.46
N ASN A 87 -6.67 1.76 -4.81
CA ASN A 87 -7.20 1.46 -6.13
C ASN A 87 -6.46 2.23 -7.21
N GLU A 88 -6.38 3.54 -7.05
CA GLU A 88 -5.68 4.39 -8.02
C GLU A 88 -4.37 3.76 -8.46
N ILE A 89 -3.47 3.54 -7.51
CA ILE A 89 -2.17 2.94 -7.80
C ILE A 89 -2.34 1.51 -8.32
N LYS A 90 -3.30 0.80 -7.76
CA LYS A 90 -3.57 -0.59 -8.16
C LYS A 90 -3.76 -0.68 -9.67
N LYS A 91 -4.66 0.14 -10.21
CA LYS A 91 -4.93 0.15 -11.63
C LYS A 91 -3.70 0.58 -12.42
N ARG A 92 -3.01 1.61 -11.92
CA ARG A 92 -1.82 2.13 -12.58
C ARG A 92 -0.75 1.05 -12.67
N PHE A 93 -0.75 0.14 -11.71
CA PHE A 93 0.22 -0.95 -11.69
C PHE A 93 -0.11 -2.01 -12.73
N GLN A 94 -1.37 -2.42 -12.77
CA GLN A 94 -1.82 -3.43 -13.73
C GLN A 94 -1.98 -2.82 -15.12
N THR A 95 -2.03 -1.50 -15.18
CA THR A 95 -2.18 -0.81 -16.45
C THR A 95 -0.84 -0.58 -17.14
N THR A 96 0.19 -0.33 -16.33
CA THR A 96 1.54 -0.11 -16.85
C THR A 96 2.39 -1.38 -16.74
N TYR A 97 2.71 -1.76 -15.51
CA TYR A 97 3.52 -2.94 -15.26
C TYR A 97 2.64 -4.16 -15.02
N GLY A 98 1.50 -4.21 -15.71
CA GLY A 98 0.58 -5.33 -15.55
C GLY A 98 1.18 -6.64 -16.04
N SER A 99 1.43 -6.72 -17.34
CA SER A 99 2.00 -7.93 -17.93
C SER A 99 3.14 -8.46 -17.08
N ARG A 100 4.11 -7.59 -16.79
CA ARG A 100 5.27 -7.98 -15.98
C ARG A 100 4.82 -8.48 -14.61
N ALA A 101 3.81 -7.84 -14.05
CA ALA A 101 3.30 -8.21 -12.74
C ALA A 101 3.10 -9.72 -12.65
N GLN A 102 3.00 -10.39 -13.80
CA GLN A 102 2.82 -11.83 -13.84
C GLN A 102 4.15 -12.55 -14.03
N THR A 103 5.05 -11.92 -14.78
CA THR A 103 6.36 -12.50 -15.04
C THR A 103 7.48 -11.50 -14.73
N ALA A 104 7.88 -11.45 -13.47
CA ALA A 104 8.94 -10.55 -13.04
C ALA A 104 9.42 -10.88 -11.63
N PRO A 105 10.67 -10.51 -11.32
CA PRO A 105 11.28 -10.76 -10.01
C PRO A 105 10.65 -9.91 -8.91
N PRO A 106 10.99 -10.22 -7.66
CA PRO A 106 10.47 -9.51 -6.49
C PRO A 106 11.02 -8.08 -6.39
N TYR A 107 12.11 -7.83 -7.12
CA TYR A 107 12.73 -6.51 -7.11
C TYR A 107 13.03 -6.04 -8.53
N ALA A 108 11.98 -5.82 -9.31
CA ALA A 108 12.13 -5.38 -10.68
C ALA A 108 11.55 -3.98 -10.87
N MET A 109 10.24 -3.85 -10.65
CA MET A 109 9.56 -2.56 -10.79
C MET A 109 9.44 -1.87 -9.45
N ASN A 110 10.54 -1.82 -8.70
CA ASN A 110 10.55 -1.18 -7.39
C ASN A 110 10.92 0.29 -7.51
N SER A 111 11.97 0.57 -8.29
CA SER A 111 12.43 1.94 -8.49
C SER A 111 11.33 2.80 -9.11
N GLU A 112 10.97 2.48 -10.35
CA GLU A 112 9.94 3.23 -11.06
C GLU A 112 8.71 3.43 -10.18
N PHE A 113 8.18 2.33 -9.65
CA PHE A 113 7.00 2.39 -8.79
C PHE A 113 7.28 3.26 -7.56
N SER A 114 8.44 3.07 -6.96
CA SER A 114 8.82 3.82 -5.77
C SER A 114 8.55 5.31 -5.96
N SER A 115 8.96 5.83 -7.12
CA SER A 115 8.77 7.24 -7.43
C SER A 115 7.29 7.56 -7.60
N VAL A 116 6.60 6.79 -8.41
CA VAL A 116 5.18 6.99 -8.66
C VAL A 116 4.41 7.02 -7.35
N LEU A 117 4.50 5.94 -6.58
CA LEU A 117 3.80 5.85 -5.31
C LEU A 117 4.06 7.07 -4.45
N ALA A 118 5.34 7.43 -4.31
CA ALA A 118 5.73 8.59 -3.52
C ALA A 118 4.88 9.81 -3.88
N ALA A 119 4.75 10.07 -5.17
CA ALA A 119 3.96 11.20 -5.65
C ALA A 119 2.50 11.07 -5.23
N GLN A 120 2.00 9.84 -5.25
CA GLN A 120 0.61 9.58 -4.88
C GLN A 120 0.41 9.78 -3.38
N LEU A 121 1.36 9.31 -2.59
CA LEU A 121 1.28 9.43 -1.14
C LEU A 121 1.30 10.90 -0.71
N LYS A 122 2.26 11.65 -1.24
CA LYS A 122 2.39 13.06 -0.91
C LYS A 122 1.19 13.84 -1.45
N HIS A 123 0.80 13.55 -2.68
CA HIS A 123 -0.34 14.23 -3.31
C HIS A 123 -1.63 13.93 -2.56
N HIS A 124 -2.00 12.65 -2.49
CA HIS A 124 -3.20 12.23 -1.79
C HIS A 124 -3.26 12.84 -0.39
N SER A 125 -2.29 12.48 0.45
CA SER A 125 -2.25 12.99 1.81
C SER A 125 -1.83 14.45 1.84
N SER A 126 -2.31 15.17 2.85
CA SER A 126 -1.99 16.59 2.99
C SER A 126 -0.97 16.82 4.09
N GLY A 127 0.03 15.95 4.15
CA GLY A 127 1.07 16.07 5.15
C GLY A 127 2.21 16.95 4.71
N PRO A 128 3.05 16.42 3.80
CA PRO A 128 4.21 17.16 3.28
C PRO A 128 3.80 18.32 2.38
N SER A 129 4.02 19.55 2.85
CA SER A 129 3.67 20.73 2.10
C SER A 129 4.80 21.76 2.14
N SER A 130 5.20 22.24 0.97
CA SER A 130 6.27 23.21 0.87
C SER A 130 6.11 24.32 1.90
N GLY A 131 7.21 24.68 2.55
CA GLY A 131 7.16 25.73 3.56
C GLY A 131 8.09 26.89 3.25
N GLY A 1 14.46 13.89 8.15
CA GLY A 1 13.66 12.74 8.54
C GLY A 1 13.12 12.85 9.95
N SER A 2 12.23 13.81 10.17
CA SER A 2 11.65 14.03 11.50
C SER A 2 10.25 13.42 11.58
N SER A 3 9.90 12.92 12.75
CA SER A 3 8.60 12.31 12.97
C SER A 3 7.92 12.87 14.23
N GLY A 4 7.18 13.95 14.06
CA GLY A 4 6.50 14.56 15.17
C GLY A 4 5.09 14.02 15.37
N SER A 5 4.12 14.66 14.72
CA SER A 5 2.72 14.24 14.83
C SER A 5 2.19 13.79 13.48
N SER A 6 1.46 12.68 13.49
CA SER A 6 0.89 12.13 12.26
C SER A 6 -0.63 12.22 12.27
N GLY A 7 -1.17 13.10 11.42
CA GLY A 7 -2.61 13.28 11.35
C GLY A 7 -3.31 12.08 10.77
N MET A 8 -4.21 12.31 9.82
CA MET A 8 -4.95 11.24 9.18
C MET A 8 -4.59 11.13 7.70
N ALA A 9 -3.77 10.13 7.38
CA ALA A 9 -3.35 9.91 6.00
C ALA A 9 -2.53 8.63 5.88
N ILE A 10 -2.51 8.06 4.68
CA ILE A 10 -1.76 6.83 4.43
C ILE A 10 -0.26 7.08 4.54
N LEU A 11 0.45 6.07 5.06
CA LEU A 11 1.90 6.17 5.21
C LEU A 11 2.60 4.99 4.55
N PHE A 12 2.13 3.79 4.84
CA PHE A 12 2.72 2.57 4.27
C PHE A 12 1.82 2.00 3.18
N ALA A 13 2.41 1.70 2.03
CA ALA A 13 1.67 1.15 0.91
C ALA A 13 2.60 0.42 -0.06
N VAL A 14 2.44 -0.90 -0.15
CA VAL A 14 3.27 -1.70 -1.03
C VAL A 14 2.42 -2.73 -1.78
N VAL A 15 3.00 -3.30 -2.84
CA VAL A 15 2.29 -4.29 -3.63
C VAL A 15 3.06 -5.61 -3.67
N ALA A 16 2.48 -6.64 -3.06
CA ALA A 16 3.11 -7.96 -3.02
C ALA A 16 2.14 -9.04 -3.48
N ARG A 17 2.64 -9.97 -4.29
CA ARG A 17 1.82 -11.07 -4.79
C ARG A 17 2.32 -12.41 -4.26
N GLY A 18 1.38 -13.27 -3.86
CA GLY A 18 1.74 -14.58 -3.34
C GLY A 18 3.05 -14.55 -2.58
N THR A 19 3.05 -13.90 -1.42
CA THR A 19 4.25 -13.81 -0.59
C THR A 19 5.45 -13.35 -1.42
N THR A 20 5.28 -12.25 -2.15
CA THR A 20 6.34 -11.71 -2.98
C THR A 20 6.18 -10.21 -3.18
N ILE A 21 7.07 -9.43 -2.59
CA ILE A 21 7.03 -7.98 -2.70
C ILE A 21 7.76 -7.51 -3.94
N LEU A 22 7.00 -7.11 -4.96
CA LEU A 22 7.59 -6.62 -6.21
C LEU A 22 8.12 -5.20 -6.05
N ALA A 23 7.31 -4.34 -5.44
CA ALA A 23 7.70 -2.95 -5.22
C ALA A 23 7.18 -2.44 -3.89
N LYS A 24 8.08 -2.03 -3.00
CA LYS A 24 7.70 -1.51 -1.70
C LYS A 24 8.20 -0.08 -1.52
N HIS A 25 7.34 0.78 -1.00
CA HIS A 25 7.69 2.17 -0.77
C HIS A 25 6.85 2.77 0.37
N ALA A 26 7.49 3.00 1.51
CA ALA A 26 6.81 3.57 2.66
C ALA A 26 7.60 4.73 3.25
N TRP A 27 6.95 5.50 4.11
CA TRP A 27 7.59 6.64 4.76
C TRP A 27 8.62 6.18 5.79
N CYS A 28 9.63 7.00 6.03
CA CYS A 28 10.67 6.68 7.00
C CYS A 28 10.20 6.95 8.43
N GLY A 29 9.98 5.88 9.19
CA GLY A 29 9.53 6.03 10.56
C GLY A 29 8.93 4.75 11.11
N GLY A 30 9.79 3.77 11.39
CA GLY A 30 9.32 2.50 11.92
C GLY A 30 9.37 1.39 10.89
N ASN A 31 9.34 0.14 11.36
CA ASN A 31 9.39 -1.01 10.47
C ASN A 31 8.01 -1.65 10.33
N PHE A 32 7.41 -1.47 9.15
CA PHE A 32 6.09 -2.02 8.88
C PHE A 32 6.19 -3.25 7.99
N LEU A 33 7.11 -3.20 7.02
CA LEU A 33 7.31 -4.31 6.09
C LEU A 33 7.21 -5.66 6.82
N GLU A 34 7.52 -5.64 8.11
CA GLU A 34 7.47 -6.85 8.93
C GLU A 34 6.04 -7.38 9.03
N VAL A 35 5.20 -6.63 9.74
CA VAL A 35 3.81 -7.02 9.92
C VAL A 35 3.10 -7.21 8.58
N THR A 36 3.53 -6.43 7.58
CA THR A 36 2.95 -6.52 6.25
C THR A 36 3.19 -7.89 5.62
N GLU A 37 4.45 -8.31 5.61
CA GLU A 37 4.82 -9.60 5.04
C GLU A 37 4.08 -10.74 5.74
N GLN A 38 3.97 -10.64 7.06
CA GLN A 38 3.29 -11.65 7.85
C GLN A 38 1.83 -11.81 7.39
N ILE A 39 1.16 -10.68 7.19
CA ILE A 39 -0.23 -10.69 6.75
C ILE A 39 -0.36 -11.27 5.35
N LEU A 40 0.54 -10.87 4.46
CA LEU A 40 0.52 -11.35 3.09
C LEU A 40 0.50 -12.87 3.04
N ALA A 41 1.38 -13.49 3.80
CA ALA A 41 1.45 -14.95 3.86
C ALA A 41 0.11 -15.56 4.24
N LYS A 42 -0.80 -14.71 4.73
CA LYS A 42 -2.12 -15.16 5.14
C LYS A 42 -3.16 -14.80 4.08
N ILE A 43 -2.94 -13.67 3.41
CA ILE A 43 -3.86 -13.21 2.37
C ILE A 43 -3.84 -14.14 1.16
N PRO A 44 -5.03 -14.64 0.78
CA PRO A 44 -5.17 -15.54 -0.37
C PRO A 44 -4.92 -14.82 -1.70
N SER A 45 -4.97 -15.59 -2.79
CA SER A 45 -4.75 -15.02 -4.12
C SER A 45 -6.08 -14.81 -4.85
N GLU A 46 -7.15 -15.38 -4.28
CA GLU A 46 -8.48 -15.24 -4.88
C GLU A 46 -8.97 -13.81 -4.79
N ASN A 47 -9.71 -13.38 -5.81
CA ASN A 47 -10.24 -12.02 -5.85
C ASN A 47 -11.24 -11.79 -4.71
N ASN A 48 -10.76 -11.16 -3.64
CA ASN A 48 -11.61 -10.88 -2.49
C ASN A 48 -10.93 -9.89 -1.54
N LYS A 49 -11.70 -8.95 -1.03
CA LYS A 49 -11.18 -7.94 -0.11
C LYS A 49 -11.77 -8.12 1.29
N LEU A 50 -11.07 -7.59 2.29
CA LEU A 50 -11.53 -7.70 3.67
C LEU A 50 -10.81 -6.67 4.55
N THR A 51 -11.55 -6.07 5.48
CA THR A 51 -10.98 -5.08 6.39
C THR A 51 -10.30 -5.75 7.57
N TYR A 52 -8.97 -5.67 7.61
CA TYR A 52 -8.20 -6.27 8.68
C TYR A 52 -7.72 -5.21 9.67
N SER A 53 -8.07 -5.39 10.94
CA SER A 53 -7.68 -4.45 11.98
C SER A 53 -6.54 -5.01 12.82
N HIS A 54 -5.37 -4.38 12.72
CA HIS A 54 -4.20 -4.81 13.46
C HIS A 54 -3.70 -3.70 14.38
N GLY A 55 -3.84 -3.91 15.69
CA GLY A 55 -3.40 -2.91 16.65
C GLY A 55 -4.05 -1.56 16.43
N ASN A 56 -3.29 -0.49 16.67
CA ASN A 56 -3.80 0.86 16.49
C ASN A 56 -3.64 1.32 15.05
N TYR A 57 -3.88 0.41 14.11
CA TYR A 57 -3.74 0.73 12.69
C TYR A 57 -4.70 -0.14 11.85
N LEU A 58 -5.10 0.39 10.70
CA LEU A 58 -6.01 -0.31 9.81
C LEU A 58 -5.25 -0.97 8.65
N PHE A 59 -5.63 -2.19 8.32
CA PHE A 59 -4.98 -2.92 7.24
C PHE A 59 -5.98 -3.23 6.11
N HIS A 60 -5.97 -2.39 5.09
CA HIS A 60 -6.87 -2.57 3.95
C HIS A 60 -6.12 -3.16 2.75
N TYR A 61 -6.43 -4.42 2.45
CA TYR A 61 -5.79 -5.10 1.33
C TYR A 61 -6.79 -5.39 0.22
N ILE A 62 -6.35 -5.22 -1.03
CA ILE A 62 -7.21 -5.46 -2.18
C ILE A 62 -6.59 -6.48 -3.12
N CYS A 63 -7.42 -7.36 -3.67
CA CYS A 63 -6.95 -8.39 -4.59
C CYS A 63 -7.35 -8.05 -6.02
N GLN A 64 -6.42 -8.25 -6.95
CA GLN A 64 -6.67 -7.96 -8.36
C GLN A 64 -5.51 -8.44 -9.23
N ASP A 65 -5.83 -9.22 -10.26
CA ASP A 65 -4.82 -9.74 -11.17
C ASP A 65 -3.73 -10.48 -10.39
N ARG A 66 -4.12 -11.17 -9.32
CA ARG A 66 -3.17 -11.90 -8.50
C ARG A 66 -2.19 -10.96 -7.81
N ILE A 67 -2.65 -9.73 -7.55
CA ILE A 67 -1.81 -8.73 -6.90
C ILE A 67 -2.50 -8.19 -5.65
N VAL A 68 -1.77 -8.22 -4.53
CA VAL A 68 -2.29 -7.74 -3.26
C VAL A 68 -1.71 -6.37 -2.90
N TYR A 69 -2.59 -5.42 -2.57
CA TYR A 69 -2.16 -4.08 -2.21
C TYR A 69 -2.54 -3.74 -0.78
N LEU A 70 -1.59 -3.92 0.13
CA LEU A 70 -1.83 -3.64 1.55
C LEU A 70 -1.38 -2.22 1.90
N CYS A 71 -2.01 -1.64 2.92
CA CYS A 71 -1.67 -0.29 3.36
C CYS A 71 -1.97 -0.12 4.84
N ILE A 72 -1.09 0.59 5.54
CA ILE A 72 -1.25 0.84 6.97
C ILE A 72 -1.60 2.29 7.24
N THR A 73 -2.69 2.52 7.96
CA THR A 73 -3.12 3.88 8.30
C THR A 73 -3.66 3.94 9.72
N ASP A 74 -3.83 5.16 10.23
CA ASP A 74 -4.33 5.36 11.58
C ASP A 74 -5.84 5.17 11.63
N ASP A 75 -6.32 4.59 12.71
CA ASP A 75 -7.76 4.35 12.89
C ASP A 75 -8.56 5.56 12.44
N ASP A 76 -8.25 6.72 13.02
CA ASP A 76 -8.95 7.95 12.67
C ASP A 76 -9.32 7.98 11.20
N PHE A 77 -8.38 7.57 10.34
CA PHE A 77 -8.61 7.55 8.91
C PHE A 77 -9.95 6.89 8.58
N GLU A 78 -10.41 7.08 7.35
CA GLU A 78 -11.68 6.50 6.91
C GLU A 78 -11.45 5.41 5.88
N ARG A 79 -12.19 4.31 6.01
CA ARG A 79 -12.06 3.19 5.08
C ARG A 79 -12.09 3.68 3.64
N SER A 80 -13.22 4.23 3.22
CA SER A 80 -13.38 4.73 1.86
C SER A 80 -12.09 5.39 1.37
N ARG A 81 -11.64 6.41 2.09
CA ARG A 81 -10.42 7.13 1.72
C ARG A 81 -9.29 6.14 1.43
N ALA A 82 -9.01 5.27 2.39
CA ALA A 82 -7.95 4.28 2.24
C ALA A 82 -8.10 3.51 0.92
N PHE A 83 -9.25 2.88 0.74
CA PHE A 83 -9.52 2.11 -0.46
C PHE A 83 -9.34 2.97 -1.71
N ASN A 84 -9.73 4.24 -1.60
CA ASN A 84 -9.61 5.17 -2.72
C ASN A 84 -8.18 5.23 -3.23
N PHE A 85 -7.26 5.56 -2.33
CA PHE A 85 -5.84 5.65 -2.68
C PHE A 85 -5.34 4.33 -3.26
N LEU A 86 -5.64 3.24 -2.56
CA LEU A 86 -5.21 1.91 -3.00
C LEU A 86 -5.70 1.62 -4.43
N ASN A 87 -6.96 1.95 -4.69
CA ASN A 87 -7.54 1.73 -6.01
C ASN A 87 -6.78 2.52 -7.08
N GLU A 88 -6.35 3.72 -6.71
CA GLU A 88 -5.60 4.58 -7.64
C GLU A 88 -4.30 3.90 -8.08
N ILE A 89 -3.45 3.61 -7.12
CA ILE A 89 -2.17 2.97 -7.41
C ILE A 89 -2.37 1.54 -7.90
N LYS A 90 -3.45 0.91 -7.44
CA LYS A 90 -3.76 -0.47 -7.82
C LYS A 90 -3.93 -0.57 -9.33
N LYS A 91 -4.90 0.16 -9.87
CA LYS A 91 -5.17 0.15 -11.31
C LYS A 91 -3.95 0.63 -12.09
N ARG A 92 -3.33 1.72 -11.62
CA ARG A 92 -2.15 2.27 -12.28
C ARG A 92 -1.08 1.21 -12.45
N PHE A 93 -0.98 0.31 -11.48
CA PHE A 93 0.01 -0.76 -11.53
C PHE A 93 -0.48 -1.93 -12.38
N GLN A 94 -1.52 -2.59 -11.91
CA GLN A 94 -2.10 -3.72 -12.64
C GLN A 94 -2.30 -3.39 -14.11
N THR A 95 -2.36 -2.09 -14.42
CA THR A 95 -2.56 -1.64 -15.78
C THR A 95 -1.23 -1.35 -16.45
N THR A 96 -0.25 -0.92 -15.67
CA THR A 96 1.07 -0.61 -16.19
C THR A 96 2.01 -1.80 -16.08
N TYR A 97 2.35 -2.17 -14.85
CA TYR A 97 3.24 -3.30 -14.61
C TYR A 97 2.47 -4.49 -14.08
N GLY A 98 1.19 -4.58 -14.45
CA GLY A 98 0.35 -5.69 -14.01
C GLY A 98 0.71 -6.99 -14.70
N SER A 99 0.50 -7.04 -16.00
CA SER A 99 0.79 -8.25 -16.78
C SER A 99 2.26 -8.64 -16.63
N ARG A 100 3.14 -7.65 -16.66
CA ARG A 100 4.57 -7.90 -16.54
C ARG A 100 4.90 -8.46 -15.16
N ALA A 101 4.06 -8.16 -14.18
CA ALA A 101 4.27 -8.64 -12.82
C ALA A 101 3.95 -10.13 -12.71
N GLN A 102 3.54 -10.72 -13.82
CA GLN A 102 3.21 -12.15 -13.86
C GLN A 102 4.36 -12.96 -14.43
N THR A 103 5.37 -12.27 -14.95
CA THR A 103 6.53 -12.92 -15.54
C THR A 103 7.84 -12.35 -14.98
N ALA A 104 7.79 -11.08 -14.60
CA ALA A 104 8.97 -10.42 -14.04
C ALA A 104 9.24 -10.89 -12.62
N PRO A 105 10.54 -11.03 -12.28
CA PRO A 105 10.96 -11.47 -10.95
C PRO A 105 10.70 -10.43 -9.88
N PRO A 106 10.86 -10.82 -8.60
CA PRO A 106 10.64 -9.94 -7.46
C PRO A 106 11.70 -8.84 -7.36
N TYR A 107 11.27 -7.63 -7.06
CA TYR A 107 12.18 -6.49 -6.93
C TYR A 107 12.80 -6.15 -8.29
N ALA A 108 11.97 -6.16 -9.33
CA ALA A 108 12.43 -5.84 -10.67
C ALA A 108 11.98 -4.45 -11.10
N MET A 109 10.76 -4.09 -10.70
CA MET A 109 10.20 -2.78 -11.05
C MET A 109 9.84 -2.00 -9.78
N ASN A 110 10.70 -2.08 -8.78
CA ASN A 110 10.48 -1.38 -7.52
C ASN A 110 10.81 0.11 -7.65
N SER A 111 11.97 0.40 -8.23
CA SER A 111 12.40 1.78 -8.42
C SER A 111 11.29 2.61 -9.06
N GLU A 112 10.95 2.28 -10.29
CA GLU A 112 9.90 3.00 -11.01
C GLU A 112 8.69 3.22 -10.12
N PHE A 113 8.15 2.14 -9.57
CA PHE A 113 6.99 2.21 -8.70
C PHE A 113 7.30 3.01 -7.44
N SER A 114 8.57 3.02 -7.06
CA SER A 114 9.00 3.74 -5.87
C SER A 114 8.71 5.24 -6.00
N SER A 115 9.11 5.82 -7.14
CA SER A 115 8.90 7.23 -7.39
C SER A 115 7.42 7.53 -7.59
N VAL A 116 6.75 6.68 -8.36
CA VAL A 116 5.33 6.86 -8.64
C VAL A 116 4.51 6.84 -7.36
N LEU A 117 4.62 5.75 -6.60
CA LEU A 117 3.90 5.61 -5.35
C LEU A 117 4.16 6.79 -4.43
N ALA A 118 5.43 7.15 -4.27
CA ALA A 118 5.81 8.27 -3.42
C ALA A 118 4.99 9.51 -3.76
N ALA A 119 4.89 9.83 -5.04
CA ALA A 119 4.14 10.99 -5.49
C ALA A 119 2.67 10.86 -5.11
N GLN A 120 2.13 9.65 -5.21
CA GLN A 120 0.74 9.40 -4.87
C GLN A 120 0.47 9.67 -3.39
N LEU A 121 1.37 9.18 -2.54
CA LEU A 121 1.24 9.37 -1.10
C LEU A 121 1.41 10.84 -0.72
N LYS A 122 2.51 11.43 -1.16
CA LYS A 122 2.81 12.83 -0.87
C LYS A 122 1.64 13.72 -1.30
N HIS A 123 1.01 13.37 -2.41
CA HIS A 123 -0.11 14.13 -2.93
C HIS A 123 -1.39 13.84 -2.14
N HIS A 124 -1.82 12.58 -2.19
CA HIS A 124 -3.03 12.17 -1.48
C HIS A 124 -2.98 12.62 -0.02
N SER A 125 -1.91 12.23 0.68
CA SER A 125 -1.75 12.57 2.08
C SER A 125 -1.50 14.07 2.24
N SER A 126 -0.42 14.55 1.63
CA SER A 126 -0.06 15.96 1.69
C SER A 126 0.05 16.42 3.15
N GLY A 127 0.59 15.55 4.00
CA GLY A 127 0.74 15.87 5.40
C GLY A 127 2.19 16.15 5.77
N PRO A 128 2.96 15.07 5.96
CA PRO A 128 4.38 15.18 6.32
C PRO A 128 5.23 15.73 5.18
N SER A 129 6.39 16.29 5.52
CA SER A 129 7.30 16.85 4.53
C SER A 129 8.75 16.67 4.96
N SER A 130 9.65 16.75 3.98
CA SER A 130 11.08 16.59 4.26
C SER A 130 11.91 17.40 3.27
N GLY A 131 12.90 18.13 3.80
CA GLY A 131 13.75 18.94 2.95
C GLY A 131 14.12 18.24 1.66
N GLY A 1 4.68 29.90 14.37
CA GLY A 1 4.00 29.29 13.25
C GLY A 1 2.50 29.22 13.45
N SER A 2 1.80 28.67 12.45
CA SER A 2 0.35 28.56 12.52
C SER A 2 -0.09 27.11 12.24
N SER A 3 -0.67 26.47 13.25
CA SER A 3 -1.12 25.10 13.12
C SER A 3 -2.00 24.70 14.30
N GLY A 4 -2.93 23.79 14.06
CA GLY A 4 -3.83 23.33 15.12
C GLY A 4 -4.87 22.37 14.62
N SER A 5 -4.43 21.30 13.94
CA SER A 5 -5.35 20.31 13.41
C SER A 5 -4.58 19.03 13.03
N SER A 6 -4.97 17.92 13.65
CA SER A 6 -4.32 16.64 13.38
C SER A 6 -4.92 15.99 12.14
N GLY A 7 -4.18 15.03 11.58
CA GLY A 7 -4.65 14.34 10.39
C GLY A 7 -3.58 13.48 9.77
N MET A 8 -3.55 12.19 10.14
CA MET A 8 -2.57 11.26 9.61
C MET A 8 -3.19 10.38 8.51
N ALA A 9 -2.63 10.48 7.31
CA ALA A 9 -3.12 9.70 6.18
C ALA A 9 -2.21 8.51 5.90
N ILE A 10 -2.53 7.76 4.85
CA ILE A 10 -1.75 6.59 4.48
C ILE A 10 -0.25 6.88 4.59
N LEU A 11 0.50 5.92 5.14
CA LEU A 11 1.93 6.06 5.30
C LEU A 11 2.68 4.89 4.67
N PHE A 12 2.13 3.70 4.82
CA PHE A 12 2.74 2.49 4.26
C PHE A 12 1.89 1.94 3.12
N ALA A 13 2.53 1.70 1.98
CA ALA A 13 1.85 1.17 0.81
C ALA A 13 2.79 0.37 -0.08
N VAL A 14 2.57 -0.93 -0.16
CA VAL A 14 3.41 -1.81 -0.97
C VAL A 14 2.56 -2.82 -1.73
N VAL A 15 3.05 -3.23 -2.90
CA VAL A 15 2.34 -4.20 -3.72
C VAL A 15 3.04 -5.56 -3.70
N ALA A 16 2.29 -6.59 -3.34
CA ALA A 16 2.83 -7.95 -3.28
C ALA A 16 1.79 -8.98 -3.69
N ARG A 17 2.19 -9.90 -4.57
CA ARG A 17 1.28 -10.94 -5.03
C ARG A 17 1.38 -12.18 -4.17
N GLY A 18 0.51 -12.28 -3.17
CA GLY A 18 0.53 -13.42 -2.28
C GLY A 18 1.56 -13.30 -1.18
N THR A 19 2.79 -13.70 -1.48
CA THR A 19 3.88 -13.63 -0.51
C THR A 19 5.11 -12.97 -1.11
N THR A 20 5.05 -12.68 -2.41
CA THR A 20 6.16 -12.05 -3.11
C THR A 20 6.01 -10.53 -3.12
N ILE A 21 6.98 -9.84 -2.54
CA ILE A 21 6.96 -8.37 -2.49
C ILE A 21 7.54 -7.78 -3.76
N LEU A 22 6.67 -7.53 -4.74
CA LEU A 22 7.11 -6.95 -6.01
C LEU A 22 7.72 -5.57 -5.79
N ALA A 23 6.96 -4.69 -5.13
CA ALA A 23 7.44 -3.34 -4.85
C ALA A 23 7.01 -2.89 -3.46
N LYS A 24 7.80 -1.99 -2.87
CA LYS A 24 7.52 -1.48 -1.54
C LYS A 24 8.08 -0.07 -1.37
N HIS A 25 7.29 0.81 -0.77
CA HIS A 25 7.71 2.19 -0.54
C HIS A 25 6.85 2.85 0.53
N ALA A 26 7.45 3.10 1.69
CA ALA A 26 6.74 3.74 2.80
C ALA A 26 7.53 4.92 3.36
N TRP A 27 6.86 5.73 4.16
CA TRP A 27 7.51 6.91 4.76
C TRP A 27 8.48 6.50 5.85
N CYS A 28 9.47 7.35 6.11
CA CYS A 28 10.47 7.08 7.12
C CYS A 28 9.89 7.28 8.53
N GLY A 29 9.83 6.19 9.30
CA GLY A 29 9.29 6.28 10.64
C GLY A 29 9.48 4.99 11.41
N GLY A 30 9.04 3.88 10.84
CA GLY A 30 9.16 2.59 11.50
C GLY A 30 9.27 1.44 10.51
N ASN A 31 9.09 0.22 11.01
CA ASN A 31 9.17 -0.96 10.16
C ASN A 31 7.81 -1.67 10.08
N PHE A 32 7.19 -1.61 8.90
CA PHE A 32 5.89 -2.24 8.69
C PHE A 32 6.03 -3.52 7.88
N LEU A 33 7.13 -3.63 7.14
CA LEU A 33 7.38 -4.81 6.32
C LEU A 33 7.16 -6.09 7.12
N GLU A 34 7.72 -6.13 8.33
CA GLU A 34 7.58 -7.29 9.20
C GLU A 34 6.13 -7.73 9.29
N VAL A 35 5.31 -6.91 9.94
CA VAL A 35 3.89 -7.20 10.11
C VAL A 35 3.23 -7.51 8.77
N THR A 36 3.58 -6.72 7.75
CA THR A 36 3.03 -6.91 6.42
C THR A 36 3.29 -8.32 5.90
N GLU A 37 4.51 -8.81 6.15
CA GLU A 37 4.88 -10.15 5.70
C GLU A 37 4.03 -11.21 6.39
N GLN A 38 3.90 -11.10 7.71
CA GLN A 38 3.12 -12.05 8.49
C GLN A 38 1.67 -12.10 7.98
N ILE A 39 1.12 -10.93 7.68
CA ILE A 39 -0.26 -10.85 7.20
C ILE A 39 -0.37 -11.40 5.78
N LEU A 40 0.58 -11.04 4.92
CA LEU A 40 0.59 -11.51 3.54
C LEU A 40 0.46 -13.03 3.48
N ALA A 41 1.26 -13.72 4.29
CA ALA A 41 1.24 -15.18 4.33
C ALA A 41 -0.16 -15.70 4.64
N LYS A 42 -1.03 -14.80 5.09
CA LYS A 42 -2.40 -15.16 5.43
C LYS A 42 -3.37 -14.68 4.35
N ILE A 43 -3.01 -13.59 3.69
CA ILE A 43 -3.86 -13.03 2.63
C ILE A 43 -3.99 -14.01 1.47
N PRO A 44 -5.25 -14.33 1.12
CA PRO A 44 -5.55 -15.26 0.02
C PRO A 44 -5.20 -14.66 -1.35
N SER A 45 -5.53 -15.40 -2.41
CA SER A 45 -5.26 -14.94 -3.76
C SER A 45 -6.52 -15.01 -4.62
N GLU A 46 -7.68 -15.05 -3.97
CA GLU A 46 -8.95 -15.11 -4.68
C GLU A 46 -9.60 -13.74 -4.78
N ASN A 47 -10.23 -13.47 -5.92
CA ASN A 47 -10.89 -12.19 -6.14
C ASN A 47 -11.79 -11.82 -4.96
N ASN A 48 -11.22 -11.09 -4.01
CA ASN A 48 -11.97 -10.67 -2.83
C ASN A 48 -11.14 -9.74 -1.96
N LYS A 49 -11.81 -9.06 -1.02
CA LYS A 49 -11.12 -8.13 -0.13
C LYS A 49 -11.78 -8.14 1.25
N LEU A 50 -10.99 -7.82 2.27
CA LEU A 50 -11.48 -7.80 3.65
C LEU A 50 -10.74 -6.74 4.48
N THR A 51 -11.43 -6.19 5.47
CA THR A 51 -10.84 -5.18 6.33
C THR A 51 -10.13 -5.82 7.52
N TYR A 52 -8.81 -5.69 7.54
CA TYR A 52 -8.01 -6.25 8.62
C TYR A 52 -7.58 -5.17 9.60
N SER A 53 -7.97 -5.35 10.86
CA SER A 53 -7.62 -4.39 11.90
C SER A 53 -6.48 -4.90 12.77
N HIS A 54 -5.32 -4.25 12.66
CA HIS A 54 -4.16 -4.64 13.44
C HIS A 54 -3.72 -3.52 14.38
N GLY A 55 -3.42 -3.88 15.62
CA GLY A 55 -3.00 -2.89 16.60
C GLY A 55 -3.72 -1.57 16.44
N ASN A 56 -2.99 -0.48 16.55
CA ASN A 56 -3.57 0.86 16.42
C ASN A 56 -3.45 1.36 14.99
N TYR A 57 -3.71 0.49 14.04
CA TYR A 57 -3.63 0.85 12.62
C TYR A 57 -4.55 -0.03 11.78
N LEU A 58 -5.01 0.51 10.65
CA LEU A 58 -5.89 -0.22 9.75
C LEU A 58 -5.10 -0.90 8.64
N PHE A 59 -5.40 -2.17 8.39
CA PHE A 59 -4.72 -2.93 7.35
C PHE A 59 -5.71 -3.34 6.26
N HIS A 60 -5.75 -2.56 5.19
CA HIS A 60 -6.65 -2.84 4.07
C HIS A 60 -5.88 -3.47 2.91
N TYR A 61 -6.34 -4.63 2.47
CA TYR A 61 -5.69 -5.34 1.37
C TYR A 61 -6.69 -5.64 0.25
N ILE A 62 -6.28 -5.36 -0.99
CA ILE A 62 -7.14 -5.60 -2.14
C ILE A 62 -6.51 -6.61 -3.09
N CYS A 63 -7.31 -7.59 -3.52
CA CYS A 63 -6.83 -8.63 -4.42
C CYS A 63 -7.26 -8.33 -5.86
N GLN A 64 -6.39 -8.66 -6.80
CA GLN A 64 -6.68 -8.43 -8.21
C GLN A 64 -5.58 -9.02 -9.10
N ASP A 65 -5.98 -9.85 -10.05
CA ASP A 65 -5.04 -10.49 -10.96
C ASP A 65 -3.92 -11.18 -10.19
N ARG A 66 -4.27 -11.82 -9.08
CA ARG A 66 -3.31 -12.52 -8.25
C ARG A 66 -2.33 -11.53 -7.61
N ILE A 67 -2.80 -10.31 -7.38
CA ILE A 67 -1.97 -9.29 -6.77
C ILE A 67 -2.65 -8.68 -5.54
N VAL A 68 -1.87 -8.48 -4.49
CA VAL A 68 -2.40 -7.92 -3.25
C VAL A 68 -1.73 -6.58 -2.93
N TYR A 69 -2.53 -5.61 -2.51
CA TYR A 69 -2.02 -4.28 -2.18
C TYR A 69 -2.38 -3.91 -0.75
N LEU A 70 -1.42 -4.09 0.16
CA LEU A 70 -1.64 -3.78 1.57
C LEU A 70 -1.09 -2.39 1.90
N CYS A 71 -1.75 -1.71 2.84
CA CYS A 71 -1.33 -0.38 3.25
C CYS A 71 -1.75 -0.09 4.69
N ILE A 72 -0.83 0.46 5.47
CA ILE A 72 -1.12 0.77 6.87
C ILE A 72 -1.56 2.23 7.02
N THR A 73 -2.68 2.44 7.70
CA THR A 73 -3.22 3.77 7.92
C THR A 73 -3.61 3.98 9.37
N ASP A 74 -3.97 5.21 9.71
CA ASP A 74 -4.37 5.55 11.08
C ASP A 74 -5.83 5.15 11.33
N ASP A 75 -6.12 4.70 12.55
CA ASP A 75 -7.47 4.30 12.91
C ASP A 75 -8.48 5.34 12.46
N ASP A 76 -8.16 6.60 12.66
CA ASP A 76 -9.04 7.69 12.27
C ASP A 76 -9.32 7.66 10.77
N PHE A 77 -8.28 7.52 9.98
CA PHE A 77 -8.41 7.46 8.53
C PHE A 77 -9.60 6.58 8.12
N GLU A 78 -10.57 7.19 7.44
CA GLU A 78 -11.75 6.46 7.01
C GLU A 78 -11.39 5.39 5.97
N ARG A 79 -12.09 4.26 6.03
CA ARG A 79 -11.83 3.17 5.10
C ARG A 79 -11.94 3.64 3.65
N SER A 80 -13.03 4.34 3.34
CA SER A 80 -13.24 4.85 1.99
C SER A 80 -11.97 5.49 1.43
N ARG A 81 -11.36 6.36 2.22
CA ARG A 81 -10.15 7.04 1.81
C ARG A 81 -9.05 6.03 1.45
N ALA A 82 -8.70 5.18 2.41
CA ALA A 82 -7.68 4.17 2.18
C ALA A 82 -7.95 3.38 0.91
N PHE A 83 -9.13 2.76 0.85
CA PHE A 83 -9.51 1.96 -0.32
C PHE A 83 -9.32 2.76 -1.61
N ASN A 84 -9.60 4.06 -1.53
CA ASN A 84 -9.45 4.94 -2.68
C ASN A 84 -8.01 4.94 -3.20
N PHE A 85 -7.12 5.51 -2.40
CA PHE A 85 -5.71 5.59 -2.77
C PHE A 85 -5.22 4.26 -3.33
N LEU A 86 -5.56 3.18 -2.63
CA LEU A 86 -5.15 1.84 -3.06
C LEU A 86 -5.64 1.55 -4.48
N ASN A 87 -6.92 1.86 -4.74
CA ASN A 87 -7.50 1.64 -6.05
C ASN A 87 -6.75 2.42 -7.12
N GLU A 88 -6.28 3.60 -6.76
CA GLU A 88 -5.55 4.45 -7.69
C GLU A 88 -4.24 3.79 -8.12
N ILE A 89 -3.31 3.66 -7.18
CA ILE A 89 -2.02 3.05 -7.46
C ILE A 89 -2.20 1.60 -7.94
N LYS A 90 -3.12 0.89 -7.31
CA LYS A 90 -3.38 -0.50 -7.67
C LYS A 90 -3.73 -0.63 -9.14
N LYS A 91 -4.69 0.17 -9.59
CA LYS A 91 -5.11 0.15 -10.99
C LYS A 91 -3.99 0.62 -11.90
N ARG A 92 -3.12 1.48 -11.38
CA ARG A 92 -2.00 2.00 -12.15
C ARG A 92 -0.94 0.92 -12.36
N PHE A 93 -0.72 0.12 -11.33
CA PHE A 93 0.27 -0.95 -11.38
C PHE A 93 -0.15 -2.03 -12.38
N GLN A 94 -1.40 -2.44 -12.30
CA GLN A 94 -1.93 -3.47 -13.18
C GLN A 94 -2.16 -2.92 -14.59
N THR A 95 -2.39 -1.60 -14.66
CA THR A 95 -2.63 -0.95 -15.94
C THR A 95 -1.31 -0.60 -16.63
N THR A 96 -0.28 -0.35 -15.84
CA THR A 96 1.03 0.00 -16.37
C THR A 96 1.97 -1.21 -16.35
N TYR A 97 2.34 -1.64 -15.15
CA TYR A 97 3.23 -2.78 -15.00
C TYR A 97 2.45 -4.05 -14.66
N GLY A 98 1.27 -4.19 -15.27
CA GLY A 98 0.44 -5.35 -15.01
C GLY A 98 1.00 -6.61 -15.65
N SER A 99 1.01 -6.63 -16.98
CA SER A 99 1.52 -7.79 -17.71
C SER A 99 2.83 -8.28 -17.11
N ARG A 100 3.82 -7.40 -17.04
CA ARG A 100 5.12 -7.75 -16.48
C ARG A 100 4.98 -8.30 -15.07
N ALA A 101 4.05 -7.74 -14.31
CA ALA A 101 3.81 -8.18 -12.94
C ALA A 101 3.91 -9.70 -12.83
N GLN A 102 3.63 -10.40 -13.93
CA GLN A 102 3.68 -11.84 -13.95
C GLN A 102 4.99 -12.33 -14.58
N THR A 103 5.48 -11.59 -15.56
CA THR A 103 6.72 -11.94 -16.24
C THR A 103 7.87 -11.06 -15.77
N ALA A 104 7.96 -10.86 -14.46
CA ALA A 104 9.03 -10.05 -13.88
C ALA A 104 9.44 -10.58 -12.52
N PRO A 105 10.64 -10.18 -12.07
CA PRO A 105 11.18 -10.62 -10.77
C PRO A 105 10.44 -9.99 -9.60
N PRO A 106 10.72 -10.49 -8.39
CA PRO A 106 10.09 -9.99 -7.15
C PRO A 106 10.54 -8.58 -6.80
N TYR A 107 11.56 -8.09 -7.49
CA TYR A 107 12.09 -6.76 -7.25
C TYR A 107 12.34 -6.02 -8.56
N ALA A 108 11.26 -5.75 -9.29
CA ALA A 108 11.35 -5.05 -10.56
C ALA A 108 10.78 -3.64 -10.46
N MET A 109 9.50 -3.56 -10.12
CA MET A 109 8.82 -2.27 -9.99
C MET A 109 9.21 -1.59 -8.68
N ASN A 110 10.51 -1.51 -8.41
CA ASN A 110 11.01 -0.89 -7.19
C ASN A 110 11.35 0.57 -7.43
N SER A 111 12.26 0.81 -8.38
CA SER A 111 12.67 2.17 -8.71
C SER A 111 11.53 2.95 -9.34
N GLU A 112 11.11 2.54 -10.53
CA GLU A 112 10.03 3.20 -11.24
C GLU A 112 8.84 3.45 -10.31
N PHE A 113 8.36 2.37 -9.70
CA PHE A 113 7.22 2.48 -8.79
C PHE A 113 7.55 3.41 -7.61
N SER A 114 8.62 3.10 -6.90
CA SER A 114 9.04 3.90 -5.76
C SER A 114 8.73 5.37 -5.99
N SER A 115 9.18 5.89 -7.13
CA SER A 115 8.95 7.30 -7.47
C SER A 115 7.47 7.58 -7.66
N VAL A 116 6.81 6.73 -8.45
CA VAL A 116 5.39 6.89 -8.72
C VAL A 116 4.59 6.97 -7.42
N LEU A 117 4.76 5.99 -6.55
CA LEU A 117 4.06 5.95 -5.28
C LEU A 117 4.26 7.26 -4.51
N ALA A 118 5.52 7.66 -4.35
CA ALA A 118 5.85 8.90 -3.65
C ALA A 118 4.98 10.05 -4.12
N ALA A 119 4.83 10.17 -5.45
CA ALA A 119 4.03 11.23 -6.04
C ALA A 119 2.57 11.12 -5.62
N GLN A 120 2.08 9.88 -5.56
CA GLN A 120 0.69 9.64 -5.17
C GLN A 120 0.48 9.93 -3.69
N LEU A 121 1.26 9.27 -2.84
CA LEU A 121 1.16 9.46 -1.40
C LEU A 121 1.21 10.94 -1.04
N LYS A 122 2.30 11.60 -1.45
CA LYS A 122 2.46 13.03 -1.17
C LYS A 122 1.29 13.83 -1.71
N HIS A 123 0.88 13.51 -2.93
CA HIS A 123 -0.24 14.21 -3.57
C HIS A 123 -1.45 14.25 -2.64
N HIS A 124 -1.85 13.08 -2.14
CA HIS A 124 -2.99 12.99 -1.25
C HIS A 124 -2.62 13.46 0.16
N SER A 125 -1.68 12.76 0.79
CA SER A 125 -1.24 13.11 2.13
C SER A 125 -0.24 14.27 2.09
N SER A 126 -0.62 15.38 2.73
CA SER A 126 0.23 16.56 2.76
C SER A 126 1.61 16.22 3.32
N GLY A 127 1.64 15.57 4.48
CA GLY A 127 2.90 15.19 5.09
C GLY A 127 2.78 14.99 6.59
N PRO A 128 3.33 13.87 7.08
CA PRO A 128 3.30 13.54 8.51
C PRO A 128 4.17 14.47 9.34
N SER A 129 3.80 14.67 10.60
CA SER A 129 4.54 15.53 11.50
C SER A 129 5.62 14.75 12.25
N SER A 130 6.83 14.74 11.70
CA SER A 130 7.94 14.03 12.32
C SER A 130 8.53 14.82 13.47
N GLY A 131 9.00 14.11 14.50
CA GLY A 131 9.58 14.76 15.66
C GLY A 131 10.59 15.83 15.27
N GLY A 1 -10.92 22.63 20.79
CA GLY A 1 -9.79 21.88 21.31
C GLY A 1 -8.59 22.77 21.59
N SER A 2 -8.05 22.66 22.80
CA SER A 2 -6.89 23.45 23.19
C SER A 2 -5.68 23.13 22.32
N SER A 3 -5.45 21.84 22.10
CA SER A 3 -4.32 21.39 21.28
C SER A 3 -4.81 20.72 20.00
N GLY A 4 -5.93 21.22 19.47
CA GLY A 4 -6.49 20.66 18.25
C GLY A 4 -5.41 20.24 17.27
N SER A 5 -5.27 18.94 17.06
CA SER A 5 -4.28 18.41 16.14
C SER A 5 -4.85 17.25 15.32
N SER A 6 -4.15 16.88 14.25
CA SER A 6 -4.58 15.79 13.39
C SER A 6 -3.41 14.87 13.05
N GLY A 7 -3.73 13.68 12.56
CA GLY A 7 -2.71 12.72 12.21
C GLY A 7 -3.28 11.48 11.53
N MET A 8 -3.99 11.69 10.44
CA MET A 8 -4.59 10.58 9.70
C MET A 8 -4.24 10.65 8.22
N ALA A 9 -3.40 9.74 7.77
CA ALA A 9 -2.98 9.71 6.37
C ALA A 9 -2.11 8.49 6.08
N ILE A 10 -2.28 7.90 4.91
CA ILE A 10 -1.52 6.73 4.50
C ILE A 10 -0.03 6.96 4.71
N LEU A 11 0.66 5.96 5.25
CA LEU A 11 2.09 6.06 5.50
C LEU A 11 2.83 4.89 4.86
N PHE A 12 2.22 3.70 4.92
CA PHE A 12 2.82 2.50 4.35
C PHE A 12 1.97 1.97 3.20
N ALA A 13 2.62 1.62 2.09
CA ALA A 13 1.93 1.10 0.93
C ALA A 13 2.89 0.33 0.02
N VAL A 14 2.62 -0.95 -0.18
CA VAL A 14 3.46 -1.78 -1.02
C VAL A 14 2.62 -2.79 -1.80
N VAL A 15 3.13 -3.22 -2.95
CA VAL A 15 2.43 -4.19 -3.78
C VAL A 15 3.18 -5.52 -3.83
N ALA A 16 2.54 -6.57 -3.31
CA ALA A 16 3.14 -7.89 -3.30
C ALA A 16 2.13 -8.96 -3.72
N ARG A 17 2.51 -9.77 -4.69
CA ARG A 17 1.64 -10.83 -5.19
C ARG A 17 1.72 -12.07 -4.30
N GLY A 18 0.61 -12.40 -3.66
CA GLY A 18 0.58 -13.56 -2.79
C GLY A 18 1.58 -13.45 -1.65
N THR A 19 2.81 -13.90 -1.90
CA THR A 19 3.85 -13.85 -0.88
C THR A 19 5.16 -13.33 -1.46
N THR A 20 5.04 -12.47 -2.47
CA THR A 20 6.23 -11.89 -3.12
C THR A 20 6.08 -10.40 -3.28
N ILE A 21 7.04 -9.64 -2.76
CA ILE A 21 7.02 -8.19 -2.85
C ILE A 21 7.80 -7.71 -4.07
N LEU A 22 7.10 -7.13 -5.03
CA LEU A 22 7.73 -6.63 -6.25
C LEU A 22 8.26 -5.22 -6.03
N ALA A 23 7.38 -4.30 -5.67
CA ALA A 23 7.77 -2.91 -5.43
C ALA A 23 7.22 -2.41 -4.10
N LYS A 24 8.12 -1.96 -3.24
CA LYS A 24 7.71 -1.44 -1.93
C LYS A 24 8.30 -0.06 -1.68
N HIS A 25 7.50 0.83 -1.11
CA HIS A 25 7.94 2.19 -0.82
C HIS A 25 7.09 2.81 0.30
N ALA A 26 7.70 2.98 1.46
CA ALA A 26 7.02 3.56 2.61
C ALA A 26 7.84 4.69 3.22
N TRP A 27 7.20 5.48 4.08
CA TRP A 27 7.86 6.60 4.74
C TRP A 27 8.80 6.10 5.84
N CYS A 28 9.85 6.87 6.11
CA CYS A 28 10.81 6.50 7.14
C CYS A 28 10.24 6.75 8.53
N GLY A 29 9.82 5.66 9.20
CA GLY A 29 9.26 5.78 10.52
C GLY A 29 9.61 4.60 11.41
N GLY A 30 9.30 3.40 10.94
CA GLY A 30 9.59 2.20 11.71
C GLY A 30 9.69 0.97 10.85
N ASN A 31 9.33 -0.19 11.41
CA ASN A 31 9.38 -1.45 10.68
C ASN A 31 7.97 -2.02 10.49
N PHE A 32 7.44 -1.84 9.29
CA PHE A 32 6.10 -2.33 8.97
C PHE A 32 6.17 -3.58 8.09
N LEU A 33 7.04 -3.53 7.08
CA LEU A 33 7.21 -4.65 6.17
C LEU A 33 7.06 -5.97 6.90
N GLU A 34 7.49 -6.01 8.16
CA GLU A 34 7.41 -7.22 8.97
C GLU A 34 5.97 -7.70 9.09
N VAL A 35 5.15 -6.91 9.79
CA VAL A 35 3.74 -7.24 9.98
C VAL A 35 3.04 -7.47 8.65
N THR A 36 3.31 -6.59 7.69
CA THR A 36 2.71 -6.69 6.37
C THR A 36 2.95 -8.06 5.75
N GLU A 37 4.22 -8.41 5.57
CA GLU A 37 4.58 -9.70 4.99
C GLU A 37 3.84 -10.84 5.69
N GLN A 38 3.80 -10.78 7.02
CA GLN A 38 3.13 -11.81 7.81
C GLN A 38 1.69 -11.99 7.34
N ILE A 39 1.00 -10.88 7.14
CA ILE A 39 -0.39 -10.91 6.70
C ILE A 39 -0.50 -11.43 5.27
N LEU A 40 0.42 -11.01 4.41
CA LEU A 40 0.43 -11.43 3.02
C LEU A 40 0.40 -12.96 2.92
N ALA A 41 1.26 -13.62 3.68
CA ALA A 41 1.33 -15.07 3.68
C ALA A 41 0.00 -15.68 4.11
N LYS A 42 -0.89 -14.84 4.64
CA LYS A 42 -2.19 -15.30 5.11
C LYS A 42 -3.28 -14.91 4.10
N ILE A 43 -3.06 -13.82 3.39
CA ILE A 43 -4.02 -13.35 2.41
C ILE A 43 -3.95 -14.18 1.13
N PRO A 44 -5.12 -14.68 0.68
CA PRO A 44 -5.21 -15.51 -0.53
C PRO A 44 -4.96 -14.70 -1.80
N SER A 45 -4.67 -15.39 -2.89
CA SER A 45 -4.40 -14.75 -4.16
C SER A 45 -5.70 -14.42 -4.89
N GLU A 46 -6.76 -15.13 -4.55
CA GLU A 46 -8.06 -14.92 -5.16
C GLU A 46 -8.45 -13.44 -5.13
N ASN A 47 -9.45 -13.07 -5.91
CA ASN A 47 -9.92 -11.69 -5.97
C ASN A 47 -10.95 -11.42 -4.89
N ASN A 48 -10.49 -10.91 -3.74
CA ASN A 48 -11.38 -10.62 -2.63
C ASN A 48 -10.79 -9.52 -1.74
N LYS A 49 -11.59 -9.01 -0.83
CA LYS A 49 -11.16 -7.96 0.08
C LYS A 49 -11.71 -8.19 1.48
N LEU A 50 -10.98 -7.70 2.49
CA LEU A 50 -11.40 -7.85 3.88
C LEU A 50 -10.73 -6.81 4.77
N THR A 51 -11.48 -6.29 5.73
CA THR A 51 -10.95 -5.29 6.65
C THR A 51 -10.23 -5.94 7.83
N TYR A 52 -8.90 -5.85 7.82
CA TYR A 52 -8.10 -6.44 8.88
C TYR A 52 -7.60 -5.37 9.85
N SER A 53 -7.88 -5.57 11.14
CA SER A 53 -7.46 -4.62 12.16
C SER A 53 -6.30 -5.16 12.98
N HIS A 54 -5.13 -4.54 12.81
CA HIS A 54 -3.93 -4.97 13.52
C HIS A 54 -3.39 -3.84 14.39
N GLY A 55 -3.38 -4.05 15.71
CA GLY A 55 -2.89 -3.04 16.63
C GLY A 55 -3.65 -1.74 16.51
N ASN A 56 -2.97 -0.62 16.79
CA ASN A 56 -3.59 0.69 16.72
C ASN A 56 -3.55 1.24 15.29
N TYR A 57 -3.85 0.37 14.32
CA TYR A 57 -3.84 0.76 12.92
C TYR A 57 -4.81 -0.09 12.11
N LEU A 58 -5.10 0.34 10.90
CA LEU A 58 -6.01 -0.38 10.02
C LEU A 58 -5.25 -1.00 8.84
N PHE A 59 -5.64 -2.22 8.47
CA PHE A 59 -5.00 -2.92 7.36
C PHE A 59 -6.02 -3.24 6.27
N HIS A 60 -6.06 -2.40 5.24
CA HIS A 60 -6.99 -2.60 4.13
C HIS A 60 -6.27 -3.21 2.92
N TYR A 61 -6.63 -4.44 2.59
CA TYR A 61 -6.02 -5.14 1.47
C TYR A 61 -7.06 -5.45 0.39
N ILE A 62 -6.69 -5.18 -0.86
CA ILE A 62 -7.59 -5.43 -1.99
C ILE A 62 -6.95 -6.36 -3.00
N CYS A 63 -7.22 -7.65 -2.86
CA CYS A 63 -6.67 -8.65 -3.77
C CYS A 63 -7.34 -8.57 -5.14
N GLN A 64 -6.53 -8.70 -6.20
CA GLN A 64 -7.05 -8.64 -7.56
C GLN A 64 -5.96 -9.01 -8.56
N ASP A 65 -6.28 -9.97 -9.43
CA ASP A 65 -5.33 -10.42 -10.44
C ASP A 65 -4.11 -11.08 -9.80
N ARG A 66 -4.34 -11.77 -8.69
CA ARG A 66 -3.26 -12.44 -7.97
C ARG A 66 -2.30 -11.43 -7.35
N ILE A 67 -2.81 -10.23 -7.07
CA ILE A 67 -2.00 -9.18 -6.48
C ILE A 67 -2.66 -8.61 -5.23
N VAL A 68 -1.88 -8.50 -4.16
CA VAL A 68 -2.38 -7.97 -2.90
C VAL A 68 -1.86 -6.56 -2.65
N TYR A 69 -2.76 -5.64 -2.34
CA TYR A 69 -2.40 -4.25 -2.08
C TYR A 69 -2.71 -3.88 -0.63
N LEU A 70 -1.70 -3.94 0.23
CA LEU A 70 -1.87 -3.60 1.63
C LEU A 70 -1.36 -2.19 1.92
N CYS A 71 -2.00 -1.52 2.85
CA CYS A 71 -1.61 -0.16 3.22
C CYS A 71 -1.98 0.14 4.68
N ILE A 72 -1.08 0.81 5.38
CA ILE A 72 -1.31 1.16 6.78
C ILE A 72 -1.75 2.62 6.92
N THR A 73 -2.90 2.82 7.55
CA THR A 73 -3.43 4.17 7.74
C THR A 73 -3.82 4.39 9.20
N ASP A 74 -4.21 5.62 9.52
CA ASP A 74 -4.62 5.97 10.88
C ASP A 74 -5.99 5.39 11.20
N ASP A 75 -6.16 4.93 12.43
CA ASP A 75 -7.44 4.37 12.86
C ASP A 75 -8.60 5.27 12.47
N ASP A 76 -8.55 6.52 12.95
CA ASP A 76 -9.61 7.48 12.65
C ASP A 76 -9.87 7.56 11.15
N PHE A 77 -8.79 7.53 10.37
CA PHE A 77 -8.90 7.59 8.91
C PHE A 77 -10.10 6.78 8.42
N GLU A 78 -10.85 7.36 7.49
CA GLU A 78 -12.02 6.69 6.94
C GLU A 78 -11.61 5.60 5.96
N ARG A 79 -12.54 4.67 5.70
CA ARG A 79 -12.27 3.56 4.79
C ARG A 79 -12.35 4.03 3.34
N SER A 80 -13.33 4.86 3.04
CA SER A 80 -13.52 5.38 1.68
C SER A 80 -12.22 5.96 1.14
N ARG A 81 -11.62 6.87 1.90
CA ARG A 81 -10.37 7.50 1.50
C ARG A 81 -9.28 6.46 1.28
N ALA A 82 -9.00 5.67 2.31
CA ALA A 82 -7.98 4.64 2.23
C ALA A 82 -8.17 3.77 0.99
N PHE A 83 -9.33 3.13 0.89
CA PHE A 83 -9.64 2.27 -0.25
C PHE A 83 -9.45 3.03 -1.57
N ASN A 84 -9.86 4.29 -1.58
CA ASN A 84 -9.73 5.12 -2.77
C ASN A 84 -8.29 5.13 -3.28
N PHE A 85 -7.37 5.55 -2.41
CA PHE A 85 -5.96 5.61 -2.77
C PHE A 85 -5.47 4.28 -3.32
N LEU A 86 -5.72 3.22 -2.56
CA LEU A 86 -5.31 1.87 -2.97
C LEU A 86 -5.81 1.56 -4.37
N ASN A 87 -7.07 1.86 -4.63
CA ASN A 87 -7.67 1.61 -5.94
C ASN A 87 -6.91 2.36 -7.03
N GLU A 88 -6.56 3.61 -6.74
CA GLU A 88 -5.84 4.44 -7.69
C GLU A 88 -4.52 3.78 -8.11
N ILE A 89 -3.59 3.69 -7.18
CA ILE A 89 -2.30 3.08 -7.44
C ILE A 89 -2.45 1.64 -7.92
N LYS A 90 -3.41 0.93 -7.33
CA LYS A 90 -3.67 -0.46 -7.71
C LYS A 90 -3.89 -0.59 -9.20
N LYS A 91 -4.95 0.04 -9.71
CA LYS A 91 -5.26 0.00 -11.13
C LYS A 91 -4.09 0.52 -11.96
N ARG A 92 -3.32 1.44 -11.39
CA ARG A 92 -2.17 2.01 -12.08
C ARG A 92 -1.07 0.97 -12.27
N PHE A 93 -0.80 0.21 -11.22
CA PHE A 93 0.23 -0.82 -11.27
C PHE A 93 -0.11 -1.88 -12.32
N GLN A 94 -1.28 -2.49 -12.16
CA GLN A 94 -1.74 -3.51 -13.09
C GLN A 94 -1.86 -2.97 -14.50
N THR A 95 -2.14 -1.66 -14.61
CA THR A 95 -2.29 -1.01 -15.90
C THR A 95 -0.93 -0.57 -16.46
N THR A 96 0.02 -0.35 -15.56
CA THR A 96 1.36 0.07 -15.95
C THR A 96 2.31 -1.12 -16.01
N TYR A 97 2.62 -1.69 -14.85
CA TYR A 97 3.52 -2.83 -14.78
C TYR A 97 2.77 -4.08 -14.34
N GLY A 98 1.52 -4.21 -14.77
CA GLY A 98 0.73 -5.36 -14.42
C GLY A 98 1.23 -6.64 -15.05
N SER A 99 1.20 -6.69 -16.38
CA SER A 99 1.66 -7.87 -17.11
C SER A 99 2.97 -8.40 -16.54
N ARG A 100 4.00 -7.57 -16.57
CA ARG A 100 5.31 -7.94 -16.05
C ARG A 100 5.19 -8.52 -14.64
N ALA A 101 4.29 -7.94 -13.85
CA ALA A 101 4.08 -8.40 -12.48
C ALA A 101 3.90 -9.92 -12.43
N GLN A 102 3.48 -10.49 -13.55
CA GLN A 102 3.26 -11.93 -13.64
C GLN A 102 4.41 -12.62 -14.38
N THR A 103 5.09 -11.85 -15.22
CA THR A 103 6.19 -12.37 -16.01
C THR A 103 7.49 -11.62 -15.70
N ALA A 104 7.66 -11.24 -14.43
CA ALA A 104 8.85 -10.51 -14.02
C ALA A 104 9.33 -10.97 -12.64
N PRO A 105 10.66 -10.99 -12.45
CA PRO A 105 11.27 -11.41 -11.18
C PRO A 105 11.01 -10.42 -10.06
N PRO A 106 11.35 -10.82 -8.82
CA PRO A 106 11.17 -9.97 -7.64
C PRO A 106 12.13 -8.80 -7.62
N TYR A 107 11.61 -7.62 -7.25
CA TYR A 107 12.42 -6.41 -7.19
C TYR A 107 12.90 -6.01 -8.58
N ALA A 108 11.99 -6.05 -9.55
CA ALA A 108 12.31 -5.69 -10.92
C ALA A 108 11.83 -4.27 -11.24
N MET A 109 10.58 -3.98 -10.90
CA MET A 109 10.00 -2.67 -11.16
C MET A 109 9.79 -1.91 -9.85
N ASN A 110 10.68 -2.14 -8.88
CA ASN A 110 10.59 -1.48 -7.59
C ASN A 110 10.91 0.02 -7.72
N SER A 111 11.95 0.33 -8.49
CA SER A 111 12.36 1.71 -8.70
C SER A 111 11.24 2.53 -9.33
N GLU A 112 10.82 2.13 -10.53
CA GLU A 112 9.75 2.82 -11.24
C GLU A 112 8.59 3.12 -10.30
N PHE A 113 8.07 2.08 -9.65
CA PHE A 113 6.95 2.24 -8.74
C PHE A 113 7.31 3.18 -7.59
N SER A 114 8.40 2.88 -6.91
CA SER A 114 8.86 3.70 -5.78
C SER A 114 8.61 5.19 -6.07
N SER A 115 8.97 5.63 -7.27
CA SER A 115 8.79 7.01 -7.66
C SER A 115 7.30 7.36 -7.80
N VAL A 116 6.60 6.55 -8.58
CA VAL A 116 5.17 6.75 -8.81
C VAL A 116 4.42 6.82 -7.49
N LEU A 117 4.52 5.77 -6.69
CA LEU A 117 3.84 5.70 -5.41
C LEU A 117 4.11 6.96 -4.59
N ALA A 118 5.40 7.22 -4.34
CA ALA A 118 5.79 8.40 -3.56
C ALA A 118 4.97 9.62 -3.96
N ALA A 119 4.89 9.87 -5.26
CA ALA A 119 4.13 11.00 -5.77
C ALA A 119 2.67 10.93 -5.34
N GLN A 120 2.11 9.72 -5.38
CA GLN A 120 0.72 9.52 -4.99
C GLN A 120 0.53 9.77 -3.50
N LEU A 121 1.44 9.26 -2.70
CA LEU A 121 1.36 9.42 -1.25
C LEU A 121 1.40 10.91 -0.87
N LYS A 122 2.43 11.60 -1.33
CA LYS A 122 2.59 13.02 -1.05
C LYS A 122 1.38 13.81 -1.55
N HIS A 123 0.92 13.47 -2.75
CA HIS A 123 -0.23 14.14 -3.35
C HIS A 123 -1.42 14.15 -2.39
N HIS A 124 -1.82 12.96 -1.94
CA HIS A 124 -2.95 12.85 -1.02
C HIS A 124 -2.61 13.44 0.34
N SER A 125 -1.59 12.87 0.99
CA SER A 125 -1.16 13.33 2.30
C SER A 125 -0.66 14.77 2.22
N SER A 126 -1.26 15.65 3.01
CA SER A 126 -0.88 17.06 3.03
C SER A 126 0.64 17.21 2.95
N GLY A 127 1.35 16.42 3.77
CA GLY A 127 2.79 16.48 3.77
C GLY A 127 3.37 16.42 5.18
N PRO A 128 3.46 15.20 5.73
CA PRO A 128 4.00 14.98 7.07
C PRO A 128 5.50 15.24 7.15
N SER A 129 5.86 16.37 7.75
CA SER A 129 7.28 16.74 7.88
C SER A 129 7.49 17.58 9.14
N SER A 130 8.31 17.06 10.05
CA SER A 130 8.59 17.75 11.30
C SER A 130 7.32 17.96 12.12
N GLY A 131 6.47 16.93 12.14
CA GLY A 131 5.23 17.02 12.90
C GLY A 131 4.21 17.91 12.23
N GLY A 1 -5.31 24.24 21.97
CA GLY A 1 -4.28 23.36 21.47
C GLY A 1 -4.85 22.10 20.83
N SER A 2 -4.86 22.07 19.50
CA SER A 2 -5.39 20.94 18.77
C SER A 2 -4.39 19.78 18.75
N SER A 3 -4.85 18.61 19.16
CA SER A 3 -3.99 17.43 19.21
C SER A 3 -4.33 16.48 18.06
N GLY A 4 -3.49 15.45 17.89
CA GLY A 4 -3.71 14.49 16.82
C GLY A 4 -2.57 13.49 16.71
N SER A 5 -2.44 12.89 15.53
CA SER A 5 -1.39 11.90 15.29
C SER A 5 -0.41 12.41 14.25
N SER A 6 0.87 12.12 14.46
CA SER A 6 1.92 12.56 13.54
C SER A 6 1.47 12.40 12.09
N GLY A 7 0.98 11.21 11.76
CA GLY A 7 0.52 10.95 10.40
C GLY A 7 -0.78 10.17 10.37
N MET A 8 -1.87 10.85 10.02
CA MET A 8 -3.18 10.23 9.95
C MET A 8 -3.45 9.70 8.55
N ALA A 9 -2.65 10.14 7.58
CA ALA A 9 -2.81 9.71 6.20
C ALA A 9 -1.98 8.46 5.91
N ILE A 10 -2.22 7.86 4.75
CA ILE A 10 -1.49 6.66 4.36
C ILE A 10 0.02 6.86 4.44
N LEU A 11 0.68 6.00 5.19
CA LEU A 11 2.13 6.09 5.35
C LEU A 11 2.83 4.93 4.65
N PHE A 12 2.36 3.71 4.92
CA PHE A 12 2.94 2.51 4.31
C PHE A 12 2.05 1.99 3.20
N ALA A 13 2.66 1.66 2.07
CA ALA A 13 1.92 1.13 0.92
C ALA A 13 2.85 0.39 -0.03
N VAL A 14 2.63 -0.92 -0.16
CA VAL A 14 3.43 -1.75 -1.05
C VAL A 14 2.57 -2.73 -1.83
N VAL A 15 3.10 -3.22 -2.94
CA VAL A 15 2.38 -4.17 -3.78
C VAL A 15 3.04 -5.53 -3.76
N ALA A 16 2.29 -6.54 -3.35
CA ALA A 16 2.81 -7.90 -3.28
C ALA A 16 1.77 -8.91 -3.77
N ARG A 17 2.17 -9.78 -4.69
CA ARG A 17 1.27 -10.79 -5.25
C ARG A 17 1.28 -12.05 -4.38
N GLY A 18 0.33 -12.13 -3.45
CA GLY A 18 0.25 -13.29 -2.58
C GLY A 18 1.29 -13.27 -1.48
N THR A 19 2.45 -13.83 -1.76
CA THR A 19 3.54 -13.87 -0.79
C THR A 19 4.83 -13.33 -1.37
N THR A 20 4.71 -12.48 -2.39
CA THR A 20 5.87 -11.88 -3.04
C THR A 20 5.69 -10.38 -3.23
N ILE A 21 6.71 -9.62 -2.85
CA ILE A 21 6.67 -8.17 -2.98
C ILE A 21 7.39 -7.71 -4.24
N LEU A 22 6.63 -7.24 -5.22
CA LEU A 22 7.19 -6.77 -6.48
C LEU A 22 7.80 -5.38 -6.30
N ALA A 23 7.02 -4.46 -5.73
CA ALA A 23 7.48 -3.10 -5.51
C ALA A 23 6.97 -2.55 -4.19
N LYS A 24 7.88 -2.20 -3.29
CA LYS A 24 7.51 -1.66 -1.99
C LYS A 24 8.08 -0.26 -1.79
N HIS A 25 7.26 0.64 -1.25
CA HIS A 25 7.69 2.01 -1.01
C HIS A 25 6.91 2.63 0.14
N ALA A 26 7.60 2.91 1.24
CA ALA A 26 6.96 3.51 2.41
C ALA A 26 7.79 4.66 2.95
N TRP A 27 7.19 5.46 3.83
CA TRP A 27 7.88 6.60 4.42
C TRP A 27 8.92 6.15 5.43
N CYS A 28 9.96 6.97 5.62
CA CYS A 28 11.03 6.64 6.55
C CYS A 28 10.58 6.86 7.98
N GLY A 29 10.50 5.78 8.76
CA GLY A 29 10.09 5.89 10.14
C GLY A 29 9.14 4.77 10.55
N GLY A 30 9.70 3.65 10.98
CA GLY A 30 8.88 2.52 11.39
C GLY A 30 9.14 1.28 10.56
N ASN A 31 8.83 0.12 11.11
CA ASN A 31 9.03 -1.14 10.42
C ASN A 31 7.71 -1.86 10.18
N PHE A 32 7.19 -1.75 8.96
CA PHE A 32 5.92 -2.38 8.61
C PHE A 32 6.16 -3.63 7.78
N LEU A 33 7.10 -3.56 6.85
CA LEU A 33 7.43 -4.68 5.99
C LEU A 33 7.31 -6.00 6.75
N GLU A 34 7.62 -5.96 8.04
CA GLU A 34 7.55 -7.15 8.88
C GLU A 34 6.10 -7.61 9.04
N VAL A 35 5.30 -6.81 9.74
CA VAL A 35 3.90 -7.13 9.96
C VAL A 35 3.17 -7.37 8.65
N THR A 36 3.45 -6.52 7.66
CA THR A 36 2.82 -6.63 6.35
C THR A 36 3.08 -7.99 5.73
N GLU A 37 4.35 -8.30 5.50
CA GLU A 37 4.73 -9.59 4.91
C GLU A 37 4.02 -10.74 5.61
N GLN A 38 4.09 -10.76 6.94
CA GLN A 38 3.44 -11.81 7.73
C GLN A 38 1.99 -11.99 7.31
N ILE A 39 1.24 -10.90 7.31
CA ILE A 39 -0.17 -10.94 6.94
C ILE A 39 -0.35 -11.50 5.54
N LEU A 40 0.51 -11.07 4.62
CA LEU A 40 0.45 -11.54 3.23
C LEU A 40 0.47 -13.06 3.17
N ALA A 41 1.35 -13.67 3.96
CA ALA A 41 1.46 -15.12 3.99
C ALA A 41 0.16 -15.76 4.48
N LYS A 42 -0.76 -14.93 4.95
CA LYS A 42 -2.06 -15.41 5.43
C LYS A 42 -3.17 -15.08 4.45
N ILE A 43 -3.01 -13.97 3.73
CA ILE A 43 -4.00 -13.54 2.75
C ILE A 43 -4.05 -14.50 1.57
N PRO A 44 -5.25 -15.03 1.28
CA PRO A 44 -5.46 -15.97 0.17
C PRO A 44 -5.32 -15.30 -1.19
N SER A 45 -5.04 -16.09 -2.21
CA SER A 45 -4.87 -15.59 -3.57
C SER A 45 -6.22 -15.29 -4.21
N GLU A 46 -7.26 -15.97 -3.72
CA GLU A 46 -8.60 -15.78 -4.25
C GLU A 46 -9.00 -14.30 -4.23
N ASN A 47 -9.73 -13.88 -5.25
CA ASN A 47 -10.17 -12.48 -5.35
C ASN A 47 -11.19 -12.16 -4.26
N ASN A 48 -10.74 -11.48 -3.22
CA ASN A 48 -11.62 -11.10 -2.11
C ASN A 48 -10.94 -10.09 -1.21
N LYS A 49 -11.69 -9.07 -0.79
CA LYS A 49 -11.16 -8.03 0.09
C LYS A 49 -11.74 -8.16 1.49
N LEU A 50 -11.02 -7.63 2.47
CA LEU A 50 -11.47 -7.68 3.86
C LEU A 50 -10.67 -6.70 4.72
N THR A 51 -11.35 -6.09 5.68
CA THR A 51 -10.71 -5.13 6.58
C THR A 51 -10.05 -5.82 7.76
N TYR A 52 -8.73 -5.75 7.82
CA TYR A 52 -7.97 -6.38 8.90
C TYR A 52 -7.52 -5.34 9.92
N SER A 53 -7.93 -5.53 11.17
CA SER A 53 -7.56 -4.62 12.24
C SER A 53 -6.35 -5.13 13.02
N HIS A 54 -5.19 -4.51 12.78
CA HIS A 54 -3.96 -4.91 13.45
C HIS A 54 -3.45 -3.78 14.34
N GLY A 55 -3.45 -4.03 15.64
CA GLY A 55 -2.98 -3.02 16.58
C GLY A 55 -3.70 -1.69 16.44
N ASN A 56 -2.98 -0.60 16.62
CA ASN A 56 -3.56 0.73 16.51
C ASN A 56 -3.48 1.24 15.07
N TYR A 57 -3.71 0.34 14.12
CA TYR A 57 -3.65 0.69 12.70
C TYR A 57 -4.54 -0.24 11.89
N LEU A 58 -5.11 0.30 10.81
CA LEU A 58 -5.97 -0.48 9.93
C LEU A 58 -5.17 -1.12 8.80
N PHE A 59 -5.54 -2.35 8.45
CA PHE A 59 -4.86 -3.08 7.38
C PHE A 59 -5.84 -3.44 6.26
N HIS A 60 -5.92 -2.58 5.24
CA HIS A 60 -6.81 -2.81 4.12
C HIS A 60 -6.05 -3.43 2.95
N TYR A 61 -6.45 -4.63 2.56
CA TYR A 61 -5.81 -5.34 1.45
C TYR A 61 -6.81 -5.60 0.33
N ILE A 62 -6.41 -5.29 -0.90
CA ILE A 62 -7.26 -5.50 -2.06
C ILE A 62 -6.67 -6.55 -2.99
N CYS A 63 -7.47 -7.55 -3.31
CA CYS A 63 -7.04 -8.63 -4.19
C CYS A 63 -7.51 -8.39 -5.62
N GLN A 64 -6.58 -8.47 -6.57
CA GLN A 64 -6.91 -8.25 -7.98
C GLN A 64 -5.84 -8.85 -8.89
N ASP A 65 -6.25 -9.75 -9.78
CA ASP A 65 -5.33 -10.40 -10.70
C ASP A 65 -4.20 -11.08 -9.94
N ARG A 66 -4.55 -11.73 -8.83
CA ARG A 66 -3.56 -12.43 -8.01
C ARG A 66 -2.59 -11.44 -7.36
N ILE A 67 -3.06 -10.21 -7.15
CA ILE A 67 -2.23 -9.18 -6.53
C ILE A 67 -2.91 -8.61 -5.29
N VAL A 68 -2.14 -8.45 -4.22
CA VAL A 68 -2.66 -7.91 -2.97
C VAL A 68 -2.04 -6.56 -2.66
N TYR A 69 -2.87 -5.57 -2.37
CA TYR A 69 -2.40 -4.23 -2.05
C TYR A 69 -2.71 -3.87 -0.59
N LEU A 70 -1.72 -4.05 0.28
CA LEU A 70 -1.88 -3.75 1.69
C LEU A 70 -1.38 -2.35 2.01
N CYS A 71 -2.06 -1.66 2.92
CA CYS A 71 -1.68 -0.32 3.32
C CYS A 71 -2.06 -0.05 4.77
N ILE A 72 -1.15 0.58 5.50
CA ILE A 72 -1.38 0.89 6.91
C ILE A 72 -1.86 2.33 7.08
N THR A 73 -2.99 2.50 7.74
CA THR A 73 -3.55 3.82 7.97
C THR A 73 -4.03 3.97 9.41
N ASP A 74 -4.27 5.22 9.83
CA ASP A 74 -4.74 5.49 11.18
C ASP A 74 -6.21 5.11 11.34
N ASP A 75 -6.54 4.50 12.47
CA ASP A 75 -7.92 4.09 12.74
C ASP A 75 -8.90 5.20 12.39
N ASP A 76 -8.58 6.42 12.81
CA ASP A 76 -9.43 7.57 12.54
C ASP A 76 -9.65 7.74 11.04
N PHE A 77 -8.62 7.46 10.26
CA PHE A 77 -8.70 7.59 8.81
C PHE A 77 -9.98 6.94 8.27
N GLU A 78 -10.53 7.52 7.22
CA GLU A 78 -11.76 7.00 6.61
C GLU A 78 -11.44 5.82 5.69
N ARG A 79 -12.40 4.91 5.56
CA ARG A 79 -12.23 3.74 4.71
C ARG A 79 -12.20 4.14 3.24
N SER A 80 -13.12 5.01 2.84
CA SER A 80 -13.20 5.48 1.47
C SER A 80 -11.84 5.96 0.97
N ARG A 81 -11.29 6.96 1.66
CA ARG A 81 -9.99 7.51 1.29
C ARG A 81 -8.96 6.40 1.12
N ALA A 82 -8.80 5.58 2.15
CA ALA A 82 -7.85 4.48 2.11
C ALA A 82 -8.04 3.64 0.85
N PHE A 83 -9.18 2.99 0.75
CA PHE A 83 -9.49 2.15 -0.41
C PHE A 83 -9.32 2.93 -1.71
N ASN A 84 -9.61 4.22 -1.66
CA ASN A 84 -9.49 5.08 -2.84
C ASN A 84 -8.05 5.08 -3.36
N PHE A 85 -7.13 5.56 -2.52
CA PHE A 85 -5.73 5.63 -2.90
C PHE A 85 -5.24 4.27 -3.43
N LEU A 86 -5.56 3.21 -2.71
CA LEU A 86 -5.15 1.87 -3.11
C LEU A 86 -5.60 1.58 -4.54
N ASN A 87 -6.85 1.88 -4.85
CA ASN A 87 -7.40 1.64 -6.18
C ASN A 87 -6.62 2.44 -7.23
N GLU A 88 -6.27 3.67 -6.89
CA GLU A 88 -5.53 4.54 -7.80
C GLU A 88 -4.22 3.88 -8.23
N ILE A 89 -3.30 3.73 -7.28
CA ILE A 89 -2.00 3.11 -7.56
C ILE A 89 -2.18 1.67 -8.02
N LYS A 90 -3.17 0.99 -7.47
CA LYS A 90 -3.46 -0.39 -7.81
C LYS A 90 -3.63 -0.55 -9.33
N LYS A 91 -4.54 0.23 -9.88
CA LYS A 91 -4.82 0.18 -11.31
C LYS A 91 -3.58 0.58 -12.11
N ARG A 92 -2.91 1.64 -11.66
CA ARG A 92 -1.71 2.14 -12.34
C ARG A 92 -0.70 1.01 -12.52
N PHE A 93 -0.60 0.13 -11.53
CA PHE A 93 0.33 -0.99 -11.57
C PHE A 93 -0.15 -2.05 -12.56
N GLN A 94 -1.45 -2.35 -12.51
CA GLN A 94 -2.03 -3.35 -13.40
C GLN A 94 -2.19 -2.81 -14.81
N THR A 95 -2.17 -1.48 -14.94
CA THR A 95 -2.31 -0.83 -16.23
C THR A 95 -0.95 -0.55 -16.86
N THR A 96 0.03 -0.22 -16.02
CA THR A 96 1.38 0.07 -16.49
C THR A 96 2.28 -1.15 -16.35
N TYR A 97 2.51 -1.58 -15.11
CA TYR A 97 3.36 -2.73 -14.83
C TYR A 97 2.52 -3.96 -14.51
N GLY A 98 1.36 -4.07 -15.16
CA GLY A 98 0.49 -5.20 -14.92
C GLY A 98 1.04 -6.49 -15.51
N SER A 99 1.19 -6.51 -16.83
CA SER A 99 1.70 -7.70 -17.52
C SER A 99 2.98 -8.19 -16.86
N ARG A 100 3.90 -7.28 -16.59
CA ARG A 100 5.17 -7.63 -15.96
C ARG A 100 4.94 -8.24 -14.58
N ALA A 101 3.92 -7.75 -13.88
CA ALA A 101 3.58 -8.25 -12.56
C ALA A 101 3.41 -9.76 -12.56
N GLN A 102 3.21 -10.32 -13.75
CA GLN A 102 3.02 -11.76 -13.89
C GLN A 102 4.30 -12.43 -14.38
N THR A 103 5.12 -11.67 -15.11
CA THR A 103 6.36 -12.19 -15.64
C THR A 103 7.56 -11.62 -14.89
N ALA A 104 7.76 -10.30 -15.02
CA ALA A 104 8.87 -9.64 -14.35
C ALA A 104 9.16 -10.27 -12.99
N PRO A 105 10.45 -10.36 -12.64
CA PRO A 105 10.88 -10.95 -11.37
C PRO A 105 10.53 -10.07 -10.18
N PRO A 106 10.69 -10.61 -8.97
CA PRO A 106 10.40 -9.90 -7.72
C PRO A 106 11.38 -8.76 -7.46
N TYR A 107 10.89 -7.68 -6.86
CA TYR A 107 11.72 -6.53 -6.56
C TYR A 107 12.38 -5.98 -7.81
N ALA A 108 11.63 -5.96 -8.91
CA ALA A 108 12.13 -5.45 -10.19
C ALA A 108 11.79 -3.99 -10.36
N MET A 109 10.51 -3.70 -10.58
CA MET A 109 10.06 -2.33 -10.77
C MET A 109 9.84 -1.63 -9.42
N ASN A 110 10.80 -1.80 -8.52
CA ASN A 110 10.71 -1.19 -7.20
C ASN A 110 11.02 0.30 -7.26
N SER A 111 12.18 0.63 -7.83
CA SER A 111 12.60 2.03 -7.95
C SER A 111 11.53 2.85 -8.65
N GLU A 112 11.20 2.46 -9.89
CA GLU A 112 10.19 3.17 -10.66
C GLU A 112 8.92 3.39 -9.85
N PHE A 113 8.37 2.31 -9.31
CA PHE A 113 7.16 2.38 -8.51
C PHE A 113 7.39 3.22 -7.25
N SER A 114 8.61 3.17 -6.73
CA SER A 114 8.96 3.93 -5.53
C SER A 114 8.70 5.41 -5.74
N SER A 115 9.09 5.92 -6.90
CA SER A 115 8.91 7.34 -7.21
C SER A 115 7.44 7.65 -7.46
N VAL A 116 6.79 6.83 -8.28
CA VAL A 116 5.38 7.02 -8.60
C VAL A 116 4.52 7.04 -7.32
N LEU A 117 4.72 6.03 -6.48
CA LEU A 117 3.98 5.92 -5.24
C LEU A 117 4.20 7.16 -4.36
N ALA A 118 5.46 7.51 -4.16
CA ALA A 118 5.82 8.66 -3.35
C ALA A 118 4.98 9.89 -3.73
N ALA A 119 4.90 10.16 -5.03
CA ALA A 119 4.12 11.29 -5.53
C ALA A 119 2.65 11.15 -5.18
N GLN A 120 2.13 9.92 -5.31
CA GLN A 120 0.74 9.64 -5.02
C GLN A 120 0.42 9.89 -3.54
N LEU A 121 1.25 9.32 -2.67
CA LEU A 121 1.06 9.47 -1.22
C LEU A 121 1.00 10.95 -0.85
N LYS A 122 2.07 11.68 -1.17
CA LYS A 122 2.14 13.11 -0.87
C LYS A 122 0.99 13.86 -1.54
N HIS A 123 0.82 13.63 -2.84
CA HIS A 123 -0.23 14.29 -3.60
C HIS A 123 -1.60 14.08 -2.94
N HIS A 124 -2.09 12.85 -3.00
CA HIS A 124 -3.38 12.50 -2.41
C HIS A 124 -3.50 13.07 -1.00
N SER A 125 -2.48 12.82 -0.19
CA SER A 125 -2.46 13.30 1.19
C SER A 125 -1.38 14.35 1.39
N SER A 126 -1.79 15.61 1.50
CA SER A 126 -0.85 16.71 1.69
C SER A 126 0.29 16.29 2.62
N GLY A 127 1.52 16.45 2.14
CA GLY A 127 2.68 16.09 2.93
C GLY A 127 2.51 16.42 4.40
N PRO A 128 3.07 15.59 5.27
CA PRO A 128 2.99 15.78 6.73
C PRO A 128 3.81 16.97 7.20
N SER A 129 3.43 17.53 8.34
CA SER A 129 4.13 18.69 8.90
C SER A 129 4.21 19.81 7.88
N SER A 130 3.08 20.10 7.25
CA SER A 130 3.02 21.17 6.25
C SER A 130 1.80 22.06 6.47
N GLY A 131 1.85 23.27 5.93
CA GLY A 131 0.74 24.19 6.08
C GLY A 131 0.14 24.60 4.75
N GLY A 1 -0.39 25.78 -6.51
CA GLY A 1 -1.61 26.32 -5.92
C GLY A 1 -1.56 26.35 -4.42
N SER A 2 -2.34 27.23 -3.81
CA SER A 2 -2.38 27.37 -2.37
C SER A 2 -3.72 26.86 -1.81
N SER A 3 -3.67 25.69 -1.19
CA SER A 3 -4.88 25.09 -0.61
C SER A 3 -4.55 24.29 0.64
N GLY A 4 -5.41 24.39 1.65
CA GLY A 4 -5.19 23.67 2.89
C GLY A 4 -5.76 22.26 2.85
N SER A 5 -4.89 21.27 2.79
CA SER A 5 -5.30 19.88 2.75
C SER A 5 -4.59 19.05 3.82
N SER A 6 -4.48 19.61 5.01
CA SER A 6 -3.81 18.95 6.12
C SER A 6 -4.62 17.73 6.58
N GLY A 7 -3.95 16.81 7.27
CA GLY A 7 -4.61 15.62 7.76
C GLY A 7 -3.78 14.37 7.56
N MET A 8 -4.02 13.36 8.38
CA MET A 8 -3.28 12.10 8.29
C MET A 8 -3.62 11.36 7.00
N ALA A 9 -2.71 10.50 6.56
CA ALA A 9 -2.92 9.73 5.34
C ALA A 9 -2.05 8.48 5.33
N ILE A 10 -2.17 7.70 4.25
CA ILE A 10 -1.40 6.46 4.13
C ILE A 10 0.09 6.72 4.38
N LEU A 11 0.71 5.82 5.13
CA LEU A 11 2.13 5.94 5.45
C LEU A 11 2.92 4.79 4.84
N PHE A 12 2.33 3.59 4.86
CA PHE A 12 2.98 2.41 4.32
C PHE A 12 2.13 1.79 3.20
N ALA A 13 2.67 1.80 1.98
CA ALA A 13 1.95 1.23 0.84
C ALA A 13 2.90 0.47 -0.06
N VAL A 14 2.72 -0.85 -0.14
CA VAL A 14 3.56 -1.69 -0.97
C VAL A 14 2.73 -2.70 -1.76
N VAL A 15 3.26 -3.15 -2.89
CA VAL A 15 2.57 -4.12 -3.73
C VAL A 15 3.26 -5.47 -3.69
N ALA A 16 2.48 -6.53 -3.44
CA ALA A 16 3.02 -7.89 -3.39
C ALA A 16 2.06 -8.89 -4.00
N ARG A 17 2.53 -9.65 -4.99
CA ARG A 17 1.70 -10.64 -5.65
C ARG A 17 1.60 -11.91 -4.81
N GLY A 18 0.46 -12.09 -4.16
CA GLY A 18 0.25 -13.27 -3.32
C GLY A 18 1.10 -13.25 -2.08
N THR A 19 2.34 -13.71 -2.19
CA THR A 19 3.25 -13.74 -1.06
C THR A 19 4.58 -13.09 -1.40
N THR A 20 4.76 -12.75 -2.68
CA THR A 20 5.99 -12.13 -3.14
C THR A 20 5.81 -10.61 -3.30
N ILE A 21 6.82 -9.85 -2.91
CA ILE A 21 6.78 -8.40 -3.02
C ILE A 21 7.50 -7.92 -4.27
N LEU A 22 6.79 -7.19 -5.12
CA LEU A 22 7.37 -6.66 -6.34
C LEU A 22 7.98 -5.28 -6.11
N ALA A 23 7.15 -4.34 -5.64
CA ALA A 23 7.60 -2.99 -5.38
C ALA A 23 7.12 -2.51 -4.00
N LYS A 24 8.03 -1.88 -3.26
CA LYS A 24 7.70 -1.37 -1.94
C LYS A 24 8.25 0.03 -1.74
N HIS A 25 7.49 0.88 -1.05
CA HIS A 25 7.91 2.26 -0.79
C HIS A 25 7.11 2.85 0.35
N ALA A 26 7.78 3.08 1.48
CA ALA A 26 7.14 3.65 2.66
C ALA A 26 7.94 4.82 3.21
N TRP A 27 7.31 5.60 4.10
CA TRP A 27 7.97 6.75 4.69
C TRP A 27 8.98 6.31 5.75
N CYS A 28 9.98 7.15 6.00
CA CYS A 28 11.01 6.85 6.98
C CYS A 28 10.48 7.01 8.39
N GLY A 29 10.52 5.94 9.17
CA GLY A 29 10.03 5.98 10.53
C GLY A 29 10.21 4.66 11.25
N GLY A 30 9.41 3.66 10.86
CA GLY A 30 9.49 2.36 11.48
C GLY A 30 9.57 1.24 10.46
N ASN A 31 9.37 0.01 10.93
CA ASN A 31 9.42 -1.16 10.05
C ASN A 31 8.05 -1.82 9.94
N PHE A 32 7.39 -1.60 8.81
CA PHE A 32 6.07 -2.18 8.57
C PHE A 32 6.17 -3.42 7.69
N LEU A 33 7.09 -3.40 6.74
CA LEU A 33 7.28 -4.52 5.84
C LEU A 33 7.17 -5.85 6.58
N GLU A 34 7.61 -5.86 7.84
CA GLU A 34 7.54 -7.06 8.65
C GLU A 34 6.11 -7.54 8.81
N VAL A 35 5.31 -6.77 9.53
CA VAL A 35 3.91 -7.11 9.75
C VAL A 35 3.18 -7.33 8.43
N THR A 36 3.42 -6.45 7.47
CA THR A 36 2.79 -6.55 6.16
C THR A 36 3.04 -7.92 5.53
N GLU A 37 4.29 -8.32 5.49
CA GLU A 37 4.66 -9.61 4.92
C GLU A 37 3.90 -10.74 5.59
N GLN A 38 4.00 -10.80 6.93
CA GLN A 38 3.31 -11.84 7.69
C GLN A 38 1.86 -11.97 7.26
N ILE A 39 1.19 -10.84 7.09
CA ILE A 39 -0.21 -10.83 6.67
C ILE A 39 -0.37 -11.43 5.28
N LEU A 40 0.48 -11.00 4.36
CA LEU A 40 0.44 -11.49 2.98
C LEU A 40 0.46 -13.02 2.95
N ALA A 41 1.35 -13.61 3.75
CA ALA A 41 1.46 -15.07 3.81
C ALA A 41 0.18 -15.69 4.33
N LYS A 42 -0.74 -14.86 4.81
CA LYS A 42 -2.01 -15.33 5.32
C LYS A 42 -3.15 -15.02 4.36
N ILE A 43 -2.97 -13.98 3.56
CA ILE A 43 -3.99 -13.58 2.59
C ILE A 43 -3.88 -14.41 1.32
N PRO A 44 -5.02 -14.96 0.88
CA PRO A 44 -5.08 -15.79 -0.33
C PRO A 44 -4.89 -14.97 -1.60
N SER A 45 -5.18 -15.58 -2.74
CA SER A 45 -5.03 -14.91 -4.03
C SER A 45 -6.39 -14.67 -4.68
N GLU A 46 -7.34 -15.52 -4.36
CA GLU A 46 -8.69 -15.41 -4.91
C GLU A 46 -9.24 -13.99 -4.72
N ASN A 47 -10.02 -13.52 -5.68
CA ASN A 47 -10.61 -12.20 -5.61
C ASN A 47 -11.48 -12.05 -4.36
N ASN A 48 -11.00 -11.26 -3.40
CA ASN A 48 -11.73 -11.04 -2.16
C ASN A 48 -11.04 -9.98 -1.31
N LYS A 49 -11.84 -9.19 -0.60
CA LYS A 49 -11.32 -8.12 0.26
C LYS A 49 -11.97 -8.17 1.63
N LEU A 50 -11.28 -7.62 2.63
CA LEU A 50 -11.80 -7.59 4.00
C LEU A 50 -11.02 -6.59 4.85
N THR A 51 -11.74 -5.88 5.71
CA THR A 51 -11.11 -4.89 6.59
C THR A 51 -10.45 -5.56 7.79
N TYR A 52 -9.13 -5.53 7.82
CA TYR A 52 -8.37 -6.13 8.91
C TYR A 52 -7.87 -5.07 9.88
N SER A 53 -8.21 -5.22 11.15
CA SER A 53 -7.81 -4.27 12.18
C SER A 53 -6.71 -4.87 13.06
N HIS A 54 -5.50 -4.35 12.90
CA HIS A 54 -4.36 -4.83 13.68
C HIS A 54 -3.79 -3.71 14.56
N GLY A 55 -3.55 -4.03 15.82
CA GLY A 55 -3.02 -3.04 16.75
C GLY A 55 -3.77 -1.73 16.69
N ASN A 56 -3.04 -0.64 16.48
CA ASN A 56 -3.64 0.68 16.41
C ASN A 56 -3.56 1.23 14.98
N TYR A 57 -3.83 0.39 14.01
CA TYR A 57 -3.79 0.79 12.61
C TYR A 57 -4.70 -0.10 11.75
N LEU A 58 -5.25 0.49 10.70
CA LEU A 58 -6.15 -0.24 9.80
C LEU A 58 -5.37 -0.87 8.65
N PHE A 59 -5.58 -2.15 8.43
CA PHE A 59 -4.90 -2.87 7.36
C PHE A 59 -5.88 -3.26 6.25
N HIS A 60 -5.96 -2.42 5.22
CA HIS A 60 -6.87 -2.67 4.10
C HIS A 60 -6.12 -3.34 2.96
N TYR A 61 -6.67 -4.46 2.47
CA TYR A 61 -6.06 -5.20 1.38
C TYR A 61 -7.10 -5.55 0.31
N ILE A 62 -6.76 -5.29 -0.94
CA ILE A 62 -7.66 -5.58 -2.06
C ILE A 62 -7.01 -6.53 -3.05
N CYS A 63 -7.39 -7.81 -2.97
CA CYS A 63 -6.84 -8.82 -3.88
C CYS A 63 -7.43 -8.67 -5.27
N GLN A 64 -6.54 -8.51 -6.26
CA GLN A 64 -6.97 -8.36 -7.64
C GLN A 64 -5.90 -8.87 -8.61
N ASP A 65 -6.32 -9.68 -9.57
CA ASP A 65 -5.40 -10.24 -10.55
C ASP A 65 -4.24 -10.96 -9.86
N ARG A 66 -4.55 -11.65 -8.77
CA ARG A 66 -3.55 -12.38 -8.02
C ARG A 66 -2.53 -11.44 -7.40
N ILE A 67 -2.97 -10.23 -7.07
CA ILE A 67 -2.10 -9.23 -6.46
C ILE A 67 -2.73 -8.64 -5.20
N VAL A 68 -1.93 -8.57 -4.14
CA VAL A 68 -2.40 -8.01 -2.87
C VAL A 68 -1.86 -6.61 -2.65
N TYR A 69 -2.75 -5.69 -2.28
CA TYR A 69 -2.36 -4.30 -2.03
C TYR A 69 -2.71 -3.90 -0.60
N LEU A 70 -1.71 -3.97 0.28
CA LEU A 70 -1.90 -3.60 1.68
C LEU A 70 -1.43 -2.18 1.93
N CYS A 71 -2.12 -1.49 2.83
CA CYS A 71 -1.76 -0.11 3.18
C CYS A 71 -2.13 0.20 4.63
N ILE A 72 -1.13 0.62 5.40
CA ILE A 72 -1.35 0.95 6.81
C ILE A 72 -1.77 2.40 6.97
N THR A 73 -2.85 2.61 7.71
CA THR A 73 -3.37 3.96 7.95
C THR A 73 -3.73 4.16 9.41
N ASP A 74 -4.13 5.38 9.75
CA ASP A 74 -4.51 5.70 11.13
C ASP A 74 -5.96 5.32 11.39
N ASP A 75 -6.22 4.76 12.57
CA ASP A 75 -7.57 4.35 12.95
C ASP A 75 -8.60 5.38 12.50
N ASP A 76 -8.39 6.63 12.89
CA ASP A 76 -9.30 7.72 12.53
C ASP A 76 -9.59 7.70 11.03
N PHE A 77 -8.53 7.54 10.23
CA PHE A 77 -8.68 7.52 8.78
C PHE A 77 -9.97 6.83 8.37
N GLU A 78 -10.58 7.33 7.30
CA GLU A 78 -11.84 6.77 6.81
C GLU A 78 -11.57 5.61 5.85
N ARG A 79 -12.37 4.55 5.98
CA ARG A 79 -12.22 3.37 5.13
C ARG A 79 -12.26 3.76 3.65
N SER A 80 -13.39 4.32 3.22
CA SER A 80 -13.56 4.73 1.84
C SER A 80 -12.29 5.39 1.30
N ARG A 81 -11.73 6.30 2.08
CA ARG A 81 -10.52 7.01 1.69
C ARG A 81 -9.40 6.02 1.37
N ALA A 82 -8.99 5.25 2.35
CA ALA A 82 -7.93 4.26 2.17
C ALA A 82 -8.21 3.38 0.95
N PHE A 83 -9.39 2.80 0.91
CA PHE A 83 -9.78 1.94 -0.21
C PHE A 83 -9.59 2.65 -1.54
N ASN A 84 -9.80 3.96 -1.53
CA ASN A 84 -9.64 4.76 -2.74
C ASN A 84 -8.19 4.77 -3.21
N PHE A 85 -7.31 5.32 -2.38
CA PHE A 85 -5.89 5.40 -2.70
C PHE A 85 -5.40 4.08 -3.27
N LEU A 86 -5.81 2.98 -2.67
CA LEU A 86 -5.42 1.65 -3.12
C LEU A 86 -5.85 1.40 -4.56
N ASN A 87 -7.14 1.59 -4.82
CA ASN A 87 -7.69 1.39 -6.16
C ASN A 87 -6.97 2.26 -7.17
N GLU A 88 -6.51 3.43 -6.72
CA GLU A 88 -5.80 4.35 -7.60
C GLU A 88 -4.48 3.74 -8.08
N ILE A 89 -3.54 3.57 -7.17
CA ILE A 89 -2.24 2.99 -7.51
C ILE A 89 -2.39 1.56 -8.01
N LYS A 90 -3.42 0.87 -7.51
CA LYS A 90 -3.67 -0.50 -7.92
C LYS A 90 -3.86 -0.61 -9.43
N LYS A 91 -4.71 0.25 -9.97
CA LYS A 91 -4.99 0.26 -11.40
C LYS A 91 -3.77 0.77 -12.18
N ARG A 92 -3.09 1.76 -11.63
CA ARG A 92 -1.91 2.33 -12.27
C ARG A 92 -0.82 1.28 -12.44
N PHE A 93 -0.81 0.29 -11.55
CA PHE A 93 0.18 -0.77 -11.59
C PHE A 93 -0.22 -1.84 -12.61
N GLN A 94 -1.39 -2.44 -12.40
CA GLN A 94 -1.90 -3.48 -13.29
C GLN A 94 -1.95 -2.98 -14.72
N THR A 95 -2.03 -1.66 -14.89
CA THR A 95 -2.09 -1.05 -16.22
C THR A 95 -0.70 -0.73 -16.74
N THR A 96 0.20 -0.34 -15.84
CA THR A 96 1.56 -0.01 -16.21
C THR A 96 2.47 -1.22 -16.12
N TYR A 97 2.67 -1.72 -14.90
CA TYR A 97 3.51 -2.88 -14.69
C TYR A 97 2.68 -4.09 -14.27
N GLY A 98 1.50 -4.21 -14.87
CA GLY A 98 0.63 -5.34 -14.55
C GLY A 98 1.14 -6.64 -15.12
N SER A 99 1.16 -6.74 -16.45
CA SER A 99 1.63 -7.95 -17.11
C SER A 99 2.93 -8.45 -16.48
N ARG A 100 3.95 -7.61 -16.49
CA ARG A 100 5.24 -7.96 -15.93
C ARG A 100 5.09 -8.47 -14.51
N ALA A 101 4.15 -7.88 -13.76
CA ALA A 101 3.91 -8.28 -12.39
C ALA A 101 3.86 -9.80 -12.24
N GLN A 102 3.45 -10.47 -13.32
CA GLN A 102 3.37 -11.93 -13.31
C GLN A 102 4.63 -12.55 -13.91
N THR A 103 5.27 -11.81 -14.82
CA THR A 103 6.48 -12.30 -15.46
C THR A 103 7.68 -11.43 -15.09
N ALA A 104 7.74 -11.01 -13.84
CA ALA A 104 8.84 -10.17 -13.36
C ALA A 104 9.24 -10.56 -11.94
N PRO A 105 10.51 -10.30 -11.59
CA PRO A 105 11.05 -10.61 -10.26
C PRO A 105 10.46 -9.71 -9.18
N PRO A 106 10.74 -10.05 -7.91
CA PRO A 106 10.24 -9.28 -6.76
C PRO A 106 10.92 -7.93 -6.64
N TYR A 107 12.02 -7.75 -7.36
CA TYR A 107 12.76 -6.49 -7.34
C TYR A 107 13.15 -6.06 -8.75
N ALA A 108 12.14 -5.73 -9.56
CA ALA A 108 12.37 -5.30 -10.93
C ALA A 108 11.87 -3.86 -11.15
N MET A 109 10.60 -3.65 -10.84
CA MET A 109 10.00 -2.32 -11.00
C MET A 109 9.87 -1.62 -9.65
N ASN A 110 10.84 -1.84 -8.78
CA ASN A 110 10.84 -1.21 -7.46
C ASN A 110 11.14 0.28 -7.55
N SER A 111 12.24 0.61 -8.24
CA SER A 111 12.64 2.00 -8.40
C SER A 111 11.53 2.82 -9.07
N GLU A 112 11.08 2.35 -10.23
CA GLU A 112 10.03 3.04 -10.96
C GLU A 112 8.82 3.28 -10.07
N PHE A 113 8.29 2.22 -9.50
CA PHE A 113 7.13 2.31 -8.62
C PHE A 113 7.44 3.14 -7.38
N SER A 114 8.69 3.07 -6.92
CA SER A 114 9.12 3.81 -5.74
C SER A 114 8.83 5.30 -5.92
N SER A 115 9.25 5.85 -7.05
CA SER A 115 9.04 7.28 -7.33
C SER A 115 7.56 7.57 -7.53
N VAL A 116 6.90 6.76 -8.34
CA VAL A 116 5.47 6.93 -8.62
C VAL A 116 4.67 6.95 -7.33
N LEU A 117 4.75 5.86 -6.57
CA LEU A 117 4.02 5.74 -5.32
C LEU A 117 4.27 6.96 -4.43
N ALA A 118 5.54 7.31 -4.25
CA ALA A 118 5.91 8.45 -3.42
C ALA A 118 5.08 9.68 -3.79
N ALA A 119 4.95 9.93 -5.09
CA ALA A 119 4.19 11.08 -5.57
C ALA A 119 2.72 10.96 -5.19
N GLN A 120 2.19 9.74 -5.25
CA GLN A 120 0.80 9.50 -4.91
C GLN A 120 0.54 9.76 -3.42
N LEU A 121 1.49 9.34 -2.58
CA LEU A 121 1.37 9.53 -1.15
C LEU A 121 1.44 11.01 -0.78
N LYS A 122 2.50 11.68 -1.24
CA LYS A 122 2.68 13.10 -0.97
C LYS A 122 1.50 13.91 -1.49
N HIS A 123 1.22 13.75 -2.78
CA HIS A 123 0.11 14.47 -3.41
C HIS A 123 -1.16 14.34 -2.58
N HIS A 124 -1.64 13.11 -2.41
CA HIS A 124 -2.85 12.86 -1.63
C HIS A 124 -2.82 13.63 -0.32
N SER A 125 -1.78 13.39 0.48
CA SER A 125 -1.64 14.06 1.77
C SER A 125 -1.08 15.47 1.59
N SER A 126 -0.80 16.13 2.71
CA SER A 126 -0.27 17.49 2.68
C SER A 126 1.24 17.48 2.86
N GLY A 127 1.70 16.72 3.85
CA GLY A 127 3.13 16.63 4.11
C GLY A 127 3.44 16.41 5.58
N PRO A 128 3.36 15.15 6.02
CA PRO A 128 3.62 14.77 7.41
C PRO A 128 5.10 14.90 7.77
N SER A 129 5.45 16.03 8.39
CA SER A 129 6.83 16.29 8.79
C SER A 129 7.80 15.74 7.75
N SER A 130 7.54 16.03 6.48
CA SER A 130 8.39 15.58 5.40
C SER A 130 9.85 15.98 5.63
N GLY A 131 10.06 17.27 5.88
CA GLY A 131 11.40 17.77 6.11
C GLY A 131 12.20 17.92 4.84
N GLY A 1 -12.82 26.42 9.42
CA GLY A 1 -11.78 25.79 8.60
C GLY A 1 -11.43 24.41 9.10
N SER A 2 -10.52 24.34 10.06
CA SER A 2 -10.08 23.06 10.61
C SER A 2 -11.06 22.55 11.67
N SER A 3 -12.36 22.65 11.35
CA SER A 3 -13.40 22.20 12.26
C SER A 3 -13.82 20.76 11.96
N GLY A 4 -13.79 19.92 12.99
CA GLY A 4 -14.17 18.53 12.80
C GLY A 4 -13.14 17.57 13.36
N SER A 5 -12.46 16.85 12.47
CA SER A 5 -11.45 15.89 12.88
C SER A 5 -10.42 15.69 11.78
N SER A 6 -9.17 15.46 12.18
CA SER A 6 -8.08 15.26 11.23
C SER A 6 -7.02 14.33 11.80
N GLY A 7 -6.18 13.79 10.92
CA GLY A 7 -5.14 12.88 11.37
C GLY A 7 -4.14 12.56 10.26
N MET A 8 -3.33 11.54 10.48
CA MET A 8 -2.32 11.13 9.50
C MET A 8 -2.93 10.21 8.45
N ALA A 9 -2.66 10.49 7.19
CA ALA A 9 -3.18 9.67 6.10
C ALA A 9 -2.28 8.47 5.82
N ILE A 10 -2.63 7.69 4.81
CA ILE A 10 -1.86 6.51 4.45
C ILE A 10 -0.37 6.77 4.56
N LEU A 11 0.33 5.90 5.29
CA LEU A 11 1.77 6.05 5.47
C LEU A 11 2.51 4.92 4.77
N PHE A 12 2.02 3.70 4.92
CA PHE A 12 2.64 2.54 4.31
C PHE A 12 1.76 1.98 3.19
N ALA A 13 2.39 1.64 2.06
CA ALA A 13 1.66 1.11 0.91
C ALA A 13 2.61 0.37 -0.03
N VAL A 14 2.40 -0.94 -0.17
CA VAL A 14 3.22 -1.76 -1.03
C VAL A 14 2.38 -2.77 -1.80
N VAL A 15 2.94 -3.29 -2.89
CA VAL A 15 2.24 -4.27 -3.71
C VAL A 15 2.98 -5.61 -3.73
N ALA A 16 2.35 -6.64 -3.17
CA ALA A 16 2.96 -7.96 -3.13
C ALA A 16 1.94 -9.04 -3.52
N ARG A 17 2.31 -9.85 -4.50
CA ARG A 17 1.43 -10.92 -4.98
C ARG A 17 1.53 -12.15 -4.08
N GLY A 18 0.61 -12.25 -3.13
CA GLY A 18 0.61 -13.39 -2.22
C GLY A 18 1.69 -13.28 -1.17
N THR A 19 2.88 -13.78 -1.50
CA THR A 19 4.00 -13.74 -0.57
C THR A 19 5.26 -13.20 -1.25
N THR A 20 5.07 -12.38 -2.27
CA THR A 20 6.19 -11.79 -3.01
C THR A 20 6.00 -10.29 -3.19
N ILE A 21 7.02 -9.53 -2.79
CA ILE A 21 6.97 -8.07 -2.91
C ILE A 21 7.65 -7.61 -4.19
N LEU A 22 6.86 -7.16 -5.15
CA LEU A 22 7.39 -6.68 -6.42
C LEU A 22 7.81 -5.22 -6.32
N ALA A 23 7.08 -4.45 -5.52
CA ALA A 23 7.41 -3.04 -5.33
C ALA A 23 6.92 -2.55 -3.96
N LYS A 24 7.85 -2.03 -3.16
CA LYS A 24 7.53 -1.53 -1.84
C LYS A 24 8.09 -0.13 -1.63
N HIS A 25 7.27 0.76 -1.08
CA HIS A 25 7.68 2.14 -0.83
C HIS A 25 6.90 2.74 0.33
N ALA A 26 7.57 2.92 1.47
CA ALA A 26 6.94 3.49 2.65
C ALA A 26 7.68 4.72 3.13
N TRP A 27 7.06 5.48 4.02
CA TRP A 27 7.67 6.69 4.56
C TRP A 27 8.80 6.35 5.53
N CYS A 28 9.75 7.26 5.66
CA CYS A 28 10.88 7.04 6.56
C CYS A 28 10.47 7.22 8.02
N GLY A 29 10.37 6.11 8.74
CA GLY A 29 9.98 6.17 10.13
C GLY A 29 9.25 4.92 10.58
N GLY A 30 9.99 3.96 11.12
CA GLY A 30 9.39 2.72 11.58
C GLY A 30 9.48 1.61 10.55
N ASN A 31 9.38 0.37 11.01
CA ASN A 31 9.46 -0.78 10.12
C ASN A 31 8.09 -1.45 9.96
N PHE A 32 7.52 -1.33 8.76
CA PHE A 32 6.22 -1.92 8.48
C PHE A 32 6.36 -3.18 7.65
N LEU A 33 7.27 -3.15 6.68
CA LEU A 33 7.50 -4.29 5.81
C LEU A 33 7.39 -5.60 6.59
N GLU A 34 7.80 -5.57 7.85
CA GLU A 34 7.74 -6.75 8.70
C GLU A 34 6.31 -7.25 8.84
N VAL A 35 5.47 -6.46 9.52
CA VAL A 35 4.08 -6.82 9.73
C VAL A 35 3.36 -7.06 8.40
N THR A 36 3.72 -6.26 7.39
CA THR A 36 3.12 -6.37 6.08
C THR A 36 3.39 -7.74 5.47
N GLU A 37 4.55 -8.31 5.78
CA GLU A 37 4.93 -9.62 5.27
C GLU A 37 4.15 -10.72 5.97
N GLN A 38 4.27 -10.78 7.30
CA GLN A 38 3.58 -11.79 8.08
C GLN A 38 2.11 -11.88 7.69
N ILE A 39 1.52 -10.73 7.38
CA ILE A 39 0.12 -10.69 6.98
C ILE A 39 -0.07 -11.24 5.58
N LEU A 40 0.78 -10.81 4.65
CA LEU A 40 0.70 -11.26 3.27
C LEU A 40 0.61 -12.79 3.20
N ALA A 41 1.49 -13.46 3.93
CA ALA A 41 1.50 -14.92 3.95
C ALA A 41 0.15 -15.47 4.39
N LYS A 42 -0.64 -14.64 5.05
CA LYS A 42 -1.96 -15.04 5.52
C LYS A 42 -3.05 -14.59 4.55
N ILE A 43 -2.81 -13.46 3.90
CA ILE A 43 -3.77 -12.91 2.94
C ILE A 43 -3.90 -13.82 1.72
N PRO A 44 -5.16 -14.17 1.38
CA PRO A 44 -5.45 -15.04 0.24
C PRO A 44 -5.18 -14.35 -1.10
N SER A 45 -5.32 -15.10 -2.18
CA SER A 45 -5.08 -14.56 -3.51
C SER A 45 -6.35 -14.62 -4.35
N GLU A 46 -7.49 -14.71 -3.68
CA GLU A 46 -8.78 -14.78 -4.37
C GLU A 46 -9.34 -13.38 -4.62
N ASN A 47 -10.06 -13.24 -5.73
CA ASN A 47 -10.64 -11.95 -6.10
C ASN A 47 -11.68 -11.51 -5.06
N ASN A 48 -11.19 -10.91 -3.98
CA ASN A 48 -12.08 -10.44 -2.90
C ASN A 48 -11.28 -9.69 -1.84
N LYS A 49 -11.68 -8.46 -1.56
CA LYS A 49 -11.02 -7.65 -0.56
C LYS A 49 -11.68 -7.81 0.80
N LEU A 50 -10.91 -7.58 1.86
CA LEU A 50 -11.42 -7.70 3.22
C LEU A 50 -10.78 -6.66 4.13
N THR A 51 -11.53 -6.21 5.14
CA THR A 51 -11.04 -5.22 6.08
C THR A 51 -10.33 -5.89 7.26
N TYR A 52 -9.00 -5.83 7.27
CA TYR A 52 -8.21 -6.43 8.34
C TYR A 52 -7.68 -5.36 9.28
N SER A 53 -8.02 -5.49 10.56
CA SER A 53 -7.59 -4.54 11.57
C SER A 53 -6.40 -5.08 12.36
N HIS A 54 -5.40 -4.25 12.57
CA HIS A 54 -4.21 -4.65 13.31
C HIS A 54 -4.01 -3.76 14.53
N GLY A 55 -4.47 -4.22 15.69
CA GLY A 55 -4.34 -3.47 16.91
C GLY A 55 -4.85 -2.04 16.77
N ASN A 56 -3.96 -1.07 16.92
CA ASN A 56 -4.33 0.33 16.80
C ASN A 56 -4.36 0.77 15.34
N TYR A 57 -3.58 0.10 14.52
CA TYR A 57 -3.50 0.43 13.09
C TYR A 57 -4.43 -0.47 12.28
N LEU A 58 -4.90 0.04 11.15
CA LEU A 58 -5.81 -0.71 10.28
C LEU A 58 -5.07 -1.21 9.04
N PHE A 59 -5.54 -2.33 8.50
CA PHE A 59 -4.92 -2.92 7.32
C PHE A 59 -5.97 -3.15 6.23
N HIS A 60 -5.74 -2.57 5.05
CA HIS A 60 -6.67 -2.71 3.94
C HIS A 60 -5.97 -3.34 2.74
N TYR A 61 -6.43 -4.53 2.35
CA TYR A 61 -5.84 -5.25 1.22
C TYR A 61 -6.91 -5.57 0.17
N ILE A 62 -6.58 -5.32 -1.09
CA ILE A 62 -7.51 -5.58 -2.19
C ILE A 62 -6.91 -6.58 -3.17
N CYS A 63 -7.39 -7.81 -3.12
CA CYS A 63 -6.90 -8.87 -4.01
C CYS A 63 -7.43 -8.66 -5.43
N GLN A 64 -6.52 -8.60 -6.38
CA GLN A 64 -6.90 -8.40 -7.79
C GLN A 64 -5.76 -8.80 -8.71
N ASP A 65 -6.08 -9.60 -9.73
CA ASP A 65 -5.08 -10.04 -10.70
C ASP A 65 -3.91 -10.72 -9.98
N ARG A 66 -4.21 -11.46 -8.92
CA ARG A 66 -3.19 -12.14 -8.15
C ARG A 66 -2.23 -11.15 -7.50
N ILE A 67 -2.75 -9.98 -7.17
CA ILE A 67 -1.95 -8.94 -6.53
C ILE A 67 -2.61 -8.43 -5.25
N VAL A 68 -1.83 -8.35 -4.18
CA VAL A 68 -2.35 -7.88 -2.90
C VAL A 68 -1.76 -6.52 -2.54
N TYR A 69 -2.62 -5.51 -2.45
CA TYR A 69 -2.18 -4.16 -2.12
C TYR A 69 -2.51 -3.82 -0.67
N LEU A 70 -1.52 -3.98 0.21
CA LEU A 70 -1.71 -3.69 1.63
C LEU A 70 -1.21 -2.30 1.96
N CYS A 71 -1.90 -1.63 2.88
CA CYS A 71 -1.52 -0.29 3.31
C CYS A 71 -1.97 -0.02 4.74
N ILE A 72 -1.06 0.51 5.55
CA ILE A 72 -1.36 0.82 6.94
C ILE A 72 -1.83 2.26 7.10
N THR A 73 -2.95 2.44 7.80
CA THR A 73 -3.50 3.78 8.03
C THR A 73 -3.89 3.97 9.48
N ASP A 74 -3.87 5.21 9.94
CA ASP A 74 -4.23 5.53 11.32
C ASP A 74 -5.68 5.17 11.59
N ASP A 75 -5.95 4.67 12.80
CA ASP A 75 -7.30 4.29 13.18
C ASP A 75 -8.31 5.35 12.76
N ASP A 76 -8.06 6.59 13.17
CA ASP A 76 -8.94 7.71 12.83
C ASP A 76 -9.23 7.74 11.34
N PHE A 77 -8.20 7.47 10.54
CA PHE A 77 -8.33 7.49 9.09
C PHE A 77 -9.62 6.80 8.66
N GLU A 78 -10.15 7.21 7.50
CA GLU A 78 -11.38 6.63 6.99
C GLU A 78 -11.09 5.51 5.99
N ARG A 79 -11.88 4.45 6.06
CA ARG A 79 -11.70 3.31 5.16
C ARG A 79 -11.77 3.76 3.70
N SER A 80 -12.86 4.39 3.33
CA SER A 80 -13.06 4.87 1.96
C SER A 80 -11.78 5.47 1.41
N ARG A 81 -11.26 6.48 2.11
CA ARG A 81 -10.03 7.14 1.69
C ARG A 81 -8.94 6.13 1.36
N ALA A 82 -8.72 5.20 2.28
CA ALA A 82 -7.70 4.16 2.09
C ALA A 82 -7.93 3.41 0.78
N PHE A 83 -9.13 2.87 0.60
CA PHE A 83 -9.47 2.12 -0.60
C PHE A 83 -9.26 2.99 -1.84
N ASN A 84 -9.65 4.26 -1.76
CA ASN A 84 -9.50 5.19 -2.87
C ASN A 84 -8.08 5.17 -3.41
N PHE A 85 -7.13 5.57 -2.56
CA PHE A 85 -5.72 5.60 -2.95
C PHE A 85 -5.28 4.26 -3.52
N LEU A 86 -5.53 3.20 -2.77
CA LEU A 86 -5.16 1.85 -3.21
C LEU A 86 -5.64 1.58 -4.63
N ASN A 87 -6.93 1.80 -4.86
CA ASN A 87 -7.51 1.59 -6.18
C ASN A 87 -6.71 2.33 -7.25
N GLU A 88 -6.39 3.58 -6.98
CA GLU A 88 -5.63 4.40 -7.92
C GLU A 88 -4.35 3.69 -8.34
N ILE A 89 -3.44 3.49 -7.40
CA ILE A 89 -2.18 2.82 -7.68
C ILE A 89 -2.41 1.39 -8.14
N LYS A 90 -3.53 0.81 -7.73
CA LYS A 90 -3.87 -0.56 -8.11
C LYS A 90 -3.93 -0.71 -9.62
N LYS A 91 -4.91 -0.05 -10.23
CA LYS A 91 -5.07 -0.11 -11.69
C LYS A 91 -3.82 0.40 -12.40
N ARG A 92 -3.23 1.46 -11.86
CA ARG A 92 -2.03 2.04 -12.44
C ARG A 92 -0.94 0.99 -12.62
N PHE A 93 -0.80 0.11 -11.62
CA PHE A 93 0.20 -0.94 -11.67
C PHE A 93 -0.22 -2.04 -12.63
N GLN A 94 -1.51 -2.36 -12.63
CA GLN A 94 -2.04 -3.40 -13.50
C GLN A 94 -2.02 -2.95 -14.96
N THR A 95 -2.10 -1.64 -15.18
CA THR A 95 -2.09 -1.09 -16.52
C THR A 95 -0.67 -0.69 -16.95
N THR A 96 0.15 -0.34 -15.97
CA THR A 96 1.53 0.05 -16.25
C THR A 96 2.46 -1.16 -16.24
N TYR A 97 2.60 -1.79 -15.08
CA TYR A 97 3.46 -2.95 -14.94
C TYR A 97 2.66 -4.17 -14.50
N GLY A 98 1.42 -4.26 -14.96
CA GLY A 98 0.56 -5.38 -14.60
C GLY A 98 1.05 -6.70 -15.17
N SER A 99 1.03 -6.80 -16.50
CA SER A 99 1.47 -8.02 -17.18
C SER A 99 2.77 -8.53 -16.58
N ARG A 100 3.78 -7.66 -16.53
CA ARG A 100 5.07 -8.04 -15.97
C ARG A 100 4.93 -8.57 -14.54
N ALA A 101 4.05 -7.94 -13.77
CA ALA A 101 3.81 -8.34 -12.39
C ALA A 101 3.67 -9.85 -12.28
N GLN A 102 3.20 -10.48 -13.35
CA GLN A 102 3.01 -11.93 -13.38
C GLN A 102 4.28 -12.63 -13.87
N THR A 103 5.08 -11.92 -14.67
CA THR A 103 6.31 -12.48 -15.20
C THR A 103 7.49 -11.55 -14.93
N ALA A 104 7.92 -11.49 -13.68
CA ALA A 104 9.04 -10.65 -13.29
C ALA A 104 9.43 -10.88 -11.83
N PRO A 105 10.68 -10.54 -11.49
CA PRO A 105 11.20 -10.71 -10.14
C PRO A 105 10.57 -9.74 -9.15
N PRO A 106 10.84 -9.96 -7.85
CA PRO A 106 10.29 -9.11 -6.78
C PRO A 106 10.93 -7.72 -6.77
N TYR A 107 12.11 -7.61 -7.36
CA TYR A 107 12.82 -6.33 -7.42
C TYR A 107 13.07 -5.92 -8.85
N ALA A 108 12.03 -5.97 -9.68
CA ALA A 108 12.14 -5.59 -11.08
C ALA A 108 11.60 -4.18 -11.33
N MET A 109 10.46 -3.89 -10.72
CA MET A 109 9.85 -2.57 -10.86
C MET A 109 9.65 -1.90 -9.50
N ASN A 110 10.66 -2.01 -8.65
CA ASN A 110 10.60 -1.42 -7.32
C ASN A 110 10.98 0.06 -7.35
N SER A 111 12.03 0.37 -8.11
CA SER A 111 12.50 1.75 -8.23
C SER A 111 11.44 2.63 -8.88
N GLU A 112 11.12 2.32 -10.14
CA GLU A 112 10.11 3.09 -10.87
C GLU A 112 8.85 3.28 -10.04
N PHE A 113 8.29 2.17 -9.57
CA PHE A 113 7.07 2.21 -8.76
C PHE A 113 7.30 3.02 -7.48
N SER A 114 8.38 2.72 -6.77
CA SER A 114 8.70 3.41 -5.54
C SER A 114 8.45 4.91 -5.68
N SER A 115 8.96 5.49 -6.75
CA SER A 115 8.78 6.92 -7.01
C SER A 115 7.33 7.25 -7.27
N VAL A 116 6.70 6.50 -8.15
CA VAL A 116 5.30 6.71 -8.49
C VAL A 116 4.43 6.76 -7.24
N LEU A 117 4.56 5.74 -6.39
CA LEU A 117 3.79 5.67 -5.16
C LEU A 117 4.02 6.92 -4.30
N ALA A 118 5.28 7.25 -4.09
CA ALA A 118 5.64 8.42 -3.29
C ALA A 118 4.80 9.63 -3.69
N ALA A 119 4.72 9.89 -4.99
CA ALA A 119 3.96 11.02 -5.50
C ALA A 119 2.48 10.87 -5.17
N GLN A 120 1.97 9.65 -5.29
CA GLN A 120 0.56 9.38 -5.00
C GLN A 120 0.25 9.64 -3.53
N LEU A 121 1.12 9.14 -2.65
CA LEU A 121 0.93 9.32 -1.22
C LEU A 121 0.99 10.79 -0.84
N LYS A 122 2.14 11.41 -1.10
CA LYS A 122 2.34 12.83 -0.80
C LYS A 122 1.12 13.65 -1.19
N HIS A 123 0.60 13.38 -2.39
CA HIS A 123 -0.56 14.10 -2.89
C HIS A 123 -1.77 13.87 -1.99
N HIS A 124 -2.10 12.59 -1.76
CA HIS A 124 -3.23 12.23 -0.92
C HIS A 124 -3.03 12.75 0.50
N SER A 125 -2.00 12.25 1.17
CA SER A 125 -1.70 12.64 2.53
C SER A 125 -1.44 14.15 2.62
N SER A 126 -1.75 14.73 3.77
CA SER A 126 -1.55 16.16 3.98
C SER A 126 -0.37 16.42 4.89
N GLY A 127 0.78 16.76 4.29
CA GLY A 127 1.97 17.03 5.07
C GLY A 127 3.11 17.56 4.22
N PRO A 128 3.57 16.75 3.26
CA PRO A 128 4.66 17.12 2.36
C PRO A 128 4.26 18.21 1.37
N SER A 129 3.00 18.17 0.95
CA SER A 129 2.49 19.16 0.00
C SER A 129 3.13 20.53 0.24
N SER A 130 3.78 21.06 -0.79
CA SER A 130 4.43 22.35 -0.68
C SER A 130 3.48 23.40 -0.12
N GLY A 131 4.02 24.32 0.67
CA GLY A 131 3.21 25.37 1.26
C GLY A 131 3.70 25.77 2.64
N GLY A 1 -11.58 25.57 -2.20
CA GLY A 1 -11.19 25.81 -0.82
C GLY A 1 -11.14 24.53 0.00
N SER A 2 -10.26 24.50 0.99
CA SER A 2 -10.11 23.33 1.85
C SER A 2 -10.33 23.68 3.31
N SER A 3 -11.46 23.25 3.85
CA SER A 3 -11.79 23.52 5.25
C SER A 3 -11.61 22.28 6.10
N GLY A 4 -10.52 21.55 5.86
CA GLY A 4 -10.25 20.35 6.63
C GLY A 4 -8.77 20.07 6.76
N SER A 5 -8.13 20.69 7.74
CA SER A 5 -6.69 20.51 7.97
C SER A 5 -6.30 19.04 7.82
N SER A 6 -5.09 18.80 7.31
CA SER A 6 -4.61 17.45 7.12
C SER A 6 -4.23 16.81 8.44
N GLY A 7 -4.98 15.78 8.84
CA GLY A 7 -4.70 15.10 10.09
C GLY A 7 -3.92 13.81 9.89
N MET A 8 -4.64 12.74 9.52
CA MET A 8 -4.00 11.45 9.31
C MET A 8 -4.14 11.01 7.85
N ALA A 9 -3.11 10.34 7.34
CA ALA A 9 -3.13 9.88 5.96
C ALA A 9 -2.33 8.58 5.81
N ILE A 10 -2.38 8.00 4.62
CA ILE A 10 -1.66 6.75 4.35
C ILE A 10 -0.16 6.93 4.56
N LEU A 11 0.46 5.93 5.18
CA LEU A 11 1.89 5.97 5.44
C LEU A 11 2.62 4.81 4.77
N PHE A 12 2.05 3.61 4.91
CA PHE A 12 2.64 2.41 4.32
C PHE A 12 1.79 1.93 3.14
N ALA A 13 2.45 1.66 2.01
CA ALA A 13 1.76 1.19 0.82
C ALA A 13 2.72 0.44 -0.10
N VAL A 14 2.50 -0.86 -0.26
CA VAL A 14 3.33 -1.69 -1.11
C VAL A 14 2.50 -2.70 -1.89
N VAL A 15 2.99 -3.10 -3.05
CA VAL A 15 2.30 -4.07 -3.90
C VAL A 15 3.02 -5.41 -3.90
N ALA A 16 2.34 -6.44 -3.41
CA ALA A 16 2.92 -7.78 -3.37
C ALA A 16 1.90 -8.83 -3.79
N ARG A 17 2.34 -9.79 -4.60
CA ARG A 17 1.47 -10.85 -5.07
C ARG A 17 1.53 -12.06 -4.15
N GLY A 18 0.51 -12.19 -3.29
CA GLY A 18 0.47 -13.31 -2.36
C GLY A 18 1.48 -13.17 -1.25
N THR A 19 2.69 -13.65 -1.48
CA THR A 19 3.75 -13.58 -0.49
C THR A 19 5.00 -12.91 -1.06
N THR A 20 5.04 -12.76 -2.37
CA THR A 20 6.17 -12.13 -3.04
C THR A 20 5.95 -10.63 -3.20
N ILE A 21 6.97 -9.85 -2.87
CA ILE A 21 6.89 -8.40 -2.97
C ILE A 21 7.61 -7.89 -4.22
N LEU A 22 6.87 -7.20 -5.08
CA LEU A 22 7.43 -6.67 -6.32
C LEU A 22 8.02 -5.28 -6.09
N ALA A 23 7.16 -4.33 -5.76
CA ALA A 23 7.59 -2.95 -5.51
C ALA A 23 7.10 -2.46 -4.15
N LYS A 24 8.04 -2.10 -3.28
CA LYS A 24 7.70 -1.60 -1.95
C LYS A 24 8.19 -0.17 -1.76
N HIS A 25 7.38 0.64 -1.08
CA HIS A 25 7.72 2.04 -0.83
C HIS A 25 6.91 2.59 0.34
N ALA A 26 7.58 2.82 1.46
CA ALA A 26 6.92 3.36 2.65
C ALA A 26 7.75 4.47 3.28
N TRP A 27 7.13 5.23 4.17
CA TRP A 27 7.81 6.32 4.85
C TRP A 27 8.77 5.80 5.91
N CYS A 28 9.87 6.52 6.12
CA CYS A 28 10.87 6.13 7.11
C CYS A 28 10.38 6.40 8.52
N GLY A 29 10.48 5.40 9.38
CA GLY A 29 10.04 5.56 10.77
C GLY A 29 9.21 4.38 11.25
N GLY A 30 9.89 3.41 11.86
CA GLY A 30 9.20 2.23 12.37
C GLY A 30 9.30 1.05 11.42
N ASN A 31 9.16 -0.14 11.97
CA ASN A 31 9.24 -1.37 11.17
C ASN A 31 7.85 -1.87 10.79
N PHE A 32 7.45 -1.61 9.56
CA PHE A 32 6.14 -2.04 9.08
C PHE A 32 6.26 -3.27 8.20
N LEU A 33 7.30 -3.30 7.38
CA LEU A 33 7.53 -4.42 6.47
C LEU A 33 7.38 -5.76 7.21
N GLU A 34 7.57 -5.72 8.53
CA GLU A 34 7.45 -6.92 9.34
C GLU A 34 6.00 -7.37 9.45
N VAL A 35 5.16 -6.51 10.04
CA VAL A 35 3.74 -6.82 10.20
C VAL A 35 3.08 -7.09 8.85
N THR A 36 3.55 -6.39 7.82
CA THR A 36 3.00 -6.55 6.48
C THR A 36 3.25 -7.96 5.95
N GLU A 37 4.53 -8.35 5.93
CA GLU A 37 4.91 -9.67 5.44
C GLU A 37 4.11 -10.77 6.15
N GLN A 38 3.98 -10.63 7.46
CA GLN A 38 3.25 -11.61 8.27
C GLN A 38 1.81 -11.73 7.77
N ILE A 39 1.17 -10.60 7.55
CA ILE A 39 -0.21 -10.58 7.07
C ILE A 39 -0.32 -11.15 5.67
N LEU A 40 0.63 -10.80 4.81
CA LEU A 40 0.64 -11.28 3.43
C LEU A 40 0.53 -12.81 3.39
N ALA A 41 1.40 -13.48 4.15
CA ALA A 41 1.39 -14.94 4.20
C ALA A 41 0.01 -15.47 4.59
N LYS A 42 -0.83 -14.59 5.10
CA LYS A 42 -2.18 -14.96 5.52
C LYS A 42 -3.21 -14.54 4.48
N ILE A 43 -2.92 -13.43 3.79
CA ILE A 43 -3.83 -12.93 2.76
C ILE A 43 -3.92 -13.89 1.58
N PRO A 44 -5.16 -14.24 1.19
CA PRO A 44 -5.41 -15.14 0.08
C PRO A 44 -5.05 -14.53 -1.27
N SER A 45 -5.34 -15.26 -2.35
CA SER A 45 -5.04 -14.78 -3.69
C SER A 45 -6.28 -14.88 -4.58
N GLU A 46 -7.45 -14.88 -3.95
CA GLU A 46 -8.72 -14.96 -4.69
C GLU A 46 -9.36 -13.58 -4.82
N ASN A 47 -10.13 -13.40 -5.88
CA ASN A 47 -10.81 -12.12 -6.12
C ASN A 47 -11.73 -11.77 -4.95
N ASN A 48 -11.19 -11.05 -3.98
CA ASN A 48 -11.96 -10.64 -2.81
C ASN A 48 -11.16 -9.69 -1.93
N LYS A 49 -11.84 -9.02 -1.01
CA LYS A 49 -11.20 -8.08 -0.11
C LYS A 49 -11.82 -8.14 1.29
N LEU A 50 -11.04 -7.78 2.29
CA LEU A 50 -11.52 -7.79 3.68
C LEU A 50 -10.79 -6.75 4.52
N THR A 51 -11.51 -6.13 5.44
CA THR A 51 -10.93 -5.11 6.31
C THR A 51 -10.26 -5.74 7.53
N TYR A 52 -8.94 -5.64 7.58
CA TYR A 52 -8.18 -6.21 8.69
C TYR A 52 -7.75 -5.12 9.67
N SER A 53 -8.17 -5.27 10.93
CA SER A 53 -7.84 -4.30 11.96
C SER A 53 -6.68 -4.80 12.83
N HIS A 54 -5.49 -4.28 12.58
CA HIS A 54 -4.31 -4.66 13.34
C HIS A 54 -3.82 -3.52 14.22
N GLY A 55 -3.68 -3.80 15.52
CA GLY A 55 -3.23 -2.80 16.45
C GLY A 55 -3.93 -1.46 16.24
N ASN A 56 -3.23 -0.38 16.57
CA ASN A 56 -3.79 0.96 16.41
C ASN A 56 -3.67 1.45 14.98
N TYR A 57 -3.91 0.56 14.03
CA TYR A 57 -3.82 0.90 12.61
C TYR A 57 -4.72 0.00 11.78
N LEU A 58 -5.21 0.53 10.67
CA LEU A 58 -6.08 -0.23 9.78
C LEU A 58 -5.28 -0.89 8.66
N PHE A 59 -5.67 -2.12 8.31
CA PHE A 59 -4.98 -2.86 7.27
C PHE A 59 -5.95 -3.22 6.14
N HIS A 60 -5.99 -2.38 5.12
CA HIS A 60 -6.87 -2.61 3.98
C HIS A 60 -6.10 -3.22 2.82
N TYR A 61 -6.48 -4.45 2.45
CA TYR A 61 -5.82 -5.16 1.37
C TYR A 61 -6.81 -5.49 0.25
N ILE A 62 -6.33 -5.44 -0.98
CA ILE A 62 -7.17 -5.72 -2.14
C ILE A 62 -6.53 -6.77 -3.04
N CYS A 63 -7.35 -7.66 -3.58
CA CYS A 63 -6.86 -8.71 -4.47
C CYS A 63 -7.26 -8.44 -5.91
N GLN A 64 -6.31 -8.63 -6.82
CA GLN A 64 -6.56 -8.39 -8.24
C GLN A 64 -5.39 -8.89 -9.09
N ASP A 65 -5.70 -9.70 -10.09
CA ASP A 65 -4.69 -10.25 -10.98
C ASP A 65 -3.57 -10.91 -10.17
N ARG A 66 -3.93 -11.56 -9.08
CA ARG A 66 -2.96 -12.23 -8.23
C ARG A 66 -2.02 -11.21 -7.57
N ILE A 67 -2.52 -9.99 -7.41
CA ILE A 67 -1.72 -8.93 -6.80
C ILE A 67 -2.41 -8.38 -5.56
N VAL A 68 -1.71 -8.45 -4.42
CA VAL A 68 -2.25 -7.95 -3.17
C VAL A 68 -1.70 -6.58 -2.83
N TYR A 69 -2.59 -5.63 -2.56
CA TYR A 69 -2.17 -4.28 -2.23
C TYR A 69 -2.55 -3.93 -0.79
N LEU A 70 -1.56 -4.03 0.10
CA LEU A 70 -1.78 -3.72 1.52
C LEU A 70 -1.26 -2.33 1.86
N CYS A 71 -1.91 -1.69 2.83
CA CYS A 71 -1.51 -0.36 3.26
C CYS A 71 -1.87 -0.13 4.73
N ILE A 72 -0.96 0.52 5.46
CA ILE A 72 -1.18 0.80 6.87
C ILE A 72 -1.58 2.25 7.09
N THR A 73 -2.67 2.45 7.82
CA THR A 73 -3.18 3.79 8.11
C THR A 73 -3.66 3.91 9.54
N ASP A 74 -4.05 5.11 9.94
CA ASP A 74 -4.55 5.35 11.29
C ASP A 74 -6.05 5.11 11.38
N ASP A 75 -6.48 4.50 12.47
CA ASP A 75 -7.90 4.20 12.68
C ASP A 75 -8.76 5.35 12.16
N ASP A 76 -8.44 6.57 12.57
CA ASP A 76 -9.19 7.75 12.15
C ASP A 76 -9.40 7.74 10.64
N PHE A 77 -8.34 7.45 9.89
CA PHE A 77 -8.41 7.41 8.44
C PHE A 77 -9.51 6.47 7.97
N GLU A 78 -10.66 7.04 7.62
CA GLU A 78 -11.79 6.25 7.15
C GLU A 78 -11.35 5.21 6.13
N ARG A 79 -11.70 3.95 6.38
CA ARG A 79 -11.34 2.86 5.48
C ARG A 79 -11.56 3.27 4.02
N SER A 80 -12.67 3.95 3.77
CA SER A 80 -13.00 4.39 2.41
C SER A 80 -11.81 5.08 1.76
N ARG A 81 -11.37 6.18 2.36
CA ARG A 81 -10.24 6.94 1.84
C ARG A 81 -9.08 6.01 1.46
N ALA A 82 -8.74 5.11 2.37
CA ALA A 82 -7.66 4.16 2.13
C ALA A 82 -7.92 3.33 0.87
N PHE A 83 -9.14 2.82 0.74
CA PHE A 83 -9.51 2.01 -0.41
C PHE A 83 -9.39 2.83 -1.70
N ASN A 84 -9.78 4.09 -1.63
CA ASN A 84 -9.72 4.98 -2.79
C ASN A 84 -8.30 5.05 -3.34
N PHE A 85 -7.37 5.48 -2.50
CA PHE A 85 -5.96 5.59 -2.91
C PHE A 85 -5.45 4.26 -3.47
N LEU A 86 -5.64 3.19 -2.72
CA LEU A 86 -5.20 1.87 -3.15
C LEU A 86 -5.70 1.56 -4.55
N ASN A 87 -6.97 1.85 -4.79
CA ASN A 87 -7.58 1.59 -6.10
C ASN A 87 -6.86 2.36 -7.20
N GLU A 88 -6.48 3.61 -6.90
CA GLU A 88 -5.78 4.45 -7.85
C GLU A 88 -4.48 3.80 -8.30
N ILE A 89 -3.56 3.60 -7.34
CA ILE A 89 -2.28 3.00 -7.63
C ILE A 89 -2.44 1.55 -8.12
N LYS A 90 -3.46 0.87 -7.60
CA LYS A 90 -3.74 -0.50 -7.98
C LYS A 90 -4.04 -0.61 -9.48
N LYS A 91 -4.94 0.24 -9.95
CA LYS A 91 -5.31 0.25 -11.36
C LYS A 91 -4.14 0.70 -12.23
N ARG A 92 -3.31 1.58 -11.68
CA ARG A 92 -2.16 2.10 -12.41
C ARG A 92 -1.10 1.01 -12.58
N PHE A 93 -0.81 0.30 -11.50
CA PHE A 93 0.18 -0.76 -11.52
C PHE A 93 -0.27 -1.91 -12.43
N GLN A 94 -1.52 -2.32 -12.27
CA GLN A 94 -2.08 -3.40 -13.07
C GLN A 94 -2.20 -2.99 -14.53
N THR A 95 -2.41 -1.70 -14.77
CA THR A 95 -2.53 -1.18 -16.13
C THR A 95 -1.18 -0.80 -16.70
N THR A 96 -0.22 -0.55 -15.83
CA THR A 96 1.13 -0.18 -16.24
C THR A 96 2.08 -1.37 -16.20
N TYR A 97 2.34 -1.86 -14.99
CA TYR A 97 3.23 -3.01 -14.81
C TYR A 97 2.46 -4.22 -14.30
N GLY A 98 1.22 -4.36 -14.77
CA GLY A 98 0.40 -5.48 -14.34
C GLY A 98 0.79 -6.77 -15.03
N SER A 99 0.64 -6.82 -16.34
CA SER A 99 0.98 -8.01 -17.12
C SER A 99 2.39 -8.49 -16.78
N ARG A 100 3.34 -7.57 -16.73
CA ARG A 100 4.72 -7.90 -16.41
C ARG A 100 4.83 -8.46 -14.99
N ALA A 101 3.99 -7.96 -14.09
CA ALA A 101 3.99 -8.41 -12.71
C ALA A 101 3.84 -9.92 -12.62
N GLN A 102 3.42 -10.53 -13.73
CA GLN A 102 3.24 -11.97 -13.77
C GLN A 102 4.52 -12.69 -14.20
N THR A 103 5.29 -12.02 -15.06
CA THR A 103 6.54 -12.58 -15.55
C THR A 103 7.74 -11.95 -14.85
N ALA A 104 7.93 -10.65 -15.08
CA ALA A 104 9.04 -9.93 -14.47
C ALA A 104 9.35 -10.46 -13.08
N PRO A 105 10.64 -10.54 -12.76
CA PRO A 105 11.11 -11.03 -11.45
C PRO A 105 10.78 -10.08 -10.31
N PRO A 106 10.97 -10.54 -9.08
CA PRO A 106 10.69 -9.74 -7.88
C PRO A 106 11.69 -8.60 -7.70
N TYR A 107 11.21 -7.46 -7.21
CA TYR A 107 12.05 -6.30 -7.00
C TYR A 107 12.68 -5.83 -8.31
N ALA A 108 11.89 -5.86 -9.38
CA ALA A 108 12.37 -5.44 -10.70
C ALA A 108 11.93 -4.01 -11.00
N MET A 109 10.65 -3.74 -10.83
CA MET A 109 10.10 -2.41 -11.09
C MET A 109 9.87 -1.65 -9.79
N ASN A 110 10.81 -1.76 -8.86
CA ASN A 110 10.70 -1.10 -7.57
C ASN A 110 11.11 0.37 -7.68
N SER A 111 12.09 0.64 -8.54
CA SER A 111 12.58 2.00 -8.74
C SER A 111 11.49 2.89 -9.31
N GLU A 112 11.09 2.59 -10.55
CA GLU A 112 10.05 3.37 -11.23
C GLU A 112 8.83 3.54 -10.32
N PHE A 113 8.29 2.42 -9.85
CA PHE A 113 7.12 2.44 -8.99
C PHE A 113 7.40 3.23 -7.72
N SER A 114 8.52 2.93 -7.07
CA SER A 114 8.90 3.62 -5.83
C SER A 114 8.64 5.12 -5.94
N SER A 115 9.10 5.71 -7.02
CA SER A 115 8.92 7.14 -7.25
C SER A 115 7.45 7.48 -7.45
N VAL A 116 6.76 6.69 -8.27
CA VAL A 116 5.35 6.90 -8.54
C VAL A 116 4.54 6.91 -7.25
N LEU A 117 4.64 5.83 -6.48
CA LEU A 117 3.92 5.71 -5.22
C LEU A 117 4.16 6.93 -4.34
N ALA A 118 5.43 7.27 -4.13
CA ALA A 118 5.78 8.42 -3.32
C ALA A 118 4.95 9.64 -3.69
N ALA A 119 4.93 9.96 -4.98
CA ALA A 119 4.17 11.10 -5.46
C ALA A 119 2.70 11.00 -5.09
N GLN A 120 2.16 9.79 -5.17
CA GLN A 120 0.76 9.55 -4.83
C GLN A 120 0.51 9.81 -3.35
N LEU A 121 1.37 9.26 -2.50
CA LEU A 121 1.23 9.43 -1.06
C LEU A 121 1.31 10.91 -0.68
N LYS A 122 2.45 11.53 -0.97
CA LYS A 122 2.65 12.93 -0.66
C LYS A 122 1.48 13.77 -1.16
N HIS A 123 1.03 13.50 -2.38
CA HIS A 123 -0.07 14.23 -2.98
C HIS A 123 -1.32 14.12 -2.09
N HIS A 124 -1.72 12.90 -1.77
CA HIS A 124 -2.89 12.67 -0.94
C HIS A 124 -2.65 13.16 0.48
N SER A 125 -1.72 12.51 1.18
CA SER A 125 -1.40 12.88 2.55
C SER A 125 -1.15 14.38 2.67
N SER A 126 -0.35 14.92 1.76
CA SER A 126 -0.04 16.35 1.76
C SER A 126 0.67 16.74 3.05
N GLY A 127 1.67 15.94 3.44
CA GLY A 127 2.41 16.23 4.65
C GLY A 127 1.90 15.44 5.84
N PRO A 128 2.53 14.29 6.10
CA PRO A 128 2.15 13.41 7.23
C PRO A 128 2.49 14.03 8.58
N SER A 129 1.74 13.64 9.61
CA SER A 129 1.96 14.15 10.95
C SER A 129 1.65 13.08 11.99
N SER A 130 2.52 12.99 13.00
CA SER A 130 2.34 12.01 14.07
C SER A 130 1.29 12.46 15.08
N GLY A 131 1.37 13.75 15.44
CA GLY A 131 0.42 14.29 16.40
C GLY A 131 -0.41 15.41 15.81
N GLY A 1 14.11 23.53 14.40
CA GLY A 1 13.29 22.77 15.34
C GLY A 1 12.37 21.79 14.64
N SER A 2 11.15 21.65 15.18
CA SER A 2 10.18 20.74 14.61
C SER A 2 9.44 21.39 13.44
N SER A 3 8.72 20.57 12.66
CA SER A 3 7.97 21.07 11.52
C SER A 3 6.49 20.75 11.66
N GLY A 4 5.65 21.60 11.06
CA GLY A 4 4.22 21.39 11.13
C GLY A 4 3.68 20.61 9.93
N SER A 5 4.36 19.53 9.57
CA SER A 5 3.95 18.71 8.45
C SER A 5 3.72 17.26 8.87
N SER A 6 2.53 16.99 9.39
CA SER A 6 2.19 15.65 9.85
C SER A 6 0.68 15.55 10.15
N GLY A 7 0.00 14.70 9.39
CA GLY A 7 -1.43 14.52 9.59
C GLY A 7 -1.84 13.06 9.53
N MET A 8 -3.15 12.82 9.53
CA MET A 8 -3.68 11.47 9.48
C MET A 8 -3.91 11.02 8.04
N ALA A 9 -3.01 10.21 7.51
CA ALA A 9 -3.12 9.72 6.15
C ALA A 9 -2.22 8.49 5.93
N ILE A 10 -2.49 7.76 4.86
CA ILE A 10 -1.71 6.58 4.53
C ILE A 10 -0.21 6.85 4.69
N LEU A 11 0.50 5.88 5.27
CA LEU A 11 1.94 6.01 5.48
C LEU A 11 2.68 4.84 4.84
N PHE A 12 2.08 3.66 4.89
CA PHE A 12 2.69 2.46 4.32
C PHE A 12 1.84 1.90 3.19
N ALA A 13 2.47 1.64 2.06
CA ALA A 13 1.77 1.11 0.90
C ALA A 13 2.73 0.36 -0.03
N VAL A 14 2.55 -0.95 -0.13
CA VAL A 14 3.41 -1.78 -0.97
C VAL A 14 2.58 -2.77 -1.77
N VAL A 15 3.04 -3.10 -2.97
CA VAL A 15 2.34 -4.05 -3.83
C VAL A 15 3.01 -5.42 -3.80
N ALA A 16 2.28 -6.41 -3.29
CA ALA A 16 2.80 -7.77 -3.21
C ALA A 16 1.77 -8.78 -3.68
N ARG A 17 2.22 -9.81 -4.39
CA ARG A 17 1.33 -10.84 -4.89
C ARG A 17 1.46 -12.11 -4.07
N GLY A 18 0.45 -12.39 -3.24
CA GLY A 18 0.46 -13.57 -2.41
C GLY A 18 1.58 -13.54 -1.38
N THR A 19 2.76 -14.00 -1.76
CA THR A 19 3.90 -14.02 -0.85
C THR A 19 5.16 -13.50 -1.54
N THR A 20 4.97 -12.57 -2.47
CA THR A 20 6.08 -11.99 -3.20
C THR A 20 5.92 -10.47 -3.34
N ILE A 21 6.92 -9.74 -2.89
CA ILE A 21 6.90 -8.28 -2.96
C ILE A 21 7.59 -7.77 -4.22
N LEU A 22 6.83 -7.10 -5.07
CA LEU A 22 7.37 -6.56 -6.32
C LEU A 22 7.90 -5.15 -6.12
N ALA A 23 7.09 -4.30 -5.49
CA ALA A 23 7.48 -2.92 -5.23
C ALA A 23 7.00 -2.46 -3.86
N LYS A 24 7.96 -2.16 -2.98
CA LYS A 24 7.63 -1.71 -1.63
C LYS A 24 8.27 -0.34 -1.35
N HIS A 25 7.46 0.58 -0.82
CA HIS A 25 7.94 1.92 -0.51
C HIS A 25 7.04 2.59 0.53
N ALA A 26 7.59 2.80 1.72
CA ALA A 26 6.84 3.44 2.80
C ALA A 26 7.59 4.63 3.38
N TRP A 27 6.89 5.44 4.15
CA TRP A 27 7.50 6.62 4.77
C TRP A 27 8.46 6.21 5.88
N CYS A 28 9.44 7.08 6.16
CA CYS A 28 10.42 6.81 7.20
C CYS A 28 9.81 7.01 8.59
N GLY A 29 9.49 5.90 9.25
CA GLY A 29 8.91 5.97 10.58
C GLY A 29 9.15 4.72 11.40
N GLY A 30 8.71 3.58 10.87
CA GLY A 30 8.89 2.33 11.57
C GLY A 30 9.03 1.15 10.62
N ASN A 31 8.94 -0.06 11.16
CA ASN A 31 9.05 -1.27 10.36
C ASN A 31 7.70 -1.94 10.17
N PHE A 32 7.15 -1.82 8.96
CA PHE A 32 5.86 -2.42 8.65
C PHE A 32 6.02 -3.68 7.80
N LEU A 33 6.95 -3.63 6.86
CA LEU A 33 7.20 -4.76 5.97
C LEU A 33 7.09 -6.08 6.73
N GLU A 34 7.61 -6.10 7.96
CA GLU A 34 7.55 -7.31 8.79
C GLU A 34 6.12 -7.78 8.96
N VAL A 35 5.31 -6.99 9.66
CA VAL A 35 3.91 -7.33 9.89
C VAL A 35 3.18 -7.58 8.59
N THR A 36 3.46 -6.74 7.59
CA THR A 36 2.83 -6.87 6.28
C THR A 36 3.05 -8.25 5.69
N GLU A 37 4.31 -8.65 5.60
CA GLU A 37 4.66 -9.95 5.05
C GLU A 37 3.92 -11.07 5.78
N GLN A 38 4.01 -11.07 7.10
CA GLN A 38 3.35 -12.08 7.92
C GLN A 38 1.88 -12.22 7.52
N ILE A 39 1.24 -11.09 7.25
CA ILE A 39 -0.17 -11.09 6.86
C ILE A 39 -0.34 -11.63 5.44
N LEU A 40 0.56 -11.23 4.55
CA LEU A 40 0.51 -11.67 3.17
C LEU A 40 0.41 -13.19 3.08
N ALA A 41 1.31 -13.87 3.78
CA ALA A 41 1.32 -15.33 3.79
C ALA A 41 -0.05 -15.89 4.17
N LYS A 42 -0.86 -15.07 4.82
CA LYS A 42 -2.19 -15.49 5.24
C LYS A 42 -3.25 -14.96 4.28
N ILE A 43 -2.97 -13.82 3.67
CA ILE A 43 -3.89 -13.21 2.72
C ILE A 43 -4.10 -14.10 1.51
N PRO A 44 -5.38 -14.35 1.17
CA PRO A 44 -5.75 -15.20 0.03
C PRO A 44 -5.43 -14.52 -1.31
N SER A 45 -5.60 -15.28 -2.39
CA SER A 45 -5.34 -14.77 -3.72
C SER A 45 -6.59 -14.82 -4.60
N GLU A 46 -7.74 -14.59 -3.98
CA GLU A 46 -9.01 -14.62 -4.69
C GLU A 46 -9.53 -13.20 -4.92
N ASN A 47 -10.39 -13.05 -5.93
CA ASN A 47 -10.96 -11.74 -6.25
C ASN A 47 -11.88 -11.26 -5.14
N ASN A 48 -11.28 -10.73 -4.08
CA ASN A 48 -12.05 -10.23 -2.94
C ASN A 48 -11.13 -9.57 -1.92
N LYS A 49 -11.64 -8.55 -1.24
CA LYS A 49 -10.89 -7.83 -0.24
C LYS A 49 -11.50 -7.99 1.15
N LEU A 50 -10.72 -7.73 2.18
CA LEU A 50 -11.19 -7.84 3.56
C LEU A 50 -10.54 -6.79 4.45
N THR A 51 -11.30 -6.29 5.42
CA THR A 51 -10.79 -5.28 6.33
C THR A 51 -10.13 -5.93 7.55
N TYR A 52 -8.81 -5.85 7.61
CA TYR A 52 -8.06 -6.42 8.71
C TYR A 52 -7.62 -5.34 9.71
N SER A 53 -8.06 -5.48 10.95
CA SER A 53 -7.72 -4.52 11.99
C SER A 53 -6.57 -5.03 12.85
N HIS A 54 -5.40 -4.41 12.71
CA HIS A 54 -4.23 -4.80 13.47
C HIS A 54 -3.73 -3.64 14.34
N GLY A 55 -3.45 -3.94 15.60
CA GLY A 55 -2.98 -2.92 16.52
C GLY A 55 -3.70 -1.59 16.33
N ASN A 56 -2.97 -0.49 16.54
CA ASN A 56 -3.56 0.84 16.40
C ASN A 56 -3.42 1.33 14.96
N TYR A 57 -3.67 0.44 14.01
CA TYR A 57 -3.57 0.78 12.59
C TYR A 57 -4.50 -0.10 11.76
N LEU A 58 -5.04 0.47 10.69
CA LEU A 58 -5.94 -0.26 9.80
C LEU A 58 -5.17 -0.91 8.65
N PHE A 59 -5.39 -2.20 8.45
CA PHE A 59 -4.72 -2.94 7.39
C PHE A 59 -5.70 -3.28 6.26
N HIS A 60 -5.77 -2.42 5.26
CA HIS A 60 -6.67 -2.63 4.13
C HIS A 60 -5.92 -3.25 2.96
N TYR A 61 -6.25 -4.50 2.64
CA TYR A 61 -5.60 -5.20 1.53
C TYR A 61 -6.61 -5.56 0.45
N ILE A 62 -6.29 -5.21 -0.79
CA ILE A 62 -7.16 -5.48 -1.93
C ILE A 62 -6.60 -6.62 -2.78
N CYS A 63 -7.45 -7.61 -3.06
CA CYS A 63 -7.04 -8.75 -3.87
C CYS A 63 -7.64 -8.67 -5.28
N GLN A 64 -6.78 -8.42 -6.26
CA GLN A 64 -7.23 -8.31 -7.64
C GLN A 64 -6.14 -8.78 -8.60
N ASP A 65 -6.55 -9.37 -9.72
CA ASP A 65 -5.61 -9.85 -10.72
C ASP A 65 -4.50 -10.69 -10.07
N ARG A 66 -4.87 -11.42 -9.01
CA ARG A 66 -3.91 -12.26 -8.30
C ARG A 66 -2.85 -11.42 -7.62
N ILE A 67 -3.22 -10.19 -7.23
CA ILE A 67 -2.30 -9.28 -6.57
C ILE A 67 -2.86 -8.80 -5.25
N VAL A 68 -1.98 -8.54 -4.29
CA VAL A 68 -2.40 -8.07 -2.97
C VAL A 68 -1.74 -6.73 -2.64
N TYR A 69 -2.57 -5.72 -2.39
CA TYR A 69 -2.07 -4.39 -2.05
C TYR A 69 -2.41 -4.01 -0.61
N LEU A 70 -1.45 -4.21 0.28
CA LEU A 70 -1.66 -3.90 1.70
C LEU A 70 -1.16 -2.50 2.02
N CYS A 71 -1.75 -1.88 3.02
CA CYS A 71 -1.37 -0.53 3.44
C CYS A 71 -1.77 -0.26 4.88
N ILE A 72 -0.94 0.50 5.59
CA ILE A 72 -1.21 0.82 6.98
C ILE A 72 -1.59 2.29 7.14
N THR A 73 -2.71 2.54 7.82
CA THR A 73 -3.18 3.89 8.04
C THR A 73 -3.61 4.10 9.49
N ASP A 74 -3.98 5.33 9.82
CA ASP A 74 -4.41 5.66 11.18
C ASP A 74 -5.86 5.24 11.40
N ASP A 75 -6.15 4.78 12.62
CA ASP A 75 -7.51 4.36 12.96
C ASP A 75 -8.54 5.37 12.47
N ASP A 76 -8.37 6.62 12.88
CA ASP A 76 -9.29 7.68 12.47
C ASP A 76 -9.47 7.71 10.96
N PHE A 77 -8.36 7.58 10.24
CA PHE A 77 -8.39 7.59 8.78
C PHE A 77 -9.65 6.92 8.27
N GLU A 78 -10.33 7.59 7.33
CA GLU A 78 -11.56 7.05 6.76
C GLU A 78 -11.26 5.91 5.80
N ARG A 79 -11.91 4.77 6.02
CA ARG A 79 -11.71 3.60 5.18
C ARG A 79 -11.72 3.99 3.69
N SER A 80 -12.83 4.59 3.25
CA SER A 80 -12.96 5.00 1.86
C SER A 80 -11.66 5.60 1.33
N ARG A 81 -11.05 6.46 2.14
CA ARG A 81 -9.80 7.10 1.75
C ARG A 81 -8.74 6.06 1.40
N ALA A 82 -8.40 5.21 2.36
CA ALA A 82 -7.41 4.16 2.15
C ALA A 82 -7.67 3.41 0.85
N PHE A 83 -8.85 2.79 0.76
CA PHE A 83 -9.22 2.03 -0.43
C PHE A 83 -9.07 2.88 -1.68
N ASN A 84 -9.51 4.13 -1.61
CA ASN A 84 -9.42 5.05 -2.75
C ASN A 84 -8.00 5.05 -3.33
N PHE A 85 -7.03 5.46 -2.51
CA PHE A 85 -5.65 5.51 -2.94
C PHE A 85 -5.18 4.14 -3.46
N LEU A 86 -5.43 3.11 -2.67
CA LEU A 86 -5.05 1.75 -3.04
C LEU A 86 -5.52 1.42 -4.45
N ASN A 87 -6.79 1.68 -4.71
CA ASN A 87 -7.37 1.41 -6.02
C ASN A 87 -6.63 2.16 -7.11
N GLU A 88 -6.35 3.44 -6.86
CA GLU A 88 -5.64 4.27 -7.82
C GLU A 88 -4.35 3.60 -8.28
N ILE A 89 -3.40 3.48 -7.37
CA ILE A 89 -2.12 2.87 -7.68
C ILE A 89 -2.31 1.41 -8.13
N LYS A 90 -3.24 0.72 -7.48
CA LYS A 90 -3.51 -0.67 -7.82
C LYS A 90 -3.79 -0.83 -9.31
N LYS A 91 -4.58 0.08 -9.87
CA LYS A 91 -4.91 0.04 -11.29
C LYS A 91 -3.70 0.44 -12.14
N ARG A 92 -2.94 1.42 -11.65
CA ARG A 92 -1.76 1.90 -12.36
C ARG A 92 -0.72 0.78 -12.50
N PHE A 93 -0.61 -0.04 -11.45
CA PHE A 93 0.35 -1.14 -11.44
C PHE A 93 -0.09 -2.25 -12.40
N GLN A 94 -1.32 -2.71 -12.22
CA GLN A 94 -1.87 -3.78 -13.06
C GLN A 94 -2.05 -3.29 -14.50
N THR A 95 -2.17 -1.98 -14.67
CA THR A 95 -2.36 -1.40 -15.98
C THR A 95 -1.01 -1.01 -16.61
N THR A 96 -0.06 -0.65 -15.75
CA THR A 96 1.26 -0.26 -16.23
C THR A 96 2.26 -1.40 -16.08
N TYR A 97 2.54 -1.78 -14.83
CA TYR A 97 3.48 -2.86 -14.56
C TYR A 97 2.74 -4.13 -14.15
N GLY A 98 1.59 -4.37 -14.77
CA GLY A 98 0.79 -5.55 -14.45
C GLY A 98 1.39 -6.81 -15.04
N SER A 99 1.46 -6.87 -16.36
CA SER A 99 2.01 -8.04 -17.05
C SER A 99 3.31 -8.50 -16.39
N ARG A 100 4.24 -7.56 -16.23
CA ARG A 100 5.53 -7.87 -15.62
C ARG A 100 5.34 -8.46 -14.23
N ALA A 101 4.35 -7.95 -13.50
CA ALA A 101 4.07 -8.41 -12.14
C ALA A 101 3.84 -9.92 -12.13
N GLN A 102 3.65 -10.49 -13.31
CA GLN A 102 3.42 -11.93 -13.43
C GLN A 102 4.71 -12.67 -13.73
N THR A 103 5.60 -12.03 -14.47
CA THR A 103 6.88 -12.62 -14.83
C THR A 103 8.04 -11.89 -14.16
N ALA A 104 8.13 -10.58 -14.40
CA ALA A 104 9.19 -9.76 -13.82
C ALA A 104 9.48 -10.19 -12.39
N PRO A 105 10.72 -9.95 -11.94
CA PRO A 105 11.15 -10.31 -10.58
C PRO A 105 10.49 -9.43 -9.52
N PRO A 106 10.67 -9.81 -8.25
CA PRO A 106 10.10 -9.08 -7.11
C PRO A 106 10.77 -7.73 -6.90
N TYR A 107 11.89 -7.51 -7.59
CA TYR A 107 12.64 -6.27 -7.47
C TYR A 107 12.98 -5.71 -8.85
N ALA A 108 11.99 -5.64 -9.73
CA ALA A 108 12.19 -5.12 -11.08
C ALA A 108 11.69 -3.68 -11.19
N MET A 109 10.46 -3.45 -10.72
CA MET A 109 9.88 -2.12 -10.78
C MET A 109 9.87 -1.47 -9.40
N ASN A 110 11.04 -1.41 -8.77
CA ASN A 110 11.16 -0.82 -7.45
C ASN A 110 11.32 0.69 -7.53
N SER A 111 12.33 1.14 -8.28
CA SER A 111 12.60 2.56 -8.46
C SER A 111 11.42 3.25 -9.12
N GLU A 112 11.09 2.82 -10.33
CA GLU A 112 9.99 3.41 -11.08
C GLU A 112 8.75 3.58 -10.19
N PHE A 113 8.33 2.49 -9.56
CA PHE A 113 7.16 2.52 -8.69
C PHE A 113 7.42 3.42 -7.49
N SER A 114 8.67 3.46 -7.03
CA SER A 114 9.03 4.28 -5.88
C SER A 114 8.62 5.72 -6.10
N SER A 115 8.90 6.25 -7.28
CA SER A 115 8.56 7.63 -7.61
C SER A 115 7.06 7.79 -7.80
N VAL A 116 6.46 6.86 -8.55
CA VAL A 116 5.02 6.89 -8.81
C VAL A 116 4.23 6.93 -7.51
N LEU A 117 4.57 6.02 -6.59
CA LEU A 117 3.89 5.95 -5.30
C LEU A 117 4.06 7.25 -4.52
N ALA A 118 5.31 7.69 -4.37
CA ALA A 118 5.61 8.92 -3.65
C ALA A 118 4.67 10.04 -4.07
N ALA A 119 4.43 10.16 -5.37
CA ALA A 119 3.54 11.19 -5.90
C ALA A 119 2.10 10.93 -5.48
N GLN A 120 1.68 9.67 -5.53
CA GLN A 120 0.33 9.29 -5.16
C GLN A 120 0.06 9.59 -3.69
N LEU A 121 0.98 9.16 -2.83
CA LEU A 121 0.85 9.38 -1.39
C LEU A 121 0.81 10.86 -1.07
N LYS A 122 1.88 11.57 -1.41
CA LYS A 122 1.97 13.01 -1.16
C LYS A 122 0.73 13.72 -1.67
N HIS A 123 0.40 13.49 -2.94
CA HIS A 123 -0.78 14.12 -3.55
C HIS A 123 -2.02 13.92 -2.67
N HIS A 124 -2.33 12.67 -2.37
CA HIS A 124 -3.49 12.33 -1.55
C HIS A 124 -3.39 13.02 -0.19
N SER A 125 -2.41 12.61 0.61
CA SER A 125 -2.22 13.18 1.94
C SER A 125 -1.96 14.67 1.85
N SER A 126 -1.85 15.32 3.00
CA SER A 126 -1.59 16.76 3.06
C SER A 126 -0.45 17.07 4.03
N GLY A 127 0.52 16.16 4.10
CA GLY A 127 1.65 16.35 4.98
C GLY A 127 2.79 17.13 4.32
N PRO A 128 3.46 16.49 3.35
CA PRO A 128 4.58 17.11 2.62
C PRO A 128 4.11 18.23 1.70
N SER A 129 5.07 18.94 1.12
CA SER A 129 4.76 20.04 0.21
C SER A 129 5.50 19.87 -1.12
N SER A 130 4.95 19.03 -1.98
CA SER A 130 5.57 18.78 -3.28
C SER A 130 5.15 19.84 -4.30
N GLY A 131 6.09 20.24 -5.15
CA GLY A 131 5.80 21.25 -6.15
C GLY A 131 5.98 22.66 -5.62
N GLY A 1 -15.92 29.30 2.91
CA GLY A 1 -14.97 28.49 2.17
C GLY A 1 -14.85 27.09 2.73
N SER A 2 -15.81 26.23 2.42
CA SER A 2 -15.81 24.86 2.90
C SER A 2 -14.47 24.19 2.62
N SER A 3 -13.63 24.08 3.64
CA SER A 3 -12.32 23.46 3.51
C SER A 3 -11.74 23.11 4.87
N GLY A 4 -11.01 22.00 4.92
CA GLY A 4 -10.41 21.56 6.17
C GLY A 4 -9.17 20.72 5.95
N SER A 5 -8.08 21.09 6.61
CA SER A 5 -6.83 20.36 6.48
C SER A 5 -6.95 18.96 7.07
N SER A 6 -5.89 18.16 6.92
CA SER A 6 -5.88 16.80 7.43
C SER A 6 -4.46 16.35 7.75
N GLY A 7 -4.30 15.69 8.89
CA GLY A 7 -3.00 15.22 9.30
C GLY A 7 -2.79 13.74 9.01
N MET A 8 -3.40 12.89 9.83
CA MET A 8 -3.28 11.45 9.65
C MET A 8 -3.58 11.05 8.21
N ALA A 9 -2.85 10.07 7.70
CA ALA A 9 -3.03 9.60 6.35
C ALA A 9 -2.18 8.37 6.06
N ILE A 10 -2.44 7.72 4.93
CA ILE A 10 -1.69 6.53 4.55
C ILE A 10 -0.19 6.76 4.69
N LEU A 11 0.52 5.72 5.13
CA LEU A 11 1.97 5.80 5.31
C LEU A 11 2.67 4.61 4.67
N PHE A 12 2.06 3.44 4.79
CA PHE A 12 2.62 2.22 4.22
C PHE A 12 1.76 1.71 3.06
N ALA A 13 2.41 1.37 1.96
CA ALA A 13 1.71 0.88 0.78
C ALA A 13 2.66 0.13 -0.16
N VAL A 14 2.41 -1.15 -0.35
CA VAL A 14 3.24 -1.97 -1.21
C VAL A 14 2.40 -2.95 -2.03
N VAL A 15 2.93 -3.37 -3.17
CA VAL A 15 2.22 -4.31 -4.04
C VAL A 15 2.95 -5.64 -4.11
N ALA A 16 2.31 -6.69 -3.60
CA ALA A 16 2.89 -8.02 -3.61
C ALA A 16 1.85 -9.08 -3.98
N ARG A 17 2.22 -9.97 -4.88
CA ARG A 17 1.32 -11.03 -5.33
C ARG A 17 1.39 -12.23 -4.39
N GLY A 18 0.47 -12.27 -3.42
CA GLY A 18 0.45 -13.38 -2.48
C GLY A 18 1.47 -13.21 -1.37
N THR A 19 2.70 -13.68 -1.62
CA THR A 19 3.76 -13.58 -0.64
C THR A 19 5.00 -12.91 -1.23
N THR A 20 5.04 -12.84 -2.56
CA THR A 20 6.17 -12.22 -3.25
C THR A 20 5.93 -10.73 -3.45
N ILE A 21 6.87 -9.92 -2.96
CA ILE A 21 6.77 -8.47 -3.09
C ILE A 21 7.48 -7.98 -4.35
N LEU A 22 6.75 -7.27 -5.20
CA LEU A 22 7.31 -6.74 -6.44
C LEU A 22 7.93 -5.36 -6.21
N ALA A 23 7.11 -4.41 -5.82
CA ALA A 23 7.57 -3.05 -5.56
C ALA A 23 7.02 -2.52 -4.25
N LYS A 24 7.93 -2.21 -3.32
CA LYS A 24 7.52 -1.69 -2.01
C LYS A 24 8.18 -0.34 -1.74
N HIS A 25 7.42 0.58 -1.15
CA HIS A 25 7.93 1.90 -0.83
C HIS A 25 7.11 2.55 0.29
N ALA A 26 7.73 2.64 1.46
CA ALA A 26 7.06 3.24 2.62
C ALA A 26 7.85 4.42 3.17
N TRP A 27 7.22 5.20 4.03
CA TRP A 27 7.88 6.36 4.62
C TRP A 27 8.91 5.93 5.65
N CYS A 28 9.92 6.78 5.86
CA CYS A 28 10.99 6.48 6.81
C CYS A 28 10.50 6.66 8.25
N GLY A 29 10.62 5.61 9.04
CA GLY A 29 10.19 5.67 10.42
C GLY A 29 8.97 4.81 10.69
N GLY A 30 9.19 3.58 11.11
CA GLY A 30 8.09 2.68 11.39
C GLY A 30 8.25 1.33 10.69
N ASN A 31 8.68 0.33 11.45
CA ASN A 31 8.87 -1.01 10.90
C ASN A 31 7.53 -1.67 10.61
N PHE A 32 7.01 -1.44 9.41
CA PHE A 32 5.73 -2.02 9.00
C PHE A 32 5.94 -3.21 8.08
N LEU A 33 7.03 -3.18 7.33
CA LEU A 33 7.35 -4.26 6.40
C LEU A 33 7.26 -5.62 7.09
N GLU A 34 7.53 -5.64 8.39
CA GLU A 34 7.46 -6.88 9.16
C GLU A 34 6.02 -7.38 9.28
N VAL A 35 5.19 -6.60 9.96
CA VAL A 35 3.78 -6.96 10.15
C VAL A 35 3.10 -7.17 8.81
N THR A 36 3.51 -6.40 7.80
CA THR A 36 2.93 -6.52 6.47
C THR A 36 3.19 -7.88 5.87
N GLU A 37 4.47 -8.23 5.71
CA GLU A 37 4.85 -9.52 5.15
C GLU A 37 4.09 -10.65 5.81
N GLN A 38 4.07 -10.64 7.14
CA GLN A 38 3.38 -11.67 7.90
C GLN A 38 1.92 -11.81 7.46
N ILE A 39 1.23 -10.68 7.36
CA ILE A 39 -0.16 -10.67 6.94
C ILE A 39 -0.31 -11.21 5.52
N LEU A 40 0.57 -10.78 4.63
CA LEU A 40 0.54 -11.22 3.24
C LEU A 40 0.53 -12.74 3.16
N ALA A 41 1.40 -13.37 3.93
CA ALA A 41 1.50 -14.83 3.95
C ALA A 41 0.24 -15.45 4.54
N LYS A 42 -0.65 -14.61 5.04
CA LYS A 42 -1.90 -15.08 5.64
C LYS A 42 -3.06 -14.90 4.67
N ILE A 43 -3.00 -13.87 3.84
CA ILE A 43 -4.04 -13.60 2.87
C ILE A 43 -3.86 -14.45 1.62
N PRO A 44 -4.96 -15.09 1.18
CA PRO A 44 -4.95 -15.95 -0.02
C PRO A 44 -4.78 -15.15 -1.30
N SER A 45 -4.62 -15.86 -2.42
CA SER A 45 -4.45 -15.22 -3.72
C SER A 45 -5.71 -15.35 -4.56
N GLU A 46 -6.86 -15.33 -3.90
CA GLU A 46 -8.14 -15.44 -4.61
C GLU A 46 -8.94 -14.15 -4.51
N ASN A 47 -9.78 -13.90 -5.50
CA ASN A 47 -10.59 -12.70 -5.54
C ASN A 47 -11.41 -12.56 -4.26
N ASN A 48 -10.89 -11.79 -3.31
CA ASN A 48 -11.57 -11.57 -2.04
C ASN A 48 -10.86 -10.50 -1.22
N LYS A 49 -11.64 -9.64 -0.58
CA LYS A 49 -11.10 -8.56 0.24
C LYS A 49 -11.71 -8.59 1.64
N LEU A 50 -11.10 -7.82 2.55
CA LEU A 50 -11.59 -7.76 3.93
C LEU A 50 -10.85 -6.68 4.71
N THR A 51 -11.51 -6.14 5.73
CA THR A 51 -10.91 -5.10 6.56
C THR A 51 -10.29 -5.68 7.82
N TYR A 52 -8.97 -5.57 7.92
CA TYR A 52 -8.25 -6.10 9.08
C TYR A 52 -7.83 -4.97 10.01
N SER A 53 -8.30 -5.04 11.25
CA SER A 53 -7.98 -4.02 12.25
C SER A 53 -6.91 -4.53 13.22
N HIS A 54 -5.66 -4.29 12.89
CA HIS A 54 -4.54 -4.72 13.72
C HIS A 54 -4.12 -3.62 14.68
N GLY A 55 -4.00 -3.96 15.96
CA GLY A 55 -3.61 -2.98 16.95
C GLY A 55 -4.30 -1.64 16.76
N ASN A 56 -3.52 -0.57 16.86
CA ASN A 56 -4.06 0.78 16.68
C ASN A 56 -3.87 1.27 15.25
N TYR A 57 -4.01 0.36 14.29
CA TYR A 57 -3.84 0.70 12.89
C TYR A 57 -4.77 -0.16 12.02
N LEU A 58 -5.18 0.40 10.88
CA LEU A 58 -6.07 -0.30 9.96
C LEU A 58 -5.26 -0.95 8.83
N PHE A 59 -5.69 -2.14 8.42
CA PHE A 59 -5.02 -2.86 7.35
C PHE A 59 -6.00 -3.22 6.23
N HIS A 60 -6.03 -2.40 5.19
CA HIS A 60 -6.92 -2.64 4.06
C HIS A 60 -6.16 -3.22 2.87
N TYR A 61 -6.64 -4.36 2.37
CA TYR A 61 -6.01 -5.02 1.24
C TYR A 61 -7.04 -5.41 0.18
N ILE A 62 -6.62 -5.41 -1.07
CA ILE A 62 -7.49 -5.77 -2.17
C ILE A 62 -6.83 -6.78 -3.11
N CYS A 63 -7.60 -7.76 -3.55
CA CYS A 63 -7.09 -8.80 -4.46
C CYS A 63 -7.56 -8.54 -5.88
N GLN A 64 -6.63 -8.65 -6.83
CA GLN A 64 -6.94 -8.43 -8.24
C GLN A 64 -5.76 -8.80 -9.13
N ASP A 65 -6.00 -9.67 -10.10
CA ASP A 65 -4.96 -10.10 -11.02
C ASP A 65 -3.80 -10.76 -10.26
N ARG A 66 -4.14 -11.46 -9.19
CA ARG A 66 -3.14 -12.14 -8.37
C ARG A 66 -2.18 -11.14 -7.74
N ILE A 67 -2.69 -9.94 -7.44
CA ILE A 67 -1.89 -8.89 -6.84
C ILE A 67 -2.54 -8.35 -5.57
N VAL A 68 -1.83 -8.45 -4.45
CA VAL A 68 -2.35 -7.97 -3.17
C VAL A 68 -1.80 -6.58 -2.84
N TYR A 69 -2.69 -5.62 -2.64
CA TYR A 69 -2.29 -4.26 -2.32
C TYR A 69 -2.66 -3.91 -0.88
N LEU A 70 -1.69 -4.03 0.01
CA LEU A 70 -1.91 -3.73 1.43
C LEU A 70 -1.40 -2.34 1.77
N CYS A 71 -2.03 -1.70 2.74
CA CYS A 71 -1.64 -0.36 3.17
C CYS A 71 -1.98 -0.14 4.64
N ILE A 72 -1.18 0.68 5.31
CA ILE A 72 -1.40 0.98 6.72
C ILE A 72 -1.82 2.44 6.91
N THR A 73 -2.86 2.64 7.72
CA THR A 73 -3.36 3.98 7.98
C THR A 73 -3.74 4.14 9.46
N ASP A 74 -4.08 5.37 9.84
CA ASP A 74 -4.46 5.66 11.22
C ASP A 74 -5.93 5.30 11.46
N ASP A 75 -6.20 4.68 12.60
CA ASP A 75 -7.56 4.28 12.96
C ASP A 75 -8.55 5.38 12.62
N ASP A 76 -8.29 6.58 13.12
CA ASP A 76 -9.17 7.73 12.86
C ASP A 76 -9.46 7.86 11.37
N PHE A 77 -8.45 7.63 10.54
CA PHE A 77 -8.60 7.73 9.10
C PHE A 77 -9.86 7.00 8.64
N GLU A 78 -10.42 7.46 7.53
CA GLU A 78 -11.64 6.85 6.98
C GLU A 78 -11.29 5.72 6.01
N ARG A 79 -12.19 4.77 5.88
CA ARG A 79 -11.99 3.63 4.99
C ARG A 79 -11.98 4.08 3.52
N SER A 80 -13.00 4.85 3.15
CA SER A 80 -13.11 5.34 1.78
C SER A 80 -11.75 5.81 1.26
N ARG A 81 -11.20 6.84 1.89
CA ARG A 81 -9.91 7.38 1.50
C ARG A 81 -8.91 6.27 1.24
N ALA A 82 -8.75 5.38 2.23
CA ALA A 82 -7.82 4.27 2.12
C ALA A 82 -8.09 3.45 0.86
N PHE A 83 -9.27 2.82 0.80
CA PHE A 83 -9.64 2.00 -0.34
C PHE A 83 -9.45 2.77 -1.64
N ASN A 84 -9.69 4.08 -1.59
CA ASN A 84 -9.54 4.93 -2.77
C ASN A 84 -8.10 4.92 -3.27
N PHE A 85 -7.20 5.46 -2.46
CA PHE A 85 -5.78 5.52 -2.81
C PHE A 85 -5.32 4.19 -3.42
N LEU A 86 -5.63 3.10 -2.74
CA LEU A 86 -5.25 1.77 -3.21
C LEU A 86 -5.73 1.53 -4.64
N ASN A 87 -7.00 1.84 -4.88
CA ASN A 87 -7.59 1.66 -6.20
C ASN A 87 -6.85 2.51 -7.24
N GLU A 88 -6.47 3.72 -6.85
CA GLU A 88 -5.76 4.62 -7.75
C GLU A 88 -4.49 3.97 -8.27
N ILE A 89 -3.53 3.75 -7.36
CA ILE A 89 -2.26 3.13 -7.73
C ILE A 89 -2.46 1.70 -8.22
N LYS A 90 -3.45 1.02 -7.65
CA LYS A 90 -3.75 -0.35 -8.03
C LYS A 90 -4.05 -0.45 -9.53
N LYS A 91 -4.83 0.50 -10.04
CA LYS A 91 -5.18 0.51 -11.45
C LYS A 91 -3.99 0.96 -12.30
N ARG A 92 -3.23 1.93 -11.79
CA ARG A 92 -2.07 2.44 -12.50
C ARG A 92 -1.04 1.34 -12.72
N PHE A 93 -0.69 0.64 -11.65
CA PHE A 93 0.30 -0.43 -11.72
C PHE A 93 -0.20 -1.55 -12.62
N GLN A 94 -1.38 -2.10 -12.30
CA GLN A 94 -1.96 -3.18 -13.09
C GLN A 94 -2.11 -2.77 -14.55
N THR A 95 -2.20 -1.47 -14.79
CA THR A 95 -2.34 -0.94 -16.14
C THR A 95 -0.98 -0.64 -16.77
N THR A 96 0.00 -0.34 -15.92
CA THR A 96 1.34 -0.03 -16.40
C THR A 96 2.25 -1.26 -16.32
N TYR A 97 2.47 -1.74 -15.11
CA TYR A 97 3.32 -2.91 -14.89
C TYR A 97 2.50 -4.09 -14.40
N GLY A 98 1.27 -4.20 -14.88
CA GLY A 98 0.39 -5.28 -14.47
C GLY A 98 0.80 -6.62 -15.09
N SER A 99 0.73 -6.69 -16.42
CA SER A 99 1.10 -7.91 -17.13
C SER A 99 2.46 -8.42 -16.68
N ARG A 100 3.43 -7.52 -16.63
CA ARG A 100 4.79 -7.88 -16.21
C ARG A 100 4.80 -8.39 -14.78
N ALA A 101 3.87 -7.89 -13.97
CA ALA A 101 3.78 -8.29 -12.57
C ALA A 101 3.59 -9.80 -12.45
N GLN A 102 3.21 -10.44 -13.56
CA GLN A 102 3.00 -11.87 -13.58
C GLN A 102 4.23 -12.60 -14.11
N THR A 103 5.01 -11.91 -14.93
CA THR A 103 6.21 -12.49 -15.51
C THR A 103 7.47 -11.89 -14.88
N ALA A 104 7.66 -10.59 -15.08
CA ALA A 104 8.82 -9.90 -14.53
C ALA A 104 9.20 -10.45 -13.16
N PRO A 105 10.51 -10.56 -12.91
CA PRO A 105 11.03 -11.07 -11.64
C PRO A 105 10.77 -10.12 -10.47
N PRO A 106 10.99 -10.62 -9.24
CA PRO A 106 10.80 -9.83 -8.03
C PRO A 106 11.83 -8.73 -7.87
N TYR A 107 11.39 -7.57 -7.41
CA TYR A 107 12.28 -6.42 -7.22
C TYR A 107 12.93 -6.01 -8.54
N ALA A 108 12.12 -5.99 -9.60
CA ALA A 108 12.62 -5.61 -10.92
C ALA A 108 12.25 -4.16 -11.25
N MET A 109 11.07 -3.74 -10.81
CA MET A 109 10.61 -2.37 -11.06
C MET A 109 10.25 -1.68 -9.76
N ASN A 110 11.20 -1.67 -8.81
CA ASN A 110 10.98 -1.04 -7.52
C ASN A 110 11.30 0.45 -7.58
N SER A 111 12.30 0.80 -8.37
CA SER A 111 12.72 2.19 -8.52
C SER A 111 11.61 3.02 -9.18
N GLU A 112 11.14 2.56 -10.34
CA GLU A 112 10.09 3.26 -11.07
C GLU A 112 8.87 3.45 -10.19
N PHE A 113 8.34 2.35 -9.64
CA PHE A 113 7.17 2.39 -8.79
C PHE A 113 7.47 3.15 -7.49
N SER A 114 8.72 3.07 -7.05
CA SER A 114 9.14 3.74 -5.83
C SER A 114 8.83 5.24 -5.89
N SER A 115 9.25 5.87 -6.98
CA SER A 115 9.03 7.30 -7.17
C SER A 115 7.54 7.59 -7.42
N VAL A 116 6.92 6.78 -8.26
CA VAL A 116 5.52 6.95 -8.59
C VAL A 116 4.65 6.91 -7.33
N LEU A 117 4.88 5.91 -6.50
CA LEU A 117 4.11 5.77 -5.26
C LEU A 117 4.34 6.97 -4.34
N ALA A 118 5.60 7.32 -4.13
CA ALA A 118 5.94 8.44 -3.28
C ALA A 118 5.12 9.68 -3.63
N ALA A 119 5.02 9.96 -4.94
CA ALA A 119 4.24 11.10 -5.41
C ALA A 119 2.76 10.94 -5.09
N GLN A 120 2.26 9.72 -5.27
CA GLN A 120 0.86 9.43 -5.00
C GLN A 120 0.51 9.66 -3.53
N LEU A 121 1.34 9.10 -2.64
CA LEU A 121 1.13 9.25 -1.22
C LEU A 121 1.12 10.71 -0.80
N LYS A 122 2.24 11.40 -1.02
CA LYS A 122 2.36 12.80 -0.68
C LYS A 122 1.13 13.58 -1.14
N HIS A 123 0.80 13.44 -2.42
CA HIS A 123 -0.35 14.13 -2.99
C HIS A 123 -1.61 13.87 -2.16
N HIS A 124 -1.96 12.59 -2.03
CA HIS A 124 -3.13 12.19 -1.27
C HIS A 124 -3.15 12.86 0.10
N SER A 125 -2.06 12.70 0.85
CA SER A 125 -1.95 13.29 2.17
C SER A 125 -1.63 14.77 2.09
N SER A 126 -1.56 15.43 3.25
CA SER A 126 -1.26 16.86 3.30
C SER A 126 0.22 17.12 3.08
N GLY A 127 1.06 16.35 3.76
CA GLY A 127 2.50 16.52 3.63
C GLY A 127 3.18 16.76 4.97
N PRO A 128 3.52 15.66 5.66
CA PRO A 128 4.19 15.72 6.97
C PRO A 128 5.62 16.23 6.87
N SER A 129 6.25 15.98 5.72
CA SER A 129 7.63 16.41 5.48
C SER A 129 7.69 17.88 5.09
N SER A 130 8.72 18.58 5.56
CA SER A 130 8.88 19.99 5.25
C SER A 130 10.34 20.42 5.46
N GLY A 131 10.95 20.91 4.40
CA GLY A 131 12.34 21.36 4.48
C GLY A 131 12.47 22.75 5.07
N GLY A 1 8.15 18.02 21.24
CA GLY A 1 7.08 17.35 20.53
C GLY A 1 7.53 16.05 19.88
N SER A 2 6.63 15.41 19.14
CA SER A 2 6.94 14.15 18.48
C SER A 2 7.19 14.37 16.99
N SER A 3 8.42 14.73 16.66
CA SER A 3 8.80 14.96 15.27
C SER A 3 9.08 13.65 14.54
N GLY A 4 8.74 13.61 13.26
CA GLY A 4 8.97 12.40 12.48
C GLY A 4 7.72 11.92 11.77
N SER A 5 6.62 11.88 12.52
CA SER A 5 5.35 11.41 11.97
C SER A 5 4.34 12.56 11.91
N SER A 6 4.03 13.01 10.70
CA SER A 6 3.08 14.11 10.51
C SER A 6 2.04 13.74 9.45
N GLY A 7 0.99 14.56 9.36
CA GLY A 7 -0.06 14.31 8.39
C GLY A 7 -1.02 13.24 8.85
N MET A 8 -2.28 13.36 8.41
CA MET A 8 -3.30 12.38 8.78
C MET A 8 -3.83 11.66 7.54
N ALA A 9 -3.09 10.65 7.09
CA ALA A 9 -3.49 9.88 5.92
C ALA A 9 -2.57 8.69 5.72
N ILE A 10 -2.87 7.88 4.71
CA ILE A 10 -2.07 6.69 4.40
C ILE A 10 -0.58 6.99 4.53
N LEU A 11 0.15 6.07 5.15
CA LEU A 11 1.59 6.23 5.33
C LEU A 11 2.35 5.08 4.68
N PHE A 12 1.88 3.85 4.93
CA PHE A 12 2.52 2.67 4.38
C PHE A 12 1.67 2.07 3.26
N ALA A 13 2.30 1.77 2.14
CA ALA A 13 1.60 1.19 1.00
C ALA A 13 2.57 0.46 0.07
N VAL A 14 2.37 -0.85 -0.09
CA VAL A 14 3.21 -1.66 -0.95
C VAL A 14 2.39 -2.62 -1.79
N VAL A 15 3.02 -3.20 -2.81
CA VAL A 15 2.34 -4.14 -3.69
C VAL A 15 3.05 -5.49 -3.71
N ALA A 16 2.33 -6.53 -3.31
CA ALA A 16 2.88 -7.88 -3.28
C ALA A 16 1.86 -8.91 -3.76
N ARG A 17 2.36 -9.94 -4.44
CA ARG A 17 1.49 -10.99 -4.96
C ARG A 17 1.49 -12.21 -4.04
N GLY A 18 0.53 -12.26 -3.13
CA GLY A 18 0.44 -13.38 -2.20
C GLY A 18 1.53 -13.33 -1.14
N THR A 19 2.70 -13.88 -1.48
CA THR A 19 3.82 -13.90 -0.55
C THR A 19 5.10 -13.45 -1.23
N THR A 20 4.97 -12.54 -2.19
CA THR A 20 6.12 -12.02 -2.91
C THR A 20 5.96 -10.53 -3.21
N ILE A 21 6.75 -9.71 -2.54
CA ILE A 21 6.69 -8.27 -2.73
C ILE A 21 7.48 -7.85 -3.98
N LEU A 22 6.79 -7.21 -4.91
CA LEU A 22 7.40 -6.75 -6.15
C LEU A 22 7.90 -5.32 -6.02
N ALA A 23 7.09 -4.47 -5.40
CA ALA A 23 7.44 -3.07 -5.20
C ALA A 23 6.93 -2.56 -3.86
N LYS A 24 7.85 -2.19 -2.98
CA LYS A 24 7.49 -1.67 -1.67
C LYS A 24 8.01 -0.25 -1.47
N HIS A 25 7.17 0.60 -0.87
CA HIS A 25 7.54 1.99 -0.63
C HIS A 25 6.68 2.59 0.48
N ALA A 26 7.30 2.82 1.64
CA ALA A 26 6.59 3.38 2.78
C ALA A 26 7.35 4.57 3.35
N TRP A 27 6.67 5.37 4.17
CA TRP A 27 7.28 6.54 4.78
C TRP A 27 8.27 6.13 5.87
N CYS A 28 9.29 6.97 6.08
CA CYS A 28 10.30 6.69 7.09
C CYS A 28 9.76 6.94 8.50
N GLY A 29 9.64 5.88 9.29
CA GLY A 29 9.14 6.01 10.64
C GLY A 29 8.58 4.71 11.18
N GLY A 30 9.46 3.74 11.43
CA GLY A 30 9.02 2.46 11.94
C GLY A 30 9.12 1.36 10.90
N ASN A 31 9.16 0.11 11.37
CA ASN A 31 9.25 -1.03 10.47
C ASN A 31 7.88 -1.70 10.30
N PHE A 32 7.32 -1.57 9.10
CA PHE A 32 6.02 -2.16 8.80
C PHE A 32 6.17 -3.42 7.95
N LEU A 33 7.07 -3.35 6.97
CA LEU A 33 7.31 -4.48 6.08
C LEU A 33 7.19 -5.80 6.83
N GLU A 34 7.71 -5.83 8.05
CA GLU A 34 7.65 -7.04 8.87
C GLU A 34 6.22 -7.52 9.03
N VAL A 35 5.42 -6.76 9.78
CA VAL A 35 4.03 -7.10 10.01
C VAL A 35 3.28 -7.28 8.70
N THR A 36 3.68 -6.53 7.69
CA THR A 36 3.05 -6.61 6.37
C THR A 36 3.25 -7.98 5.75
N GLU A 37 4.49 -8.46 5.76
CA GLU A 37 4.81 -9.77 5.19
C GLU A 37 4.03 -10.88 5.89
N GLN A 38 4.03 -10.83 7.22
CA GLN A 38 3.32 -11.83 8.02
C GLN A 38 1.85 -11.92 7.61
N ILE A 39 1.24 -10.75 7.42
CA ILE A 39 -0.16 -10.69 7.03
C ILE A 39 -0.38 -11.24 5.63
N LEU A 40 0.51 -10.86 4.71
CA LEU A 40 0.42 -11.32 3.33
C LEU A 40 0.29 -12.84 3.27
N ALA A 41 1.19 -13.53 3.95
CA ALA A 41 1.17 -14.99 3.99
C ALA A 41 -0.20 -15.51 4.41
N LYS A 42 -1.00 -14.64 5.01
CA LYS A 42 -2.33 -15.02 5.46
C LYS A 42 -3.38 -14.59 4.45
N ILE A 43 -3.12 -13.49 3.75
CA ILE A 43 -4.05 -12.99 2.74
C ILE A 43 -4.00 -13.82 1.47
N PRO A 44 -5.17 -14.32 1.04
CA PRO A 44 -5.28 -15.14 -0.17
C PRO A 44 -5.04 -14.34 -1.44
N SER A 45 -4.46 -14.98 -2.44
CA SER A 45 -4.17 -14.32 -3.71
C SER A 45 -5.36 -14.42 -4.65
N GLU A 46 -6.56 -14.35 -4.08
CA GLU A 46 -7.78 -14.42 -4.87
C GLU A 46 -8.52 -13.09 -4.87
N ASN A 47 -9.32 -12.86 -5.91
CA ASN A 47 -10.08 -11.61 -6.03
C ASN A 47 -11.02 -11.45 -4.84
N ASN A 48 -10.48 -10.99 -3.73
CA ASN A 48 -11.27 -10.78 -2.52
C ASN A 48 -10.57 -9.82 -1.56
N LYS A 49 -11.35 -8.92 -0.95
CA LYS A 49 -10.80 -7.95 -0.02
C LYS A 49 -11.42 -8.12 1.37
N LEU A 50 -10.70 -7.67 2.38
CA LEU A 50 -11.17 -7.77 3.76
C LEU A 50 -10.48 -6.75 4.66
N THR A 51 -11.22 -6.20 5.60
CA THR A 51 -10.67 -5.21 6.53
C THR A 51 -10.06 -5.89 7.75
N TYR A 52 -8.73 -5.85 7.85
CA TYR A 52 -8.03 -6.46 8.96
C TYR A 52 -7.55 -5.39 9.95
N SER A 53 -7.88 -5.60 11.23
CA SER A 53 -7.49 -4.65 12.27
C SER A 53 -6.30 -5.18 13.06
N HIS A 54 -5.13 -4.58 12.83
CA HIS A 54 -3.92 -4.99 13.52
C HIS A 54 -3.37 -3.86 14.39
N GLY A 55 -3.18 -4.15 15.67
CA GLY A 55 -2.67 -3.13 16.58
C GLY A 55 -3.38 -1.81 16.44
N ASN A 56 -2.63 -0.72 16.57
CA ASN A 56 -3.20 0.62 16.46
C ASN A 56 -3.14 1.12 15.02
N TYR A 57 -3.46 0.23 14.08
CA TYR A 57 -3.44 0.58 12.67
C TYR A 57 -4.43 -0.27 11.88
N LEU A 58 -4.95 0.29 10.79
CA LEU A 58 -5.91 -0.42 9.96
C LEU A 58 -5.23 -0.99 8.71
N PHE A 59 -5.49 -2.26 8.44
CA PHE A 59 -4.89 -2.93 7.28
C PHE A 59 -5.95 -3.21 6.22
N HIS A 60 -5.81 -2.57 5.07
CA HIS A 60 -6.75 -2.75 3.97
C HIS A 60 -6.05 -3.27 2.72
N TYR A 61 -6.51 -4.40 2.21
CA TYR A 61 -5.91 -5.00 1.02
C TYR A 61 -6.98 -5.30 -0.03
N ILE A 62 -6.67 -5.00 -1.28
CA ILE A 62 -7.59 -5.25 -2.38
C ILE A 62 -6.94 -6.07 -3.48
N CYS A 63 -7.16 -7.38 -3.44
CA CYS A 63 -6.58 -8.27 -4.45
C CYS A 63 -7.49 -8.37 -5.67
N GLN A 64 -6.91 -8.18 -6.85
CA GLN A 64 -7.66 -8.24 -8.09
C GLN A 64 -6.95 -9.12 -9.12
N ASP A 65 -5.90 -8.57 -9.72
CA ASP A 65 -5.13 -9.30 -10.73
C ASP A 65 -3.96 -10.03 -10.08
N ARG A 66 -4.26 -10.83 -9.07
CA ARG A 66 -3.21 -11.59 -8.36
C ARG A 66 -2.21 -10.64 -7.71
N ILE A 67 -2.65 -9.43 -7.42
CA ILE A 67 -1.77 -8.43 -6.79
C ILE A 67 -2.46 -7.78 -5.59
N VAL A 68 -2.00 -8.15 -4.40
CA VAL A 68 -2.57 -7.61 -3.17
C VAL A 68 -1.93 -6.27 -2.81
N TYR A 69 -2.76 -5.27 -2.58
CA TYR A 69 -2.27 -3.94 -2.23
C TYR A 69 -2.60 -3.60 -0.77
N LEU A 70 -1.63 -3.83 0.10
CA LEU A 70 -1.80 -3.55 1.52
C LEU A 70 -1.25 -2.17 1.88
N CYS A 71 -1.92 -1.50 2.82
CA CYS A 71 -1.49 -0.17 3.25
C CYS A 71 -1.96 0.10 4.68
N ILE A 72 -1.09 0.74 5.46
CA ILE A 72 -1.41 1.07 6.84
C ILE A 72 -1.82 2.52 6.99
N THR A 73 -3.00 2.76 7.56
CA THR A 73 -3.50 4.10 7.75
C THR A 73 -3.79 4.38 9.22
N ASP A 74 -4.05 5.64 9.55
CA ASP A 74 -4.34 6.03 10.92
C ASP A 74 -5.60 5.34 11.43
N ASP A 75 -5.58 4.90 12.68
CA ASP A 75 -6.72 4.23 13.29
C ASP A 75 -8.03 4.93 12.92
N ASP A 76 -8.02 6.26 13.01
CA ASP A 76 -9.20 7.05 12.70
C ASP A 76 -9.07 7.68 11.31
N PHE A 77 -8.75 6.86 10.31
CA PHE A 77 -8.61 7.33 8.95
C PHE A 77 -9.74 6.84 8.07
N GLU A 78 -10.25 7.71 7.22
CA GLU A 78 -11.35 7.37 6.31
C GLU A 78 -11.13 5.99 5.70
N ARG A 79 -11.95 5.03 6.12
CA ARG A 79 -11.85 3.66 5.61
C ARG A 79 -11.91 3.64 4.09
N SER A 80 -12.83 4.41 3.53
CA SER A 80 -13.00 4.49 2.08
C SER A 80 -11.76 5.07 1.41
N ARG A 81 -11.30 6.20 1.94
CA ARG A 81 -10.11 6.86 1.38
C ARG A 81 -9.00 5.85 1.14
N ALA A 82 -8.77 4.97 2.11
CA ALA A 82 -7.73 3.96 2.00
C ALA A 82 -7.97 3.06 0.79
N PHE A 83 -9.18 2.53 0.69
CA PHE A 83 -9.54 1.65 -0.43
C PHE A 83 -9.42 2.38 -1.76
N ASN A 84 -9.84 3.65 -1.78
CA ASN A 84 -9.78 4.46 -2.98
C ASN A 84 -8.36 4.54 -3.52
N PHE A 85 -7.44 5.02 -2.68
CA PHE A 85 -6.04 5.14 -3.07
C PHE A 85 -5.50 3.80 -3.59
N LEU A 86 -5.69 2.75 -2.81
CA LEU A 86 -5.22 1.43 -3.19
C LEU A 86 -5.63 1.10 -4.62
N ASN A 87 -6.89 1.33 -4.95
CA ASN A 87 -7.40 1.06 -6.28
C ASN A 87 -6.70 1.93 -7.32
N GLU A 88 -6.57 3.22 -7.02
CA GLU A 88 -5.93 4.16 -7.93
C GLU A 88 -4.59 3.60 -8.42
N ILE A 89 -3.62 3.53 -7.51
CA ILE A 89 -2.30 3.02 -7.84
C ILE A 89 -2.38 1.61 -8.40
N LYS A 90 -3.37 0.85 -7.95
CA LYS A 90 -3.57 -0.52 -8.41
C LYS A 90 -3.84 -0.55 -9.90
N LYS A 91 -4.77 0.30 -10.35
CA LYS A 91 -5.13 0.36 -11.76
C LYS A 91 -3.95 0.84 -12.60
N ARG A 92 -3.18 1.79 -12.05
CA ARG A 92 -2.02 2.33 -12.76
C ARG A 92 -0.93 1.27 -12.92
N PHE A 93 -0.68 0.51 -11.86
CA PHE A 93 0.33 -0.53 -11.89
C PHE A 93 -0.07 -1.65 -12.84
N GLN A 94 -1.29 -2.14 -12.68
CA GLN A 94 -1.81 -3.22 -13.53
C GLN A 94 -1.85 -2.79 -14.98
N THR A 95 -2.04 -1.49 -15.20
CA THR A 95 -2.11 -0.95 -16.56
C THR A 95 -0.71 -0.72 -17.13
N THR A 96 0.27 -0.61 -16.24
CA THR A 96 1.66 -0.38 -16.66
C THR A 96 2.45 -1.67 -16.61
N TYR A 97 2.67 -2.19 -15.41
CA TYR A 97 3.42 -3.43 -15.22
C TYR A 97 2.53 -4.53 -14.65
N GLY A 98 1.27 -4.55 -15.08
CA GLY A 98 0.34 -5.55 -14.59
C GLY A 98 0.68 -6.94 -15.08
N SER A 99 0.57 -7.15 -16.39
CA SER A 99 0.86 -8.45 -16.99
C SER A 99 2.29 -8.87 -16.68
N ARG A 100 3.21 -7.93 -16.72
CA ARG A 100 4.62 -8.19 -16.45
C ARG A 100 4.80 -8.70 -15.02
N ALA A 101 3.95 -8.24 -14.12
CA ALA A 101 4.01 -8.64 -12.72
C ALA A 101 3.94 -10.16 -12.58
N GLN A 102 3.25 -10.81 -13.52
CA GLN A 102 3.11 -12.26 -13.50
C GLN A 102 4.37 -12.94 -14.02
N THR A 103 5.06 -12.27 -14.94
CA THR A 103 6.28 -12.80 -15.51
C THR A 103 7.49 -11.95 -15.13
N ALA A 104 7.51 -11.48 -13.90
CA ALA A 104 8.60 -10.65 -13.42
C ALA A 104 9.13 -11.16 -12.08
N PRO A 105 10.45 -11.06 -11.88
CA PRO A 105 11.11 -11.51 -10.65
C PRO A 105 10.77 -10.63 -9.46
N PRO A 106 11.10 -11.10 -8.25
CA PRO A 106 10.85 -10.37 -7.01
C PRO A 106 11.73 -9.14 -6.88
N TYR A 107 11.12 -8.02 -6.46
CA TYR A 107 11.86 -6.78 -6.28
C TYR A 107 12.42 -6.28 -7.62
N ALA A 108 11.59 -6.35 -8.66
CA ALA A 108 12.00 -5.91 -9.98
C ALA A 108 11.55 -4.47 -10.25
N MET A 109 10.23 -4.28 -10.32
CA MET A 109 9.68 -2.96 -10.57
C MET A 109 9.39 -2.23 -9.26
N ASN A 110 10.41 -2.11 -8.42
CA ASN A 110 10.27 -1.44 -7.14
C ASN A 110 10.65 0.03 -7.24
N SER A 111 11.83 0.29 -7.80
CA SER A 111 12.31 1.66 -7.96
C SER A 111 11.25 2.53 -8.64
N GLU A 112 10.96 2.21 -9.90
CA GLU A 112 9.96 2.97 -10.66
C GLU A 112 8.71 3.21 -9.83
N PHE A 113 8.14 2.14 -9.30
CA PHE A 113 6.93 2.23 -8.49
C PHE A 113 7.20 3.02 -7.22
N SER A 114 8.45 3.01 -6.77
CA SER A 114 8.83 3.73 -5.56
C SER A 114 8.59 5.23 -5.72
N SER A 115 9.02 5.78 -6.85
CA SER A 115 8.86 7.19 -7.13
C SER A 115 7.39 7.54 -7.36
N VAL A 116 6.74 6.76 -8.22
CA VAL A 116 5.33 6.98 -8.53
C VAL A 116 4.48 6.98 -7.27
N LEU A 117 4.59 5.92 -6.48
CA LEU A 117 3.84 5.79 -5.24
C LEU A 117 4.07 7.01 -4.34
N ALA A 118 5.33 7.33 -4.10
CA ALA A 118 5.69 8.47 -3.26
C ALA A 118 4.88 9.71 -3.65
N ALA A 119 4.79 9.96 -4.96
CA ALA A 119 4.04 11.11 -5.45
C ALA A 119 2.56 11.01 -5.10
N GLN A 120 2.00 9.82 -5.22
CA GLN A 120 0.60 9.59 -4.91
C GLN A 120 0.33 9.80 -3.42
N LEU A 121 1.27 9.35 -2.60
CA LEU A 121 1.13 9.49 -1.15
C LEU A 121 1.14 10.96 -0.73
N LYS A 122 2.27 11.62 -0.96
CA LYS A 122 2.40 13.03 -0.62
C LYS A 122 1.19 13.83 -1.09
N HIS A 123 0.74 13.53 -2.30
CA HIS A 123 -0.42 14.21 -2.87
C HIS A 123 -1.69 13.90 -2.08
N HIS A 124 -2.01 12.62 -1.98
CA HIS A 124 -3.20 12.18 -1.25
C HIS A 124 -3.17 12.70 0.18
N SER A 125 -2.18 12.25 0.95
CA SER A 125 -2.03 12.67 2.34
C SER A 125 -1.99 14.19 2.46
N SER A 126 -2.58 14.71 3.53
CA SER A 126 -2.61 16.16 3.75
C SER A 126 -1.57 16.56 4.78
N GLY A 127 -0.40 15.92 4.72
CA GLY A 127 0.67 16.23 5.66
C GLY A 127 1.80 17.00 5.00
N PRO A 128 2.63 16.29 4.22
CA PRO A 128 3.77 16.91 3.53
C PRO A 128 3.33 17.84 2.40
N SER A 129 2.08 17.70 1.97
CA SER A 129 1.54 18.53 0.91
C SER A 129 0.82 19.74 1.47
N SER A 130 -0.18 19.49 2.32
CA SER A 130 -0.96 20.56 2.93
C SER A 130 -0.22 21.16 4.12
N GLY A 131 -0.23 22.49 4.21
CA GLY A 131 0.44 23.16 5.30
C GLY A 131 -0.09 24.56 5.54
N GLY A 1 5.74 9.71 19.89
CA GLY A 1 7.06 10.29 20.01
C GLY A 1 7.27 11.48 19.09
N SER A 2 8.51 11.92 18.97
CA SER A 2 8.84 13.06 18.12
C SER A 2 8.33 12.84 16.71
N SER A 3 7.32 13.62 16.31
CA SER A 3 6.73 13.51 14.99
C SER A 3 6.20 12.11 14.75
N GLY A 4 5.56 11.54 15.76
CA GLY A 4 5.00 10.21 15.64
C GLY A 4 3.56 10.21 15.18
N SER A 5 2.63 10.28 16.12
CA SER A 5 1.20 10.28 15.81
C SER A 5 0.75 11.68 15.40
N SER A 6 0.86 11.98 14.11
CA SER A 6 0.47 13.29 13.59
C SER A 6 0.14 13.21 12.11
N GLY A 7 -1.05 13.69 11.75
CA GLY A 7 -1.47 13.66 10.35
C GLY A 7 -2.22 12.39 10.01
N MET A 8 -3.51 12.54 9.72
CA MET A 8 -4.35 11.39 9.36
C MET A 8 -4.20 11.05 7.89
N ALA A 9 -3.20 10.24 7.57
CA ALA A 9 -2.95 9.84 6.19
C ALA A 9 -2.16 8.53 6.14
N ILE A 10 -2.02 7.98 4.93
CA ILE A 10 -1.28 6.73 4.75
C ILE A 10 0.21 6.94 5.00
N LEU A 11 0.86 5.93 5.56
CA LEU A 11 2.29 6.00 5.84
C LEU A 11 3.03 4.82 5.20
N PHE A 12 2.31 3.71 5.03
CA PHE A 12 2.91 2.51 4.43
C PHE A 12 2.05 2.02 3.27
N ALA A 13 2.71 1.71 2.16
CA ALA A 13 2.02 1.22 0.97
C ALA A 13 2.96 0.42 0.08
N VAL A 14 2.68 -0.87 -0.06
CA VAL A 14 3.51 -1.75 -0.89
C VAL A 14 2.65 -2.76 -1.64
N VAL A 15 3.18 -3.30 -2.73
CA VAL A 15 2.47 -4.28 -3.53
C VAL A 15 3.18 -5.64 -3.50
N ALA A 16 2.47 -6.65 -3.03
CA ALA A 16 3.03 -8.00 -2.94
C ALA A 16 2.02 -9.04 -3.40
N ARG A 17 2.47 -9.97 -4.24
CA ARG A 17 1.60 -11.02 -4.75
C ARG A 17 2.09 -12.40 -4.30
N GLY A 18 1.15 -13.26 -3.92
CA GLY A 18 1.50 -14.59 -3.47
C GLY A 18 2.82 -14.63 -2.72
N THR A 19 2.84 -13.97 -1.55
CA THR A 19 4.04 -13.93 -0.73
C THR A 19 5.26 -13.52 -1.55
N THR A 20 5.09 -12.48 -2.36
CA THR A 20 6.18 -11.98 -3.21
C THR A 20 6.04 -10.48 -3.46
N ILE A 21 6.87 -9.69 -2.79
CA ILE A 21 6.84 -8.25 -2.94
C ILE A 21 7.60 -7.81 -4.20
N LEU A 22 6.87 -7.26 -5.16
CA LEU A 22 7.47 -6.81 -6.41
C LEU A 22 8.05 -5.41 -6.25
N ALA A 23 7.31 -4.54 -5.57
CA ALA A 23 7.76 -3.17 -5.34
C ALA A 23 7.23 -2.63 -4.02
N LYS A 24 8.13 -2.18 -3.16
CA LYS A 24 7.75 -1.65 -1.86
C LYS A 24 8.25 -0.22 -1.70
N HIS A 25 7.41 0.64 -1.11
CA HIS A 25 7.78 2.04 -0.90
C HIS A 25 6.98 2.62 0.27
N ALA A 26 7.67 2.86 1.38
CA ALA A 26 7.04 3.43 2.57
C ALA A 26 7.89 4.54 3.17
N TRP A 27 7.28 5.32 4.06
CA TRP A 27 7.98 6.42 4.71
C TRP A 27 9.01 5.90 5.70
N CYS A 28 10.07 6.68 5.92
CA CYS A 28 11.12 6.30 6.85
C CYS A 28 10.67 6.48 8.29
N GLY A 29 10.68 5.39 9.06
CA GLY A 29 10.25 5.45 10.44
C GLY A 29 9.42 4.26 10.85
N GLY A 30 10.03 3.30 11.52
CA GLY A 30 9.31 2.11 11.95
C GLY A 30 9.35 1.00 10.93
N ASN A 31 9.30 -0.24 11.39
CA ASN A 31 9.33 -1.40 10.51
C ASN A 31 7.94 -1.97 10.31
N PHE A 32 7.37 -1.72 9.13
CA PHE A 32 6.03 -2.22 8.81
C PHE A 32 6.11 -3.43 7.90
N LEU A 33 7.23 -3.59 7.21
CA LEU A 33 7.43 -4.71 6.31
C LEU A 33 7.30 -6.04 7.05
N GLU A 34 7.51 -6.00 8.37
CA GLU A 34 7.41 -7.20 9.19
C GLU A 34 5.97 -7.67 9.28
N VAL A 35 5.13 -6.87 9.93
CA VAL A 35 3.72 -7.21 10.10
C VAL A 35 3.03 -7.39 8.75
N THR A 36 3.46 -6.60 7.76
CA THR A 36 2.88 -6.67 6.42
C THR A 36 3.14 -8.03 5.79
N GLU A 37 4.41 -8.44 5.78
CA GLU A 37 4.80 -9.72 5.20
C GLU A 37 4.00 -10.86 5.84
N GLN A 38 3.87 -10.82 7.16
CA GLN A 38 3.15 -11.85 7.89
C GLN A 38 1.72 -11.99 7.36
N ILE A 39 1.01 -10.86 7.29
CA ILE A 39 -0.37 -10.86 6.80
C ILE A 39 -0.45 -11.45 5.40
N LEU A 40 0.47 -11.05 4.54
CA LEU A 40 0.49 -11.54 3.17
C LEU A 40 0.52 -13.07 3.13
N ALA A 41 1.37 -13.66 3.98
CA ALA A 41 1.49 -15.10 4.05
C ALA A 41 0.17 -15.75 4.48
N LYS A 42 -0.77 -14.91 4.89
CA LYS A 42 -2.08 -15.39 5.33
C LYS A 42 -3.15 -15.08 4.29
N ILE A 43 -2.95 -14.01 3.53
CA ILE A 43 -3.89 -13.61 2.50
C ILE A 43 -3.79 -14.52 1.28
N PRO A 44 -4.93 -15.13 0.90
CA PRO A 44 -5.00 -16.03 -0.26
C PRO A 44 -4.83 -15.29 -1.58
N SER A 45 -4.72 -16.05 -2.67
CA SER A 45 -4.55 -15.47 -3.99
C SER A 45 -5.90 -15.13 -4.61
N GLU A 46 -6.96 -15.78 -4.13
CA GLU A 46 -8.31 -15.55 -4.64
C GLU A 46 -8.67 -14.06 -4.56
N ASN A 47 -9.44 -13.60 -5.53
CA ASN A 47 -9.86 -12.21 -5.58
C ASN A 47 -10.90 -11.92 -4.49
N ASN A 48 -10.43 -11.47 -3.34
CA ASN A 48 -11.32 -11.16 -2.22
C ASN A 48 -10.65 -10.16 -1.26
N LYS A 49 -11.42 -9.18 -0.83
CA LYS A 49 -10.92 -8.17 0.10
C LYS A 49 -11.58 -8.30 1.47
N LEU A 50 -10.94 -7.74 2.48
CA LEU A 50 -11.46 -7.79 3.84
C LEU A 50 -10.76 -6.78 4.74
N THR A 51 -11.52 -6.13 5.61
CA THR A 51 -10.97 -5.13 6.52
C THR A 51 -10.28 -5.79 7.71
N TYR A 52 -8.94 -5.70 7.73
CA TYR A 52 -8.16 -6.29 8.80
C TYR A 52 -7.70 -5.22 9.80
N SER A 53 -8.17 -5.33 11.03
CA SER A 53 -7.82 -4.38 12.07
C SER A 53 -6.75 -4.95 12.99
N HIS A 54 -5.51 -4.50 12.79
CA HIS A 54 -4.39 -4.97 13.60
C HIS A 54 -3.82 -3.83 14.44
N GLY A 55 -3.93 -3.97 15.76
CA GLY A 55 -3.42 -2.94 16.65
C GLY A 55 -4.13 -1.61 16.49
N ASN A 56 -3.40 -0.52 16.68
CA ASN A 56 -3.97 0.82 16.54
C ASN A 56 -3.85 1.31 15.10
N TYR A 57 -3.88 0.38 14.15
CA TYR A 57 -3.77 0.72 12.75
C TYR A 57 -4.70 -0.15 11.90
N LEU A 58 -5.14 0.37 10.76
CA LEU A 58 -6.02 -0.35 9.87
C LEU A 58 -5.25 -0.98 8.71
N PHE A 59 -5.59 -2.22 8.38
CA PHE A 59 -4.92 -2.92 7.29
C PHE A 59 -5.90 -3.25 6.18
N HIS A 60 -5.94 -2.39 5.16
CA HIS A 60 -6.84 -2.59 4.03
C HIS A 60 -6.09 -3.20 2.85
N TYR A 61 -6.52 -4.39 2.44
CA TYR A 61 -5.90 -5.09 1.32
C TYR A 61 -6.91 -5.40 0.22
N ILE A 62 -6.54 -5.10 -1.02
CA ILE A 62 -7.42 -5.34 -2.15
C ILE A 62 -6.79 -6.33 -3.14
N CYS A 63 -7.43 -7.47 -3.31
CA CYS A 63 -6.93 -8.50 -4.23
C CYS A 63 -7.47 -8.28 -5.63
N GLN A 64 -6.59 -8.38 -6.62
CA GLN A 64 -6.98 -8.18 -8.01
C GLN A 64 -5.85 -8.62 -8.96
N ASP A 65 -6.19 -9.48 -9.91
CA ASP A 65 -5.21 -9.97 -10.87
C ASP A 65 -4.07 -10.69 -10.17
N ARG A 66 -4.39 -11.38 -9.07
CA ARG A 66 -3.40 -12.11 -8.31
C ARG A 66 -2.42 -11.15 -7.63
N ILE A 67 -2.89 -9.95 -7.32
CA ILE A 67 -2.06 -8.94 -6.67
C ILE A 67 -2.72 -8.41 -5.41
N VAL A 68 -1.92 -8.19 -4.37
CA VAL A 68 -2.43 -7.68 -3.11
C VAL A 68 -1.84 -6.30 -2.80
N TYR A 69 -2.71 -5.38 -2.42
CA TYR A 69 -2.28 -4.02 -2.09
C TYR A 69 -2.64 -3.67 -0.65
N LEU A 70 -1.68 -3.81 0.25
CA LEU A 70 -1.89 -3.50 1.66
C LEU A 70 -1.39 -2.10 2.00
N CYS A 71 -2.04 -1.46 2.95
CA CYS A 71 -1.66 -0.11 3.37
C CYS A 71 -1.95 0.10 4.86
N ILE A 72 -1.19 0.99 5.48
CA ILE A 72 -1.37 1.29 6.90
C ILE A 72 -1.77 2.74 7.12
N THR A 73 -2.88 2.94 7.82
CA THR A 73 -3.36 4.29 8.09
C THR A 73 -3.89 4.41 9.52
N ASP A 74 -4.11 5.63 9.97
CA ASP A 74 -4.61 5.88 11.31
C ASP A 74 -6.09 5.49 11.43
N ASP A 75 -6.45 4.85 12.53
CA ASP A 75 -7.82 4.42 12.75
C ASP A 75 -8.81 5.50 12.32
N ASP A 76 -8.73 6.66 12.97
CA ASP A 76 -9.61 7.78 12.64
C ASP A 76 -9.86 7.85 11.14
N PHE A 77 -8.81 7.66 10.36
CA PHE A 77 -8.92 7.71 8.90
C PHE A 77 -10.13 6.90 8.43
N GLU A 78 -10.82 7.42 7.41
CA GLU A 78 -11.99 6.74 6.86
C GLU A 78 -11.57 5.70 5.83
N ARG A 79 -12.18 4.52 5.92
CA ARG A 79 -11.87 3.43 5.00
C ARG A 79 -11.97 3.90 3.55
N SER A 80 -13.09 4.51 3.21
CA SER A 80 -13.31 5.01 1.85
C SER A 80 -12.03 5.62 1.29
N ARG A 81 -11.58 6.71 1.90
CA ARG A 81 -10.37 7.39 1.46
C ARG A 81 -9.25 6.38 1.19
N ALA A 82 -9.06 5.45 2.11
CA ALA A 82 -8.02 4.43 1.98
C ALA A 82 -8.26 3.57 0.73
N PHE A 83 -9.39 2.88 0.70
CA PHE A 83 -9.73 2.02 -0.42
C PHE A 83 -9.51 2.74 -1.74
N ASN A 84 -9.74 4.06 -1.73
CA ASN A 84 -9.57 4.87 -2.94
C ASN A 84 -8.11 4.92 -3.35
N PHE A 85 -7.28 5.59 -2.54
CA PHE A 85 -5.86 5.71 -2.82
C PHE A 85 -5.29 4.39 -3.34
N LEU A 86 -5.67 3.30 -2.70
CA LEU A 86 -5.20 1.97 -3.10
C LEU A 86 -5.64 1.64 -4.51
N ASN A 87 -6.95 1.65 -4.75
CA ASN A 87 -7.50 1.35 -6.06
C ASN A 87 -6.85 2.23 -7.13
N GLU A 88 -6.43 3.43 -6.74
CA GLU A 88 -5.79 4.35 -7.66
C GLU A 88 -4.45 3.80 -8.15
N ILE A 89 -3.53 3.60 -7.22
CA ILE A 89 -2.21 3.07 -7.55
C ILE A 89 -2.31 1.67 -8.12
N LYS A 90 -3.18 0.85 -7.52
CA LYS A 90 -3.36 -0.52 -7.97
C LYS A 90 -3.67 -0.57 -9.46
N LYS A 91 -4.57 0.30 -9.91
CA LYS A 91 -4.95 0.36 -11.31
C LYS A 91 -3.78 0.83 -12.18
N ARG A 92 -3.08 1.85 -11.70
CA ARG A 92 -1.93 2.39 -12.43
C ARG A 92 -0.83 1.35 -12.57
N PHE A 93 -0.85 0.36 -11.68
CA PHE A 93 0.15 -0.70 -11.70
C PHE A 93 -0.31 -1.86 -12.58
N GLN A 94 -1.51 -2.35 -12.33
CA GLN A 94 -2.07 -3.47 -13.09
C GLN A 94 -2.21 -3.09 -14.56
N THR A 95 -2.25 -1.79 -14.83
CA THR A 95 -2.38 -1.30 -16.21
C THR A 95 -1.02 -1.05 -16.83
N THR A 96 -0.10 -0.51 -16.04
CA THR A 96 1.24 -0.22 -16.54
C THR A 96 2.17 -1.42 -16.34
N TYR A 97 2.43 -1.75 -15.09
CA TYR A 97 3.30 -2.87 -14.76
C TYR A 97 2.50 -4.06 -14.26
N GLY A 98 1.30 -4.23 -14.80
CA GLY A 98 0.44 -5.33 -14.40
C GLY A 98 0.82 -6.64 -15.05
N SER A 99 0.67 -6.70 -16.37
CA SER A 99 1.01 -7.91 -17.12
C SER A 99 2.39 -8.43 -16.74
N ARG A 100 3.36 -7.52 -16.68
CA ARG A 100 4.73 -7.89 -16.32
C ARG A 100 4.79 -8.44 -14.91
N ALA A 101 3.98 -7.89 -14.02
CA ALA A 101 3.94 -8.32 -12.63
C ALA A 101 3.72 -9.83 -12.54
N GLN A 102 3.17 -10.41 -13.61
CA GLN A 102 2.90 -11.85 -13.64
C GLN A 102 4.14 -12.62 -14.08
N THR A 103 5.00 -11.95 -14.86
CA THR A 103 6.22 -12.57 -15.35
C THR A 103 7.45 -11.96 -14.70
N ALA A 104 7.64 -10.66 -14.92
CA ALA A 104 8.78 -9.94 -14.35
C ALA A 104 9.10 -10.45 -12.95
N PRO A 105 10.41 -10.57 -12.66
CA PRO A 105 10.88 -11.04 -11.36
C PRO A 105 10.61 -10.03 -10.24
N PRO A 106 10.79 -10.49 -8.99
CA PRO A 106 10.58 -9.63 -7.81
C PRO A 106 11.65 -8.55 -7.68
N TYR A 107 11.22 -7.37 -7.25
CA TYR A 107 12.14 -6.24 -7.08
C TYR A 107 12.75 -5.84 -8.42
N ALA A 108 11.95 -5.88 -9.48
CA ALA A 108 12.41 -5.53 -10.81
C ALA A 108 12.01 -4.11 -11.17
N MET A 109 10.74 -3.77 -10.90
CA MET A 109 10.24 -2.44 -11.20
C MET A 109 9.91 -1.68 -9.91
N ASN A 110 10.82 -1.77 -8.94
CA ASN A 110 10.63 -1.09 -7.66
C ASN A 110 11.01 0.39 -7.77
N SER A 111 11.99 0.68 -8.61
CA SER A 111 12.46 2.05 -8.81
C SER A 111 11.36 2.91 -9.41
N GLU A 112 10.86 2.50 -10.58
CA GLU A 112 9.81 3.24 -11.26
C GLU A 112 8.61 3.45 -10.35
N PHE A 113 8.08 2.36 -9.81
CA PHE A 113 6.93 2.42 -8.93
C PHE A 113 7.26 3.21 -7.66
N SER A 114 8.47 3.02 -7.15
CA SER A 114 8.90 3.70 -5.94
C SER A 114 8.66 5.20 -6.06
N SER A 115 9.09 5.79 -7.16
CA SER A 115 8.93 7.23 -7.38
C SER A 115 7.45 7.57 -7.54
N VAL A 116 6.76 6.82 -8.39
CA VAL A 116 5.33 7.06 -8.64
C VAL A 116 4.55 7.03 -7.32
N LEU A 117 4.56 5.89 -6.65
CA LEU A 117 3.85 5.73 -5.39
C LEU A 117 4.12 6.91 -4.46
N ALA A 118 5.40 7.20 -4.24
CA ALA A 118 5.81 8.30 -3.37
C ALA A 118 5.01 9.56 -3.70
N ALA A 119 4.89 9.87 -4.99
CA ALA A 119 4.16 11.05 -5.43
C ALA A 119 2.69 10.96 -5.04
N GLN A 120 2.13 9.75 -5.11
CA GLN A 120 0.73 9.54 -4.77
C GLN A 120 0.49 9.80 -3.29
N LEU A 121 1.39 9.30 -2.45
CA LEU A 121 1.27 9.48 -1.00
C LEU A 121 1.33 10.96 -0.63
N LYS A 122 2.41 11.62 -1.04
CA LYS A 122 2.59 13.04 -0.76
C LYS A 122 1.50 13.87 -1.42
N HIS A 123 1.22 13.57 -2.68
CA HIS A 123 0.19 14.28 -3.43
C HIS A 123 -1.15 14.21 -2.71
N HIS A 124 -1.70 13.01 -2.60
CA HIS A 124 -2.97 12.80 -1.94
C HIS A 124 -2.95 13.38 -0.53
N SER A 125 -1.94 13.02 0.26
CA SER A 125 -1.81 13.49 1.62
C SER A 125 -0.49 14.23 1.81
N SER A 126 -0.58 15.47 2.30
CA SER A 126 0.61 16.28 2.52
C SER A 126 1.43 15.75 3.70
N GLY A 127 2.53 15.08 3.39
CA GLY A 127 3.38 14.52 4.43
C GLY A 127 4.03 15.60 5.28
N PRO A 128 4.83 15.17 6.26
CA PRO A 128 5.53 16.09 7.18
C PRO A 128 6.64 16.86 6.48
N SER A 129 6.60 18.18 6.60
CA SER A 129 7.60 19.04 5.98
C SER A 129 8.95 18.89 6.68
N SER A 130 9.98 18.60 5.90
CA SER A 130 11.32 18.42 6.44
C SER A 130 12.27 19.51 5.93
N GLY A 131 12.97 20.15 6.84
CA GLY A 131 13.90 21.21 6.45
C GLY A 131 15.32 20.70 6.27
N GLY A 1 9.41 20.69 8.64
CA GLY A 1 9.86 20.09 7.40
C GLY A 1 9.58 18.60 7.34
N SER A 2 9.82 17.90 8.44
CA SER A 2 9.60 16.46 8.51
C SER A 2 8.47 16.14 9.47
N SER A 3 8.47 16.78 10.63
CA SER A 3 7.46 16.55 11.64
C SER A 3 6.15 17.23 11.26
N GLY A 4 5.10 16.44 11.09
CA GLY A 4 3.80 16.97 10.73
C GLY A 4 2.65 16.21 11.35
N SER A 5 2.58 16.24 12.67
CA SER A 5 1.52 15.54 13.40
C SER A 5 0.18 15.67 12.67
N SER A 6 -0.26 16.91 12.51
CA SER A 6 -1.52 17.19 11.83
C SER A 6 -1.52 16.61 10.42
N GLY A 7 -2.60 15.92 10.06
CA GLY A 7 -2.69 15.34 8.74
C GLY A 7 -2.70 13.82 8.77
N MET A 8 -3.86 13.23 9.01
CA MET A 8 -3.98 11.78 9.07
C MET A 8 -4.19 11.19 7.67
N ALA A 9 -3.20 10.46 7.19
CA ALA A 9 -3.28 9.85 5.87
C ALA A 9 -2.44 8.58 5.80
N ILE A 10 -2.46 7.93 4.65
CA ILE A 10 -1.70 6.70 4.45
C ILE A 10 -0.20 6.94 4.65
N LEU A 11 0.47 5.97 5.27
CA LEU A 11 1.90 6.08 5.52
C LEU A 11 2.65 4.93 4.87
N PHE A 12 2.06 3.74 4.91
CA PHE A 12 2.68 2.56 4.31
C PHE A 12 1.82 2.01 3.18
N ALA A 13 2.46 1.72 2.04
CA ALA A 13 1.76 1.21 0.88
C ALA A 13 2.73 0.50 -0.07
N VAL A 14 2.57 -0.81 -0.19
CA VAL A 14 3.43 -1.61 -1.06
C VAL A 14 2.61 -2.61 -1.88
N VAL A 15 3.23 -3.17 -2.91
CA VAL A 15 2.56 -4.13 -3.77
C VAL A 15 3.26 -5.49 -3.73
N ALA A 16 2.55 -6.50 -3.25
CA ALA A 16 3.11 -7.85 -3.16
C ALA A 16 2.09 -8.89 -3.60
N ARG A 17 2.57 -9.97 -4.22
CA ARG A 17 1.70 -11.04 -4.68
C ARG A 17 2.22 -12.40 -4.23
N GLY A 18 1.30 -13.27 -3.80
CA GLY A 18 1.68 -14.59 -3.35
C GLY A 18 2.99 -14.58 -2.58
N THR A 19 3.01 -13.87 -1.46
CA THR A 19 4.22 -13.78 -0.63
C THR A 19 5.43 -13.38 -1.46
N THR A 20 5.26 -12.35 -2.28
CA THR A 20 6.34 -11.88 -3.13
C THR A 20 6.19 -10.39 -3.43
N ILE A 21 7.02 -9.58 -2.77
CA ILE A 21 6.98 -8.13 -2.96
C ILE A 21 7.65 -7.73 -4.27
N LEU A 22 6.91 -7.02 -5.12
CA LEU A 22 7.43 -6.57 -6.40
C LEU A 22 7.93 -5.13 -6.32
N ALA A 23 7.23 -4.32 -5.54
CA ALA A 23 7.59 -2.92 -5.37
C ALA A 23 7.08 -2.36 -4.04
N LYS A 24 8.01 -1.99 -3.17
CA LYS A 24 7.65 -1.46 -1.86
C LYS A 24 8.17 -0.03 -1.70
N HIS A 25 7.39 0.81 -1.03
CA HIS A 25 7.77 2.20 -0.80
C HIS A 25 6.96 2.81 0.33
N ALA A 26 7.61 3.03 1.46
CA ALA A 26 6.95 3.62 2.63
C ALA A 26 7.77 4.75 3.22
N TRP A 27 7.15 5.54 4.09
CA TRP A 27 7.82 6.66 4.73
C TRP A 27 8.83 6.17 5.77
N CYS A 28 9.87 6.96 6.00
CA CYS A 28 10.91 6.59 6.96
C CYS A 28 10.40 6.79 8.39
N GLY A 29 10.10 5.67 9.06
CA GLY A 29 9.62 5.74 10.42
C GLY A 29 9.19 4.38 10.94
N GLY A 30 10.16 3.53 11.25
CA GLY A 30 9.86 2.21 11.77
C GLY A 30 9.85 1.15 10.67
N ASN A 31 9.72 -0.11 11.07
CA ASN A 31 9.69 -1.21 10.11
C ASN A 31 8.30 -1.83 10.04
N PHE A 32 7.64 -1.66 8.90
CA PHE A 32 6.30 -2.19 8.70
C PHE A 32 6.34 -3.43 7.81
N LEU A 33 7.18 -3.38 6.78
CA LEU A 33 7.32 -4.51 5.85
C LEU A 33 7.20 -5.84 6.59
N GLU A 34 7.64 -5.85 7.83
CA GLU A 34 7.58 -7.07 8.64
C GLU A 34 6.14 -7.56 8.80
N VAL A 35 5.35 -6.79 9.52
CA VAL A 35 3.94 -7.13 9.76
C VAL A 35 3.20 -7.31 8.43
N THR A 36 3.59 -6.52 7.44
CA THR A 36 2.96 -6.58 6.12
C THR A 36 3.15 -7.95 5.48
N GLU A 37 4.40 -8.41 5.43
CA GLU A 37 4.72 -9.70 4.84
C GLU A 37 3.94 -10.81 5.55
N GLN A 38 4.04 -10.85 6.87
CA GLN A 38 3.35 -11.87 7.66
C GLN A 38 1.88 -11.96 7.27
N ILE A 39 1.24 -10.81 7.11
CA ILE A 39 -0.16 -10.76 6.73
C ILE A 39 -0.38 -11.32 5.33
N LEU A 40 0.53 -10.97 4.41
CA LEU A 40 0.44 -11.44 3.04
C LEU A 40 0.33 -12.96 2.98
N ALA A 41 1.16 -13.64 3.76
CA ALA A 41 1.15 -15.10 3.81
C ALA A 41 -0.18 -15.61 4.33
N LYS A 42 -1.03 -14.71 4.80
CA LYS A 42 -2.33 -15.08 5.33
C LYS A 42 -3.43 -14.70 4.35
N ILE A 43 -3.17 -13.72 3.50
CA ILE A 43 -4.14 -13.26 2.52
C ILE A 43 -4.16 -14.19 1.30
N PRO A 44 -5.36 -14.65 0.93
CA PRO A 44 -5.54 -15.55 -0.21
C PRO A 44 -5.29 -14.84 -1.55
N SER A 45 -5.33 -15.61 -2.63
CA SER A 45 -5.10 -15.05 -3.97
C SER A 45 -6.43 -14.63 -4.60
N GLU A 46 -7.51 -15.26 -4.17
CA GLU A 46 -8.84 -14.95 -4.71
C GLU A 46 -9.05 -13.45 -4.79
N ASN A 47 -9.94 -13.02 -5.68
CA ASN A 47 -10.24 -11.61 -5.85
C ASN A 47 -11.29 -11.14 -4.85
N ASN A 48 -10.84 -10.83 -3.63
CA ASN A 48 -11.74 -10.37 -2.58
C ASN A 48 -10.98 -9.54 -1.54
N LYS A 49 -11.60 -8.45 -1.11
CA LYS A 49 -10.98 -7.57 -0.11
C LYS A 49 -11.58 -7.82 1.27
N LEU A 50 -10.90 -7.32 2.30
CA LEU A 50 -11.37 -7.48 3.67
C LEU A 50 -10.64 -6.52 4.61
N THR A 51 -11.38 -5.93 5.54
CA THR A 51 -10.82 -5.00 6.50
C THR A 51 -10.20 -5.73 7.69
N TYR A 52 -8.87 -5.70 7.76
CA TYR A 52 -8.16 -6.37 8.84
C TYR A 52 -7.66 -5.36 9.86
N SER A 53 -8.16 -5.48 11.10
CA SER A 53 -7.77 -4.57 12.17
C SER A 53 -6.60 -5.14 12.96
N HIS A 54 -5.44 -4.51 12.82
CA HIS A 54 -4.23 -4.93 13.52
C HIS A 54 -3.69 -3.83 14.42
N GLY A 55 -3.71 -4.07 15.72
CA GLY A 55 -3.23 -3.08 16.66
C GLY A 55 -3.92 -1.73 16.52
N ASN A 56 -3.19 -0.66 16.73
CA ASN A 56 -3.74 0.69 16.62
C ASN A 56 -3.65 1.21 15.19
N TYR A 57 -3.74 0.28 14.24
CA TYR A 57 -3.67 0.65 12.82
C TYR A 57 -4.58 -0.24 11.98
N LEU A 58 -5.00 0.28 10.83
CA LEU A 58 -5.88 -0.46 9.94
C LEU A 58 -5.09 -1.06 8.78
N PHE A 59 -5.42 -2.30 8.43
CA PHE A 59 -4.74 -2.98 7.33
C PHE A 59 -5.73 -3.33 6.21
N HIS A 60 -5.82 -2.46 5.22
CA HIS A 60 -6.72 -2.66 4.10
C HIS A 60 -5.98 -3.27 2.90
N TYR A 61 -6.49 -4.38 2.40
CA TYR A 61 -5.87 -5.05 1.26
C TYR A 61 -6.90 -5.34 0.17
N ILE A 62 -6.50 -5.09 -1.08
CA ILE A 62 -7.39 -5.32 -2.22
C ILE A 62 -6.79 -6.32 -3.19
N CYS A 63 -7.32 -7.54 -3.17
CA CYS A 63 -6.83 -8.59 -4.05
C CYS A 63 -7.37 -8.42 -5.46
N GLN A 64 -6.48 -8.43 -6.46
CA GLN A 64 -6.87 -8.26 -7.85
C GLN A 64 -5.77 -8.75 -8.78
N ASP A 65 -6.17 -9.53 -9.78
CA ASP A 65 -5.21 -10.06 -10.75
C ASP A 65 -4.06 -10.78 -10.04
N ARG A 66 -4.38 -11.49 -8.97
CA ARG A 66 -3.38 -12.22 -8.21
C ARG A 66 -2.39 -11.26 -7.54
N ILE A 67 -2.87 -10.06 -7.24
CA ILE A 67 -2.03 -9.05 -6.61
C ILE A 67 -2.68 -8.51 -5.33
N VAL A 68 -1.86 -8.26 -4.31
CA VAL A 68 -2.36 -7.75 -3.05
C VAL A 68 -1.76 -6.38 -2.74
N TYR A 69 -2.62 -5.42 -2.40
CA TYR A 69 -2.16 -4.08 -2.08
C TYR A 69 -2.50 -3.71 -0.63
N LEU A 70 -1.52 -3.88 0.26
CA LEU A 70 -1.72 -3.58 1.67
C LEU A 70 -1.22 -2.17 1.99
N CYS A 71 -1.85 -1.54 2.98
CA CYS A 71 -1.48 -0.19 3.38
C CYS A 71 -1.86 0.06 4.84
N ILE A 72 -0.94 0.66 5.59
CA ILE A 72 -1.19 0.96 6.99
C ILE A 72 -1.68 2.40 7.18
N THR A 73 -2.81 2.54 7.86
CA THR A 73 -3.39 3.85 8.11
C THR A 73 -3.86 3.99 9.55
N ASP A 74 -4.33 5.17 9.91
CA ASP A 74 -4.81 5.43 11.26
C ASP A 74 -6.27 5.03 11.41
N ASP A 75 -6.55 4.21 12.41
CA ASP A 75 -7.91 3.74 12.66
C ASP A 75 -8.92 4.85 12.41
N ASP A 76 -8.59 6.06 12.87
CA ASP A 76 -9.47 7.21 12.68
C ASP A 76 -9.77 7.44 11.20
N PHE A 77 -8.72 7.41 10.38
CA PHE A 77 -8.88 7.63 8.95
C PHE A 77 -10.11 6.89 8.42
N GLU A 78 -10.76 7.49 7.42
CA GLU A 78 -11.96 6.90 6.83
C GLU A 78 -11.59 5.77 5.87
N ARG A 79 -12.27 4.64 6.01
CA ARG A 79 -12.01 3.48 5.16
C ARG A 79 -12.08 3.87 3.68
N SER A 80 -13.19 4.50 3.30
CA SER A 80 -13.38 4.92 1.91
C SER A 80 -12.10 5.54 1.34
N ARG A 81 -11.54 6.50 2.08
CA ARG A 81 -10.32 7.16 1.65
C ARG A 81 -9.23 6.15 1.32
N ALA A 82 -8.90 5.30 2.29
CA ALA A 82 -7.88 4.28 2.10
C ALA A 82 -8.12 3.48 0.83
N PHE A 83 -9.25 2.78 0.79
CA PHE A 83 -9.61 1.97 -0.37
C PHE A 83 -9.42 2.76 -1.67
N ASN A 84 -9.69 4.06 -1.61
CA ASN A 84 -9.56 4.93 -2.77
C ASN A 84 -8.12 4.95 -3.26
N PHE A 85 -7.24 5.58 -2.49
CA PHE A 85 -5.83 5.68 -2.86
C PHE A 85 -5.32 4.34 -3.39
N LEU A 86 -5.70 3.26 -2.73
CA LEU A 86 -5.28 1.92 -3.15
C LEU A 86 -5.74 1.63 -4.58
N ASN A 87 -7.05 1.51 -4.76
CA ASN A 87 -7.61 1.24 -6.08
C ASN A 87 -6.93 2.08 -7.16
N GLU A 88 -6.59 3.32 -6.79
CA GLU A 88 -5.94 4.23 -7.73
C GLU A 88 -4.62 3.64 -8.23
N ILE A 89 -3.68 3.45 -7.30
CA ILE A 89 -2.38 2.90 -7.64
C ILE A 89 -2.50 1.46 -8.16
N LYS A 90 -3.25 0.64 -7.43
CA LYS A 90 -3.45 -0.75 -7.82
C LYS A 90 -3.75 -0.86 -9.31
N LYS A 91 -4.61 0.02 -9.81
CA LYS A 91 -4.98 0.03 -11.22
C LYS A 91 -3.82 0.49 -12.08
N ARG A 92 -3.16 1.57 -11.66
CA ARG A 92 -2.03 2.12 -12.39
C ARG A 92 -0.93 1.08 -12.54
N PHE A 93 -0.75 0.27 -11.50
CA PHE A 93 0.28 -0.77 -11.52
C PHE A 93 -0.11 -1.92 -12.44
N GLN A 94 -1.28 -2.51 -12.17
CA GLN A 94 -1.77 -3.62 -12.96
C GLN A 94 -1.92 -3.21 -14.43
N THR A 95 -2.19 -1.93 -14.65
CA THR A 95 -2.36 -1.41 -16.00
C THR A 95 -1.02 -1.04 -16.63
N THR A 96 -0.04 -0.76 -15.78
CA THR A 96 1.29 -0.39 -16.25
C THR A 96 2.25 -1.59 -16.19
N TYR A 97 2.55 -2.03 -14.97
CA TYR A 97 3.46 -3.15 -14.78
C TYR A 97 2.71 -4.37 -14.23
N GLY A 98 1.47 -4.53 -14.67
CA GLY A 98 0.65 -5.64 -14.22
C GLY A 98 1.13 -6.97 -14.78
N SER A 99 1.00 -7.12 -16.10
CA SER A 99 1.41 -8.35 -16.76
C SER A 99 2.81 -8.78 -16.30
N ARG A 100 3.74 -7.84 -16.30
CA ARG A 100 5.10 -8.12 -15.89
C ARG A 100 5.14 -8.68 -14.47
N ALA A 101 4.25 -8.17 -13.62
CA ALA A 101 4.17 -8.61 -12.23
C ALA A 101 3.88 -10.11 -12.16
N GLN A 102 3.55 -10.71 -13.30
CA GLN A 102 3.23 -12.13 -13.35
C GLN A 102 4.49 -12.95 -13.62
N THR A 103 5.54 -12.28 -14.10
CA THR A 103 6.81 -12.95 -14.40
C THR A 103 7.98 -12.20 -13.77
N ALA A 104 8.12 -10.92 -14.11
CA ALA A 104 9.20 -10.11 -13.58
C ALA A 104 9.50 -10.47 -12.13
N PRO A 105 10.75 -10.20 -11.70
CA PRO A 105 11.19 -10.50 -10.34
C PRO A 105 10.53 -9.58 -9.31
N PRO A 106 10.73 -9.91 -8.02
CA PRO A 106 10.15 -9.13 -6.91
C PRO A 106 10.82 -7.77 -6.76
N TYR A 107 11.94 -7.59 -7.46
CA TYR A 107 12.68 -6.32 -7.41
C TYR A 107 12.97 -5.81 -8.81
N ALA A 108 11.94 -5.77 -9.64
CA ALA A 108 12.08 -5.29 -11.01
C ALA A 108 11.54 -3.87 -11.15
N MET A 109 10.26 -3.69 -10.84
CA MET A 109 9.63 -2.39 -10.93
C MET A 109 9.58 -1.71 -9.56
N ASN A 110 10.70 -1.78 -8.84
CA ASN A 110 10.79 -1.17 -7.52
C ASN A 110 11.18 0.29 -7.62
N SER A 111 12.04 0.60 -8.59
CA SER A 111 12.50 1.97 -8.79
C SER A 111 11.38 2.84 -9.38
N GLU A 112 11.00 2.52 -10.61
CA GLU A 112 9.94 3.27 -11.29
C GLU A 112 8.74 3.48 -10.36
N PHE A 113 8.21 2.39 -9.83
CA PHE A 113 7.07 2.45 -8.92
C PHE A 113 7.40 3.27 -7.68
N SER A 114 8.48 2.91 -7.00
CA SER A 114 8.91 3.61 -5.80
C SER A 114 8.64 5.11 -5.92
N SER A 115 9.10 5.71 -7.00
CA SER A 115 8.92 7.14 -7.23
C SER A 115 7.45 7.46 -7.43
N VAL A 116 6.79 6.72 -8.31
CA VAL A 116 5.38 6.93 -8.58
C VAL A 116 4.56 6.96 -7.30
N LEU A 117 4.70 5.92 -6.49
CA LEU A 117 3.98 5.82 -5.22
C LEU A 117 4.22 7.06 -4.37
N ALA A 118 5.49 7.41 -4.21
CA ALA A 118 5.86 8.58 -3.41
C ALA A 118 5.01 9.79 -3.78
N ALA A 119 4.86 10.03 -5.08
CA ALA A 119 4.07 11.15 -5.57
C ALA A 119 2.60 11.01 -5.18
N GLN A 120 2.09 9.78 -5.29
CA GLN A 120 0.70 9.51 -4.95
C GLN A 120 0.45 9.73 -3.46
N LEU A 121 1.44 9.38 -2.64
CA LEU A 121 1.33 9.54 -1.19
C LEU A 121 1.35 11.02 -0.80
N LYS A 122 2.46 11.68 -1.13
CA LYS A 122 2.62 13.10 -0.81
C LYS A 122 1.45 13.91 -1.36
N HIS A 123 1.06 13.61 -2.60
CA HIS A 123 -0.05 14.32 -3.25
C HIS A 123 -1.34 14.12 -2.46
N HIS A 124 -1.76 12.86 -2.32
CA HIS A 124 -2.99 12.54 -1.59
C HIS A 124 -2.97 13.16 -0.20
N SER A 125 -2.02 12.74 0.63
CA SER A 125 -1.90 13.26 1.99
C SER A 125 -1.57 14.74 1.98
N SER A 126 -1.50 15.34 3.17
CA SER A 126 -1.20 16.75 3.30
C SER A 126 -0.10 16.99 4.33
N GLY A 127 0.93 16.14 4.30
CA GLY A 127 2.02 16.27 5.24
C GLY A 127 3.06 17.29 4.79
N PRO A 128 3.91 16.88 3.84
CA PRO A 128 4.96 17.75 3.31
C PRO A 128 4.41 18.88 2.45
N SER A 129 5.30 19.69 1.88
CA SER A 129 4.90 20.81 1.05
C SER A 129 3.94 21.73 1.80
N SER A 130 4.32 22.10 3.01
CA SER A 130 3.49 22.98 3.83
C SER A 130 3.43 24.38 3.24
N GLY A 131 4.58 24.90 2.84
CA GLY A 131 4.62 26.23 2.25
C GLY A 131 6.04 26.65 1.88
N GLY A 1 -11.69 15.81 20.48
CA GLY A 1 -10.61 14.96 20.93
C GLY A 1 -9.34 15.75 21.23
N SER A 2 -8.38 15.10 21.87
CA SER A 2 -7.12 15.74 22.22
C SER A 2 -6.14 15.68 21.06
N SER A 3 -6.05 14.52 20.42
CA SER A 3 -5.15 14.33 19.29
C SER A 3 -5.02 15.60 18.47
N GLY A 4 -3.80 16.14 18.41
CA GLY A 4 -3.57 17.36 17.65
C GLY A 4 -2.26 17.33 16.89
N SER A 5 -2.14 16.40 15.95
CA SER A 5 -0.92 16.27 15.16
C SER A 5 -1.19 15.50 13.87
N SER A 6 -0.20 15.48 12.98
CA SER A 6 -0.34 14.78 11.71
C SER A 6 -1.17 13.52 11.86
N GLY A 7 -1.96 13.20 10.84
CA GLY A 7 -2.79 12.01 10.89
C GLY A 7 -3.64 11.85 9.64
N MET A 8 -4.69 11.04 9.75
CA MET A 8 -5.58 10.80 8.62
C MET A 8 -4.82 10.87 7.29
N ALA A 9 -3.73 10.10 7.21
CA ALA A 9 -2.92 10.07 6.00
C ALA A 9 -2.12 8.78 5.91
N ILE A 10 -2.20 8.11 4.76
CA ILE A 10 -1.48 6.87 4.55
C ILE A 10 0.01 7.04 4.79
N LEU A 11 0.63 6.05 5.42
CA LEU A 11 2.05 6.09 5.72
C LEU A 11 2.78 4.94 5.03
N PHE A 12 2.14 3.78 4.99
CA PHE A 12 2.73 2.60 4.37
C PHE A 12 1.88 2.12 3.20
N ALA A 13 2.54 1.81 2.09
CA ALA A 13 1.85 1.34 0.90
C ALA A 13 2.79 0.54 0.00
N VAL A 14 2.53 -0.75 -0.13
CA VAL A 14 3.35 -1.62 -0.96
C VAL A 14 2.49 -2.62 -1.74
N VAL A 15 3.08 -3.23 -2.76
CA VAL A 15 2.37 -4.20 -3.58
C VAL A 15 3.12 -5.53 -3.65
N ALA A 16 2.44 -6.61 -3.30
CA ALA A 16 3.04 -7.94 -3.32
C ALA A 16 2.02 -9.00 -3.71
N ARG A 17 2.36 -9.78 -4.73
CA ARG A 17 1.47 -10.83 -5.22
C ARG A 17 1.58 -12.08 -4.35
N GLY A 18 0.58 -12.29 -3.49
CA GLY A 18 0.59 -13.44 -2.62
C GLY A 18 1.67 -13.36 -1.55
N THR A 19 2.86 -13.83 -1.88
CA THR A 19 3.99 -13.80 -0.95
C THR A 19 5.25 -13.29 -1.62
N THR A 20 5.09 -12.29 -2.50
CA THR A 20 6.23 -11.72 -3.21
C THR A 20 6.06 -10.22 -3.38
N ILE A 21 6.98 -9.46 -2.80
CA ILE A 21 6.93 -8.00 -2.88
C ILE A 21 7.59 -7.50 -4.17
N LEU A 22 6.78 -7.04 -5.11
CA LEU A 22 7.28 -6.54 -6.38
C LEU A 22 7.80 -5.11 -6.23
N ALA A 23 7.02 -4.26 -5.57
CA ALA A 23 7.40 -2.87 -5.37
C ALA A 23 6.95 -2.38 -3.99
N LYS A 24 7.91 -1.93 -3.19
CA LYS A 24 7.61 -1.43 -1.85
C LYS A 24 8.18 -0.03 -1.65
N HIS A 25 7.39 0.86 -1.08
CA HIS A 25 7.82 2.23 -0.83
C HIS A 25 7.00 2.86 0.30
N ALA A 26 7.64 3.05 1.45
CA ALA A 26 6.98 3.65 2.60
C ALA A 26 7.83 4.75 3.21
N TRP A 27 7.20 5.57 4.06
CA TRP A 27 7.90 6.67 4.71
C TRP A 27 8.88 6.15 5.77
N CYS A 28 9.91 6.93 6.05
CA CYS A 28 10.91 6.55 7.04
C CYS A 28 10.37 6.76 8.46
N GLY A 29 10.34 5.68 9.23
CA GLY A 29 9.84 5.76 10.60
C GLY A 29 9.36 4.43 11.11
N GLY A 30 10.27 3.49 11.29
CA GLY A 30 9.91 2.17 11.78
C GLY A 30 9.90 1.12 10.68
N ASN A 31 9.74 -0.14 11.08
CA ASN A 31 9.72 -1.24 10.13
C ASN A 31 8.32 -1.85 10.04
N PHE A 32 7.68 -1.68 8.89
CA PHE A 32 6.34 -2.22 8.68
C PHE A 32 6.38 -3.47 7.82
N LEU A 33 7.29 -3.48 6.85
CA LEU A 33 7.43 -4.62 5.95
C LEU A 33 7.32 -5.94 6.71
N GLU A 34 7.64 -5.90 8.01
CA GLU A 34 7.57 -7.08 8.86
C GLU A 34 6.12 -7.54 9.02
N VAL A 35 5.30 -6.70 9.61
CA VAL A 35 3.89 -7.02 9.84
C VAL A 35 3.16 -7.23 8.51
N THR A 36 3.45 -6.37 7.54
CA THR A 36 2.82 -6.47 6.23
C THR A 36 3.03 -7.84 5.61
N GLU A 37 4.28 -8.30 5.62
CA GLU A 37 4.63 -9.61 5.06
C GLU A 37 3.88 -10.72 5.79
N GLN A 38 3.99 -10.73 7.12
CA GLN A 38 3.32 -11.74 7.92
C GLN A 38 1.86 -11.91 7.50
N ILE A 39 1.20 -10.79 7.23
CA ILE A 39 -0.20 -10.82 6.80
C ILE A 39 -0.34 -11.44 5.42
N LEU A 40 0.51 -11.02 4.49
CA LEU A 40 0.49 -11.53 3.13
C LEU A 40 0.46 -13.05 3.12
N ALA A 41 1.40 -13.66 3.85
CA ALA A 41 1.48 -15.11 3.93
C ALA A 41 0.15 -15.72 4.34
N LYS A 42 -0.74 -14.88 4.87
CA LYS A 42 -2.06 -15.34 5.30
C LYS A 42 -3.12 -14.95 4.29
N ILE A 43 -2.89 -13.85 3.58
CA ILE A 43 -3.84 -13.37 2.58
C ILE A 43 -3.85 -14.28 1.35
N PRO A 44 -5.04 -14.80 1.01
CA PRO A 44 -5.22 -15.69 -0.14
C PRO A 44 -5.03 -14.96 -1.47
N SER A 45 -5.14 -15.71 -2.56
CA SER A 45 -4.98 -15.13 -3.90
C SER A 45 -6.34 -14.93 -4.56
N GLU A 46 -7.33 -15.69 -4.12
CA GLU A 46 -8.67 -15.60 -4.68
C GLU A 46 -9.18 -14.17 -4.63
N ASN A 47 -9.91 -13.76 -5.66
CA ASN A 47 -10.45 -12.42 -5.74
C ASN A 47 -11.42 -12.15 -4.58
N ASN A 48 -10.90 -11.55 -3.52
CA ASN A 48 -11.72 -11.24 -2.35
C ASN A 48 -11.01 -10.23 -1.45
N LYS A 49 -11.77 -9.26 -0.95
CA LYS A 49 -11.23 -8.23 -0.08
C LYS A 49 -11.83 -8.31 1.32
N LEU A 50 -11.11 -7.82 2.31
CA LEU A 50 -11.57 -7.84 3.69
C LEU A 50 -10.86 -6.77 4.52
N THR A 51 -11.59 -6.19 5.47
CA THR A 51 -11.03 -5.15 6.33
C THR A 51 -10.34 -5.77 7.55
N TYR A 52 -9.02 -5.63 7.62
CA TYR A 52 -8.25 -6.17 8.73
C TYR A 52 -7.88 -5.07 9.72
N SER A 53 -8.04 -5.37 11.00
CA SER A 53 -7.73 -4.41 12.06
C SER A 53 -6.60 -4.93 12.94
N HIS A 54 -5.45 -4.25 12.87
CA HIS A 54 -4.29 -4.63 13.66
C HIS A 54 -3.85 -3.50 14.57
N GLY A 55 -3.67 -3.81 15.86
CA GLY A 55 -3.25 -2.80 16.81
C GLY A 55 -3.97 -1.47 16.61
N ASN A 56 -3.28 -0.38 16.92
CA ASN A 56 -3.87 0.95 16.78
C ASN A 56 -3.76 1.44 15.34
N TYR A 57 -4.00 0.54 14.40
CA TYR A 57 -3.93 0.88 12.98
C TYR A 57 -4.91 0.03 12.17
N LEU A 58 -5.14 0.45 10.92
CA LEU A 58 -6.05 -0.27 10.04
C LEU A 58 -5.30 -0.86 8.85
N PHE A 59 -5.54 -2.15 8.59
CA PHE A 59 -4.88 -2.82 7.48
C PHE A 59 -5.89 -3.17 6.39
N HIS A 60 -5.82 -2.45 5.27
CA HIS A 60 -6.72 -2.67 4.15
C HIS A 60 -5.98 -3.29 2.98
N TYR A 61 -6.49 -4.42 2.49
CA TYR A 61 -5.87 -5.11 1.36
C TYR A 61 -6.90 -5.42 0.27
N ILE A 62 -6.46 -5.40 -0.97
CA ILE A 62 -7.34 -5.67 -2.11
C ILE A 62 -6.72 -6.70 -3.05
N CYS A 63 -7.49 -7.73 -3.37
CA CYS A 63 -7.02 -8.79 -4.26
C CYS A 63 -7.55 -8.58 -5.68
N GLN A 64 -6.66 -8.32 -6.62
CA GLN A 64 -7.04 -8.10 -8.00
C GLN A 64 -5.95 -8.58 -8.96
N ASP A 65 -6.29 -9.53 -9.81
CA ASP A 65 -5.34 -10.06 -10.78
C ASP A 65 -4.16 -10.73 -10.07
N ARG A 66 -4.46 -11.44 -8.98
CA ARG A 66 -3.42 -12.11 -8.20
C ARG A 66 -2.47 -11.10 -7.57
N ILE A 67 -2.99 -9.92 -7.26
CA ILE A 67 -2.19 -8.87 -6.64
C ILE A 67 -2.80 -8.40 -5.32
N VAL A 68 -1.96 -8.27 -4.30
CA VAL A 68 -2.42 -7.83 -2.98
C VAL A 68 -1.86 -6.45 -2.64
N TYR A 69 -2.74 -5.46 -2.57
CA TYR A 69 -2.33 -4.10 -2.24
C TYR A 69 -2.69 -3.75 -0.81
N LEU A 70 -1.70 -3.89 0.09
CA LEU A 70 -1.91 -3.59 1.50
C LEU A 70 -1.38 -2.20 1.84
N CYS A 71 -1.97 -1.58 2.86
CA CYS A 71 -1.55 -0.25 3.29
C CYS A 71 -1.86 -0.04 4.77
N ILE A 72 -1.08 0.82 5.41
CA ILE A 72 -1.28 1.11 6.83
C ILE A 72 -1.66 2.57 7.04
N THR A 73 -2.77 2.79 7.75
CA THR A 73 -3.24 4.14 8.02
C THR A 73 -3.77 4.26 9.44
N ASP A 74 -3.94 5.49 9.91
CA ASP A 74 -4.44 5.74 11.26
C ASP A 74 -5.93 5.41 11.34
N ASP A 75 -6.34 4.84 12.47
CA ASP A 75 -7.73 4.47 12.69
C ASP A 75 -8.67 5.53 12.11
N ASP A 76 -8.56 6.75 12.63
CA ASP A 76 -9.40 7.85 12.17
C ASP A 76 -9.58 7.80 10.66
N PHE A 77 -8.47 7.73 9.94
CA PHE A 77 -8.51 7.67 8.48
C PHE A 77 -9.72 6.87 8.00
N GLU A 78 -10.60 7.54 7.25
CA GLU A 78 -11.79 6.89 6.73
C GLU A 78 -11.43 5.65 5.90
N ARG A 79 -12.11 4.54 6.18
CA ARG A 79 -11.86 3.30 5.46
C ARG A 79 -11.99 3.50 3.95
N SER A 80 -12.99 4.29 3.54
CA SER A 80 -13.23 4.56 2.13
C SER A 80 -11.98 5.10 1.46
N ARG A 81 -11.45 6.20 2.01
CA ARG A 81 -10.25 6.82 1.47
C ARG A 81 -9.19 5.77 1.13
N ALA A 82 -8.81 4.98 2.13
CA ALA A 82 -7.81 3.94 1.94
C ALA A 82 -8.11 3.12 0.69
N PHE A 83 -9.35 2.68 0.56
CA PHE A 83 -9.76 1.88 -0.59
C PHE A 83 -9.58 2.66 -1.90
N ASN A 84 -9.83 3.97 -1.83
CA ASN A 84 -9.68 4.83 -3.01
C ASN A 84 -8.22 4.91 -3.44
N PHE A 85 -7.40 5.53 -2.61
CA PHE A 85 -5.98 5.68 -2.92
C PHE A 85 -5.37 4.36 -3.38
N LEU A 86 -5.79 3.27 -2.74
CA LEU A 86 -5.29 1.94 -3.09
C LEU A 86 -5.68 1.57 -4.52
N ASN A 87 -6.98 1.57 -4.79
CA ASN A 87 -7.49 1.24 -6.11
C ASN A 87 -6.79 2.07 -7.19
N GLU A 88 -6.33 3.26 -6.80
CA GLU A 88 -5.64 4.14 -7.72
C GLU A 88 -4.28 3.58 -8.11
N ILE A 89 -3.40 3.43 -7.12
CA ILE A 89 -2.07 2.90 -7.35
C ILE A 89 -2.13 1.46 -7.85
N LYS A 90 -3.14 0.73 -7.41
CA LYS A 90 -3.31 -0.67 -7.81
C LYS A 90 -3.63 -0.77 -9.29
N LYS A 91 -4.44 0.15 -9.79
CA LYS A 91 -4.82 0.18 -11.20
C LYS A 91 -3.64 0.60 -12.07
N ARG A 92 -2.85 1.53 -11.57
CA ARG A 92 -1.69 2.02 -12.31
C ARG A 92 -0.63 0.91 -12.45
N PHE A 93 -0.51 0.08 -11.43
CA PHE A 93 0.45 -1.01 -11.44
C PHE A 93 0.02 -2.11 -12.42
N GLN A 94 -1.21 -2.59 -12.25
CA GLN A 94 -1.74 -3.64 -13.12
C GLN A 94 -1.94 -3.12 -14.54
N THR A 95 -2.13 -1.80 -14.66
CA THR A 95 -2.34 -1.19 -15.96
C THR A 95 -1.01 -0.84 -16.62
N THR A 96 -0.04 -0.43 -15.82
CA THR A 96 1.27 -0.06 -16.33
C THR A 96 2.26 -1.22 -16.21
N TYR A 97 2.53 -1.62 -14.96
CA TYR A 97 3.45 -2.72 -14.71
C TYR A 97 2.71 -4.00 -14.36
N GLY A 98 1.55 -4.19 -15.01
CA GLY A 98 0.76 -5.38 -14.75
C GLY A 98 1.34 -6.62 -15.38
N SER A 99 1.42 -6.63 -16.71
CA SER A 99 1.97 -7.78 -17.43
C SER A 99 3.21 -8.32 -16.74
N ARG A 100 4.22 -7.47 -16.61
CA ARG A 100 5.47 -7.87 -15.97
C ARG A 100 5.20 -8.50 -14.61
N ALA A 101 4.28 -7.92 -13.86
CA ALA A 101 3.93 -8.43 -12.54
C ALA A 101 3.70 -9.94 -12.58
N GLN A 102 3.16 -10.42 -13.70
CA GLN A 102 2.88 -11.84 -13.86
C GLN A 102 4.16 -12.61 -14.17
N THR A 103 5.09 -11.95 -14.86
CA THR A 103 6.36 -12.57 -15.22
C THR A 103 7.53 -11.64 -14.93
N ALA A 104 7.79 -11.41 -13.65
CA ALA A 104 8.89 -10.54 -13.24
C ALA A 104 9.26 -10.78 -11.79
N PRO A 105 10.51 -10.46 -11.43
CA PRO A 105 11.02 -10.63 -10.07
C PRO A 105 10.40 -9.66 -9.09
N PRO A 106 10.66 -9.87 -7.79
CA PRO A 106 10.13 -9.02 -6.72
C PRO A 106 10.77 -7.64 -6.72
N TYR A 107 11.77 -7.45 -7.57
CA TYR A 107 12.48 -6.18 -7.66
C TYR A 107 12.63 -5.74 -9.12
N ALA A 108 11.57 -5.91 -9.90
CA ALA A 108 11.58 -5.54 -11.30
C ALA A 108 11.03 -4.14 -11.51
N MET A 109 9.94 -3.83 -10.79
CA MET A 109 9.31 -2.52 -10.90
C MET A 109 9.27 -1.83 -9.54
N ASN A 110 10.38 -1.90 -8.81
CA ASN A 110 10.48 -1.27 -7.49
C ASN A 110 10.86 0.19 -7.62
N SER A 111 11.86 0.48 -8.44
CA SER A 111 12.32 1.84 -8.64
C SER A 111 11.23 2.71 -9.25
N GLU A 112 10.83 2.38 -10.48
CA GLU A 112 9.80 3.13 -11.17
C GLU A 112 8.58 3.33 -10.28
N PHE A 113 8.05 2.23 -9.75
CA PHE A 113 6.88 2.29 -8.88
C PHE A 113 7.19 3.08 -7.61
N SER A 114 8.39 2.87 -7.07
CA SER A 114 8.81 3.57 -5.86
C SER A 114 8.58 5.07 -5.98
N SER A 115 8.94 5.61 -7.14
CA SER A 115 8.77 7.04 -7.39
C SER A 115 7.31 7.42 -7.52
N VAL A 116 6.59 6.66 -8.36
CA VAL A 116 5.17 6.92 -8.58
C VAL A 116 4.40 6.89 -7.27
N LEU A 117 4.68 5.90 -6.43
CA LEU A 117 4.02 5.77 -5.14
C LEU A 117 4.28 6.99 -4.27
N ALA A 118 5.55 7.31 -4.07
CA ALA A 118 5.93 8.46 -3.26
C ALA A 118 5.11 9.69 -3.63
N ALA A 119 4.94 9.92 -4.92
CA ALA A 119 4.17 11.06 -5.40
C ALA A 119 2.71 10.95 -4.98
N GLN A 120 2.16 9.75 -5.07
CA GLN A 120 0.77 9.51 -4.70
C GLN A 120 0.54 9.80 -3.22
N LEU A 121 1.49 9.38 -2.40
CA LEU A 121 1.39 9.60 -0.95
C LEU A 121 1.63 11.07 -0.61
N LYS A 122 2.80 11.57 -0.98
CA LYS A 122 3.16 12.96 -0.71
C LYS A 122 1.98 13.89 -0.99
N HIS A 123 1.34 13.69 -2.15
CA HIS A 123 0.20 14.51 -2.53
C HIS A 123 -1.00 14.24 -1.62
N HIS A 124 -1.50 12.99 -1.67
CA HIS A 124 -2.64 12.60 -0.85
C HIS A 124 -2.55 13.22 0.54
N SER A 125 -1.38 13.11 1.17
CA SER A 125 -1.17 13.65 2.50
C SER A 125 -0.48 15.00 2.43
N SER A 126 -0.38 15.67 3.58
CA SER A 126 0.25 16.99 3.64
C SER A 126 1.73 16.90 3.28
N GLY A 127 2.41 15.89 3.81
CA GLY A 127 3.82 15.71 3.53
C GLY A 127 4.71 16.12 4.69
N PRO A 128 4.82 15.23 5.69
CA PRO A 128 5.64 15.48 6.88
C PRO A 128 7.13 15.48 6.57
N SER A 129 7.94 15.92 7.53
CA SER A 129 9.38 15.97 7.36
C SER A 129 10.09 15.32 8.55
N SER A 130 11.30 14.83 8.31
CA SER A 130 12.08 14.18 9.35
C SER A 130 13.04 15.18 10.01
N GLY A 131 13.82 15.87 9.18
CA GLY A 131 14.78 16.84 9.69
C GLY A 131 16.21 16.43 9.44
N GLY A 1 16.61 8.38 19.24
CA GLY A 1 16.98 7.90 17.92
C GLY A 1 15.99 8.31 16.86
N SER A 2 14.94 7.51 16.67
CA SER A 2 13.91 7.79 15.68
C SER A 2 12.69 8.43 16.32
N SER A 3 12.28 9.58 15.79
CA SER A 3 11.13 10.30 16.32
C SER A 3 9.83 9.62 15.89
N GLY A 4 8.80 9.78 16.70
CA GLY A 4 7.51 9.18 16.39
C GLY A 4 6.47 10.22 16.01
N SER A 5 6.43 10.55 14.73
CA SER A 5 5.47 11.54 14.22
C SER A 5 4.14 10.89 13.88
N SER A 6 3.11 11.22 14.65
CA SER A 6 1.78 10.66 14.44
C SER A 6 1.23 11.06 13.07
N GLY A 7 0.95 10.06 12.24
CA GLY A 7 0.42 10.34 10.91
C GLY A 7 -0.94 9.71 10.68
N MET A 8 -1.95 10.55 10.54
CA MET A 8 -3.32 10.07 10.33
C MET A 8 -3.60 9.89 8.83
N ALA A 9 -2.62 9.34 8.12
CA ALA A 9 -2.77 9.11 6.68
C ALA A 9 -1.90 7.95 6.22
N ILE A 10 -2.01 7.60 4.95
CA ILE A 10 -1.23 6.51 4.38
C ILE A 10 0.26 6.71 4.64
N LEU A 11 0.85 5.81 5.42
CA LEU A 11 2.27 5.88 5.73
C LEU A 11 3.04 4.76 5.06
N PHE A 12 2.46 3.56 5.06
CA PHE A 12 3.09 2.41 4.44
C PHE A 12 2.20 1.82 3.34
N ALA A 13 2.71 1.82 2.12
CA ALA A 13 1.96 1.29 0.98
C ALA A 13 2.87 0.47 0.07
N VAL A 14 2.62 -0.83 0.00
CA VAL A 14 3.41 -1.72 -0.84
C VAL A 14 2.52 -2.72 -1.57
N VAL A 15 3.07 -3.35 -2.60
CA VAL A 15 2.33 -4.34 -3.38
C VAL A 15 3.09 -5.65 -3.46
N ALA A 16 2.41 -6.75 -3.13
CA ALA A 16 3.02 -8.07 -3.17
C ALA A 16 2.04 -9.11 -3.71
N ARG A 17 2.56 -10.08 -4.45
CA ARG A 17 1.73 -11.13 -5.02
C ARG A 17 2.17 -12.50 -4.52
N GLY A 18 1.50 -12.99 -3.49
CA GLY A 18 1.85 -14.29 -2.93
C GLY A 18 3.18 -14.29 -2.21
N THR A 19 3.21 -13.69 -1.03
CA THR A 19 4.44 -13.62 -0.24
C THR A 19 5.60 -13.11 -1.08
N THR A 20 5.29 -12.30 -2.09
CA THR A 20 6.31 -11.74 -2.97
C THR A 20 6.09 -10.25 -3.20
N ILE A 21 6.94 -9.43 -2.58
CA ILE A 21 6.83 -7.98 -2.72
C ILE A 21 7.57 -7.50 -3.96
N LEU A 22 6.80 -7.19 -5.00
CA LEU A 22 7.38 -6.71 -6.26
C LEU A 22 7.94 -5.30 -6.09
N ALA A 23 7.18 -4.44 -5.41
CA ALA A 23 7.60 -3.07 -5.18
C ALA A 23 7.07 -2.55 -3.85
N LYS A 24 7.96 -2.00 -3.04
CA LYS A 24 7.59 -1.46 -1.74
C LYS A 24 8.15 -0.06 -1.53
N HIS A 25 7.34 0.84 -1.00
CA HIS A 25 7.77 2.21 -0.75
C HIS A 25 7.00 2.82 0.42
N ALA A 26 7.68 3.00 1.54
CA ALA A 26 7.06 3.58 2.73
C ALA A 26 7.87 4.75 3.26
N TRP A 27 7.27 5.53 4.16
CA TRP A 27 7.94 6.68 4.74
C TRP A 27 9.02 6.24 5.73
N CYS A 28 10.02 7.09 5.91
CA CYS A 28 11.12 6.78 6.83
C CYS A 28 10.69 7.01 8.27
N GLY A 29 10.47 5.92 9.00
CA GLY A 29 10.06 6.02 10.39
C GLY A 29 9.17 4.88 10.82
N GLY A 30 9.77 3.83 11.38
CA GLY A 30 9.01 2.68 11.81
C GLY A 30 9.21 1.47 10.93
N ASN A 31 9.01 0.29 11.49
CA ASN A 31 9.18 -0.95 10.74
C ASN A 31 7.84 -1.66 10.56
N PHE A 32 7.27 -1.55 9.36
CA PHE A 32 5.99 -2.18 9.06
C PHE A 32 6.19 -3.42 8.18
N LEU A 33 7.15 -3.34 7.27
CA LEU A 33 7.44 -4.45 6.37
C LEU A 33 7.29 -5.78 7.09
N GLU A 34 7.70 -5.81 8.36
CA GLU A 34 7.61 -7.04 9.16
C GLU A 34 6.17 -7.51 9.28
N VAL A 35 5.36 -6.74 9.99
CA VAL A 35 3.95 -7.07 10.19
C VAL A 35 3.25 -7.25 8.84
N THR A 36 3.54 -6.35 7.90
CA THR A 36 2.93 -6.40 6.59
C THR A 36 3.15 -7.77 5.94
N GLU A 37 4.42 -8.16 5.82
CA GLU A 37 4.76 -9.45 5.21
C GLU A 37 3.99 -10.58 5.89
N GLN A 38 4.12 -10.67 7.21
CA GLN A 38 3.44 -11.72 7.97
C GLN A 38 1.99 -11.85 7.55
N ILE A 39 1.34 -10.71 7.31
CA ILE A 39 -0.06 -10.69 6.91
C ILE A 39 -0.22 -11.19 5.48
N LEU A 40 0.72 -10.80 4.61
CA LEU A 40 0.67 -11.21 3.21
C LEU A 40 0.61 -12.73 3.09
N ALA A 41 1.41 -13.42 3.89
CA ALA A 41 1.43 -14.88 3.88
C ALA A 41 0.08 -15.45 4.26
N LYS A 42 -0.82 -14.58 4.72
CA LYS A 42 -2.16 -15.01 5.12
C LYS A 42 -3.20 -14.62 4.06
N ILE A 43 -2.93 -13.52 3.36
CA ILE A 43 -3.84 -13.05 2.32
C ILE A 43 -3.66 -13.85 1.02
N PRO A 44 -4.76 -14.44 0.53
CA PRO A 44 -4.75 -15.23 -0.69
C PRO A 44 -4.53 -14.37 -1.94
N SER A 45 -4.64 -14.99 -3.11
CA SER A 45 -4.46 -14.29 -4.37
C SER A 45 -5.73 -14.33 -5.21
N GLU A 46 -6.86 -14.57 -4.55
CA GLU A 46 -8.15 -14.63 -5.23
C GLU A 46 -8.88 -13.30 -5.13
N ASN A 47 -9.68 -13.00 -6.14
CA ASN A 47 -10.45 -11.75 -6.17
C ASN A 47 -11.35 -11.64 -4.94
N ASN A 48 -10.87 -10.96 -3.91
CA ASN A 48 -11.63 -10.78 -2.68
C ASN A 48 -10.91 -9.84 -1.72
N LYS A 49 -11.67 -8.97 -1.07
CA LYS A 49 -11.09 -8.02 -0.13
C LYS A 49 -11.75 -8.16 1.25
N LEU A 50 -11.06 -7.71 2.28
CA LEU A 50 -11.57 -7.79 3.64
C LEU A 50 -10.84 -6.80 4.55
N THR A 51 -11.58 -6.19 5.47
CA THR A 51 -11.01 -5.23 6.40
C THR A 51 -10.37 -5.93 7.59
N TYR A 52 -9.04 -5.85 7.68
CA TYR A 52 -8.31 -6.49 8.76
C TYR A 52 -7.84 -5.46 9.78
N SER A 53 -8.31 -5.60 11.02
CA SER A 53 -7.94 -4.68 12.08
C SER A 53 -6.81 -5.25 12.93
N HIS A 54 -5.59 -4.79 12.67
CA HIS A 54 -4.42 -5.25 13.41
C HIS A 54 -3.83 -4.12 14.26
N GLY A 55 -3.69 -4.38 15.56
CA GLY A 55 -3.14 -3.38 16.45
C GLY A 55 -3.85 -2.05 16.34
N ASN A 56 -3.13 -0.96 16.61
CA ASN A 56 -3.70 0.37 16.54
C ASN A 56 -3.61 0.93 15.13
N TYR A 57 -3.80 0.06 14.14
CA TYR A 57 -3.74 0.46 12.74
C TYR A 57 -4.68 -0.38 11.88
N LEU A 58 -5.11 0.18 10.76
CA LEU A 58 -6.01 -0.53 9.85
C LEU A 58 -5.25 -1.13 8.69
N PHE A 59 -5.52 -2.40 8.40
CA PHE A 59 -4.85 -3.10 7.31
C PHE A 59 -5.83 -3.38 6.17
N HIS A 60 -5.82 -2.51 5.16
CA HIS A 60 -6.70 -2.65 4.01
C HIS A 60 -5.96 -3.30 2.84
N TYR A 61 -6.40 -4.48 2.44
CA TYR A 61 -5.78 -5.20 1.34
C TYR A 61 -6.80 -5.47 0.22
N ILE A 62 -6.37 -5.23 -1.02
CA ILE A 62 -7.24 -5.44 -2.17
C ILE A 62 -6.62 -6.45 -3.13
N CYS A 63 -7.19 -7.65 -3.18
CA CYS A 63 -6.71 -8.70 -4.06
C CYS A 63 -7.25 -8.51 -5.48
N GLN A 64 -6.35 -8.54 -6.45
CA GLN A 64 -6.73 -8.38 -7.85
C GLN A 64 -5.61 -8.83 -8.78
N ASP A 65 -5.96 -9.67 -9.75
CA ASP A 65 -4.98 -10.18 -10.71
C ASP A 65 -3.76 -10.74 -9.99
N ARG A 66 -4.00 -11.45 -8.90
CA ARG A 66 -2.91 -12.04 -8.13
C ARG A 66 -2.03 -10.95 -7.52
N ILE A 67 -2.63 -9.81 -7.21
CA ILE A 67 -1.88 -8.70 -6.64
C ILE A 67 -2.57 -8.19 -5.36
N VAL A 68 -1.82 -8.17 -4.26
CA VAL A 68 -2.36 -7.71 -2.99
C VAL A 68 -1.81 -6.33 -2.64
N TYR A 69 -2.71 -5.37 -2.49
CA TYR A 69 -2.32 -3.99 -2.16
C TYR A 69 -2.66 -3.67 -0.71
N LEU A 70 -1.66 -3.80 0.16
CA LEU A 70 -1.86 -3.52 1.58
C LEU A 70 -1.44 -2.09 1.91
N CYS A 71 -2.20 -1.45 2.79
CA CYS A 71 -1.93 -0.08 3.20
C CYS A 71 -2.33 0.15 4.64
N ILE A 72 -1.39 0.65 5.45
CA ILE A 72 -1.65 0.93 6.86
C ILE A 72 -2.16 2.34 7.06
N THR A 73 -3.23 2.49 7.84
CA THR A 73 -3.80 3.80 8.12
C THR A 73 -4.32 3.87 9.55
N ASP A 74 -4.29 5.08 10.11
CA ASP A 74 -4.75 5.30 11.48
C ASP A 74 -6.27 5.14 11.57
N ASP A 75 -6.75 4.79 12.76
CA ASP A 75 -8.18 4.61 12.98
C ASP A 75 -8.96 5.85 12.57
N ASP A 76 -8.35 7.02 12.78
CA ASP A 76 -8.99 8.29 12.44
C ASP A 76 -9.19 8.40 10.93
N PHE A 77 -8.27 7.82 10.17
CA PHE A 77 -8.34 7.85 8.72
C PHE A 77 -9.52 7.02 8.20
N GLU A 78 -10.48 7.69 7.58
CA GLU A 78 -11.65 7.01 7.04
C GLU A 78 -11.25 5.92 6.05
N ARG A 79 -11.88 4.76 6.18
CA ARG A 79 -11.60 3.64 5.31
C ARG A 79 -11.81 4.01 3.85
N SER A 80 -12.92 4.68 3.57
CA SER A 80 -13.26 5.10 2.21
C SER A 80 -12.03 5.65 1.51
N ARG A 81 -11.35 6.60 2.15
CA ARG A 81 -10.16 7.22 1.58
C ARG A 81 -9.09 6.16 1.29
N ALA A 82 -8.68 5.45 2.33
CA ALA A 82 -7.66 4.42 2.19
C ALA A 82 -7.95 3.54 0.97
N PHE A 83 -9.15 2.98 0.92
CA PHE A 83 -9.55 2.12 -0.19
C PHE A 83 -9.37 2.83 -1.53
N ASN A 84 -9.83 4.08 -1.59
CA ASN A 84 -9.73 4.87 -2.81
C ASN A 84 -8.30 4.87 -3.33
N PHE A 85 -7.38 5.39 -2.53
CA PHE A 85 -5.97 5.46 -2.91
C PHE A 85 -5.49 4.11 -3.46
N LEU A 86 -5.79 3.04 -2.71
CA LEU A 86 -5.40 1.70 -3.11
C LEU A 86 -5.90 1.37 -4.52
N ASN A 87 -7.16 1.71 -4.78
CA ASN A 87 -7.76 1.46 -6.09
C ASN A 87 -7.03 2.24 -7.18
N GLU A 88 -6.62 3.47 -6.84
CA GLU A 88 -5.93 4.32 -7.80
C GLU A 88 -4.63 3.67 -8.26
N ILE A 89 -3.68 3.54 -7.33
CA ILE A 89 -2.39 2.93 -7.64
C ILE A 89 -2.56 1.50 -8.13
N LYS A 90 -3.55 0.82 -7.60
CA LYS A 90 -3.82 -0.57 -7.98
C LYS A 90 -4.01 -0.69 -9.48
N LYS A 91 -5.01 0.02 -10.00
CA LYS A 91 -5.31 0.00 -11.43
C LYS A 91 -4.09 0.44 -12.24
N ARG A 92 -3.42 1.49 -11.77
CA ARG A 92 -2.24 2.01 -12.44
C ARG A 92 -1.18 0.92 -12.62
N PHE A 93 -0.96 0.15 -11.57
CA PHE A 93 0.02 -0.93 -11.61
C PHE A 93 -0.37 -2.00 -12.62
N GLN A 94 -1.52 -2.64 -12.39
CA GLN A 94 -2.00 -3.67 -13.28
C GLN A 94 -2.10 -3.16 -14.72
N THR A 95 -2.23 -1.84 -14.86
CA THR A 95 -2.33 -1.22 -16.18
C THR A 95 -0.96 -0.80 -16.69
N THR A 96 -0.03 -0.56 -15.78
CA THR A 96 1.33 -0.16 -16.13
C THR A 96 2.27 -1.36 -16.16
N TYR A 97 2.50 -1.95 -14.98
CA TYR A 97 3.38 -3.10 -14.87
C TYR A 97 2.60 -4.34 -14.44
N GLY A 98 1.34 -4.42 -14.86
CA GLY A 98 0.52 -5.55 -14.52
C GLY A 98 1.01 -6.85 -15.14
N SER A 99 0.96 -6.92 -16.46
CA SER A 99 1.41 -8.11 -17.17
C SER A 99 2.74 -8.62 -16.62
N ARG A 100 3.77 -7.77 -16.70
CA ARG A 100 5.09 -8.13 -16.21
C ARG A 100 5.01 -8.70 -14.81
N ALA A 101 4.11 -8.16 -13.99
CA ALA A 101 3.93 -8.61 -12.62
C ALA A 101 3.77 -10.13 -12.58
N GLN A 102 3.16 -10.70 -13.61
CA GLN A 102 2.95 -12.14 -13.68
C GLN A 102 4.18 -12.84 -14.23
N THR A 103 4.95 -12.13 -15.06
CA THR A 103 6.15 -12.70 -15.66
C THR A 103 7.37 -11.84 -15.34
N ALA A 104 7.47 -11.39 -14.10
CA ALA A 104 8.58 -10.57 -13.67
C ALA A 104 9.10 -11.00 -12.30
N PRO A 105 10.42 -10.95 -12.11
CA PRO A 105 11.06 -11.34 -10.86
C PRO A 105 10.77 -10.36 -9.73
N PRO A 106 11.13 -10.74 -8.50
CA PRO A 106 10.91 -9.92 -7.31
C PRO A 106 11.81 -8.68 -7.29
N TYR A 107 11.24 -7.54 -6.89
CA TYR A 107 11.99 -6.30 -6.82
C TYR A 107 12.49 -5.90 -8.21
N ALA A 108 11.66 -6.11 -9.22
CA ALA A 108 12.02 -5.77 -10.59
C ALA A 108 11.55 -4.36 -10.95
N MET A 109 10.27 -4.08 -10.68
CA MET A 109 9.70 -2.77 -10.98
C MET A 109 9.46 -1.99 -9.70
N ASN A 110 10.41 -2.10 -8.75
CA ASN A 110 10.29 -1.39 -7.48
C ASN A 110 10.67 0.08 -7.64
N SER A 111 11.77 0.33 -8.33
CA SER A 111 12.23 1.70 -8.55
C SER A 111 11.15 2.55 -9.19
N GLU A 112 10.67 2.11 -10.36
CA GLU A 112 9.63 2.83 -11.07
C GLU A 112 8.42 3.09 -10.18
N PHE A 113 7.89 2.01 -9.59
CA PHE A 113 6.73 2.11 -8.71
C PHE A 113 7.06 2.96 -7.49
N SER A 114 8.32 2.94 -7.08
CA SER A 114 8.76 3.70 -5.92
C SER A 114 8.53 5.19 -6.12
N SER A 115 8.90 5.67 -7.31
CA SER A 115 8.75 7.09 -7.64
C SER A 115 7.27 7.45 -7.79
N VAL A 116 6.53 6.62 -8.52
CA VAL A 116 5.11 6.85 -8.74
C VAL A 116 4.35 6.86 -7.42
N LEU A 117 4.53 5.81 -6.64
CA LEU A 117 3.85 5.70 -5.35
C LEU A 117 4.17 6.88 -4.45
N ALA A 118 5.45 7.22 -4.37
CA ALA A 118 5.90 8.35 -3.56
C ALA A 118 5.08 9.60 -3.86
N ALA A 119 4.99 9.95 -5.14
CA ALA A 119 4.24 11.13 -5.57
C ALA A 119 2.79 11.04 -5.13
N GLN A 120 2.22 9.84 -5.23
CA GLN A 120 0.83 9.62 -4.84
C GLN A 120 0.64 9.84 -3.34
N LEU A 121 1.54 9.28 -2.54
CA LEU A 121 1.47 9.41 -1.10
C LEU A 121 1.45 10.87 -0.69
N LYS A 122 2.47 11.62 -1.10
CA LYS A 122 2.56 13.04 -0.77
C LYS A 122 1.31 13.79 -1.25
N HIS A 123 1.02 13.68 -2.54
CA HIS A 123 -0.15 14.35 -3.12
C HIS A 123 -1.40 14.02 -2.32
N HIS A 124 -1.78 12.73 -2.31
CA HIS A 124 -2.96 12.30 -1.59
C HIS A 124 -2.98 12.84 -0.17
N SER A 125 -1.97 12.46 0.61
CA SER A 125 -1.86 12.92 2.00
C SER A 125 -0.45 13.40 2.30
N SER A 126 -0.33 14.68 2.64
CA SER A 126 0.96 15.28 2.96
C SER A 126 1.86 14.27 3.67
N GLY A 127 1.31 13.61 4.68
CA GLY A 127 2.08 12.63 5.42
C GLY A 127 1.90 12.76 6.93
N PRO A 128 2.86 12.24 7.69
CA PRO A 128 2.82 12.29 9.16
C PRO A 128 3.03 13.71 9.70
N SER A 129 4.07 14.37 9.22
CA SER A 129 4.38 15.73 9.65
C SER A 129 3.23 16.68 9.33
N SER A 130 2.97 17.62 10.23
CA SER A 130 1.89 18.58 10.04
C SER A 130 2.45 19.96 9.69
N GLY A 131 3.39 20.43 10.52
CA GLY A 131 4.00 21.73 10.29
C GLY A 131 4.92 21.73 9.10
#